data_4FNT
#
_entry.id   4FNT
#
_cell.length_a   149.680
_cell.length_b   149.680
_cell.length_c   234.770
_cell.angle_alpha   90.00
_cell.angle_beta   90.00
_cell.angle_gamma   120.00
#
_symmetry.space_group_name_H-M   'P 32 2 1'
#
loop_
_entity.id
_entity.type
_entity.pdbx_description
1 polymer 'Alpha-galactosidase AgaA'
2 branched alpha-D-galactopyranose-(1-6)-alpha-D-glucopyranose-(1-2)-beta-D-fructofuranose
3 water water
#
_entity_poly.entity_id   1
_entity_poly.type   'polypeptide(L)'
_entity_poly.pdbx_seq_one_letter_code
;MSVAYNPQTKQFHLRAGKASYVMQLFRSGYLAHVYWGKAVRDVRGARAFPRLDRAFSPNPDPSDRTFSLDTLLQEYPAYG
NTDFRAPAYQVQLENGSTVTDLRYKTHRIYKGKPRLNGLPATYVEHEQEAETLEIVLGDALIGLEVTLQYTAYEKWNVIT
RSARFENKGGERLKLLRALSMSVDFPTADYDWIHLPGAWGRERWIERRPLVTGVQAAESRRGASSHQQNPFIALVAKNAD
EHQGEVYGFSFVYSGNFLAQIEVDQFGTARVSMGINPFDFTWLLQPGESFQTPEVVMVYSDQGLNGMSQTYHELYRTRLA
RGAFRDRERPILINNWEATYFDFNEEKIVNIARTEAELGIELVVLDDGWFGERDDDRRSLGDWIVNRRKLPNGLDGLAKQ
VNELGLQFGLWVEPEMVSPNSELYRKHPDWCLHVPNRPRSEGRNQLVLDYSREDVCDYIIETISNVLASAPITYVKWDMN
RHMTEIGSSALPPERQRETAHRYMLGLYRVMDEITSRFPHILFESCSGGGGRFDPGMLYYMPQTWTSNNTDAVSRLKIQY
GTSLVYPISAMGAHVSAVPNHQVGRVASLKTRGHVAMSGNFGYELDITKLTETEKQMMKQQVAFYKDVRRLVQFGTFYRL
LSPFEGNEAAWMFVSADRSEALVAYFRVLAEANAPLSYLRLKGLDSNQDYEIEGLGVYGGDELVYAGVALPYRSSDFISM
MWRLKAVQQ
;
_entity_poly.pdbx_strand_id   A,B,C,D
#
# COMPACT_ATOMS: atom_id res chain seq x y z
N LYS A 10 -25.44 20.56 31.11
CA LYS A 10 -25.71 21.34 29.91
C LYS A 10 -25.39 20.54 28.64
N GLN A 11 -25.93 19.32 28.56
CA GLN A 11 -25.63 18.43 27.45
C GLN A 11 -26.83 18.24 26.50
N PHE A 12 -26.61 18.48 25.21
CA PHE A 12 -27.61 18.21 24.19
C PHE A 12 -27.40 16.80 23.64
N HIS A 13 -28.45 16.01 23.59
CA HIS A 13 -28.34 14.65 23.08
C HIS A 13 -29.42 14.34 22.04
N LEU A 14 -29.00 14.31 20.79
CA LEU A 14 -29.90 13.95 19.69
C LEU A 14 -29.84 12.46 19.46
N ARG A 15 -31.01 11.84 19.27
CA ARG A 15 -31.07 10.40 19.08
C ARG A 15 -31.74 10.06 17.75
N ALA A 16 -30.91 9.69 16.78
CA ALA A 16 -31.38 9.40 15.42
C ALA A 16 -31.18 7.94 15.07
N GLY A 17 -32.27 7.17 15.08
CA GLY A 17 -32.19 5.75 14.80
C GLY A 17 -31.32 5.03 15.81
N LYS A 18 -30.23 4.44 15.33
CA LYS A 18 -29.29 3.72 16.19
C LYS A 18 -28.05 4.58 16.46
N ALA A 19 -28.19 5.89 16.34
CA ALA A 19 -27.04 6.79 16.46
C ALA A 19 -27.23 7.89 17.51
N SER A 20 -26.12 8.43 18.00
CA SER A 20 -26.14 9.54 18.94
C SER A 20 -25.33 10.73 18.43
N TYR A 21 -25.89 11.93 18.59
CA TYR A 21 -25.17 13.17 18.30
C TYR A 21 -25.20 14.04 19.54
N VAL A 22 -24.05 14.27 20.14
CA VAL A 22 -23.97 14.94 21.43
C VAL A 22 -23.22 16.28 21.37
N MET A 23 -23.76 17.29 22.03
CA MET A 23 -23.12 18.59 22.14
C MET A 23 -23.22 19.06 23.59
N GLN A 24 -22.39 20.02 23.98
CA GLN A 24 -22.47 20.59 25.32
C GLN A 24 -22.06 22.06 25.35
N LEU A 25 -22.63 22.80 26.29
CA LEU A 25 -22.24 24.19 26.51
C LEU A 25 -20.96 24.21 27.33
N PHE A 26 -20.00 25.02 26.90
CA PHE A 26 -18.69 25.06 27.52
C PHE A 26 -18.36 26.47 27.99
N ARG A 27 -18.07 26.60 29.28
CA ARG A 27 -17.76 27.90 29.89
C ARG A 27 -18.84 28.94 29.64
N SER A 28 -18.46 30.08 29.07
CA SER A 28 -19.37 31.20 28.86
C SER A 28 -20.22 31.08 27.60
N GLY A 29 -21.01 30.01 27.51
CA GLY A 29 -21.98 29.86 26.44
C GLY A 29 -21.43 29.44 25.09
N TYR A 30 -20.25 28.83 25.08
CA TYR A 30 -19.70 28.28 23.85
C TYR A 30 -20.37 26.92 23.56
N LEU A 31 -20.63 26.65 22.29
CA LEU A 31 -21.25 25.38 21.91
C LEU A 31 -20.21 24.40 21.39
N ALA A 32 -19.94 23.36 22.17
CA ALA A 32 -18.89 22.39 21.83
C ALA A 32 -19.47 21.08 21.31
N HIS A 33 -18.75 20.45 20.38
CA HIS A 33 -19.11 19.12 19.90
C HIS A 33 -18.56 18.07 20.85
N VAL A 34 -19.33 17.00 21.07
CA VAL A 34 -18.92 15.97 22.00
C VAL A 34 -18.75 14.60 21.34
N TYR A 35 -19.75 14.16 20.59
CA TYR A 35 -19.77 12.81 20.07
C TYR A 35 -20.79 12.59 18.97
N TRP A 36 -20.38 11.86 17.95
CA TRP A 36 -21.28 11.41 16.89
C TRP A 36 -20.88 10.00 16.49
N GLY A 37 -21.76 9.05 16.79
CA GLY A 37 -21.49 7.65 16.46
C GLY A 37 -22.64 6.74 16.89
N LYS A 38 -22.31 5.49 17.19
CA LYS A 38 -23.32 4.53 17.62
C LYS A 38 -23.98 5.00 18.91
N ALA A 39 -25.27 4.70 19.04
CA ALA A 39 -26.09 5.22 20.14
C ALA A 39 -25.58 4.84 21.52
N VAL A 40 -25.44 5.85 22.37
CA VAL A 40 -25.11 5.63 23.77
C VAL A 40 -26.19 6.27 24.64
N ARG A 41 -26.41 5.72 25.83
CA ARG A 41 -27.38 6.29 26.76
C ARG A 41 -26.93 7.66 27.22
N ASP A 42 -25.64 7.78 27.51
CA ASP A 42 -25.09 9.01 28.07
C ASP A 42 -23.58 9.08 27.84
N VAL A 43 -23.09 10.28 27.54
CA VAL A 43 -21.65 10.50 27.43
C VAL A 43 -21.13 11.18 28.70
N ARG A 44 -20.71 10.36 29.66
CA ARG A 44 -20.34 10.87 30.98
C ARG A 44 -18.93 11.47 31.04
N GLY A 45 -18.07 11.10 30.09
CA GLY A 45 -16.72 11.61 30.05
C GLY A 45 -16.54 12.83 29.17
N ALA A 46 -17.65 13.51 28.86
CA ALA A 46 -17.65 14.64 27.93
C ALA A 46 -16.79 15.83 28.37
N ARG A 47 -16.64 15.99 29.68
CA ARG A 47 -15.82 17.09 30.22
C ARG A 47 -14.52 16.58 30.83
N ALA A 48 -14.38 15.27 30.92
CA ALA A 48 -13.18 14.66 31.49
C ALA A 48 -12.10 14.41 30.43
N PHE A 49 -11.55 15.48 29.90
CA PHE A 49 -10.41 15.41 28.98
C PHE A 49 -9.38 16.44 29.41
N PRO A 50 -8.09 16.16 29.14
CA PRO A 50 -7.02 17.08 29.53
C PRO A 50 -7.23 18.52 29.02
N ARG A 51 -7.38 19.46 29.95
CA ARG A 51 -7.47 20.86 29.63
C ARG A 51 -6.06 21.42 29.52
N LEU A 52 -5.49 21.34 28.33
CA LEU A 52 -4.07 21.64 28.14
C LEU A 52 -3.81 23.06 27.65
N ASP A 53 -2.62 23.56 27.98
CA ASP A 53 -2.13 24.82 27.45
C ASP A 53 -1.33 24.52 26.20
N ARG A 54 -1.94 24.72 25.04
CA ARG A 54 -1.26 24.48 23.77
C ARG A 54 -0.52 25.73 23.31
N ALA A 55 0.76 25.59 23.01
CA ALA A 55 1.58 26.71 22.58
C ALA A 55 1.01 27.36 21.31
N PHE A 56 0.97 28.69 21.32
CA PHE A 56 0.47 29.47 20.19
C PHE A 56 -1.04 29.35 19.93
N SER A 57 -1.76 28.76 20.89
CA SER A 57 -3.22 28.75 20.85
C SER A 57 -3.73 29.79 21.84
N PRO A 58 -4.10 30.98 21.35
CA PRO A 58 -4.41 32.16 22.18
C PRO A 58 -5.69 31.97 22.98
N ASN A 59 -5.87 32.78 24.01
CA ASN A 59 -6.97 32.59 24.94
C ASN A 59 -7.98 33.73 24.95
N PRO A 60 -9.26 33.40 24.75
CA PRO A 60 -10.35 34.38 24.87
C PRO A 60 -10.45 34.90 26.29
N ASP A 61 -9.94 34.11 27.24
CA ASP A 61 -9.79 34.54 28.63
C ASP A 61 -8.32 34.46 29.01
N PRO A 62 -7.67 35.63 29.15
CA PRO A 62 -6.23 35.74 29.42
C PRO A 62 -5.77 35.00 30.68
N SER A 63 -6.63 34.94 31.70
CA SER A 63 -6.26 34.30 32.96
C SER A 63 -6.11 32.78 32.84
N ASP A 64 -6.74 32.20 31.82
CA ASP A 64 -6.73 30.75 31.64
C ASP A 64 -6.11 30.34 30.30
N ARG A 65 -4.87 29.86 30.35
CA ARG A 65 -4.15 29.49 29.12
C ARG A 65 -4.59 28.14 28.57
N THR A 66 -5.36 27.39 29.34
CA THR A 66 -5.80 26.06 28.92
C THR A 66 -7.08 26.11 28.08
N PHE A 67 -7.64 27.31 27.92
CA PHE A 67 -8.81 27.45 27.07
C PHE A 67 -8.48 28.25 25.81
N SER A 68 -8.86 27.68 24.66
CA SER A 68 -8.63 28.31 23.37
C SER A 68 -9.61 27.73 22.36
N LEU A 69 -10.17 28.58 21.51
CA LEU A 69 -11.06 28.09 20.45
C LEU A 69 -10.29 27.33 19.37
N ASP A 70 -8.97 27.43 19.40
CA ASP A 70 -8.11 26.67 18.50
C ASP A 70 -8.05 25.20 18.91
N THR A 71 -8.56 24.89 20.10
CA THR A 71 -8.47 23.53 20.63
C THR A 71 -9.81 23.03 21.17
N LEU A 72 -10.90 23.71 20.81
CA LEU A 72 -12.24 23.31 21.19
C LEU A 72 -12.98 22.67 20.01
N LEU A 73 -13.48 21.45 20.20
CA LEU A 73 -14.31 20.80 19.20
C LEU A 73 -15.63 21.58 19.07
N GLN A 74 -15.88 22.15 17.90
CA GLN A 74 -16.99 23.09 17.76
C GLN A 74 -18.10 22.66 16.79
N GLU A 75 -19.22 23.38 16.86
CA GLU A 75 -20.39 23.11 16.01
C GLU A 75 -20.53 24.14 14.91
N TYR A 76 -20.27 25.41 15.22
CA TYR A 76 -20.31 26.46 14.21
C TYR A 76 -19.18 27.47 14.45
N PRO A 77 -17.94 27.07 14.17
CA PRO A 77 -16.76 27.86 14.52
C PRO A 77 -16.61 29.13 13.68
N ALA A 78 -16.04 30.16 14.29
CA ALA A 78 -15.68 31.38 13.58
C ALA A 78 -14.17 31.52 13.60
N TYR A 79 -13.66 32.35 12.69
CA TYR A 79 -12.25 32.68 12.68
C TYR A 79 -12.05 34.06 13.29
N GLY A 80 -10.85 34.32 13.81
CA GLY A 80 -10.49 35.67 14.22
C GLY A 80 -10.28 35.85 15.71
N ASN A 81 -11.03 35.12 16.52
CA ASN A 81 -10.88 35.22 17.97
C ASN A 81 -10.40 33.93 18.63
N THR A 82 -9.17 33.56 18.28
CA THR A 82 -8.38 32.43 18.83
C THR A 82 -8.44 31.11 18.05
N ASP A 83 -9.45 30.93 17.20
CA ASP A 83 -9.49 29.74 16.35
C ASP A 83 -8.77 30.03 15.03
N PHE A 84 -7.89 29.12 14.62
CA PHE A 84 -7.11 29.32 13.40
C PHE A 84 -7.48 28.35 12.29
N ARG A 85 -8.42 27.46 12.58
CA ARG A 85 -8.90 26.51 11.58
C ARG A 85 -9.94 27.19 10.69
N ALA A 86 -10.22 26.58 9.54
CA ALA A 86 -11.21 27.13 8.61
C ALA A 86 -12.59 27.19 9.27
N PRO A 87 -13.21 28.38 9.21
CA PRO A 87 -14.49 28.63 9.88
C PRO A 87 -15.71 28.13 9.10
N ALA A 88 -16.83 28.00 9.80
CA ALA A 88 -18.08 27.59 9.17
C ALA A 88 -18.77 28.80 8.56
N TYR A 89 -18.42 29.99 9.06
CA TYR A 89 -19.04 31.22 8.59
C TYR A 89 -18.09 32.39 8.80
N GLN A 90 -18.30 33.46 8.06
CA GLN A 90 -17.51 34.67 8.21
C GLN A 90 -18.34 35.90 7.87
N VAL A 91 -18.26 36.91 8.72
CA VAL A 91 -19.05 38.12 8.57
C VAL A 91 -18.16 39.36 8.57
N GLN A 92 -18.38 40.25 7.62
CA GLN A 92 -17.66 41.52 7.61
C GLN A 92 -18.56 42.65 8.06
N LEU A 93 -18.04 43.48 8.97
CA LEU A 93 -18.80 44.60 9.52
C LEU A 93 -18.55 45.85 8.69
N GLU A 94 -19.30 46.91 8.97
CA GLU A 94 -19.12 48.19 8.30
C GLU A 94 -17.73 48.77 8.58
N ASN A 95 -17.15 48.42 9.72
CA ASN A 95 -15.83 48.92 10.09
C ASN A 95 -14.68 48.18 9.40
N GLY A 96 -15.03 47.16 8.62
CA GLY A 96 -14.04 46.39 7.88
C GLY A 96 -13.56 45.14 8.57
N SER A 97 -13.86 45.01 9.86
CA SER A 97 -13.40 43.87 10.63
C SER A 97 -14.23 42.63 10.31
N THR A 98 -13.67 41.46 10.57
CA THR A 98 -14.36 40.20 10.32
C THR A 98 -14.49 39.36 11.59
N VAL A 99 -14.37 40.03 12.74
CA VAL A 99 -14.44 39.34 14.02
C VAL A 99 -15.88 39.25 14.53
N THR A 100 -16.33 38.03 14.80
CA THR A 100 -17.63 37.79 15.39
C THR A 100 -17.50 36.83 16.57
N ASP A 101 -18.51 36.81 17.43
CA ASP A 101 -18.44 36.05 18.66
C ASP A 101 -19.82 35.57 19.09
N LEU A 102 -20.21 34.39 18.60
CA LEU A 102 -21.54 33.84 18.89
C LEU A 102 -21.55 33.11 20.23
N ARG A 103 -22.51 33.44 21.07
CA ARG A 103 -22.67 32.77 22.35
C ARG A 103 -24.06 32.18 22.44
N TYR A 104 -24.22 31.18 23.31
CA TYR A 104 -25.52 30.57 23.54
C TYR A 104 -26.48 31.61 24.11
N LYS A 105 -27.68 31.67 23.53
CA LYS A 105 -28.73 32.54 24.03
C LYS A 105 -29.86 31.69 24.61
N THR A 106 -30.42 30.82 23.77
CA THR A 106 -31.50 29.94 24.17
C THR A 106 -31.60 28.77 23.19
N HIS A 107 -32.55 27.88 23.44
CA HIS A 107 -32.79 26.77 22.53
C HIS A 107 -34.22 26.26 22.65
N ARG A 108 -34.74 25.69 21.56
CA ARG A 108 -36.09 25.14 21.58
C ARG A 108 -36.11 23.74 20.96
N ILE A 109 -36.95 22.88 21.51
CA ILE A 109 -37.11 21.53 21.01
C ILE A 109 -38.57 21.27 20.67
N TYR A 110 -38.82 20.70 19.50
CA TYR A 110 -40.18 20.36 19.09
C TYR A 110 -40.20 19.14 18.19
N LYS A 111 -41.37 18.51 18.09
CA LYS A 111 -41.56 17.36 17.22
C LYS A 111 -41.75 17.83 15.77
N GLY A 112 -41.19 17.07 14.84
CA GLY A 112 -41.33 17.39 13.43
C GLY A 112 -40.06 17.96 12.83
N LYS A 113 -40.22 18.63 11.69
CA LYS A 113 -39.10 19.18 10.95
C LYS A 113 -39.57 20.36 10.13
N PRO A 114 -38.90 21.50 10.26
CA PRO A 114 -39.33 22.73 9.58
C PRO A 114 -39.00 22.72 8.09
N ARG A 115 -39.82 23.38 7.29
CA ARG A 115 -39.48 23.62 5.90
C ARG A 115 -38.48 24.75 5.86
N LEU A 116 -37.51 24.68 4.96
CA LEU A 116 -36.53 25.74 4.81
C LEU A 116 -36.99 26.75 3.77
N ASN A 117 -36.84 28.04 4.06
CA ASN A 117 -37.37 29.09 3.20
C ASN A 117 -36.78 29.10 1.81
N GLY A 118 -37.63 28.86 0.81
CA GLY A 118 -37.23 28.89 -0.59
C GLY A 118 -36.21 27.84 -0.99
N LEU A 119 -36.14 26.76 -0.21
CA LEU A 119 -35.14 25.72 -0.44
C LEU A 119 -35.72 24.32 -0.26
N PRO A 120 -35.14 23.33 -0.97
CA PRO A 120 -35.50 21.94 -0.78
C PRO A 120 -34.92 21.42 0.53
N ALA A 121 -35.55 20.38 1.08
CA ALA A 121 -35.09 19.77 2.32
C ALA A 121 -35.83 18.46 2.53
N THR A 122 -35.19 17.53 3.24
CA THR A 122 -35.86 16.32 3.66
C THR A 122 -37.02 16.71 4.56
N TYR A 123 -38.08 15.93 4.54
CA TYR A 123 -39.29 16.30 5.27
C TYR A 123 -39.85 15.16 6.10
N VAL A 124 -40.97 15.44 6.77
CA VAL A 124 -41.73 14.42 7.46
C VAL A 124 -43.20 14.57 7.08
N GLU A 125 -43.95 13.48 7.17
CA GLU A 125 -45.39 13.56 6.96
C GLU A 125 -46.10 13.70 8.30
N HIS A 126 -45.47 13.21 9.36
CA HIS A 126 -46.01 13.32 10.71
C HIS A 126 -44.94 13.81 11.67
N GLU A 127 -45.36 14.54 12.71
CA GLU A 127 -44.48 15.09 13.72
C GLU A 127 -43.55 14.05 14.37
N GLN A 128 -44.11 12.88 14.68
CA GLN A 128 -43.39 11.87 15.44
C GLN A 128 -42.24 11.24 14.66
N GLU A 129 -42.17 11.51 13.36
CA GLU A 129 -41.11 10.95 12.53
C GLU A 129 -39.73 11.45 12.95
N ALA A 130 -39.67 12.68 13.46
CA ALA A 130 -38.39 13.29 13.80
C ALA A 130 -38.49 14.32 14.93
N GLU A 131 -37.34 14.67 15.50
CA GLU A 131 -37.27 15.70 16.52
C GLU A 131 -36.28 16.79 16.12
N THR A 132 -36.69 18.04 16.27
CA THR A 132 -35.83 19.16 15.90
C THR A 132 -35.34 19.96 17.11
N LEU A 133 -34.03 20.19 17.16
CA LEU A 133 -33.44 21.07 18.15
C LEU A 133 -32.93 22.33 17.48
N GLU A 134 -33.36 23.48 17.97
CA GLU A 134 -32.87 24.76 17.46
C GLU A 134 -32.09 25.49 18.54
N ILE A 135 -30.78 25.59 18.33
CA ILE A 135 -29.93 26.33 19.24
C ILE A 135 -29.73 27.74 18.72
N VAL A 136 -30.14 28.73 19.51
CA VAL A 136 -30.04 30.12 19.10
C VAL A 136 -28.78 30.77 19.67
N LEU A 137 -27.89 31.17 18.78
CA LEU A 137 -26.65 31.84 19.16
C LEU A 137 -26.73 33.33 18.82
N GLY A 138 -25.86 34.13 19.41
CA GLY A 138 -25.91 35.57 19.19
C GLY A 138 -24.63 36.32 19.48
N ASP A 139 -24.39 37.35 18.67
CA ASP A 139 -23.29 38.27 18.89
C ASP A 139 -23.89 39.61 19.29
N ALA A 140 -24.09 39.80 20.59
CA ALA A 140 -24.81 40.95 21.14
C ALA A 140 -24.29 42.30 20.67
N LEU A 141 -22.99 42.38 20.41
CA LEU A 141 -22.39 43.62 19.93
C LEU A 141 -22.99 44.09 18.60
N ILE A 142 -23.26 43.16 17.70
CA ILE A 142 -23.74 43.52 16.36
C ILE A 142 -25.18 43.10 16.10
N GLY A 143 -25.79 42.43 17.08
CA GLY A 143 -27.17 42.00 16.95
C GLY A 143 -27.34 40.88 15.93
N LEU A 144 -26.25 40.14 15.69
CA LEU A 144 -26.29 39.00 14.78
C LEU A 144 -26.85 37.77 15.48
N GLU A 145 -27.96 37.26 14.97
CA GLU A 145 -28.56 36.04 15.51
C GLU A 145 -28.41 34.89 14.53
N VAL A 146 -27.84 33.79 15.00
CA VAL A 146 -27.71 32.58 14.19
C VAL A 146 -28.40 31.41 14.89
N THR A 147 -29.36 30.80 14.20
CA THR A 147 -30.04 29.64 14.75
C THR A 147 -29.55 28.35 14.10
N LEU A 148 -28.92 27.50 14.90
CA LEU A 148 -28.49 26.20 14.42
C LEU A 148 -29.66 25.23 14.44
N GLN A 149 -29.95 24.63 13.28
CA GLN A 149 -31.08 23.72 13.15
C GLN A 149 -30.60 22.27 13.08
N TYR A 150 -31.03 21.48 14.06
CA TYR A 150 -30.69 20.06 14.13
C TYR A 150 -31.95 19.22 14.09
N THR A 151 -32.04 18.29 13.15
CA THR A 151 -33.17 17.38 13.09
C THR A 151 -32.71 15.93 13.10
N ALA A 152 -33.32 15.13 13.96
CA ALA A 152 -32.98 13.72 14.11
C ALA A 152 -34.19 12.84 13.79
N TYR A 153 -34.07 12.03 12.75
CA TYR A 153 -35.14 11.10 12.40
C TYR A 153 -35.19 9.94 13.39
N GLU A 154 -36.38 9.36 13.57
CA GLU A 154 -36.57 8.30 14.54
C GLU A 154 -36.13 6.92 14.00
N LYS A 155 -36.53 6.62 12.76
CA LYS A 155 -36.29 5.30 12.20
C LYS A 155 -34.97 5.18 11.43
N TRP A 156 -34.34 6.31 11.15
CA TRP A 156 -33.08 6.30 10.43
C TRP A 156 -31.97 6.96 11.25
N ASN A 157 -30.73 6.51 11.02
CA ASN A 157 -29.57 7.18 11.60
C ASN A 157 -29.25 8.46 10.84
N VAL A 158 -30.22 9.39 10.80
CA VAL A 158 -30.07 10.61 10.03
C VAL A 158 -30.12 11.87 10.90
N ILE A 159 -29.06 12.67 10.81
CA ILE A 159 -29.04 13.99 11.40
C ILE A 159 -28.97 15.00 10.28
N THR A 160 -29.88 15.96 10.26
CA THR A 160 -29.83 17.04 9.26
C THR A 160 -29.44 18.34 9.95
N ARG A 161 -28.54 19.10 9.31
CA ARG A 161 -28.08 20.37 9.87
C ARG A 161 -28.20 21.51 8.87
N SER A 162 -28.52 22.69 9.39
CA SER A 162 -28.54 23.92 8.60
C SER A 162 -28.53 25.12 9.53
N ALA A 163 -28.16 26.28 9.01
CA ALA A 163 -28.09 27.49 9.83
C ALA A 163 -28.94 28.62 9.25
N ARG A 164 -29.55 29.39 10.13
CA ARG A 164 -30.35 30.54 9.72
C ARG A 164 -29.81 31.82 10.34
N PHE A 165 -29.30 32.71 9.50
CA PHE A 165 -28.76 33.99 9.94
C PHE A 165 -29.86 35.03 10.01
N GLU A 166 -29.83 35.87 11.04
CA GLU A 166 -30.76 37.00 11.12
C GLU A 166 -30.08 38.23 11.71
N ASN A 167 -30.12 39.32 10.95
CA ASN A 167 -29.57 40.60 11.39
C ASN A 167 -30.57 41.39 12.22
N LYS A 168 -30.40 41.36 13.54
CA LYS A 168 -31.23 42.15 14.44
C LYS A 168 -30.47 43.36 14.94
N GLY A 169 -29.47 43.79 14.17
CA GLY A 169 -28.65 44.92 14.56
C GLY A 169 -29.05 46.20 13.86
N GLY A 170 -28.26 47.25 14.07
CA GLY A 170 -28.53 48.54 13.44
C GLY A 170 -27.73 48.75 12.18
N GLU A 171 -26.72 47.91 11.96
CA GLU A 171 -25.84 48.06 10.81
C GLU A 171 -26.02 46.91 9.83
N ARG A 172 -25.45 47.06 8.63
CA ARG A 172 -25.52 46.01 7.63
C ARG A 172 -24.37 45.03 7.82
N LEU A 173 -24.58 43.77 7.43
CA LEU A 173 -23.59 42.73 7.61
C LEU A 173 -23.39 41.94 6.31
N LYS A 174 -22.13 41.71 5.95
CA LYS A 174 -21.82 40.89 4.77
C LYS A 174 -21.36 39.49 5.16
N LEU A 175 -22.19 38.50 4.87
CA LEU A 175 -21.76 37.11 4.99
C LEU A 175 -20.79 36.81 3.87
N LEU A 176 -19.52 36.62 4.20
CA LEU A 176 -18.52 36.24 3.20
C LEU A 176 -18.52 34.73 3.04
N ARG A 177 -19.08 34.05 4.05
CA ARG A 177 -19.10 32.61 4.11
C ARG A 177 -20.25 32.17 5.00
N ALA A 178 -21.01 31.18 4.54
CA ALA A 178 -22.14 30.68 5.31
C ALA A 178 -22.38 29.21 5.01
N LEU A 179 -21.57 28.35 5.60
CA LEU A 179 -21.71 26.92 5.40
C LEU A 179 -22.90 26.39 6.18
N SER A 180 -23.40 25.22 5.75
CA SER A 180 -24.59 24.64 6.34
C SER A 180 -24.28 23.99 7.69
N MET A 181 -23.08 23.41 7.80
CA MET A 181 -22.66 22.79 9.04
C MET A 181 -21.15 22.71 9.17
N SER A 182 -20.70 22.31 10.35
CA SER A 182 -19.30 22.05 10.62
C SER A 182 -19.24 21.16 11.84
N VAL A 183 -18.28 20.25 11.87
CA VAL A 183 -18.12 19.36 13.02
C VAL A 183 -16.67 18.91 13.19
N ASP A 184 -16.20 18.91 14.43
CA ASP A 184 -14.83 18.53 14.75
C ASP A 184 -14.78 17.15 15.40
N PHE A 185 -14.27 16.17 14.65
CA PHE A 185 -14.02 14.84 15.21
C PHE A 185 -12.79 14.90 16.11
N PRO A 186 -12.83 14.18 17.25
CA PRO A 186 -11.70 14.18 18.19
C PRO A 186 -10.43 13.57 17.58
N THR A 187 -10.58 12.62 16.68
CA THR A 187 -9.42 12.03 15.99
C THR A 187 -9.55 12.14 14.48
N ALA A 188 -8.47 11.79 13.76
CA ALA A 188 -8.44 11.95 12.32
C ALA A 188 -7.91 10.71 11.58
N ASP A 189 -8.00 9.55 12.23
CA ASP A 189 -7.50 8.33 11.61
C ASP A 189 -8.55 7.71 10.69
N TYR A 190 -8.81 8.39 9.57
CA TYR A 190 -9.81 7.92 8.62
C TYR A 190 -9.27 7.99 7.19
N ASP A 191 -10.07 7.46 6.27
CA ASP A 191 -9.94 7.79 4.86
C ASP A 191 -11.13 8.67 4.55
N TRP A 192 -11.11 9.32 3.39
CA TRP A 192 -12.31 10.01 2.94
C TRP A 192 -12.73 9.58 1.54
N ILE A 193 -14.02 9.64 1.29
CA ILE A 193 -14.57 9.27 0.00
C ILE A 193 -15.34 10.44 -0.60
N HIS A 194 -15.01 10.80 -1.83
CA HIS A 194 -15.82 11.74 -2.59
C HIS A 194 -16.08 11.16 -3.98
N LEU A 195 -16.86 11.88 -4.79
CA LEU A 195 -17.29 11.37 -6.07
C LEU A 195 -16.89 12.28 -7.23
N PRO A 196 -15.61 12.27 -7.59
CA PRO A 196 -15.14 13.09 -8.71
C PRO A 196 -15.61 12.51 -10.03
N GLY A 197 -15.48 13.27 -11.12
CA GLY A 197 -15.86 12.77 -12.41
C GLY A 197 -15.77 13.79 -13.53
N ALA A 198 -16.52 13.54 -14.59
CA ALA A 198 -16.55 14.42 -15.74
C ALA A 198 -17.80 14.08 -16.52
N TRP A 199 -18.05 14.81 -17.61
CA TRP A 199 -19.16 14.46 -18.50
C TRP A 199 -18.90 13.09 -19.11
N GLY A 200 -19.91 12.24 -19.10
CA GLY A 200 -19.79 10.92 -19.67
C GLY A 200 -19.10 9.92 -18.74
N ARG A 201 -18.80 10.36 -17.53
CA ARG A 201 -18.20 9.50 -16.51
C ARG A 201 -18.34 10.12 -15.12
N GLU A 202 -19.58 10.37 -14.73
CA GLU A 202 -19.87 11.05 -13.47
C GLU A 202 -19.73 10.14 -12.27
N ARG A 203 -19.39 10.76 -11.13
CA ARG A 203 -19.48 10.10 -9.82
C ARG A 203 -18.71 8.79 -9.69
N TRP A 204 -17.47 8.78 -10.15
CA TRP A 204 -16.57 7.67 -9.86
C TRP A 204 -16.20 7.73 -8.37
N ILE A 205 -16.07 6.58 -7.74
CA ILE A 205 -15.71 6.56 -6.32
C ILE A 205 -14.21 6.72 -6.13
N GLU A 206 -13.82 7.63 -5.26
CA GLU A 206 -12.41 7.81 -4.93
C GLU A 206 -12.22 7.75 -3.41
N ARG A 207 -11.39 6.81 -2.97
CA ARG A 207 -11.07 6.64 -1.56
C ARG A 207 -9.62 7.08 -1.34
N ARG A 208 -9.42 8.02 -0.41
CA ARG A 208 -8.09 8.56 -0.15
C ARG A 208 -7.84 8.68 1.34
N PRO A 209 -6.57 8.53 1.75
CA PRO A 209 -6.23 8.80 3.15
C PRO A 209 -6.22 10.30 3.40
N LEU A 210 -6.59 10.72 4.60
CA LEU A 210 -6.57 12.14 4.95
C LEU A 210 -5.15 12.68 4.97
N VAL A 211 -5.00 13.98 4.74
CA VAL A 211 -3.73 14.65 4.91
C VAL A 211 -3.82 15.61 6.09
N THR A 212 -2.70 15.85 6.77
CA THR A 212 -2.66 16.89 7.78
C THR A 212 -2.64 18.22 7.05
N GLY A 213 -3.81 18.84 6.96
CA GLY A 213 -3.99 20.01 6.14
C GLY A 213 -5.42 20.03 5.62
N VAL A 214 -5.59 20.50 4.39
CA VAL A 214 -6.93 20.68 3.81
C VAL A 214 -7.18 19.82 2.58
N GLN A 215 -8.29 19.08 2.58
CA GLN A 215 -8.79 18.41 1.39
C GLN A 215 -10.21 18.88 1.12
N ALA A 216 -10.59 18.94 -0.15
CA ALA A 216 -11.93 19.40 -0.49
C ALA A 216 -12.41 18.95 -1.87
N ALA A 217 -13.72 18.75 -1.96
CA ALA A 217 -14.39 18.63 -3.25
C ALA A 217 -15.26 19.86 -3.36
N GLU A 218 -15.33 20.45 -4.55
CA GLU A 218 -16.15 21.64 -4.72
C GLU A 218 -16.60 21.86 -6.15
N SER A 219 -17.49 22.84 -6.33
CA SER A 219 -17.97 23.23 -7.64
C SER A 219 -18.09 24.75 -7.74
N ARG A 220 -17.53 25.30 -8.80
CA ARG A 220 -17.60 26.74 -9.05
C ARG A 220 -18.39 26.98 -10.35
N ARG A 221 -19.23 26.02 -10.71
CA ARG A 221 -19.88 26.03 -12.02
C ARG A 221 -21.33 26.49 -11.97
N GLY A 222 -21.79 26.90 -10.79
CA GLY A 222 -23.16 27.34 -10.61
C GLY A 222 -24.12 26.16 -10.60
N ALA A 223 -23.56 24.97 -10.75
CA ALA A 223 -24.32 23.73 -10.75
C ALA A 223 -23.50 22.70 -10.00
N SER A 224 -24.15 21.73 -9.36
CA SER A 224 -23.44 20.73 -8.56
C SER A 224 -22.34 20.02 -9.36
N SER A 225 -22.58 19.84 -10.66
CA SER A 225 -21.55 19.47 -11.66
C SER A 225 -21.31 17.98 -11.87
N HIS A 226 -20.78 17.65 -13.05
CA HIS A 226 -20.34 16.29 -13.36
C HIS A 226 -18.99 16.07 -12.69
N GLN A 227 -18.29 17.15 -12.42
CA GLN A 227 -16.90 17.10 -11.99
C GLN A 227 -16.74 16.67 -10.52
N GLN A 228 -17.65 17.14 -9.67
CA GLN A 228 -17.66 16.78 -8.25
C GLN A 228 -19.10 16.73 -7.73
N ASN A 229 -19.54 15.57 -7.27
CA ASN A 229 -20.86 15.49 -6.66
C ASN A 229 -20.82 16.05 -5.23
N PRO A 230 -21.86 16.77 -4.82
CA PRO A 230 -21.90 17.32 -3.46
C PRO A 230 -22.10 16.23 -2.41
N PHE A 231 -21.08 15.40 -2.22
CA PHE A 231 -21.09 14.37 -1.21
C PHE A 231 -19.68 13.97 -0.81
N ILE A 232 -19.44 13.88 0.50
CA ILE A 232 -18.20 13.33 1.01
C ILE A 232 -18.49 12.35 2.14
N ALA A 233 -17.51 11.53 2.49
CA ALA A 233 -17.67 10.61 3.60
C ALA A 233 -16.37 10.38 4.35
N LEU A 234 -16.45 10.28 5.67
CA LEU A 234 -15.35 9.82 6.48
C LEU A 234 -15.56 8.34 6.74
N VAL A 235 -14.55 7.52 6.44
CA VAL A 235 -14.65 6.08 6.68
C VAL A 235 -13.48 5.57 7.51
N ALA A 236 -13.75 4.61 8.38
CA ALA A 236 -12.69 3.96 9.15
C ALA A 236 -11.77 3.23 8.19
N LYS A 237 -10.49 3.09 8.58
CA LYS A 237 -9.48 2.54 7.69
C LYS A 237 -9.81 1.12 7.22
N ASN A 238 -10.58 0.39 8.02
CA ASN A 238 -10.93 -0.99 7.69
C ASN A 238 -12.35 -1.13 7.17
N ALA A 239 -13.07 -0.01 7.06
CA ALA A 239 -14.45 -0.04 6.59
C ALA A 239 -14.54 -0.41 5.12
N ASP A 240 -15.48 -1.29 4.80
CA ASP A 240 -15.75 -1.63 3.40
C ASP A 240 -17.24 -1.49 3.09
N GLU A 241 -17.70 -2.19 2.06
CA GLU A 241 -19.11 -2.12 1.68
C GLU A 241 -20.00 -2.78 2.72
N HIS A 242 -19.46 -3.77 3.43
CA HIS A 242 -20.29 -4.62 4.27
C HIS A 242 -20.13 -4.36 5.78
N GLN A 243 -19.00 -3.79 6.19
CA GLN A 243 -18.77 -3.54 7.61
C GLN A 243 -17.95 -2.28 7.86
N GLY A 244 -17.99 -1.79 9.09
CA GLY A 244 -17.15 -0.68 9.49
C GLY A 244 -17.90 0.63 9.66
N GLU A 245 -17.29 1.55 10.39
CA GLU A 245 -17.91 2.84 10.64
C GLU A 245 -17.76 3.80 9.46
N VAL A 246 -18.86 4.48 9.13
CA VAL A 246 -18.90 5.38 7.98
C VAL A 246 -19.71 6.62 8.34
N TYR A 247 -19.17 7.79 8.00
CA TYR A 247 -19.85 9.06 8.25
C TYR A 247 -20.09 9.80 6.94
N GLY A 248 -21.33 9.83 6.48
CA GLY A 248 -21.67 10.44 5.21
C GLY A 248 -22.15 11.87 5.32
N PHE A 249 -21.81 12.68 4.32
CA PHE A 249 -22.23 14.08 4.28
C PHE A 249 -22.80 14.43 2.91
N SER A 250 -24.10 14.75 2.88
CA SER A 250 -24.81 14.99 1.63
C SER A 250 -25.44 16.38 1.59
N PHE A 251 -25.08 17.15 0.57
CA PHE A 251 -25.56 18.52 0.45
C PHE A 251 -26.85 18.62 -0.38
N VAL A 252 -27.92 19.10 0.23
CA VAL A 252 -29.20 19.24 -0.45
C VAL A 252 -29.30 20.60 -1.16
N TYR A 253 -28.53 20.74 -2.23
CA TYR A 253 -28.41 22.00 -2.96
C TYR A 253 -27.81 21.71 -4.33
N SER A 254 -28.22 22.46 -5.35
CA SER A 254 -27.85 22.13 -6.72
C SER A 254 -26.85 23.11 -7.36
N GLY A 255 -26.46 24.14 -6.62
CA GLY A 255 -25.52 25.12 -7.14
C GLY A 255 -24.12 24.87 -6.62
N ASN A 256 -23.34 25.94 -6.47
CA ASN A 256 -21.97 25.85 -5.98
C ASN A 256 -21.90 25.28 -4.55
N PHE A 257 -20.86 24.48 -4.29
CA PHE A 257 -20.70 23.90 -2.96
C PHE A 257 -19.23 23.77 -2.58
N LEU A 258 -18.99 23.70 -1.28
CA LEU A 258 -17.69 23.32 -0.75
C LEU A 258 -17.88 22.18 0.23
N ALA A 259 -17.13 21.11 0.03
CA ALA A 259 -17.14 19.98 0.96
C ALA A 259 -15.70 19.73 1.40
N GLN A 260 -15.39 20.15 2.60
CA GLN A 260 -14.00 20.22 3.04
C GLN A 260 -13.73 19.41 4.30
N ILE A 261 -12.54 18.82 4.36
CA ILE A 261 -12.07 18.18 5.57
C ILE A 261 -10.71 18.76 5.93
N GLU A 262 -10.61 19.38 7.10
CA GLU A 262 -9.35 19.93 7.56
C GLU A 262 -8.82 19.18 8.78
N VAL A 263 -7.57 18.74 8.71
CA VAL A 263 -6.93 18.07 9.84
C VAL A 263 -5.87 18.97 10.45
N ASP A 264 -6.00 19.27 11.74
CA ASP A 264 -5.10 20.23 12.39
C ASP A 264 -3.92 19.58 13.10
N GLN A 265 -3.20 20.39 13.88
CA GLN A 265 -1.97 19.96 14.54
C GLN A 265 -2.17 18.91 15.63
N PHE A 266 -3.40 18.80 16.14
CA PHE A 266 -3.67 17.88 17.22
C PHE A 266 -4.59 16.73 16.80
N GLY A 267 -4.45 16.29 15.56
CA GLY A 267 -5.15 15.11 15.07
C GLY A 267 -6.65 15.22 15.01
N THR A 268 -7.16 16.45 15.04
CA THR A 268 -8.60 16.67 14.93
C THR A 268 -8.98 16.84 13.47
N ALA A 269 -10.16 16.34 13.10
CA ALA A 269 -10.66 16.48 11.74
C ALA A 269 -11.92 17.33 11.71
N ARG A 270 -11.85 18.48 11.04
CA ARG A 270 -13.01 19.34 10.87
C ARG A 270 -13.67 19.10 9.51
N VAL A 271 -14.91 18.64 9.54
CA VAL A 271 -15.67 18.45 8.32
C VAL A 271 -16.72 19.54 8.20
N SER A 272 -16.68 20.29 7.11
CA SER A 272 -17.64 21.36 6.90
C SER A 272 -18.17 21.33 5.48
N MET A 273 -19.41 21.76 5.30
CA MET A 273 -20.08 21.66 4.02
C MET A 273 -21.09 22.78 3.85
N GLY A 274 -21.26 23.25 2.62
CA GLY A 274 -22.24 24.29 2.35
C GLY A 274 -21.98 25.01 1.04
N ILE A 275 -22.68 26.12 0.85
CA ILE A 275 -22.49 26.97 -0.32
C ILE A 275 -21.04 27.41 -0.41
N ASN A 276 -20.44 27.24 -1.58
CA ASN A 276 -19.04 27.59 -1.79
C ASN A 276 -18.79 29.07 -1.47
N PRO A 277 -17.86 29.33 -0.54
CA PRO A 277 -17.48 30.70 -0.16
C PRO A 277 -16.86 31.47 -1.33
N PHE A 278 -16.24 30.74 -2.25
CA PHE A 278 -15.58 31.35 -3.40
C PHE A 278 -16.57 32.09 -4.30
N ASP A 279 -16.25 33.34 -4.61
CA ASP A 279 -17.09 34.20 -5.44
C ASP A 279 -18.48 34.41 -4.82
N PHE A 280 -18.56 34.31 -3.51
CA PHE A 280 -19.83 34.41 -2.80
C PHE A 280 -19.80 35.41 -1.65
N THR A 281 -20.78 36.30 -1.64
CA THR A 281 -21.08 37.12 -0.47
C THR A 281 -22.59 37.21 -0.35
N TRP A 282 -23.08 37.66 0.79
CA TRP A 282 -24.52 37.91 0.95
C TRP A 282 -24.74 39.05 1.93
N LEU A 283 -25.51 40.04 1.49
CA LEU A 283 -25.71 41.25 2.28
C LEU A 283 -26.95 41.15 3.18
N LEU A 284 -26.73 41.29 4.48
CA LEU A 284 -27.83 41.32 5.43
C LEU A 284 -28.08 42.74 5.97
N GLN A 285 -29.06 43.41 5.38
CA GLN A 285 -29.53 44.68 5.93
C GLN A 285 -30.23 44.38 7.25
N PRO A 286 -30.33 45.40 8.13
CA PRO A 286 -31.02 45.21 9.42
C PRO A 286 -32.43 44.66 9.26
N GLY A 287 -32.68 43.48 9.81
CA GLY A 287 -33.99 42.85 9.72
C GLY A 287 -34.06 41.70 8.73
N GLU A 288 -33.02 41.55 7.91
CA GLU A 288 -32.99 40.52 6.88
C GLU A 288 -32.46 39.19 7.39
N SER A 289 -32.88 38.10 6.76
CA SER A 289 -32.44 36.76 7.13
C SER A 289 -31.69 36.06 5.99
N PHE A 290 -30.93 35.03 6.35
CA PHE A 290 -30.33 34.14 5.36
C PHE A 290 -30.41 32.69 5.83
N GLN A 291 -31.12 31.88 5.05
CA GLN A 291 -31.25 30.46 5.33
C GLN A 291 -30.31 29.66 4.45
N THR A 292 -29.46 28.83 5.05
CA THR A 292 -28.59 27.95 4.27
C THR A 292 -29.36 26.69 3.91
N PRO A 293 -28.98 26.03 2.80
CA PRO A 293 -29.50 24.69 2.51
C PRO A 293 -29.04 23.73 3.60
N GLU A 294 -29.64 22.55 3.67
CA GLU A 294 -29.25 21.59 4.70
C GLU A 294 -28.25 20.58 4.19
N VAL A 295 -27.50 20.00 5.12
CA VAL A 295 -26.65 18.86 4.82
C VAL A 295 -27.17 17.65 5.60
N VAL A 296 -27.37 16.53 4.90
CA VAL A 296 -27.86 15.33 5.54
C VAL A 296 -26.70 14.44 5.99
N MET A 297 -26.62 14.21 7.30
CA MET A 297 -25.51 13.46 7.88
C MET A 297 -25.96 12.07 8.33
N VAL A 298 -25.30 11.04 7.79
CA VAL A 298 -25.69 9.67 8.07
C VAL A 298 -24.53 8.91 8.74
N TYR A 299 -24.86 8.13 9.76
CA TYR A 299 -23.88 7.25 10.38
C TYR A 299 -24.25 5.78 10.15
N SER A 300 -23.23 4.95 9.95
CA SER A 300 -23.44 3.52 9.83
C SER A 300 -22.24 2.74 10.36
N ASP A 301 -22.52 1.61 11.01
CA ASP A 301 -21.45 0.69 11.40
C ASP A 301 -21.50 -0.56 10.52
N GLN A 302 -22.35 -0.51 9.50
CA GLN A 302 -22.52 -1.63 8.59
C GLN A 302 -21.96 -1.33 7.21
N GLY A 303 -20.83 -0.61 7.18
CA GLY A 303 -20.13 -0.33 5.95
C GLY A 303 -20.84 0.67 5.04
N LEU A 304 -20.36 0.77 3.80
CA LEU A 304 -20.90 1.72 2.83
C LEU A 304 -22.31 1.36 2.35
N ASN A 305 -22.63 0.06 2.36
CA ASN A 305 -23.99 -0.36 1.99
C ASN A 305 -25.01 0.12 3.02
N GLY A 306 -24.66 0.00 4.29
CA GLY A 306 -25.52 0.45 5.37
C GLY A 306 -25.78 1.94 5.27
N MET A 307 -24.77 2.70 4.87
CA MET A 307 -24.90 4.14 4.71
C MET A 307 -25.80 4.48 3.53
N SER A 308 -25.56 3.83 2.39
CA SER A 308 -26.31 4.07 1.17
C SER A 308 -27.78 3.72 1.35
N GLN A 309 -28.03 2.59 1.99
CA GLN A 309 -29.39 2.11 2.19
C GLN A 309 -30.21 3.06 3.06
N THR A 310 -29.55 3.76 3.96
CA THR A 310 -30.21 4.79 4.74
C THR A 310 -30.56 5.97 3.84
N TYR A 311 -29.59 6.41 3.04
CA TYR A 311 -29.80 7.50 2.08
C TYR A 311 -30.92 7.18 1.09
N HIS A 312 -30.90 5.97 0.54
CA HIS A 312 -31.88 5.55 -0.45
C HIS A 312 -33.30 5.64 0.09
N GLU A 313 -33.51 5.10 1.28
CA GLU A 313 -34.83 5.06 1.88
C GLU A 313 -35.30 6.47 2.26
N LEU A 314 -34.38 7.27 2.79
CA LEU A 314 -34.69 8.65 3.17
C LEU A 314 -35.03 9.51 1.96
N TYR A 315 -34.18 9.44 0.93
CA TYR A 315 -34.34 10.30 -0.24
C TYR A 315 -35.50 9.89 -1.15
N ARG A 316 -35.80 8.59 -1.19
CA ARG A 316 -36.88 8.10 -2.05
C ARG A 316 -38.27 8.37 -1.46
N THR A 317 -38.35 8.39 -0.13
CA THR A 317 -39.63 8.49 0.54
C THR A 317 -39.80 9.79 1.33
N ARG A 318 -38.71 10.50 1.60
CA ARG A 318 -38.79 11.72 2.40
C ARG A 318 -38.00 12.90 1.83
N LEU A 319 -37.68 12.82 0.54
CA LEU A 319 -37.09 13.95 -0.16
C LEU A 319 -37.82 14.14 -1.48
N ALA A 320 -37.83 13.09 -2.30
CA ALA A 320 -38.61 13.08 -3.52
C ALA A 320 -40.08 13.28 -3.17
N ARG A 321 -40.82 13.95 -4.05
CA ARG A 321 -42.21 14.29 -3.78
C ARG A 321 -43.10 13.97 -4.97
N GLY A 322 -44.39 14.28 -4.84
CA GLY A 322 -45.32 14.17 -5.94
C GLY A 322 -46.00 12.83 -6.07
N ALA A 323 -46.93 12.74 -7.01
CA ALA A 323 -47.77 11.57 -7.19
C ALA A 323 -46.96 10.32 -7.56
N PHE A 324 -45.76 10.52 -8.10
CA PHE A 324 -44.96 9.41 -8.59
C PHE A 324 -43.88 8.95 -7.60
N ARG A 325 -43.91 9.50 -6.39
CA ARG A 325 -42.91 9.18 -5.38
C ARG A 325 -42.85 7.69 -5.10
N ASP A 326 -44.02 7.07 -4.91
CA ASP A 326 -44.09 5.66 -4.57
C ASP A 326 -44.53 4.79 -5.74
N ARG A 327 -44.69 5.42 -6.91
CA ARG A 327 -45.17 4.69 -8.09
C ARG A 327 -44.03 4.22 -8.98
N GLU A 328 -44.25 3.07 -9.63
CA GLU A 328 -43.27 2.52 -10.55
C GLU A 328 -43.08 3.44 -11.75
N ARG A 329 -41.84 3.53 -12.24
CA ARG A 329 -41.53 4.46 -13.31
C ARG A 329 -41.54 3.78 -14.68
N PRO A 330 -42.21 4.41 -15.66
CA PRO A 330 -42.48 3.84 -16.98
C PRO A 330 -41.23 3.59 -17.82
N ILE A 331 -41.26 2.52 -18.61
CA ILE A 331 -40.20 2.23 -19.56
C ILE A 331 -40.39 3.15 -20.77
N LEU A 332 -39.43 4.04 -20.98
CA LEU A 332 -39.57 5.04 -22.03
C LEU A 332 -38.62 4.84 -23.20
N ILE A 333 -38.95 5.48 -24.32
CA ILE A 333 -38.09 5.47 -25.50
C ILE A 333 -37.81 6.91 -25.95
N ASN A 334 -36.54 7.18 -26.23
CA ASN A 334 -36.14 8.45 -26.81
C ASN A 334 -35.72 8.26 -28.27
N ASN A 335 -36.53 8.77 -29.19
CA ASN A 335 -36.23 8.64 -30.62
C ASN A 335 -35.35 9.77 -31.13
N TRP A 336 -34.33 10.13 -30.36
CA TRP A 336 -33.42 11.20 -30.75
C TRP A 336 -32.41 10.77 -31.80
N GLU A 337 -31.62 9.75 -31.48
CA GLU A 337 -30.57 9.27 -32.38
C GLU A 337 -31.12 8.66 -33.67
N ALA A 338 -32.44 8.54 -33.73
CA ALA A 338 -33.10 7.98 -34.90
C ALA A 338 -33.42 9.04 -35.95
N THR A 339 -33.29 10.31 -35.58
CA THR A 339 -33.67 11.39 -36.48
C THR A 339 -33.00 12.73 -36.18
N TYR A 340 -32.38 12.83 -35.00
CA TYR A 340 -31.81 14.09 -34.53
C TYR A 340 -32.86 15.22 -34.52
N PHE A 341 -32.51 16.35 -35.12
CA PHE A 341 -33.43 17.48 -35.19
C PHE A 341 -34.48 17.30 -36.29
N ASP A 342 -34.10 16.62 -37.36
CA ASP A 342 -34.96 16.50 -38.55
C ASP A 342 -36.02 15.43 -38.40
N PHE A 343 -37.16 15.79 -37.82
CA PHE A 343 -38.30 14.88 -37.72
C PHE A 343 -39.59 15.61 -38.06
N ASN A 344 -40.66 14.84 -38.27
CA ASN A 344 -41.99 15.40 -38.44
C ASN A 344 -43.03 14.53 -37.74
N GLU A 345 -44.27 14.98 -37.73
CA GLU A 345 -45.33 14.33 -36.96
C GLU A 345 -45.55 12.87 -37.36
N GLU A 346 -45.54 12.59 -38.66
CA GLU A 346 -45.83 11.25 -39.15
C GLU A 346 -44.68 10.28 -38.95
N LYS A 347 -43.45 10.79 -38.93
CA LYS A 347 -42.28 9.95 -38.69
C LYS A 347 -42.26 9.46 -37.23
N ILE A 348 -42.84 10.25 -36.34
CA ILE A 348 -42.89 9.91 -34.92
C ILE A 348 -43.98 8.89 -34.63
N VAL A 349 -45.16 9.09 -35.23
CA VAL A 349 -46.29 8.20 -34.97
C VAL A 349 -46.12 6.83 -35.61
N ASN A 350 -45.32 6.76 -36.67
CA ASN A 350 -45.08 5.49 -37.37
C ASN A 350 -44.23 4.52 -36.56
N ILE A 351 -43.13 5.02 -36.01
CA ILE A 351 -42.25 4.19 -35.18
C ILE A 351 -42.86 3.96 -33.80
N ALA A 352 -43.74 4.86 -33.38
CA ALA A 352 -44.41 4.72 -32.09
C ALA A 352 -45.33 3.51 -32.05
N ARG A 353 -45.86 3.13 -33.22
CA ARG A 353 -46.73 1.97 -33.31
C ARG A 353 -45.98 0.68 -32.97
N THR A 354 -44.79 0.53 -33.55
CA THR A 354 -44.00 -0.68 -33.31
C THR A 354 -43.39 -0.67 -31.91
N GLU A 355 -43.18 0.53 -31.37
CA GLU A 355 -42.70 0.68 -30.01
C GLU A 355 -43.76 0.24 -29.00
N ALA A 356 -45.02 0.51 -29.33
CA ALA A 356 -46.13 0.06 -28.50
C ALA A 356 -46.24 -1.47 -28.54
N GLU A 357 -45.88 -2.05 -29.68
CA GLU A 357 -45.90 -3.49 -29.85
C GLU A 357 -44.83 -4.16 -29.00
N LEU A 358 -43.73 -3.46 -28.78
CA LEU A 358 -42.60 -4.01 -28.02
C LEU A 358 -42.84 -3.99 -26.51
N GLY A 359 -43.80 -3.19 -26.07
CA GLY A 359 -44.14 -3.11 -24.66
C GLY A 359 -43.78 -1.79 -24.01
N ILE A 360 -43.26 -0.85 -24.80
CA ILE A 360 -42.93 0.48 -24.31
C ILE A 360 -44.19 1.17 -23.79
N GLU A 361 -44.03 1.99 -22.76
CA GLU A 361 -45.18 2.65 -22.14
C GLU A 361 -45.18 4.16 -22.39
N LEU A 362 -44.02 4.70 -22.73
CA LEU A 362 -43.84 6.14 -22.85
C LEU A 362 -42.93 6.52 -24.01
N VAL A 363 -43.40 7.44 -24.85
CA VAL A 363 -42.61 7.98 -25.94
C VAL A 363 -42.26 9.44 -25.66
N VAL A 364 -40.96 9.73 -25.62
CA VAL A 364 -40.49 11.08 -25.31
C VAL A 364 -40.05 11.83 -26.55
N LEU A 365 -40.75 12.90 -26.88
CA LEU A 365 -40.35 13.78 -27.98
C LEU A 365 -39.18 14.63 -27.51
N ASP A 366 -38.07 14.55 -28.22
CA ASP A 366 -36.85 15.24 -27.78
C ASP A 366 -36.63 16.57 -28.50
N ASP A 367 -35.49 17.19 -28.21
CA ASP A 367 -35.12 18.50 -28.71
C ASP A 367 -35.36 18.69 -30.21
N GLY A 368 -35.96 19.83 -30.57
CA GLY A 368 -36.19 20.18 -31.96
C GLY A 368 -37.63 20.52 -32.30
N TRP A 369 -38.53 20.30 -31.34
CA TRP A 369 -39.96 20.44 -31.58
C TRP A 369 -40.42 21.90 -31.64
N PHE A 370 -39.53 22.81 -31.26
CA PHE A 370 -39.92 24.19 -31.01
C PHE A 370 -39.13 25.17 -31.87
N GLY A 371 -39.67 26.38 -32.01
CA GLY A 371 -39.01 27.46 -32.74
C GLY A 371 -38.50 27.06 -34.11
N GLU A 372 -37.20 27.24 -34.32
CA GLU A 372 -36.56 26.81 -35.55
C GLU A 372 -35.41 25.85 -35.22
N ARG A 373 -35.58 25.09 -34.16
CA ARG A 373 -34.56 24.14 -33.71
C ARG A 373 -34.25 23.08 -34.75
N ASP A 374 -33.47 23.46 -35.75
CA ASP A 374 -33.01 22.53 -36.77
C ASP A 374 -31.56 22.17 -36.51
N ASP A 375 -30.94 22.95 -35.61
CA ASP A 375 -29.61 22.63 -35.08
C ASP A 375 -29.53 23.08 -33.63
N ASP A 376 -28.39 22.90 -32.98
CA ASP A 376 -28.22 23.29 -31.59
C ASP A 376 -27.71 24.73 -31.46
N ARG A 377 -28.07 25.57 -32.42
CA ARG A 377 -27.50 26.91 -32.52
C ARG A 377 -28.53 28.04 -32.45
N ARG A 378 -29.78 27.72 -32.11
CA ARG A 378 -30.84 28.73 -32.11
C ARG A 378 -32.07 28.32 -31.31
N SER A 379 -33.02 29.24 -31.21
CA SER A 379 -34.38 28.96 -30.74
C SER A 379 -34.58 28.64 -29.25
N LEU A 380 -33.50 28.48 -28.49
CA LEU A 380 -33.66 28.28 -27.05
C LEU A 380 -34.28 29.53 -26.40
N GLY A 381 -35.43 29.34 -25.77
CA GLY A 381 -36.20 30.45 -25.22
C GLY A 381 -37.53 30.63 -25.94
N ASP A 382 -37.54 30.33 -27.23
CA ASP A 382 -38.76 30.44 -28.03
C ASP A 382 -39.55 29.13 -27.96
N TRP A 383 -40.33 28.97 -26.89
CA TRP A 383 -41.02 27.70 -26.64
C TRP A 383 -42.41 27.62 -27.25
N ILE A 384 -42.48 27.75 -28.57
CA ILE A 384 -43.72 27.55 -29.30
C ILE A 384 -43.56 26.40 -30.29
N VAL A 385 -44.64 25.69 -30.57
CA VAL A 385 -44.61 24.52 -31.44
C VAL A 385 -44.20 24.86 -32.87
N ASN A 386 -43.22 24.13 -33.39
CA ASN A 386 -42.81 24.25 -34.78
C ASN A 386 -43.87 23.62 -35.70
N ARG A 387 -44.59 24.46 -36.44
CA ARG A 387 -45.68 23.99 -37.28
C ARG A 387 -45.21 23.27 -38.55
N ARG A 388 -43.96 23.49 -38.94
CA ARG A 388 -43.41 22.77 -40.08
C ARG A 388 -43.30 21.28 -39.75
N LYS A 389 -42.70 20.99 -38.60
CA LYS A 389 -42.49 19.60 -38.16
C LYS A 389 -43.75 19.00 -37.55
N LEU A 390 -44.44 19.79 -36.73
CA LEU A 390 -45.68 19.35 -36.09
C LEU A 390 -46.84 20.23 -36.53
N PRO A 391 -47.43 19.91 -37.69
CA PRO A 391 -48.54 20.70 -38.25
C PRO A 391 -49.77 20.67 -37.36
N ASN A 392 -49.99 19.56 -36.68
CA ASN A 392 -51.13 19.43 -35.77
C ASN A 392 -50.76 19.80 -34.35
N GLY A 393 -49.62 20.47 -34.20
CA GLY A 393 -49.15 20.91 -32.90
C GLY A 393 -48.79 19.77 -31.96
N LEU A 394 -48.59 20.10 -30.70
CA LEU A 394 -48.27 19.10 -29.69
C LEU A 394 -49.49 18.23 -29.40
N ASP A 395 -50.65 18.87 -29.33
CA ASP A 395 -51.90 18.16 -29.02
C ASP A 395 -52.23 17.11 -30.07
N GLY A 396 -51.90 17.40 -31.33
CA GLY A 396 -52.12 16.46 -32.42
C GLY A 396 -51.23 15.24 -32.32
N LEU A 397 -49.95 15.46 -32.03
CA LEU A 397 -48.99 14.37 -31.92
C LEU A 397 -49.25 13.51 -30.69
N ALA A 398 -49.46 14.16 -29.56
CA ALA A 398 -49.65 13.46 -28.29
C ALA A 398 -50.86 12.55 -28.30
N LYS A 399 -51.98 13.05 -28.82
CA LYS A 399 -53.22 12.26 -28.86
C LYS A 399 -53.14 11.08 -29.82
N GLN A 400 -52.32 11.21 -30.86
CA GLN A 400 -52.04 10.07 -31.74
C GLN A 400 -51.19 9.04 -31.01
N VAL A 401 -50.25 9.52 -30.20
CA VAL A 401 -49.41 8.65 -29.40
C VAL A 401 -50.24 7.95 -28.32
N ASN A 402 -51.17 8.70 -27.71
CA ASN A 402 -52.06 8.15 -26.70
C ASN A 402 -52.97 7.04 -27.22
N GLU A 403 -53.48 7.21 -28.43
CA GLU A 403 -54.39 6.22 -29.01
C GLU A 403 -53.67 4.96 -29.50
N LEU A 404 -52.38 4.86 -29.18
CA LEU A 404 -51.62 3.65 -29.41
C LEU A 404 -51.36 2.96 -28.08
N GLY A 405 -51.80 3.61 -27.00
CA GLY A 405 -51.62 3.07 -25.66
C GLY A 405 -50.37 3.60 -24.98
N LEU A 406 -49.71 4.57 -25.61
CA LEU A 406 -48.46 5.12 -25.11
C LEU A 406 -48.66 6.47 -24.42
N GLN A 407 -47.80 6.77 -23.45
CA GLN A 407 -47.79 8.10 -22.84
C GLN A 407 -46.98 9.04 -23.72
N PHE A 408 -47.19 10.34 -23.55
CA PHE A 408 -46.42 11.33 -24.30
C PHE A 408 -45.55 12.17 -23.37
N GLY A 409 -44.26 12.21 -23.66
CA GLY A 409 -43.31 13.00 -22.89
C GLY A 409 -42.68 14.12 -23.72
N LEU A 410 -42.14 15.12 -23.05
CA LEU A 410 -41.55 16.27 -23.74
C LEU A 410 -40.21 16.70 -23.15
N TRP A 411 -39.31 17.17 -24.02
CA TRP A 411 -37.99 17.65 -23.63
C TRP A 411 -37.96 19.18 -23.61
N VAL A 412 -37.47 19.75 -22.52
CA VAL A 412 -37.31 21.21 -22.42
C VAL A 412 -35.99 21.62 -21.78
N GLU A 413 -35.53 22.82 -22.08
CA GLU A 413 -34.34 23.39 -21.46
C GLU A 413 -34.55 24.88 -21.17
N PRO A 414 -35.36 25.19 -20.14
CA PRO A 414 -35.87 26.54 -19.88
C PRO A 414 -34.87 27.51 -19.25
N GLU A 415 -33.76 27.00 -18.73
CA GLU A 415 -32.78 27.87 -18.09
C GLU A 415 -31.84 28.51 -19.11
N MET A 416 -32.04 28.18 -20.38
CA MET A 416 -31.13 28.62 -21.43
C MET A 416 -31.78 29.54 -22.47
N VAL A 417 -30.95 30.31 -23.16
CA VAL A 417 -31.40 31.15 -24.25
C VAL A 417 -30.33 31.24 -25.35
N SER A 418 -30.73 31.00 -26.58
CA SER A 418 -29.84 31.14 -27.71
C SER A 418 -29.76 32.61 -28.11
N PRO A 419 -28.55 33.10 -28.40
CA PRO A 419 -28.39 34.46 -28.93
C PRO A 419 -29.27 34.65 -30.16
N ASN A 420 -29.27 33.65 -31.03
CA ASN A 420 -30.15 33.65 -32.19
C ASN A 420 -31.54 33.10 -31.81
N SER A 421 -32.38 33.98 -31.26
CA SER A 421 -33.73 33.62 -30.88
C SER A 421 -34.56 34.89 -30.72
N GLU A 422 -35.88 34.75 -30.75
CA GLU A 422 -36.77 35.88 -30.55
C GLU A 422 -36.64 36.44 -29.15
N LEU A 423 -36.45 35.56 -28.17
CA LEU A 423 -36.35 35.97 -26.77
C LEU A 423 -35.12 36.84 -26.52
N TYR A 424 -33.99 36.44 -27.08
CA TYR A 424 -32.76 37.19 -26.88
C TYR A 424 -32.80 38.54 -27.61
N ARG A 425 -33.43 38.58 -28.77
CA ARG A 425 -33.57 39.84 -29.50
C ARG A 425 -34.51 40.79 -28.79
N LYS A 426 -35.49 40.24 -28.09
CA LYS A 426 -36.46 41.05 -27.36
C LYS A 426 -35.91 41.44 -25.98
N HIS A 427 -35.22 40.50 -25.34
CA HIS A 427 -34.66 40.74 -24.00
C HIS A 427 -33.21 40.27 -23.89
N PRO A 428 -32.27 41.01 -24.51
CA PRO A 428 -30.86 40.60 -24.49
C PRO A 428 -30.21 40.74 -23.12
N ASP A 429 -30.82 41.54 -22.26
CA ASP A 429 -30.33 41.77 -20.92
C ASP A 429 -30.80 40.70 -19.93
N TRP A 430 -31.68 39.82 -20.39
CA TRP A 430 -32.27 38.80 -19.52
C TRP A 430 -31.33 37.64 -19.19
N CYS A 431 -30.13 37.65 -19.78
CA CYS A 431 -29.17 36.59 -19.54
C CYS A 431 -28.20 36.97 -18.42
N LEU A 432 -27.47 35.98 -17.91
CA LEU A 432 -26.40 36.23 -16.96
C LEU A 432 -25.23 36.87 -17.70
N HIS A 433 -24.76 38.01 -17.20
CA HIS A 433 -23.67 38.74 -17.84
C HIS A 433 -23.11 39.81 -16.92
N VAL A 434 -22.00 40.41 -17.33
CA VAL A 434 -21.43 41.55 -16.62
C VAL A 434 -21.11 42.64 -17.63
N PRO A 435 -21.22 43.91 -17.21
CA PRO A 435 -21.04 45.06 -18.12
C PRO A 435 -19.77 45.02 -18.94
N ASN A 436 -19.90 45.30 -20.24
CA ASN A 436 -18.76 45.51 -21.14
C ASN A 436 -17.85 44.31 -21.35
N ARG A 437 -18.35 43.11 -21.03
CA ARG A 437 -17.56 41.89 -21.21
C ARG A 437 -18.24 40.97 -22.21
N PRO A 438 -17.45 40.34 -23.08
CA PRO A 438 -18.01 39.40 -24.07
C PRO A 438 -18.77 38.29 -23.37
N ARG A 439 -19.94 37.94 -23.91
CA ARG A 439 -20.78 36.91 -23.34
C ARG A 439 -20.40 35.53 -23.87
N SER A 440 -19.55 34.84 -23.10
CA SER A 440 -19.06 33.52 -23.50
C SER A 440 -20.20 32.53 -23.67
N GLU A 441 -20.08 31.64 -24.66
CA GLU A 441 -21.11 30.65 -24.92
C GLU A 441 -20.66 29.24 -24.57
N GLY A 442 -21.61 28.43 -24.10
CA GLY A 442 -21.40 27.01 -23.96
C GLY A 442 -22.42 26.31 -24.84
N ARG A 443 -21.94 25.53 -25.80
CA ARG A 443 -22.79 24.89 -26.80
C ARG A 443 -23.71 25.90 -27.52
N ASN A 444 -23.12 27.02 -27.94
CA ASN A 444 -23.84 28.04 -28.69
C ASN A 444 -25.08 28.59 -27.98
N GLN A 445 -25.02 28.70 -26.65
CA GLN A 445 -26.14 29.24 -25.90
C GLN A 445 -25.70 30.03 -24.67
N LEU A 446 -26.60 30.87 -24.16
CA LEU A 446 -26.36 31.63 -22.93
C LEU A 446 -27.31 31.16 -21.84
N VAL A 447 -27.06 31.60 -20.60
CA VAL A 447 -27.89 31.22 -19.46
C VAL A 447 -28.84 32.35 -19.08
N LEU A 448 -30.12 32.01 -18.91
CA LEU A 448 -31.10 32.99 -18.46
C LEU A 448 -30.88 33.35 -16.99
N ASP A 449 -31.13 34.60 -16.64
CA ASP A 449 -30.91 35.08 -15.28
C ASP A 449 -32.11 34.78 -14.39
N TYR A 450 -32.07 33.64 -13.71
CA TYR A 450 -33.16 33.22 -12.85
C TYR A 450 -33.19 33.96 -11.50
N SER A 451 -32.22 34.83 -11.28
CA SER A 451 -32.20 35.64 -10.07
C SER A 451 -33.22 36.77 -10.18
N ARG A 452 -33.68 37.04 -11.39
CA ARG A 452 -34.66 38.07 -11.65
C ARG A 452 -36.07 37.48 -11.62
N GLU A 453 -37.03 38.25 -11.13
CA GLU A 453 -38.40 37.77 -11.05
C GLU A 453 -39.11 37.78 -12.41
N ASP A 454 -38.84 38.81 -13.21
CA ASP A 454 -39.46 38.91 -14.53
C ASP A 454 -39.12 37.70 -15.42
N VAL A 455 -37.89 37.23 -15.33
CA VAL A 455 -37.45 36.05 -16.08
C VAL A 455 -38.16 34.81 -15.56
N CYS A 456 -38.23 34.69 -14.24
CA CYS A 456 -38.87 33.54 -13.61
C CYS A 456 -40.37 33.49 -13.93
N ASP A 457 -41.03 34.63 -13.81
CA ASP A 457 -42.46 34.71 -14.12
C ASP A 457 -42.75 34.39 -15.58
N TYR A 458 -41.85 34.81 -16.46
CA TYR A 458 -42.00 34.54 -17.89
C TYR A 458 -41.88 33.05 -18.19
N ILE A 459 -40.83 32.41 -17.66
CA ILE A 459 -40.60 30.99 -17.86
C ILE A 459 -41.76 30.15 -17.30
N ILE A 460 -42.19 30.48 -16.09
CA ILE A 460 -43.30 29.80 -15.44
C ILE A 460 -44.55 29.78 -16.33
N GLU A 461 -44.91 30.93 -16.87
CA GLU A 461 -46.10 31.03 -17.71
C GLU A 461 -45.92 30.35 -19.06
N THR A 462 -44.78 30.57 -19.69
CA THR A 462 -44.49 30.01 -21.01
C THR A 462 -44.45 28.48 -20.97
N ILE A 463 -43.75 27.93 -19.98
CA ILE A 463 -43.67 26.48 -19.84
C ILE A 463 -45.02 25.85 -19.51
N SER A 464 -45.80 26.54 -18.67
CA SER A 464 -47.12 26.06 -18.29
C SER A 464 -48.04 25.97 -19.50
N ASN A 465 -47.96 26.96 -20.39
CA ASN A 465 -48.76 26.97 -21.60
C ASN A 465 -48.44 25.77 -22.49
N VAL A 466 -47.18 25.38 -22.50
CA VAL A 466 -46.75 24.23 -23.30
C VAL A 466 -47.27 22.93 -22.67
N LEU A 467 -47.08 22.79 -21.36
CA LEU A 467 -47.51 21.59 -20.66
C LEU A 467 -49.03 21.44 -20.64
N ALA A 468 -49.74 22.54 -20.84
CA ALA A 468 -51.19 22.52 -20.82
C ALA A 468 -51.79 22.35 -22.23
N SER A 469 -50.94 22.48 -23.25
CA SER A 469 -51.41 22.45 -24.62
C SER A 469 -51.60 21.03 -25.15
N ALA A 470 -51.21 20.04 -24.36
CA ALA A 470 -51.26 18.64 -24.80
C ALA A 470 -51.28 17.69 -23.61
N PRO A 471 -51.82 16.47 -23.81
CA PRO A 471 -51.79 15.46 -22.75
C PRO A 471 -50.36 14.94 -22.51
N ILE A 472 -49.55 15.78 -21.87
CA ILE A 472 -48.17 15.43 -21.57
C ILE A 472 -48.09 14.93 -20.12
N THR A 473 -47.57 13.73 -19.95
CA THR A 473 -47.49 13.11 -18.62
C THR A 473 -46.05 12.89 -18.18
N TYR A 474 -45.11 13.36 -18.98
CA TYR A 474 -43.69 13.24 -18.67
C TYR A 474 -42.92 14.42 -19.24
N VAL A 475 -42.03 14.98 -18.43
CA VAL A 475 -41.21 16.10 -18.84
C VAL A 475 -39.75 15.86 -18.47
N LYS A 476 -38.86 15.99 -19.45
CA LYS A 476 -37.43 15.89 -19.21
C LYS A 476 -36.83 17.30 -19.22
N TRP A 477 -36.45 17.78 -18.04
CA TRP A 477 -35.93 19.13 -17.86
C TRP A 477 -34.40 19.10 -17.92
N ASP A 478 -33.84 19.72 -18.95
CA ASP A 478 -32.41 19.62 -19.21
C ASP A 478 -31.69 20.95 -18.99
N MET A 479 -30.36 20.89 -18.89
CA MET A 479 -29.50 22.06 -18.86
C MET A 479 -28.10 21.67 -19.32
N ASN A 480 -27.66 22.23 -20.45
CA ASN A 480 -26.43 21.75 -21.10
C ASN A 480 -25.24 22.69 -21.09
N ARG A 481 -25.14 23.53 -20.06
CA ARG A 481 -24.08 24.53 -20.00
C ARG A 481 -23.88 25.08 -18.59
N HIS A 482 -22.65 25.43 -18.26
CA HIS A 482 -22.34 26.02 -16.96
C HIS A 482 -22.14 27.54 -17.04
N MET A 483 -22.38 28.22 -15.93
CA MET A 483 -22.38 29.68 -15.85
C MET A 483 -21.00 30.33 -16.03
N THR A 484 -20.95 31.39 -16.85
CA THR A 484 -19.77 32.24 -16.94
C THR A 484 -20.22 33.69 -16.93
N GLU A 485 -19.30 34.60 -16.63
CA GLU A 485 -19.61 36.03 -16.51
C GLU A 485 -20.82 36.25 -15.59
N ILE A 486 -20.81 35.58 -14.45
CA ILE A 486 -21.94 35.59 -13.52
C ILE A 486 -22.25 36.99 -12.98
N GLY A 487 -23.43 37.49 -13.32
CA GLY A 487 -23.86 38.81 -12.87
C GLY A 487 -25.29 39.09 -13.24
N SER A 488 -25.86 40.14 -12.65
CA SER A 488 -27.25 40.49 -12.88
C SER A 488 -27.42 41.99 -13.05
N SER A 489 -28.15 42.40 -14.09
CA SER A 489 -28.43 43.80 -14.34
C SER A 489 -29.50 44.31 -13.37
N ALA A 490 -30.19 43.38 -12.71
CA ALA A 490 -31.26 43.72 -11.78
C ALA A 490 -30.77 43.79 -10.33
N LEU A 491 -29.48 43.55 -10.13
CA LEU A 491 -28.89 43.63 -8.80
C LEU A 491 -27.94 44.81 -8.69
N PRO A 492 -27.94 45.48 -7.52
CA PRO A 492 -26.95 46.52 -7.21
C PRO A 492 -25.55 45.91 -7.05
N PRO A 493 -24.49 46.71 -7.27
CA PRO A 493 -23.10 46.24 -7.22
C PRO A 493 -22.76 45.47 -5.94
N GLU A 494 -23.36 45.83 -4.82
CA GLU A 494 -23.04 45.20 -3.55
C GLU A 494 -23.79 43.89 -3.34
N ARG A 495 -24.53 43.45 -4.36
CA ARG A 495 -25.21 42.16 -4.29
C ARG A 495 -24.85 41.26 -5.48
N GLN A 496 -23.90 41.71 -6.29
CA GLN A 496 -23.49 40.98 -7.48
C GLN A 496 -23.05 39.54 -7.19
N ARG A 497 -22.37 39.33 -6.07
CA ARG A 497 -21.86 38.01 -5.73
C ARG A 497 -22.94 37.09 -5.16
N GLU A 498 -24.16 37.60 -5.08
CA GLU A 498 -25.31 36.79 -4.64
C GLU A 498 -26.00 36.17 -5.85
N THR A 499 -25.52 36.49 -7.04
CA THR A 499 -26.19 36.12 -8.29
C THR A 499 -26.42 34.62 -8.41
N ALA A 500 -25.34 33.85 -8.32
CA ALA A 500 -25.39 32.40 -8.46
C ALA A 500 -26.40 31.75 -7.51
N HIS A 501 -26.34 32.12 -6.24
CA HIS A 501 -27.27 31.56 -5.26
C HIS A 501 -28.71 32.00 -5.54
N ARG A 502 -28.90 33.26 -5.92
CA ARG A 502 -30.23 33.76 -6.24
C ARG A 502 -30.78 33.08 -7.48
N TYR A 503 -29.89 32.78 -8.42
CA TYR A 503 -30.23 32.00 -9.59
C TYR A 503 -30.88 30.67 -9.17
N MET A 504 -30.22 29.98 -8.24
CA MET A 504 -30.69 28.68 -7.78
C MET A 504 -31.99 28.78 -6.99
N LEU A 505 -32.14 29.85 -6.21
CA LEU A 505 -33.37 30.09 -5.48
C LEU A 505 -34.52 30.35 -6.45
N GLY A 506 -34.21 31.03 -7.56
CA GLY A 506 -35.19 31.28 -8.59
C GLY A 506 -35.59 30.01 -9.30
N LEU A 507 -34.60 29.21 -9.69
CA LEU A 507 -34.87 27.94 -10.36
C LEU A 507 -35.68 27.01 -9.47
N TYR A 508 -35.39 27.04 -8.16
CA TYR A 508 -36.14 26.24 -7.21
C TYR A 508 -37.60 26.68 -7.15
N ARG A 509 -37.83 27.99 -7.26
CA ARG A 509 -39.18 28.52 -7.21
C ARG A 509 -39.94 28.23 -8.51
N VAL A 510 -39.23 28.29 -9.64
CA VAL A 510 -39.82 28.00 -10.94
C VAL A 510 -40.23 26.54 -11.03
N MET A 511 -39.31 25.65 -10.69
CA MET A 511 -39.59 24.22 -10.67
C MET A 511 -40.74 23.88 -9.73
N ASP A 512 -40.75 24.52 -8.56
CA ASP A 512 -41.76 24.25 -7.56
C ASP A 512 -43.15 24.60 -8.07
N GLU A 513 -43.28 25.78 -8.67
CA GLU A 513 -44.58 26.25 -9.13
C GLU A 513 -45.07 25.49 -10.38
N ILE A 514 -44.14 25.14 -11.26
CA ILE A 514 -44.51 24.40 -12.47
C ILE A 514 -44.92 22.97 -12.15
N THR A 515 -44.13 22.27 -11.33
CA THR A 515 -44.47 20.91 -10.93
C THR A 515 -45.77 20.87 -10.13
N SER A 516 -46.05 21.95 -9.39
CA SER A 516 -47.29 22.07 -8.64
C SER A 516 -48.51 22.17 -9.56
N ARG A 517 -48.36 22.91 -10.64
CA ARG A 517 -49.46 23.13 -11.58
C ARG A 517 -49.77 21.88 -12.40
N PHE A 518 -48.82 20.96 -12.45
CA PHE A 518 -48.98 19.73 -13.24
C PHE A 518 -48.63 18.50 -12.42
N PRO A 519 -49.51 18.14 -11.46
CA PRO A 519 -49.25 17.03 -10.53
C PRO A 519 -49.25 15.67 -11.23
N HIS A 520 -49.91 15.59 -12.38
CA HIS A 520 -50.00 14.32 -13.12
C HIS A 520 -48.82 14.12 -14.05
N ILE A 521 -47.81 14.99 -13.97
CA ILE A 521 -46.64 14.88 -14.81
C ILE A 521 -45.43 14.31 -14.05
N LEU A 522 -44.75 13.34 -14.67
CA LEU A 522 -43.51 12.82 -14.13
C LEU A 522 -42.33 13.64 -14.65
N PHE A 523 -41.76 14.46 -13.77
CA PHE A 523 -40.61 15.27 -14.15
C PHE A 523 -39.27 14.55 -13.91
N GLU A 524 -38.42 14.56 -14.91
CA GLU A 524 -37.07 14.00 -14.79
C GLU A 524 -36.06 15.10 -15.08
N SER A 525 -35.17 15.37 -14.13
CA SER A 525 -34.18 16.42 -14.30
C SER A 525 -32.98 15.89 -15.05
N CYS A 526 -32.35 16.75 -15.83
CA CYS A 526 -31.21 16.35 -16.65
C CYS A 526 -30.23 17.51 -16.79
N SER A 527 -28.96 17.17 -17.04
CA SER A 527 -27.95 18.19 -17.28
C SER A 527 -26.75 17.62 -18.01
N GLY A 528 -26.88 17.47 -19.33
CA GLY A 528 -25.87 16.82 -20.13
C GLY A 528 -25.51 15.47 -19.53
N GLY A 529 -26.53 14.76 -19.05
CA GLY A 529 -26.31 13.58 -18.24
C GLY A 529 -26.61 13.90 -16.80
N GLY A 530 -25.71 13.50 -15.89
CA GLY A 530 -25.91 13.72 -14.47
C GLY A 530 -25.16 14.93 -13.92
N GLY A 531 -25.34 16.08 -14.55
CA GLY A 531 -24.64 17.29 -14.16
C GLY A 531 -25.19 17.95 -12.90
N ARG A 532 -26.40 17.58 -12.52
CA ARG A 532 -26.97 18.00 -11.25
C ARG A 532 -27.66 16.83 -10.57
N PHE A 533 -26.99 15.68 -10.52
CA PHE A 533 -27.55 14.54 -9.80
C PHE A 533 -27.29 14.74 -8.31
N ASP A 534 -28.13 15.56 -7.68
CA ASP A 534 -27.94 15.95 -6.28
C ASP A 534 -29.29 15.93 -5.55
N PRO A 535 -29.27 15.94 -4.21
CA PRO A 535 -30.53 15.85 -3.45
C PRO A 535 -31.49 17.02 -3.69
N GLY A 536 -30.95 18.19 -4.02
CA GLY A 536 -31.78 19.37 -4.21
C GLY A 536 -32.76 19.21 -5.36
N MET A 537 -32.25 18.70 -6.48
CA MET A 537 -33.07 18.48 -7.67
C MET A 537 -34.10 17.38 -7.44
N LEU A 538 -33.71 16.37 -6.68
CA LEU A 538 -34.57 15.22 -6.41
C LEU A 538 -35.85 15.62 -5.68
N TYR A 539 -35.78 16.71 -4.91
CA TYR A 539 -36.92 17.25 -4.18
C TYR A 539 -37.99 17.76 -5.14
N TYR A 540 -37.57 18.21 -6.32
CA TYR A 540 -38.49 18.80 -7.29
C TYR A 540 -38.84 17.84 -8.43
N MET A 541 -37.93 16.91 -8.72
CA MET A 541 -38.14 15.94 -9.78
C MET A 541 -37.65 14.57 -9.30
N PRO A 542 -38.58 13.62 -9.18
CA PRO A 542 -38.35 12.33 -8.51
C PRO A 542 -37.34 11.42 -9.20
N GLN A 543 -36.82 11.83 -10.35
CA GLN A 543 -35.82 11.02 -11.04
C GLN A 543 -34.90 11.86 -11.93
N THR A 544 -33.76 11.28 -12.29
CA THR A 544 -32.69 12.02 -12.95
C THR A 544 -32.01 11.18 -14.03
N TRP A 545 -31.63 11.84 -15.12
CA TRP A 545 -30.87 11.15 -16.16
C TRP A 545 -29.41 11.05 -15.71
N THR A 546 -28.95 9.81 -15.52
CA THR A 546 -27.69 9.53 -14.83
C THR A 546 -26.45 10.02 -15.59
N SER A 547 -26.41 9.74 -16.88
CA SER A 547 -25.26 10.13 -17.71
C SER A 547 -25.59 10.05 -19.19
N ASN A 548 -24.91 10.86 -19.99
CA ASN A 548 -25.05 10.79 -21.44
C ASN A 548 -24.21 9.66 -22.03
N ASN A 549 -23.28 9.15 -21.24
CA ASN A 549 -22.59 7.92 -21.58
C ASN A 549 -23.53 6.76 -21.24
N THR A 550 -24.02 6.09 -22.27
CA THR A 550 -24.97 5.00 -22.08
C THR A 550 -24.33 3.65 -22.37
N ASP A 551 -23.02 3.63 -22.53
CA ASP A 551 -22.29 2.39 -22.75
C ASP A 551 -22.35 1.50 -21.52
N ALA A 552 -22.73 0.24 -21.74
CA ALA A 552 -22.98 -0.71 -20.65
C ALA A 552 -21.82 -0.84 -19.65
N VAL A 553 -20.61 -0.94 -20.16
CA VAL A 553 -19.43 -1.10 -19.32
C VAL A 553 -19.10 0.18 -18.56
N SER A 554 -19.14 1.31 -19.27
CA SER A 554 -18.94 2.61 -18.65
C SER A 554 -19.99 2.87 -17.59
N ARG A 555 -21.23 2.46 -17.88
CA ARG A 555 -22.34 2.65 -16.95
C ARG A 555 -22.16 1.88 -15.64
N LEU A 556 -21.33 0.84 -15.66
CA LEU A 556 -21.06 0.07 -14.45
C LEU A 556 -20.51 0.96 -13.36
N LYS A 557 -19.43 1.68 -13.65
CA LYS A 557 -18.81 2.58 -12.68
C LYS A 557 -19.72 3.74 -12.30
N ILE A 558 -20.38 4.31 -13.29
CA ILE A 558 -21.25 5.47 -13.07
C ILE A 558 -22.43 5.11 -12.17
N GLN A 559 -23.04 3.96 -12.41
CA GLN A 559 -24.19 3.57 -11.62
C GLN A 559 -23.79 3.08 -10.23
N TYR A 560 -22.66 2.40 -10.16
CA TYR A 560 -22.10 1.98 -8.88
C TYR A 560 -21.86 3.20 -7.98
N GLY A 561 -21.20 4.21 -8.54
CA GLY A 561 -20.89 5.42 -7.82
C GLY A 561 -22.12 6.21 -7.43
N THR A 562 -23.05 6.38 -8.37
CA THR A 562 -24.28 7.12 -8.12
C THR A 562 -25.12 6.50 -7.00
N SER A 563 -25.10 5.17 -6.93
CA SER A 563 -25.88 4.44 -5.93
C SER A 563 -25.36 4.63 -4.50
N LEU A 564 -24.16 5.19 -4.36
CA LEU A 564 -23.58 5.41 -3.04
C LEU A 564 -24.44 6.35 -2.20
N VAL A 565 -25.13 7.26 -2.87
CA VAL A 565 -26.00 8.22 -2.20
C VAL A 565 -27.45 8.16 -2.69
N TYR A 566 -27.64 7.94 -3.98
CA TYR A 566 -28.96 8.11 -4.59
C TYR A 566 -29.67 6.79 -4.88
N PRO A 567 -30.99 6.75 -4.67
CA PRO A 567 -31.78 5.53 -4.82
C PRO A 567 -31.92 5.13 -6.29
N ILE A 568 -32.04 3.83 -6.53
CA ILE A 568 -32.17 3.29 -7.87
C ILE A 568 -33.44 3.83 -8.58
N SER A 569 -34.45 4.17 -7.79
CA SER A 569 -35.70 4.70 -8.33
C SER A 569 -35.51 6.01 -9.10
N ALA A 570 -34.41 6.70 -8.85
CA ALA A 570 -34.17 7.99 -9.48
C ALA A 570 -33.05 7.92 -10.50
N MET A 571 -32.49 6.73 -10.69
CA MET A 571 -31.30 6.56 -11.51
C MET A 571 -31.61 6.05 -12.92
N GLY A 572 -31.80 6.97 -13.86
CA GLY A 572 -32.14 6.61 -15.23
C GLY A 572 -31.05 5.83 -15.95
N ALA A 573 -31.46 4.77 -16.64
CA ALA A 573 -30.53 3.95 -17.41
C ALA A 573 -31.20 3.44 -18.67
N HIS A 574 -30.63 3.75 -19.83
CA HIS A 574 -31.25 3.40 -21.10
C HIS A 574 -30.37 2.51 -21.98
N VAL A 575 -31.00 1.60 -22.70
CA VAL A 575 -30.32 0.79 -23.68
C VAL A 575 -30.08 1.60 -24.95
N SER A 576 -28.83 1.60 -25.43
CA SER A 576 -28.49 2.34 -26.64
C SER A 576 -27.81 1.45 -27.67
N ALA A 577 -27.54 2.00 -28.84
CA ALA A 577 -27.02 1.22 -29.96
C ALA A 577 -25.50 1.06 -29.91
N VAL A 578 -25.01 0.02 -30.59
CA VAL A 578 -23.58 -0.19 -30.75
C VAL A 578 -23.18 -0.09 -32.22
N PRO A 579 -21.94 0.35 -32.50
CA PRO A 579 -20.89 0.83 -31.57
C PRO A 579 -21.34 2.07 -30.79
N ASN A 580 -20.95 2.13 -29.52
CA ASN A 580 -21.39 3.23 -28.65
C ASN A 580 -20.90 4.58 -29.14
N HIS A 581 -21.77 5.59 -29.09
CA HIS A 581 -21.45 6.89 -29.64
C HIS A 581 -20.43 7.67 -28.80
N GLN A 582 -20.30 7.32 -27.52
CA GLN A 582 -19.41 8.03 -26.63
C GLN A 582 -18.00 7.42 -26.53
N VAL A 583 -17.93 6.09 -26.51
CA VAL A 583 -16.63 5.41 -26.36
C VAL A 583 -16.24 4.54 -27.55
N GLY A 584 -17.22 4.14 -28.34
CA GLY A 584 -16.96 3.30 -29.50
C GLY A 584 -16.88 1.82 -29.17
N ARG A 585 -17.44 1.45 -28.03
CA ARG A 585 -17.42 0.06 -27.59
C ARG A 585 -18.60 -0.72 -28.15
N VAL A 586 -18.36 -2.00 -28.46
CA VAL A 586 -19.42 -2.90 -28.85
C VAL A 586 -19.63 -3.95 -27.77
N ALA A 587 -20.80 -3.91 -27.13
CA ALA A 587 -21.19 -4.93 -26.17
C ALA A 587 -22.55 -5.45 -26.60
N SER A 588 -22.86 -6.70 -26.25
CA SER A 588 -24.09 -7.32 -26.70
C SER A 588 -25.33 -6.69 -26.06
N LEU A 589 -26.47 -6.85 -26.71
CA LEU A 589 -27.73 -6.30 -26.25
C LEU A 589 -28.16 -6.92 -24.92
N LYS A 590 -27.70 -8.14 -24.67
CA LYS A 590 -28.03 -8.84 -23.43
C LYS A 590 -27.49 -8.11 -22.21
N THR A 591 -26.22 -7.75 -22.24
CA THR A 591 -25.59 -7.05 -21.12
C THR A 591 -25.99 -5.57 -21.08
N ARG A 592 -26.18 -4.96 -22.24
CA ARG A 592 -26.70 -3.60 -22.31
C ARG A 592 -28.05 -3.52 -21.62
N GLY A 593 -28.85 -4.57 -21.79
CA GLY A 593 -30.13 -4.68 -21.13
C GLY A 593 -30.00 -4.87 -19.64
N HIS A 594 -29.07 -5.73 -19.22
CA HIS A 594 -28.87 -6.04 -17.81
C HIS A 594 -28.36 -4.83 -17.00
N VAL A 595 -27.44 -4.07 -17.59
CA VAL A 595 -26.94 -2.86 -16.96
C VAL A 595 -28.05 -1.84 -16.78
N ALA A 596 -28.84 -1.64 -17.83
CA ALA A 596 -29.93 -0.66 -17.80
C ALA A 596 -31.10 -1.10 -16.92
N MET A 597 -31.32 -2.41 -16.82
CA MET A 597 -32.38 -2.92 -15.96
C MET A 597 -32.00 -2.85 -14.49
N SER A 598 -30.74 -2.53 -14.23
CA SER A 598 -30.25 -2.34 -12.86
C SER A 598 -30.47 -0.90 -12.39
N GLY A 599 -31.30 -0.17 -13.13
CA GLY A 599 -31.67 1.18 -12.78
C GLY A 599 -33.06 1.50 -13.29
N ASN A 600 -33.33 2.79 -13.46
CA ASN A 600 -34.59 3.25 -14.02
C ASN A 600 -34.56 3.03 -15.53
N PHE A 601 -35.27 2.00 -15.98
CA PHE A 601 -35.10 1.41 -17.31
C PHE A 601 -35.76 2.17 -18.46
N GLY A 602 -35.09 2.20 -19.61
CA GLY A 602 -35.59 2.86 -20.79
C GLY A 602 -34.74 2.56 -22.02
N TYR A 603 -35.08 3.18 -23.15
CA TYR A 603 -34.37 2.94 -24.40
C TYR A 603 -34.03 4.23 -25.14
N GLU A 604 -32.88 4.26 -25.79
CA GLU A 604 -32.48 5.38 -26.62
C GLU A 604 -31.75 4.90 -27.88
N LEU A 605 -32.52 4.39 -28.85
CA LEU A 605 -31.92 3.89 -30.08
C LEU A 605 -32.91 3.84 -31.25
N ASP A 606 -32.38 3.96 -32.46
CA ASP A 606 -33.17 3.86 -33.68
C ASP A 606 -33.69 2.44 -33.83
N ILE A 607 -35.00 2.26 -33.66
CA ILE A 607 -35.60 0.93 -33.78
C ILE A 607 -35.66 0.43 -35.22
N THR A 608 -35.64 1.36 -36.18
CA THR A 608 -35.69 1.01 -37.59
C THR A 608 -34.40 0.35 -38.06
N LYS A 609 -33.32 0.60 -37.33
CA LYS A 609 -32.03 0.02 -37.69
C LYS A 609 -31.75 -1.30 -36.97
N LEU A 610 -32.69 -1.71 -36.11
CA LEU A 610 -32.54 -2.94 -35.36
C LEU A 610 -32.86 -4.18 -36.20
N THR A 611 -32.07 -5.23 -36.03
CA THR A 611 -32.34 -6.50 -36.68
C THR A 611 -33.55 -7.15 -36.03
N GLU A 612 -34.03 -8.23 -36.63
CA GLU A 612 -35.20 -8.93 -36.08
C GLU A 612 -34.83 -9.63 -34.78
N THR A 613 -33.58 -10.08 -34.70
CA THR A 613 -33.06 -10.69 -33.48
C THR A 613 -33.07 -9.67 -32.34
N GLU A 614 -32.57 -8.47 -32.62
CA GLU A 614 -32.48 -7.41 -31.62
C GLU A 614 -33.83 -6.91 -31.16
N LYS A 615 -34.81 -6.89 -32.06
CA LYS A 615 -36.17 -6.48 -31.70
C LYS A 615 -36.86 -7.54 -30.85
N GLN A 616 -36.51 -8.80 -31.09
CA GLN A 616 -37.04 -9.92 -30.30
C GLN A 616 -36.59 -9.81 -28.85
N MET A 617 -35.28 -9.66 -28.67
CA MET A 617 -34.69 -9.57 -27.33
C MET A 617 -35.21 -8.34 -26.58
N MET A 618 -35.34 -7.24 -27.31
CA MET A 618 -35.85 -5.99 -26.74
C MET A 618 -37.26 -6.18 -26.18
N LYS A 619 -38.06 -7.02 -26.82
CA LYS A 619 -39.40 -7.30 -26.34
C LYS A 619 -39.35 -8.07 -25.02
N GLN A 620 -38.41 -8.99 -24.92
CA GLN A 620 -38.25 -9.79 -23.71
C GLN A 620 -37.72 -8.96 -22.54
N GLN A 621 -36.80 -8.05 -22.85
CA GLN A 621 -36.22 -7.18 -21.82
C GLN A 621 -37.30 -6.33 -21.18
N VAL A 622 -38.16 -5.75 -22.02
CA VAL A 622 -39.28 -4.95 -21.54
C VAL A 622 -40.22 -5.77 -20.68
N ALA A 623 -40.53 -6.98 -21.14
CA ALA A 623 -41.41 -7.88 -20.40
C ALA A 623 -40.77 -8.28 -19.07
N PHE A 624 -39.47 -8.58 -19.12
CA PHE A 624 -38.74 -9.00 -17.92
C PHE A 624 -38.67 -7.89 -16.89
N TYR A 625 -38.40 -6.66 -17.33
CA TYR A 625 -38.22 -5.54 -16.41
C TYR A 625 -39.51 -5.22 -15.67
N LYS A 626 -40.64 -5.38 -16.34
CA LYS A 626 -41.93 -5.11 -15.71
C LYS A 626 -42.18 -6.06 -14.53
N ASP A 627 -41.65 -7.27 -14.62
CA ASP A 627 -41.77 -8.26 -13.55
C ASP A 627 -40.95 -7.87 -12.32
N VAL A 628 -39.75 -7.36 -12.56
CA VAL A 628 -38.82 -7.06 -11.48
C VAL A 628 -38.75 -5.57 -11.13
N ARG A 629 -39.60 -4.77 -11.76
CA ARG A 629 -39.54 -3.32 -11.65
C ARG A 629 -39.70 -2.80 -10.21
N ARG A 630 -40.71 -3.30 -9.51
CA ARG A 630 -40.94 -2.91 -8.13
C ARG A 630 -39.75 -3.27 -7.24
N LEU A 631 -39.17 -4.45 -7.47
CA LEU A 631 -38.01 -4.89 -6.71
C LEU A 631 -36.79 -4.00 -6.98
N VAL A 632 -36.52 -3.73 -8.25
CA VAL A 632 -35.38 -2.88 -8.64
C VAL A 632 -35.53 -1.45 -8.15
N GLN A 633 -36.70 -0.87 -8.36
CA GLN A 633 -36.90 0.55 -8.05
C GLN A 633 -37.14 0.86 -6.57
N PHE A 634 -37.61 -0.13 -5.81
CA PHE A 634 -37.99 0.13 -4.42
C PHE A 634 -37.43 -0.86 -3.40
N GLY A 635 -36.60 -1.78 -3.86
CA GLY A 635 -36.00 -2.76 -2.97
C GLY A 635 -34.74 -2.25 -2.30
N THR A 636 -34.21 -3.05 -1.38
CA THR A 636 -32.95 -2.71 -0.71
C THR A 636 -31.79 -3.05 -1.63
N PHE A 637 -30.87 -2.11 -1.78
CA PHE A 637 -29.76 -2.27 -2.72
C PHE A 637 -28.47 -2.70 -1.99
N TYR A 638 -27.81 -3.72 -2.52
CA TYR A 638 -26.53 -4.18 -1.98
C TYR A 638 -25.48 -4.27 -3.08
N ARG A 639 -24.37 -3.57 -2.91
CA ARG A 639 -23.25 -3.70 -3.84
C ARG A 639 -22.37 -4.89 -3.42
N LEU A 640 -21.95 -5.69 -4.39
CA LEU A 640 -21.23 -6.92 -4.09
C LEU A 640 -19.80 -6.90 -4.63
N LEU A 641 -19.65 -6.51 -5.89
CA LEU A 641 -18.33 -6.39 -6.51
C LEU A 641 -18.16 -5.01 -7.13
N SER A 642 -16.99 -4.41 -6.92
CA SER A 642 -16.74 -3.05 -7.40
C SER A 642 -15.95 -2.98 -8.70
N PRO A 643 -16.50 -2.30 -9.71
CA PRO A 643 -15.79 -2.10 -10.98
C PRO A 643 -14.61 -1.14 -10.82
N PHE A 644 -14.49 -0.52 -9.66
CA PHE A 644 -13.36 0.35 -9.36
C PHE A 644 -12.20 -0.45 -8.76
N GLU A 645 -12.44 -1.72 -8.48
CA GLU A 645 -11.44 -2.53 -7.79
C GLU A 645 -10.99 -3.75 -8.58
N GLY A 646 -11.61 -3.98 -9.73
CA GLY A 646 -11.25 -5.13 -10.54
C GLY A 646 -12.04 -5.25 -11.83
N ASN A 647 -11.99 -6.45 -12.41
CA ASN A 647 -12.55 -6.75 -13.73
C ASN A 647 -14.05 -7.05 -13.68
N GLU A 648 -14.64 -7.01 -12.48
CA GLU A 648 -16.03 -7.40 -12.31
C GLU A 648 -16.91 -6.31 -11.69
N ALA A 649 -18.21 -6.53 -11.76
CA ALA A 649 -19.18 -5.66 -11.10
C ALA A 649 -20.42 -6.46 -10.75
N ALA A 650 -20.89 -6.34 -9.51
CA ALA A 650 -22.05 -7.10 -9.09
C ALA A 650 -22.82 -6.40 -7.97
N TRP A 651 -24.15 -6.49 -8.03
CA TRP A 651 -25.02 -5.92 -7.03
C TRP A 651 -26.32 -6.70 -6.99
N MET A 652 -27.15 -6.46 -5.98
CA MET A 652 -28.42 -7.16 -5.87
C MET A 652 -29.48 -6.35 -5.16
N PHE A 653 -30.73 -6.64 -5.50
CA PHE A 653 -31.88 -5.98 -4.91
C PHE A 653 -32.60 -6.99 -4.04
N VAL A 654 -33.02 -6.58 -2.85
CA VAL A 654 -33.76 -7.46 -1.96
C VAL A 654 -35.01 -6.74 -1.47
N SER A 655 -36.15 -7.44 -1.49
CA SER A 655 -37.39 -6.86 -1.02
C SER A 655 -37.31 -6.58 0.48
N ALA A 656 -38.28 -5.85 1.01
CA ALA A 656 -38.28 -5.48 2.42
C ALA A 656 -38.45 -6.69 3.34
N ASP A 657 -39.19 -7.70 2.88
CA ASP A 657 -39.45 -8.88 3.70
C ASP A 657 -38.43 -9.99 3.43
N ARG A 658 -37.49 -9.73 2.53
CA ARG A 658 -36.44 -10.68 2.17
C ARG A 658 -36.96 -11.97 1.52
N SER A 659 -38.14 -11.89 0.90
CA SER A 659 -38.71 -13.05 0.23
C SER A 659 -38.28 -13.12 -1.23
N GLU A 660 -37.95 -11.97 -1.80
CA GLU A 660 -37.50 -11.92 -3.19
C GLU A 660 -36.17 -11.20 -3.31
N ALA A 661 -35.42 -11.54 -4.35
CA ALA A 661 -34.17 -10.86 -4.64
C ALA A 661 -33.78 -10.99 -6.10
N LEU A 662 -33.04 -10.01 -6.61
CA LEU A 662 -32.54 -10.06 -7.98
C LEU A 662 -31.04 -9.77 -8.00
N VAL A 663 -30.27 -10.67 -8.58
CA VAL A 663 -28.82 -10.54 -8.58
C VAL A 663 -28.27 -10.26 -9.98
N ALA A 664 -27.39 -9.27 -10.09
CA ALA A 664 -26.74 -8.97 -11.35
C ALA A 664 -25.22 -9.06 -11.25
N TYR A 665 -24.61 -9.70 -12.22
CA TYR A 665 -23.15 -9.88 -12.24
C TYR A 665 -22.58 -9.52 -13.60
N PHE A 666 -21.39 -8.90 -13.60
CA PHE A 666 -20.75 -8.46 -14.84
C PHE A 666 -19.26 -8.74 -14.82
N ARG A 667 -18.74 -9.20 -15.96
CA ARG A 667 -17.30 -9.34 -16.13
C ARG A 667 -16.88 -8.63 -17.41
N VAL A 668 -15.85 -7.81 -17.32
CA VAL A 668 -15.45 -6.93 -18.42
C VAL A 668 -14.53 -7.63 -19.43
N LEU A 669 -13.24 -7.73 -19.08
CA LEU A 669 -12.28 -8.38 -19.97
C LEU A 669 -12.26 -9.89 -19.78
N ALA A 670 -12.27 -10.62 -20.89
CA ALA A 670 -12.17 -12.07 -20.85
C ALA A 670 -10.74 -12.53 -20.60
N GLU A 671 -10.61 -13.59 -19.80
CA GLU A 671 -9.30 -14.16 -19.48
C GLU A 671 -9.27 -15.61 -19.95
N ALA A 672 -8.25 -15.97 -20.71
CA ALA A 672 -8.10 -17.33 -21.22
C ALA A 672 -7.76 -18.28 -20.10
N ASN A 673 -8.41 -19.45 -20.09
CA ASN A 673 -8.14 -20.49 -19.11
C ASN A 673 -8.23 -19.93 -17.69
N ALA A 674 -9.26 -19.13 -17.46
CA ALA A 674 -9.43 -18.36 -16.23
C ALA A 674 -9.79 -19.23 -15.03
N PRO A 675 -9.48 -18.76 -13.82
CA PRO A 675 -9.90 -19.48 -12.61
C PRO A 675 -11.43 -19.44 -12.48
N LEU A 676 -11.98 -20.42 -11.77
CA LEU A 676 -13.41 -20.43 -11.50
C LEU A 676 -13.75 -19.29 -10.56
N SER A 677 -14.88 -18.63 -10.81
CA SER A 677 -15.31 -17.51 -9.99
C SER A 677 -16.47 -17.89 -9.09
N TYR A 678 -16.62 -17.18 -7.98
CA TYR A 678 -17.73 -17.40 -7.06
C TYR A 678 -18.28 -16.06 -6.59
N LEU A 679 -19.56 -16.04 -6.24
CA LEU A 679 -20.20 -14.81 -5.80
C LEU A 679 -21.03 -15.00 -4.54
N ARG A 680 -20.65 -14.31 -3.47
CA ARG A 680 -21.40 -14.34 -2.23
C ARG A 680 -22.44 -13.24 -2.19
N LEU A 681 -23.64 -13.59 -1.76
CA LEU A 681 -24.74 -12.64 -1.72
C LEU A 681 -24.83 -11.96 -0.36
N LYS A 682 -25.75 -10.99 -0.24
CA LYS A 682 -25.96 -10.27 1.01
C LYS A 682 -27.44 -9.97 1.16
N GLY A 683 -27.86 -9.66 2.38
CA GLY A 683 -29.21 -9.19 2.62
C GLY A 683 -30.28 -10.27 2.69
N LEU A 684 -29.89 -11.51 2.44
CA LEU A 684 -30.85 -12.62 2.48
C LEU A 684 -31.06 -13.11 3.91
N ASP A 685 -32.22 -13.71 4.16
CA ASP A 685 -32.50 -14.35 5.44
C ASP A 685 -31.88 -15.74 5.43
N SER A 686 -30.84 -15.92 6.26
CA SER A 686 -30.08 -17.17 6.26
C SER A 686 -30.89 -18.36 6.77
N ASN A 687 -31.99 -18.07 7.47
CA ASN A 687 -32.86 -19.11 8.00
C ASN A 687 -33.73 -19.74 6.92
N GLN A 688 -33.96 -19.01 5.83
CA GLN A 688 -34.80 -19.51 4.75
C GLN A 688 -34.00 -20.10 3.61
N ASP A 689 -34.67 -20.91 2.79
CA ASP A 689 -34.09 -21.41 1.56
C ASP A 689 -34.61 -20.55 0.40
N TYR A 690 -33.85 -20.51 -0.68
CA TYR A 690 -34.22 -19.66 -1.80
C TYR A 690 -34.25 -20.41 -3.13
N GLU A 691 -35.35 -20.23 -3.86
CA GLU A 691 -35.48 -20.75 -5.20
C GLU A 691 -34.83 -19.79 -6.19
N ILE A 692 -33.73 -20.22 -6.79
CA ILE A 692 -33.11 -19.48 -7.89
C ILE A 692 -33.68 -20.03 -9.19
N GLU A 693 -34.47 -19.21 -9.88
CA GLU A 693 -35.19 -19.64 -11.08
C GLU A 693 -34.30 -20.34 -12.11
N GLY A 694 -34.65 -21.57 -12.43
CA GLY A 694 -33.96 -22.33 -13.44
C GLY A 694 -32.61 -22.86 -12.99
N LEU A 695 -32.36 -22.82 -11.68
CA LEU A 695 -31.08 -23.28 -11.15
C LEU A 695 -31.26 -24.28 -10.02
N GLY A 696 -32.06 -23.92 -9.02
CA GLY A 696 -32.32 -24.81 -7.92
C GLY A 696 -32.55 -24.10 -6.60
N VAL A 697 -32.84 -24.86 -5.55
CA VAL A 697 -33.06 -24.29 -4.23
C VAL A 697 -31.77 -24.30 -3.42
N TYR A 698 -31.48 -23.18 -2.76
CA TYR A 698 -30.30 -23.04 -1.93
C TYR A 698 -30.66 -22.31 -0.65
N GLY A 699 -30.00 -22.70 0.44
CA GLY A 699 -30.22 -22.02 1.71
C GLY A 699 -29.64 -20.62 1.67
N GLY A 700 -30.28 -19.71 2.40
CA GLY A 700 -29.81 -18.34 2.47
C GLY A 700 -28.41 -18.26 3.05
N ASP A 701 -28.13 -19.14 4.01
CA ASP A 701 -26.81 -19.21 4.61
C ASP A 701 -25.75 -19.63 3.59
N GLU A 702 -26.08 -20.63 2.78
CA GLU A 702 -25.15 -21.08 1.75
C GLU A 702 -24.86 -19.96 0.74
N LEU A 703 -25.90 -19.26 0.32
CA LEU A 703 -25.77 -18.19 -0.65
C LEU A 703 -24.92 -17.03 -0.13
N VAL A 704 -25.01 -16.79 1.18
CA VAL A 704 -24.30 -15.68 1.79
C VAL A 704 -22.89 -16.06 2.31
N TYR A 705 -22.78 -17.22 2.94
CA TYR A 705 -21.51 -17.62 3.56
C TYR A 705 -20.60 -18.39 2.58
N ALA A 706 -21.19 -19.08 1.62
CA ALA A 706 -20.40 -19.85 0.66
C ALA A 706 -20.42 -19.25 -0.74
N GLY A 707 -21.62 -19.01 -1.27
CA GLY A 707 -21.77 -18.33 -2.55
C GLY A 707 -22.25 -19.19 -3.69
N VAL A 708 -22.42 -18.58 -4.86
CA VAL A 708 -22.82 -19.28 -6.07
C VAL A 708 -21.69 -19.35 -7.08
N ALA A 709 -21.49 -20.53 -7.66
CA ALA A 709 -20.48 -20.70 -8.70
C ALA A 709 -20.95 -20.02 -9.98
N LEU A 710 -20.10 -19.17 -10.54
CA LEU A 710 -20.42 -18.43 -11.76
C LEU A 710 -20.00 -19.24 -12.98
N PRO A 711 -20.91 -19.37 -13.96
CA PRO A 711 -20.64 -20.11 -15.20
C PRO A 711 -19.44 -19.54 -15.95
N TYR A 712 -18.53 -20.44 -16.35
CA TYR A 712 -17.37 -20.04 -17.13
C TYR A 712 -17.85 -19.55 -18.49
N ARG A 713 -17.27 -18.45 -18.96
CA ARG A 713 -17.71 -17.87 -20.23
C ARG A 713 -16.62 -17.02 -20.86
N SER A 714 -16.45 -17.16 -22.17
CA SER A 714 -15.49 -16.33 -22.89
C SER A 714 -16.22 -15.13 -23.50
N SER A 715 -15.55 -14.46 -24.43
CA SER A 715 -16.02 -13.19 -25.02
C SER A 715 -16.09 -12.06 -24.00
N ASP A 716 -15.84 -10.84 -24.46
CA ASP A 716 -15.78 -9.68 -23.57
C ASP A 716 -17.17 -9.18 -23.16
N PHE A 717 -17.22 -8.52 -22.02
CA PHE A 717 -18.40 -7.79 -21.55
C PHE A 717 -19.63 -8.68 -21.42
N ILE A 718 -19.62 -9.56 -20.42
CA ILE A 718 -20.72 -10.49 -20.19
C ILE A 718 -21.55 -10.09 -18.97
N SER A 719 -22.73 -10.68 -18.84
CA SER A 719 -23.64 -10.35 -17.75
C SER A 719 -24.53 -11.53 -17.39
N MET A 720 -25.01 -11.54 -16.15
CA MET A 720 -25.89 -12.60 -15.67
C MET A 720 -26.92 -12.04 -14.69
N MET A 721 -28.13 -12.59 -14.72
CA MET A 721 -29.15 -12.19 -13.76
C MET A 721 -29.88 -13.38 -13.15
N TRP A 722 -29.91 -13.43 -11.82
CA TRP A 722 -30.61 -14.48 -11.10
C TRP A 722 -31.83 -13.93 -10.38
N ARG A 723 -32.95 -14.63 -10.46
CA ARG A 723 -34.11 -14.29 -9.66
C ARG A 723 -34.24 -15.25 -8.49
N LEU A 724 -34.38 -14.70 -7.29
CA LEU A 724 -34.48 -15.50 -6.09
C LEU A 724 -35.84 -15.33 -5.43
N LYS A 725 -36.38 -16.44 -4.93
CA LYS A 725 -37.66 -16.42 -4.24
C LYS A 725 -37.64 -17.40 -3.08
N ALA A 726 -38.06 -16.93 -1.90
CA ALA A 726 -38.08 -17.77 -0.72
C ALA A 726 -39.14 -18.87 -0.86
N VAL A 727 -38.96 -19.94 -0.10
CA VAL A 727 -39.90 -21.06 -0.13
C VAL A 727 -40.92 -20.94 1.00
N LYS B 10 -22.75 -38.82 -1.87
CA LYS B 10 -22.26 -39.03 -0.50
C LYS B 10 -21.48 -37.81 -0.01
N GLN B 11 -21.97 -37.20 1.06
CA GLN B 11 -21.38 -35.96 1.57
C GLN B 11 -21.20 -36.00 3.08
N PHE B 12 -19.99 -35.69 3.54
CA PHE B 12 -19.71 -35.60 4.98
C PHE B 12 -19.85 -34.17 5.45
N HIS B 13 -20.62 -33.96 6.52
CA HIS B 13 -20.84 -32.62 7.04
C HIS B 13 -20.54 -32.54 8.54
N LEU B 14 -19.37 -32.01 8.86
CA LEU B 14 -18.96 -31.81 10.24
C LEU B 14 -19.41 -30.45 10.74
N ARG B 15 -19.97 -30.42 11.94
CA ARG B 15 -20.43 -29.17 12.53
C ARG B 15 -19.65 -28.87 13.80
N ALA B 16 -18.79 -27.87 13.73
CA ALA B 16 -17.97 -27.48 14.86
C ALA B 16 -18.33 -26.09 15.33
N GLY B 17 -19.07 -26.01 16.44
CA GLY B 17 -19.58 -24.74 16.92
C GLY B 17 -20.45 -24.08 15.88
N LYS B 18 -20.14 -22.84 15.55
CA LYS B 18 -20.85 -22.11 14.51
C LYS B 18 -20.19 -22.27 13.15
N ALA B 19 -19.48 -23.38 12.95
CA ALA B 19 -18.74 -23.61 11.71
C ALA B 19 -19.08 -24.94 11.04
N SER B 20 -19.04 -24.95 9.71
CA SER B 20 -19.23 -26.17 8.93
C SER B 20 -17.95 -26.53 8.17
N TYR B 21 -17.68 -27.83 8.10
CA TYR B 21 -16.58 -28.36 7.31
C TYR B 21 -17.16 -29.49 6.47
N VAL B 22 -17.14 -29.31 5.15
CA VAL B 22 -17.84 -30.23 4.25
C VAL B 22 -16.91 -30.93 3.28
N MET B 23 -17.10 -32.24 3.14
CA MET B 23 -16.34 -33.05 2.20
C MET B 23 -17.28 -33.85 1.32
N GLN B 24 -16.72 -34.51 0.31
CA GLN B 24 -17.52 -35.25 -0.65
C GLN B 24 -16.72 -36.37 -1.29
N LEU B 25 -17.37 -37.50 -1.52
CA LEU B 25 -16.77 -38.55 -2.34
C LEU B 25 -17.05 -38.24 -3.80
N PHE B 26 -15.99 -38.16 -4.59
CA PHE B 26 -16.12 -37.77 -5.99
C PHE B 26 -15.67 -38.90 -6.93
N ARG B 27 -16.53 -39.23 -7.89
CA ARG B 27 -16.24 -40.28 -8.87
C ARG B 27 -15.85 -41.61 -8.23
N SER B 28 -14.75 -42.18 -8.71
CA SER B 28 -14.31 -43.50 -8.25
C SER B 28 -13.60 -43.47 -6.89
N GLY B 29 -14.26 -42.90 -5.88
CA GLY B 29 -13.78 -42.98 -4.51
C GLY B 29 -12.75 -41.94 -4.11
N TYR B 30 -12.76 -40.79 -4.78
CA TYR B 30 -11.86 -39.70 -4.43
C TYR B 30 -12.50 -38.82 -3.35
N LEU B 31 -11.68 -38.38 -2.40
CA LEU B 31 -12.17 -37.52 -1.31
C LEU B 31 -11.91 -36.05 -1.62
N ALA B 32 -12.98 -35.31 -1.91
CA ALA B 32 -12.87 -33.92 -2.29
C ALA B 32 -13.30 -32.96 -1.17
N HIS B 33 -12.61 -31.83 -1.05
CA HIS B 33 -12.99 -30.79 -0.12
C HIS B 33 -14.06 -29.92 -0.76
N VAL B 34 -15.03 -29.49 0.04
CA VAL B 34 -16.17 -28.75 -0.49
C VAL B 34 -16.29 -27.36 0.13
N TYR B 35 -16.20 -27.29 1.46
CA TYR B 35 -16.45 -26.04 2.16
C TYR B 35 -15.95 -26.04 3.59
N TRP B 36 -15.43 -24.88 4.01
CA TRP B 36 -15.08 -24.65 5.41
C TRP B 36 -15.31 -23.18 5.70
N GLY B 37 -16.22 -22.89 6.64
CA GLY B 37 -16.53 -21.52 6.98
C GLY B 37 -17.69 -21.46 7.95
N LYS B 38 -18.41 -20.34 7.96
CA LYS B 38 -19.57 -20.18 8.85
C LYS B 38 -20.58 -21.30 8.59
N ALA B 39 -21.25 -21.72 9.65
CA ALA B 39 -22.18 -22.86 9.60
C ALA B 39 -23.25 -22.70 8.52
N VAL B 40 -23.51 -23.79 7.81
CA VAL B 40 -24.61 -23.85 6.85
C VAL B 40 -25.41 -25.12 7.09
N ARG B 41 -26.72 -25.05 6.90
CA ARG B 41 -27.57 -26.21 7.08
C ARG B 41 -27.20 -27.32 6.12
N ASP B 42 -26.96 -26.95 4.86
CA ASP B 42 -26.72 -27.93 3.82
C ASP B 42 -26.11 -27.28 2.58
N VAL B 43 -24.92 -27.71 2.21
CA VAL B 43 -24.31 -27.27 0.96
C VAL B 43 -24.91 -28.08 -0.19
N ARG B 44 -25.57 -27.39 -1.12
CA ARG B 44 -26.23 -28.06 -2.23
C ARG B 44 -25.68 -27.67 -3.60
N GLY B 45 -24.89 -26.60 -3.63
CA GLY B 45 -24.22 -26.19 -4.85
C GLY B 45 -22.82 -26.77 -4.89
N ALA B 46 -22.63 -27.85 -4.13
CA ALA B 46 -21.34 -28.51 -3.99
C ALA B 46 -20.79 -29.04 -5.33
N ARG B 47 -21.62 -29.79 -6.05
CA ARG B 47 -21.21 -30.33 -7.35
C ARG B 47 -21.64 -29.42 -8.49
N ALA B 48 -22.17 -28.24 -8.13
CA ALA B 48 -22.61 -27.26 -9.11
C ALA B 48 -21.46 -26.33 -9.51
N PHE B 49 -20.51 -26.86 -10.27
CA PHE B 49 -19.37 -26.09 -10.75
C PHE B 49 -18.92 -26.65 -12.10
N PRO B 50 -18.38 -25.78 -12.97
CA PRO B 50 -17.96 -26.17 -14.32
C PRO B 50 -16.89 -27.28 -14.33
N ARG B 51 -17.20 -28.38 -15.00
CA ARG B 51 -16.22 -29.44 -15.25
C ARG B 51 -15.42 -29.08 -16.49
N LEU B 52 -14.19 -28.63 -16.30
CA LEU B 52 -13.41 -28.04 -17.38
C LEU B 52 -12.19 -28.85 -17.81
N ASP B 53 -12.04 -29.01 -19.13
CA ASP B 53 -10.81 -29.52 -19.71
C ASP B 53 -9.73 -28.45 -19.55
N ARG B 54 -8.80 -28.70 -18.63
CA ARG B 54 -7.69 -27.78 -18.41
C ARG B 54 -6.41 -28.30 -19.06
N ALA B 55 -5.86 -27.50 -19.97
CA ALA B 55 -4.66 -27.88 -20.71
C ALA B 55 -3.51 -28.24 -19.78
N PHE B 56 -2.82 -29.33 -20.10
CA PHE B 56 -1.69 -29.84 -19.31
C PHE B 56 -2.07 -30.34 -17.91
N SER B 57 -3.36 -30.53 -17.68
CA SER B 57 -3.83 -31.25 -16.50
C SER B 57 -4.27 -32.66 -16.93
N PRO B 58 -3.39 -33.64 -16.74
CA PRO B 58 -3.54 -35.01 -17.23
C PRO B 58 -4.69 -35.74 -16.54
N ASN B 59 -5.16 -36.83 -17.15
CA ASN B 59 -6.38 -37.48 -16.71
C ASN B 59 -6.20 -38.92 -16.25
N PRO B 60 -6.69 -39.24 -15.04
CA PRO B 60 -6.72 -40.62 -14.54
C PRO B 60 -7.58 -41.50 -15.45
N ASP B 61 -8.69 -40.95 -15.92
CA ASP B 61 -9.52 -41.61 -16.91
C ASP B 61 -9.29 -40.94 -18.26
N PRO B 62 -8.41 -41.52 -19.09
CA PRO B 62 -7.85 -40.97 -20.32
C PRO B 62 -8.86 -40.33 -21.28
N SER B 63 -10.08 -40.84 -21.32
CA SER B 63 -11.08 -40.33 -22.25
C SER B 63 -11.83 -39.11 -21.71
N ASP B 64 -11.80 -38.93 -20.39
CA ASP B 64 -12.42 -37.76 -19.77
C ASP B 64 -11.36 -36.72 -19.47
N ARG B 65 -11.27 -35.69 -20.31
CA ARG B 65 -10.27 -34.65 -20.15
C ARG B 65 -10.67 -33.60 -19.13
N THR B 66 -11.90 -33.71 -18.59
CA THR B 66 -12.39 -32.74 -17.63
C THR B 66 -12.11 -33.17 -16.20
N PHE B 67 -11.51 -34.35 -16.05
CA PHE B 67 -11.13 -34.82 -14.71
C PHE B 67 -9.62 -34.96 -14.55
N SER B 68 -9.08 -34.16 -13.63
CA SER B 68 -7.67 -34.23 -13.28
C SER B 68 -7.54 -33.98 -11.79
N LEU B 69 -6.66 -34.73 -11.14
CA LEU B 69 -6.37 -34.51 -9.73
C LEU B 69 -5.63 -33.19 -9.53
N ASP B 70 -5.14 -32.62 -10.63
CA ASP B 70 -4.47 -31.33 -10.60
C ASP B 70 -5.49 -30.21 -10.42
N THR B 71 -6.76 -30.51 -10.70
CA THR B 71 -7.82 -29.50 -10.64
C THR B 71 -8.98 -29.93 -9.74
N LEU B 72 -8.69 -30.80 -8.78
CA LEU B 72 -9.69 -31.22 -7.81
C LEU B 72 -9.28 -30.78 -6.41
N LEU B 73 -10.18 -30.11 -5.70
CA LEU B 73 -9.93 -29.74 -4.31
C LEU B 73 -9.94 -31.01 -3.46
N GLN B 74 -8.86 -31.25 -2.73
CA GLN B 74 -8.71 -32.53 -2.03
C GLN B 74 -8.48 -32.41 -0.52
N GLU B 75 -8.51 -33.55 0.17
CA GLU B 75 -8.34 -33.61 1.61
C GLU B 75 -7.00 -34.23 2.01
N TYR B 76 -6.49 -35.12 1.17
CA TYR B 76 -5.19 -35.74 1.41
C TYR B 76 -4.58 -36.19 0.09
N PRO B 77 -4.16 -35.22 -0.73
CA PRO B 77 -3.70 -35.48 -2.10
C PRO B 77 -2.31 -36.09 -2.16
N ALA B 78 -2.02 -36.76 -3.27
CA ALA B 78 -0.69 -37.31 -3.53
C ALA B 78 -0.16 -36.74 -4.84
N TYR B 79 1.15 -36.83 -5.03
CA TYR B 79 1.78 -36.44 -6.28
C TYR B 79 2.06 -37.68 -7.13
N GLY B 80 2.06 -37.51 -8.45
CA GLY B 80 2.49 -38.59 -9.32
C GLY B 80 1.43 -39.09 -10.29
N ASN B 81 0.18 -39.09 -9.86
CA ASN B 81 -0.91 -39.56 -10.72
C ASN B 81 -1.89 -38.45 -11.10
N THR B 82 -1.36 -37.47 -11.84
CA THR B 82 -2.08 -36.32 -12.44
C THR B 82 -2.11 -35.03 -11.61
N ASP B 83 -1.80 -35.10 -10.32
CA ASP B 83 -1.72 -33.90 -9.51
C ASP B 83 -0.28 -33.38 -9.50
N PHE B 84 -0.12 -32.07 -9.65
CA PHE B 84 1.23 -31.49 -9.69
C PHE B 84 1.55 -30.58 -8.52
N ARG B 85 0.57 -30.33 -7.66
CA ARG B 85 0.79 -29.54 -6.47
C ARG B 85 1.56 -30.35 -5.42
N ALA B 86 2.03 -29.68 -4.38
CA ALA B 86 2.71 -30.37 -3.29
C ALA B 86 1.72 -31.29 -2.59
N PRO B 87 2.12 -32.54 -2.34
CA PRO B 87 1.21 -33.52 -1.76
C PRO B 87 1.19 -33.48 -0.24
N ALA B 88 0.17 -34.10 0.35
CA ALA B 88 0.07 -34.22 1.80
C ALA B 88 0.98 -35.34 2.29
N TYR B 89 1.16 -36.36 1.44
CA TYR B 89 1.98 -37.50 1.80
C TYR B 89 2.74 -38.00 0.57
N GLN B 90 3.76 -38.81 0.80
CA GLN B 90 4.48 -39.46 -0.28
C GLN B 90 5.11 -40.76 0.21
N VAL B 91 4.95 -41.83 -0.57
CA VAL B 91 5.47 -43.14 -0.19
C VAL B 91 6.30 -43.73 -1.33
N GLN B 92 7.49 -44.22 -1.00
CA GLN B 92 8.32 -44.90 -1.98
C GLN B 92 8.16 -46.41 -1.84
N LEU B 93 8.01 -47.10 -2.97
CA LEU B 93 7.87 -48.54 -2.99
C LEU B 93 9.22 -49.21 -3.13
N GLU B 94 9.26 -50.53 -2.94
CA GLU B 94 10.51 -51.28 -3.07
C GLU B 94 11.02 -51.24 -4.50
N ASN B 95 10.11 -51.10 -5.46
CA ASN B 95 10.50 -51.05 -6.87
C ASN B 95 11.05 -49.69 -7.27
N GLY B 96 11.03 -48.74 -6.34
CA GLY B 96 11.60 -47.43 -6.57
C GLY B 96 10.59 -46.31 -6.79
N SER B 97 9.46 -46.64 -7.39
CA SER B 97 8.46 -45.63 -7.72
C SER B 97 7.82 -45.01 -6.48
N THR B 98 7.25 -43.82 -6.66
CA THR B 98 6.61 -43.11 -5.56
C THR B 98 5.14 -42.79 -5.86
N VAL B 99 4.52 -43.62 -6.70
CA VAL B 99 3.11 -43.43 -7.05
C VAL B 99 2.21 -44.22 -6.11
N THR B 100 1.23 -43.52 -5.53
CA THR B 100 0.23 -44.17 -4.69
C THR B 100 -1.17 -43.77 -5.14
N ASP B 101 -2.17 -44.55 -4.77
CA ASP B 101 -3.54 -44.30 -5.21
C ASP B 101 -4.54 -44.66 -4.11
N LEU B 102 -4.83 -43.69 -3.25
CA LEU B 102 -5.79 -43.91 -2.17
C LEU B 102 -7.22 -43.66 -2.62
N ARG B 103 -8.09 -44.62 -2.33
CA ARG B 103 -9.52 -44.47 -2.61
C ARG B 103 -10.30 -44.73 -1.35
N TYR B 104 -11.53 -44.22 -1.32
CA TYR B 104 -12.41 -44.43 -0.18
C TYR B 104 -12.67 -45.92 0.00
N LYS B 105 -12.58 -46.38 1.24
CA LYS B 105 -12.90 -47.77 1.57
C LYS B 105 -14.15 -47.82 2.45
N THR B 106 -14.06 -47.21 3.63
CA THR B 106 -15.18 -47.14 4.55
C THR B 106 -15.01 -45.95 5.51
N HIS B 107 -15.94 -45.79 6.44
CA HIS B 107 -15.85 -44.73 7.44
C HIS B 107 -16.67 -45.03 8.67
N ARG B 108 -16.33 -44.40 9.78
CA ARG B 108 -17.09 -44.55 11.02
C ARG B 108 -17.25 -43.20 11.74
N ILE B 109 -18.33 -43.06 12.50
CA ILE B 109 -18.63 -41.83 13.22
C ILE B 109 -19.04 -42.12 14.66
N TYR B 110 -18.26 -41.62 15.61
CA TYR B 110 -18.56 -41.84 17.01
C TYR B 110 -18.44 -40.57 17.86
N LYS B 111 -19.08 -40.59 19.01
CA LYS B 111 -18.99 -39.47 19.95
C LYS B 111 -17.65 -39.48 20.67
N GLY B 112 -17.22 -38.31 21.12
CA GLY B 112 -15.96 -38.18 21.82
C GLY B 112 -14.80 -37.89 20.90
N LYS B 113 -13.59 -38.13 21.40
CA LYS B 113 -12.38 -37.87 20.64
C LYS B 113 -11.29 -38.84 21.10
N PRO B 114 -10.64 -39.52 20.14
CA PRO B 114 -9.66 -40.56 20.48
C PRO B 114 -8.29 -40.01 20.86
N ARG B 115 -7.56 -40.78 21.66
CA ARG B 115 -6.17 -40.46 21.98
C ARG B 115 -5.29 -40.81 20.77
N LEU B 116 -4.19 -40.08 20.62
CA LEU B 116 -3.23 -40.39 19.57
C LEU B 116 -2.04 -41.12 20.17
N ASN B 117 -1.59 -42.16 19.48
CA ASN B 117 -0.53 -43.04 20.00
C ASN B 117 0.80 -42.33 20.24
N GLY B 118 1.20 -42.24 21.50
CA GLY B 118 2.48 -41.68 21.88
C GLY B 118 2.60 -40.19 21.59
N LEU B 119 1.47 -39.52 21.42
CA LEU B 119 1.45 -38.11 21.05
C LEU B 119 0.43 -37.31 21.85
N PRO B 120 0.69 -36.01 22.03
CA PRO B 120 -0.27 -35.11 22.66
C PRO B 120 -1.41 -34.78 21.70
N ALA B 121 -2.55 -34.37 22.26
CA ALA B 121 -3.71 -34.02 21.46
C ALA B 121 -4.76 -33.38 22.35
N THR B 122 -5.55 -32.48 21.76
CA THR B 122 -6.69 -31.92 22.46
C THR B 122 -7.63 -33.07 22.80
N TYR B 123 -8.36 -32.94 23.90
CA TYR B 123 -9.17 -34.04 24.40
C TYR B 123 -10.56 -33.59 24.82
N VAL B 124 -11.39 -34.56 25.21
CA VAL B 124 -12.69 -34.27 25.80
C VAL B 124 -12.81 -34.96 27.14
N GLU B 125 -13.68 -34.47 28.00
CA GLU B 125 -13.93 -35.12 29.29
C GLU B 125 -15.24 -35.89 29.26
N HIS B 126 -16.11 -35.53 28.32
CA HIS B 126 -17.36 -36.25 28.12
C HIS B 126 -17.59 -36.44 26.63
N GLU B 127 -18.26 -37.53 26.27
CA GLU B 127 -18.51 -37.87 24.87
C GLU B 127 -19.24 -36.76 24.11
N GLN B 128 -20.19 -36.13 24.80
CA GLN B 128 -21.06 -35.13 24.18
C GLN B 128 -20.32 -33.89 23.68
N GLU B 129 -19.11 -33.68 24.19
CA GLU B 129 -18.33 -32.48 23.87
C GLU B 129 -17.86 -32.44 22.42
N ALA B 130 -17.81 -33.60 21.77
CA ALA B 130 -17.30 -33.67 20.40
C ALA B 130 -17.86 -34.85 19.62
N GLU B 131 -17.50 -34.90 18.35
CA GLU B 131 -17.85 -36.03 17.49
C GLU B 131 -16.69 -36.27 16.53
N THR B 132 -16.41 -37.53 16.24
CA THR B 132 -15.27 -37.88 15.40
C THR B 132 -15.68 -38.61 14.13
N LEU B 133 -15.17 -38.13 12.99
CA LEU B 133 -15.34 -38.80 11.73
C LEU B 133 -14.02 -39.42 11.29
N GLU B 134 -14.01 -40.73 11.06
CA GLU B 134 -12.83 -41.40 10.56
C GLU B 134 -13.07 -41.92 9.15
N ILE B 135 -12.30 -41.41 8.20
CA ILE B 135 -12.41 -41.85 6.81
C ILE B 135 -11.25 -42.76 6.45
N VAL B 136 -11.55 -44.03 6.20
CA VAL B 136 -10.53 -45.02 5.87
C VAL B 136 -10.27 -45.04 4.37
N LEU B 137 -9.03 -44.69 3.99
CA LEU B 137 -8.63 -44.73 2.59
C LEU B 137 -7.71 -45.93 2.37
N GLY B 138 -7.60 -46.37 1.12
CA GLY B 138 -6.77 -47.51 0.82
C GLY B 138 -6.20 -47.53 -0.59
N ASP B 139 -4.98 -48.02 -0.70
CA ASP B 139 -4.37 -48.31 -1.99
C ASP B 139 -4.27 -49.84 -2.09
N ALA B 140 -5.16 -50.42 -2.89
CA ALA B 140 -5.31 -51.87 -2.97
C ALA B 140 -4.03 -52.58 -3.40
N LEU B 141 -3.32 -51.98 -4.36
CA LEU B 141 -2.13 -52.60 -4.94
C LEU B 141 -1.04 -52.88 -3.91
N ILE B 142 -0.82 -51.94 -3.00
CA ILE B 142 0.27 -52.07 -2.04
C ILE B 142 -0.22 -52.35 -0.62
N GLY B 143 -1.54 -52.41 -0.47
CA GLY B 143 -2.12 -52.69 0.84
C GLY B 143 -1.91 -51.58 1.85
N LEU B 144 -1.77 -50.35 1.36
CA LEU B 144 -1.59 -49.21 2.25
C LEU B 144 -2.93 -48.66 2.71
N GLU B 145 -3.09 -48.52 4.03
CA GLU B 145 -4.31 -47.98 4.61
C GLU B 145 -4.05 -46.66 5.32
N VAL B 146 -4.77 -45.62 4.92
CA VAL B 146 -4.67 -44.33 5.58
C VAL B 146 -6.01 -43.93 6.19
N THR B 147 -6.01 -43.65 7.49
CA THR B 147 -7.23 -43.23 8.16
C THR B 147 -7.19 -41.75 8.49
N LEU B 148 -8.06 -40.99 7.84
CA LEU B 148 -8.14 -39.55 8.07
C LEU B 148 -9.06 -39.26 9.24
N GLN B 149 -8.50 -38.70 10.31
CA GLN B 149 -9.24 -38.46 11.55
C GLN B 149 -9.72 -37.01 11.64
N TYR B 150 -11.03 -36.84 11.71
CA TYR B 150 -11.62 -35.52 11.85
C TYR B 150 -12.40 -35.45 13.16
N THR B 151 -12.17 -34.41 13.95
CA THR B 151 -12.97 -34.20 15.16
C THR B 151 -13.56 -32.80 15.19
N ALA B 152 -14.85 -32.72 15.51
CA ALA B 152 -15.53 -31.44 15.62
C ALA B 152 -16.04 -31.25 17.04
N TYR B 153 -15.60 -30.18 17.69
CA TYR B 153 -16.11 -29.83 19.01
C TYR B 153 -17.47 -29.15 18.87
N GLU B 154 -18.38 -29.46 19.79
CA GLU B 154 -19.73 -28.92 19.73
C GLU B 154 -19.74 -27.47 20.20
N LYS B 155 -18.85 -27.15 21.13
CA LYS B 155 -18.84 -25.86 21.80
C LYS B 155 -18.06 -24.78 21.05
N TRP B 156 -16.97 -25.18 20.40
CA TRP B 156 -16.11 -24.22 19.72
C TRP B 156 -16.02 -24.49 18.21
N ASN B 157 -15.67 -23.46 17.45
CA ASN B 157 -15.42 -23.60 16.02
C ASN B 157 -14.12 -24.33 15.75
N VAL B 158 -14.01 -25.56 16.28
CA VAL B 158 -12.76 -26.31 16.21
C VAL B 158 -12.87 -27.62 15.45
N ILE B 159 -12.07 -27.74 14.39
CA ILE B 159 -11.89 -28.99 13.68
C ILE B 159 -10.44 -29.43 13.88
N THR B 160 -10.23 -30.63 14.38
CA THR B 160 -8.88 -31.18 14.49
C THR B 160 -8.66 -32.24 13.42
N ARG B 161 -7.43 -32.36 12.93
CA ARG B 161 -7.13 -33.31 11.87
C ARG B 161 -5.80 -34.02 12.08
N SER B 162 -5.76 -35.29 11.70
CA SER B 162 -4.54 -36.09 11.73
C SER B 162 -4.73 -37.31 10.83
N ALA B 163 -3.64 -38.01 10.55
CA ALA B 163 -3.70 -39.17 9.67
C ALA B 163 -2.95 -40.36 10.27
N ARG B 164 -3.54 -41.54 10.13
CA ARG B 164 -2.93 -42.76 10.64
C ARG B 164 -2.64 -43.71 9.47
N PHE B 165 -1.35 -43.91 9.19
CA PHE B 165 -0.93 -44.83 8.14
C PHE B 165 -0.82 -46.24 8.72
N GLU B 166 -1.11 -47.25 7.92
CA GLU B 166 -0.87 -48.63 8.32
C GLU B 166 -0.56 -49.53 7.12
N ASN B 167 0.53 -50.29 7.25
CA ASN B 167 0.96 -51.21 6.21
C ASN B 167 0.29 -52.58 6.37
N LYS B 168 -0.76 -52.82 5.60
CA LYS B 168 -1.45 -54.10 5.63
C LYS B 168 -1.10 -54.93 4.40
N GLY B 169 0.12 -54.71 3.88
CA GLY B 169 0.59 -55.44 2.72
C GLY B 169 1.77 -56.34 3.05
N GLY B 170 2.45 -56.83 2.02
CA GLY B 170 3.57 -57.74 2.20
C GLY B 170 4.91 -57.10 1.90
N GLU B 171 4.89 -55.88 1.38
CA GLU B 171 6.12 -55.16 1.08
C GLU B 171 6.43 -54.08 2.10
N ARG B 172 7.65 -53.58 2.06
CA ARG B 172 8.07 -52.48 2.92
C ARG B 172 7.66 -51.16 2.29
N LEU B 173 7.05 -50.29 3.08
CA LEU B 173 6.65 -48.96 2.61
C LEU B 173 7.46 -47.89 3.32
N LYS B 174 8.01 -46.97 2.54
CA LYS B 174 8.85 -45.91 3.09
C LYS B 174 8.16 -44.56 2.95
N LEU B 175 7.71 -44.01 4.07
CA LEU B 175 7.07 -42.69 4.09
C LEU B 175 8.12 -41.59 3.87
N LEU B 176 8.00 -40.87 2.77
CA LEU B 176 8.89 -39.75 2.48
C LEU B 176 8.27 -38.46 3.00
N ARG B 177 6.95 -38.50 3.21
CA ARG B 177 6.20 -37.35 3.67
C ARG B 177 4.92 -37.81 4.35
N ALA B 178 4.63 -37.25 5.52
CA ALA B 178 3.42 -37.60 6.25
C ALA B 178 2.86 -36.40 7.00
N LEU B 179 2.29 -35.47 6.27
CA LEU B 179 1.69 -34.29 6.87
C LEU B 179 0.40 -34.67 7.58
N SER B 180 -0.01 -33.84 8.54
CA SER B 180 -1.18 -34.15 9.35
C SER B 180 -2.48 -33.84 8.63
N MET B 181 -2.45 -32.82 7.77
CA MET B 181 -3.64 -32.42 7.02
C MET B 181 -3.30 -31.63 5.76
N SER B 182 -4.32 -31.42 4.94
CA SER B 182 -4.18 -30.62 3.74
C SER B 182 -5.57 -30.21 3.27
N VAL B 183 -5.75 -28.93 2.96
CA VAL B 183 -7.04 -28.45 2.51
C VAL B 183 -6.91 -27.49 1.34
N ASP B 184 -7.79 -27.66 0.34
CA ASP B 184 -7.78 -26.80 -0.84
C ASP B 184 -8.93 -25.81 -0.78
N PHE B 185 -8.60 -24.54 -0.66
CA PHE B 185 -9.58 -23.47 -0.73
C PHE B 185 -9.87 -23.15 -2.19
N PRO B 186 -11.15 -22.88 -2.52
CA PRO B 186 -11.57 -22.60 -3.89
C PRO B 186 -10.97 -21.32 -4.48
N THR B 187 -10.72 -20.32 -3.64
CA THR B 187 -10.07 -19.09 -4.07
C THR B 187 -8.82 -18.80 -3.25
N ALA B 188 -8.03 -17.81 -3.66
CA ALA B 188 -6.77 -17.52 -2.96
C ALA B 188 -6.62 -16.04 -2.59
N ASP B 189 -7.71 -15.30 -2.58
CA ASP B 189 -7.66 -13.87 -2.27
C ASP B 189 -7.59 -13.65 -0.76
N TYR B 190 -6.44 -14.00 -0.18
CA TYR B 190 -6.23 -13.86 1.27
C TYR B 190 -4.87 -13.24 1.55
N ASP B 191 -4.72 -12.72 2.76
CA ASP B 191 -3.41 -12.49 3.33
C ASP B 191 -3.11 -13.76 4.13
N TRP B 192 -1.87 -13.92 4.56
CA TRP B 192 -1.57 -14.96 5.54
C TRP B 192 -0.74 -14.43 6.70
N ILE B 193 -1.00 -14.98 7.88
CA ILE B 193 -0.28 -14.60 9.09
C ILE B 193 0.53 -15.76 9.60
N HIS B 194 1.79 -15.49 9.98
CA HIS B 194 2.57 -16.46 10.73
C HIS B 194 3.35 -15.77 11.84
N LEU B 195 4.13 -16.55 12.59
CA LEU B 195 4.80 -16.03 13.77
C LEU B 195 6.31 -16.24 13.74
N PRO B 196 7.02 -15.51 12.89
CA PRO B 196 8.47 -15.63 12.87
C PRO B 196 9.09 -14.94 14.09
N GLY B 197 10.39 -15.10 14.27
CA GLY B 197 11.06 -14.44 15.36
C GLY B 197 12.48 -14.94 15.54
N ALA B 198 12.99 -14.78 16.75
CA ALA B 198 14.32 -15.25 17.11
C ALA B 198 14.38 -15.37 18.62
N TRP B 199 15.54 -15.74 19.15
CA TRP B 199 15.73 -15.74 20.59
C TRP B 199 15.64 -14.29 21.08
N GLY B 200 14.92 -14.09 22.18
CA GLY B 200 14.75 -12.76 22.73
C GLY B 200 13.75 -11.91 21.98
N ARG B 201 13.12 -12.47 20.96
CA ARG B 201 12.07 -11.78 20.22
C ARG B 201 11.18 -12.78 19.47
N GLU B 202 10.51 -13.63 20.23
CA GLU B 202 9.71 -14.72 19.67
C GLU B 202 8.34 -14.26 19.18
N ARG B 203 7.89 -14.89 18.11
CA ARG B 203 6.51 -14.79 17.65
C ARG B 203 6.04 -13.36 17.36
N TRP B 204 6.73 -12.66 16.46
CA TRP B 204 6.22 -11.41 15.95
C TRP B 204 5.11 -11.70 14.94
N ILE B 205 4.04 -10.93 14.99
CA ILE B 205 2.98 -11.09 14.00
C ILE B 205 3.43 -10.53 12.66
N GLU B 206 3.41 -11.37 11.63
CA GLU B 206 3.74 -10.95 10.28
C GLU B 206 2.59 -11.26 9.33
N ARG B 207 2.05 -10.21 8.71
CA ARG B 207 0.98 -10.36 7.74
C ARG B 207 1.50 -10.04 6.34
N ARG B 208 1.22 -10.93 5.39
CA ARG B 208 1.71 -10.79 4.02
C ARG B 208 0.65 -11.23 3.03
N PRO B 209 0.63 -10.62 1.84
CA PRO B 209 -0.26 -11.10 0.78
C PRO B 209 0.23 -12.44 0.26
N LEU B 210 -0.67 -13.24 -0.31
CA LEU B 210 -0.27 -14.51 -0.90
C LEU B 210 0.40 -14.31 -2.25
N VAL B 211 1.36 -15.17 -2.56
CA VAL B 211 2.01 -15.18 -3.86
C VAL B 211 1.52 -16.38 -4.65
N THR B 212 1.55 -16.28 -5.98
CA THR B 212 1.22 -17.41 -6.82
C THR B 212 2.45 -18.32 -6.86
N GLY B 213 2.42 -19.36 -6.04
CA GLY B 213 3.57 -20.22 -5.82
C GLY B 213 3.53 -20.77 -4.42
N VAL B 214 4.69 -20.84 -3.76
CA VAL B 214 4.77 -21.45 -2.44
C VAL B 214 5.24 -20.47 -1.36
N GLN B 215 4.51 -20.44 -0.23
CA GLN B 215 4.95 -19.74 0.97
C GLN B 215 4.93 -20.73 2.12
N ALA B 216 5.89 -20.61 3.04
CA ALA B 216 6.00 -21.60 4.11
C ALA B 216 6.77 -21.11 5.33
N ALA B 217 6.27 -21.46 6.50
CA ALA B 217 7.03 -21.34 7.74
C ALA B 217 7.34 -22.76 8.19
N GLU B 218 8.60 -23.02 8.54
CA GLU B 218 9.00 -24.36 8.94
C GLU B 218 10.09 -24.37 10.01
N SER B 219 10.42 -25.55 10.48
CA SER B 219 11.52 -25.72 11.42
C SER B 219 12.36 -26.95 11.06
N ARG B 220 13.68 -26.80 11.16
CA ARG B 220 14.61 -27.90 10.91
C ARG B 220 15.56 -28.02 12.09
N ARG B 221 15.11 -27.60 13.26
CA ARG B 221 15.97 -27.52 14.43
C ARG B 221 15.69 -28.60 15.47
N GLY B 222 14.72 -29.46 15.19
CA GLY B 222 14.38 -30.55 16.09
C GLY B 222 13.43 -30.11 17.19
N ALA B 223 13.24 -28.80 17.28
CA ALA B 223 12.25 -28.22 18.19
C ALA B 223 11.33 -27.36 17.35
N SER B 224 10.18 -26.98 17.90
CA SER B 224 9.27 -26.07 17.19
C SER B 224 9.97 -24.74 16.87
N SER B 225 10.90 -24.33 17.74
CA SER B 225 11.83 -23.21 17.53
C SER B 225 11.31 -21.81 17.86
N HIS B 226 12.24 -20.88 18.05
CA HIS B 226 11.94 -19.46 18.27
C HIS B 226 11.74 -18.78 16.93
N GLN B 227 12.41 -19.31 15.91
CA GLN B 227 12.50 -18.67 14.61
C GLN B 227 11.19 -18.71 13.83
N GLN B 228 10.42 -19.77 14.05
CA GLN B 228 9.09 -19.92 13.46
C GLN B 228 8.22 -20.70 14.43
N ASN B 229 7.05 -20.16 14.75
CA ASN B 229 6.11 -20.91 15.58
C ASN B 229 5.21 -21.78 14.68
N PRO B 230 4.90 -23.00 15.14
CA PRO B 230 4.04 -23.88 14.33
C PRO B 230 2.60 -23.36 14.28
N PHE B 231 2.40 -22.27 13.56
CA PHE B 231 1.07 -21.69 13.37
C PHE B 231 1.04 -20.78 12.16
N ILE B 232 0.02 -20.97 11.32
CA ILE B 232 -0.23 -20.06 10.21
C ILE B 232 -1.72 -19.78 10.16
N ALA B 233 -2.11 -18.74 9.43
CA ALA B 233 -3.52 -18.38 9.31
C ALA B 233 -3.82 -17.72 7.97
N LEU B 234 -4.96 -18.08 7.38
CA LEU B 234 -5.47 -17.35 6.23
C LEU B 234 -6.49 -16.34 6.74
N VAL B 235 -6.32 -15.09 6.36
CA VAL B 235 -7.25 -14.06 6.79
C VAL B 235 -7.81 -13.31 5.58
N ALA B 236 -9.08 -12.92 5.68
CA ALA B 236 -9.69 -12.12 4.62
C ALA B 236 -8.95 -10.79 4.52
N LYS B 237 -8.94 -10.21 3.32
CA LYS B 237 -8.21 -8.97 3.06
C LYS B 237 -8.55 -7.84 4.03
N ASN B 238 -9.83 -7.69 4.35
CA ASN B 238 -10.28 -6.61 5.23
C ASN B 238 -10.43 -7.04 6.69
N ALA B 239 -9.95 -8.23 7.00
CA ALA B 239 -10.09 -8.78 8.35
C ALA B 239 -9.11 -8.15 9.33
N ASP B 240 -9.59 -7.79 10.51
CA ASP B 240 -8.73 -7.24 11.56
C ASP B 240 -8.88 -7.99 12.88
N GLU B 241 -8.65 -7.30 13.99
CA GLU B 241 -8.71 -7.92 15.31
C GLU B 241 -10.15 -8.15 15.77
N HIS B 242 -11.09 -7.34 15.29
CA HIS B 242 -12.46 -7.37 15.81
C HIS B 242 -13.50 -7.88 14.81
N GLN B 243 -13.13 -8.00 13.54
CA GLN B 243 -14.06 -8.50 12.54
C GLN B 243 -13.34 -9.18 11.38
N GLY B 244 -14.07 -10.00 10.62
CA GLY B 244 -13.53 -10.61 9.42
C GLY B 244 -13.25 -12.09 9.53
N GLU B 245 -13.18 -12.75 8.38
CA GLU B 245 -12.97 -14.19 8.33
C GLU B 245 -11.51 -14.59 8.49
N VAL B 246 -11.26 -15.50 9.44
CA VAL B 246 -9.92 -15.95 9.76
C VAL B 246 -9.93 -17.46 9.85
N TYR B 247 -8.93 -18.09 9.24
CA TYR B 247 -8.78 -19.54 9.32
C TYR B 247 -7.44 -19.87 9.96
N GLY B 248 -7.49 -20.35 11.20
CA GLY B 248 -6.28 -20.68 11.94
C GLY B 248 -5.85 -22.12 11.73
N PHE B 249 -4.53 -22.34 11.81
CA PHE B 249 -3.95 -23.68 11.67
C PHE B 249 -2.85 -23.84 12.73
N SER B 250 -3.10 -24.71 13.72
CA SER B 250 -2.20 -24.85 14.85
C SER B 250 -1.69 -26.28 15.00
N PHE B 251 -0.37 -26.44 15.01
CA PHE B 251 0.24 -27.76 15.03
C PHE B 251 0.59 -28.22 16.45
N VAL B 252 -0.06 -29.30 16.89
CA VAL B 252 0.16 -29.87 18.22
C VAL B 252 1.37 -30.81 18.20
N TYR B 253 2.57 -30.24 18.14
CA TYR B 253 3.79 -31.03 18.02
C TYR B 253 4.99 -30.12 18.28
N SER B 254 5.98 -30.63 19.00
CA SER B 254 7.06 -29.80 19.50
C SER B 254 8.36 -29.95 18.72
N GLY B 255 8.32 -30.69 17.62
CA GLY B 255 9.51 -30.93 16.84
C GLY B 255 9.52 -30.19 15.51
N ASN B 256 10.16 -30.79 14.51
CA ASN B 256 10.20 -30.22 13.17
C ASN B 256 8.81 -30.14 12.56
N PHE B 257 8.56 -29.10 11.78
CA PHE B 257 7.27 -28.94 11.13
C PHE B 257 7.35 -28.23 9.80
N LEU B 258 6.30 -28.38 9.00
CA LEU B 258 6.13 -27.60 7.78
C LEU B 258 4.74 -27.00 7.77
N ALA B 259 4.67 -25.69 7.57
CA ALA B 259 3.39 -24.99 7.50
C ALA B 259 3.35 -24.21 6.21
N GLN B 260 2.65 -24.76 5.21
CA GLN B 260 2.79 -24.29 3.83
C GLN B 260 1.46 -23.93 3.16
N ILE B 261 1.50 -22.86 2.37
CA ILE B 261 0.37 -22.45 1.55
C ILE B 261 0.81 -22.34 0.11
N GLU B 262 0.18 -23.10 -0.77
CA GLU B 262 0.53 -23.11 -2.19
C GLU B 262 -0.66 -22.65 -3.05
N VAL B 263 -0.45 -21.59 -3.82
CA VAL B 263 -1.47 -21.11 -4.76
C VAL B 263 -1.14 -21.61 -6.15
N ASP B 264 -2.13 -22.17 -6.84
CA ASP B 264 -1.90 -22.74 -8.16
C ASP B 264 -2.32 -21.82 -9.31
N GLN B 265 -2.25 -22.35 -10.52
CA GLN B 265 -2.55 -21.59 -11.74
C GLN B 265 -4.01 -21.18 -11.83
N PHE B 266 -4.87 -21.86 -11.08
CA PHE B 266 -6.32 -21.60 -11.16
C PHE B 266 -6.85 -20.93 -9.89
N GLY B 267 -5.97 -20.33 -9.12
CA GLY B 267 -6.36 -19.51 -7.99
C GLY B 267 -6.81 -20.26 -6.76
N THR B 268 -6.52 -21.55 -6.68
CA THR B 268 -6.84 -22.33 -5.48
C THR B 268 -5.65 -22.29 -4.53
N ALA B 269 -5.92 -22.39 -3.24
CA ALA B 269 -4.86 -22.32 -2.23
C ALA B 269 -4.82 -23.60 -1.38
N ARG B 270 -3.69 -24.29 -1.44
CA ARG B 270 -3.53 -25.51 -0.65
C ARG B 270 -2.75 -25.22 0.62
N VAL B 271 -3.43 -25.36 1.75
CA VAL B 271 -2.80 -25.23 3.05
C VAL B 271 -2.49 -26.61 3.61
N SER B 272 -1.22 -26.86 3.88
CA SER B 272 -0.81 -28.15 4.43
C SER B 272 0.12 -27.97 5.62
N MET B 273 0.00 -28.86 6.59
CA MET B 273 0.75 -28.73 7.83
C MET B 273 1.05 -30.09 8.43
N GLY B 274 2.21 -30.21 9.07
CA GLY B 274 2.59 -31.45 9.70
C GLY B 274 4.09 -31.55 9.88
N ILE B 275 4.56 -32.75 10.23
CA ILE B 275 5.99 -32.99 10.40
C ILE B 275 6.75 -32.63 9.14
N ASN B 276 7.80 -31.84 9.29
CA ASN B 276 8.61 -31.41 8.16
C ASN B 276 9.15 -32.60 7.37
N PRO B 277 8.85 -32.67 6.07
CA PRO B 277 9.33 -33.75 5.20
C PRO B 277 10.85 -33.75 5.06
N PHE B 278 11.45 -32.56 5.15
CA PHE B 278 12.89 -32.41 4.95
C PHE B 278 13.68 -33.23 5.97
N ASP B 279 14.63 -34.01 5.46
CA ASP B 279 15.46 -34.89 6.28
C ASP B 279 14.61 -35.87 7.11
N PHE B 280 13.47 -36.27 6.56
CA PHE B 280 12.53 -37.14 7.26
C PHE B 280 12.09 -38.30 6.37
N THR B 281 12.32 -39.52 6.85
CA THR B 281 11.68 -40.68 6.27
C THR B 281 11.18 -41.56 7.41
N TRP B 282 10.27 -42.49 7.09
CA TRP B 282 9.77 -43.41 8.10
C TRP B 282 9.42 -44.75 7.48
N LEU B 283 10.14 -45.79 7.89
CA LEU B 283 9.93 -47.13 7.35
C LEU B 283 8.76 -47.84 8.01
N LEU B 284 7.85 -48.34 7.18
CA LEU B 284 6.72 -49.13 7.66
C LEU B 284 6.85 -50.57 7.19
N GLN B 285 7.30 -51.45 8.08
CA GLN B 285 7.31 -52.89 7.80
C GLN B 285 5.87 -53.38 7.71
N PRO B 286 5.66 -54.53 7.06
CA PRO B 286 4.32 -55.12 7.05
C PRO B 286 3.78 -55.29 8.47
N GLY B 287 2.62 -54.72 8.75
CA GLY B 287 2.02 -54.80 10.07
C GLY B 287 2.20 -53.54 10.90
N GLU B 288 3.14 -52.70 10.48
CA GLU B 288 3.44 -51.47 11.22
C GLU B 288 2.50 -50.33 10.85
N SER B 289 2.44 -49.33 11.72
CA SER B 289 1.57 -48.18 11.49
C SER B 289 2.25 -46.88 11.91
N PHE B 290 1.75 -45.76 11.41
CA PHE B 290 2.31 -44.46 11.77
C PHE B 290 1.21 -43.43 12.04
N GLN B 291 1.29 -42.81 13.21
CA GLN B 291 0.32 -41.80 13.61
C GLN B 291 0.94 -40.41 13.55
N THR B 292 0.29 -39.51 12.81
CA THR B 292 0.74 -38.12 12.76
C THR B 292 0.13 -37.34 13.92
N PRO B 293 0.83 -36.31 14.40
CA PRO B 293 0.26 -35.38 15.37
C PRO B 293 -0.96 -34.67 14.78
N GLU B 294 -1.76 -34.02 15.62
CA GLU B 294 -2.95 -33.36 15.10
C GLU B 294 -2.72 -31.88 14.81
N VAL B 295 -3.55 -31.34 13.91
CA VAL B 295 -3.57 -29.92 13.62
C VAL B 295 -4.92 -29.34 14.03
N VAL B 296 -4.89 -28.32 14.88
CA VAL B 296 -6.12 -27.69 15.34
C VAL B 296 -6.51 -26.54 14.42
N MET B 297 -7.68 -26.67 13.80
CA MET B 297 -8.15 -25.72 12.80
C MET B 297 -9.34 -24.92 13.30
N VAL B 298 -9.15 -23.61 13.43
CA VAL B 298 -10.19 -22.74 13.97
C VAL B 298 -10.67 -21.73 12.94
N TYR B 299 -12.00 -21.62 12.80
CA TYR B 299 -12.60 -20.59 11.96
C TYR B 299 -13.26 -19.53 12.83
N SER B 300 -13.16 -18.29 12.40
CA SER B 300 -13.86 -17.19 13.07
C SER B 300 -14.33 -16.16 12.05
N ASP B 301 -15.46 -15.52 12.35
CA ASP B 301 -15.91 -14.39 11.54
C ASP B 301 -15.78 -13.10 12.36
N GLN B 302 -15.23 -13.24 13.56
CA GLN B 302 -15.05 -12.11 14.47
C GLN B 302 -13.58 -11.71 14.60
N GLY B 303 -12.84 -11.80 13.50
CA GLY B 303 -11.47 -11.34 13.45
C GLY B 303 -10.49 -12.17 14.26
N LEU B 304 -9.31 -11.60 14.50
CA LEU B 304 -8.24 -12.32 15.19
C LEU B 304 -8.55 -12.57 16.67
N ASN B 305 -9.24 -11.64 17.32
CA ASN B 305 -9.66 -11.86 18.70
C ASN B 305 -10.60 -13.06 18.80
N GLY B 306 -11.49 -13.19 17.83
CA GLY B 306 -12.40 -14.32 17.77
C GLY B 306 -11.65 -15.64 17.67
N MET B 307 -10.67 -15.69 16.77
CA MET B 307 -9.88 -16.89 16.58
C MET B 307 -9.05 -17.23 17.82
N SER B 308 -8.42 -16.21 18.40
CA SER B 308 -7.55 -16.39 19.55
C SER B 308 -8.33 -16.87 20.77
N GLN B 309 -9.52 -16.33 20.96
CA GLN B 309 -10.34 -16.65 22.13
C GLN B 309 -10.79 -18.11 22.11
N THR B 310 -11.02 -18.65 20.92
CA THR B 310 -11.37 -20.06 20.76
C THR B 310 -10.19 -20.94 21.16
N TYR B 311 -9.01 -20.60 20.67
CA TYR B 311 -7.79 -21.31 21.04
C TYR B 311 -7.53 -21.27 22.53
N HIS B 312 -7.75 -20.09 23.14
CA HIS B 312 -7.49 -19.91 24.56
C HIS B 312 -8.32 -20.85 25.42
N GLU B 313 -9.63 -20.90 25.18
CA GLU B 313 -10.50 -21.78 25.96
C GLU B 313 -10.19 -23.24 25.71
N LEU B 314 -9.99 -23.59 24.43
CA LEU B 314 -9.72 -24.97 24.05
C LEU B 314 -8.40 -25.46 24.62
N TYR B 315 -7.35 -24.66 24.49
CA TYR B 315 -6.03 -25.07 24.94
C TYR B 315 -5.88 -25.06 26.45
N ARG B 316 -6.60 -24.16 27.12
CA ARG B 316 -6.51 -24.06 28.57
C ARG B 316 -7.33 -25.15 29.26
N THR B 317 -8.46 -25.49 28.68
CA THR B 317 -9.39 -26.44 29.31
C THR B 317 -9.36 -27.83 28.70
N ARG B 318 -8.84 -27.98 27.49
CA ARG B 318 -8.87 -29.27 26.81
C ARG B 318 -7.57 -29.63 26.07
N LEU B 319 -6.46 -29.08 26.54
CA LEU B 319 -5.15 -29.49 26.05
C LEU B 319 -4.19 -29.56 27.24
N ALA B 320 -4.14 -28.47 28.00
CA ALA B 320 -3.41 -28.44 29.25
C ALA B 320 -4.03 -29.45 30.22
N ARG B 321 -3.22 -30.03 31.09
CA ARG B 321 -3.67 -31.08 31.99
C ARG B 321 -3.17 -30.88 33.41
N GLY B 322 -3.47 -31.85 34.26
CA GLY B 322 -2.98 -31.83 35.62
C GLY B 322 -3.92 -31.17 36.61
N ALA B 323 -3.50 -31.10 37.86
CA ALA B 323 -4.31 -30.53 38.93
C ALA B 323 -4.32 -29.01 38.86
N PHE B 324 -3.37 -28.45 38.12
CA PHE B 324 -3.19 -27.01 38.07
C PHE B 324 -3.86 -26.39 36.85
N ARG B 325 -4.56 -27.21 36.08
CA ARG B 325 -5.17 -26.76 34.83
C ARG B 325 -6.17 -25.62 35.04
N ASP B 326 -7.02 -25.75 36.05
CA ASP B 326 -8.05 -24.75 36.33
C ASP B 326 -7.69 -23.90 37.55
N ARG B 327 -6.44 -24.02 38.00
CA ARG B 327 -6.01 -23.35 39.22
C ARG B 327 -5.13 -22.13 38.95
N GLU B 328 -5.24 -21.13 39.82
CA GLU B 328 -4.42 -19.93 39.70
C GLU B 328 -2.95 -20.27 39.94
N ARG B 329 -2.08 -19.65 39.16
CA ARG B 329 -0.66 -19.96 39.20
C ARG B 329 0.08 -19.12 40.23
N PRO B 330 1.08 -19.71 40.88
CA PRO B 330 1.81 -19.01 41.95
C PRO B 330 2.67 -17.86 41.45
N ILE B 331 2.69 -16.78 42.22
CA ILE B 331 3.58 -15.66 41.96
C ILE B 331 4.98 -16.02 42.47
N LEU B 332 5.88 -16.32 41.54
CA LEU B 332 7.19 -16.87 41.90
C LEU B 332 8.34 -15.87 41.77
N ILE B 333 9.44 -16.17 42.45
CA ILE B 333 10.68 -15.43 42.29
C ILE B 333 11.77 -16.38 41.79
N ASN B 334 12.37 -16.04 40.65
CA ASN B 334 13.43 -16.85 40.07
C ASN B 334 14.77 -16.14 40.18
N ASN B 335 15.83 -16.90 40.48
CA ASN B 335 17.12 -16.31 40.81
C ASN B 335 18.11 -16.21 39.65
N TRP B 336 17.67 -16.61 38.46
CA TRP B 336 18.55 -16.66 37.28
C TRP B 336 19.23 -15.33 36.97
N GLU B 337 18.45 -14.32 36.59
CA GLU B 337 19.02 -13.01 36.27
C GLU B 337 19.62 -12.33 37.49
N ALA B 338 19.22 -12.80 38.67
CA ALA B 338 19.66 -12.21 39.93
C ALA B 338 21.09 -12.58 40.30
N THR B 339 21.43 -13.86 40.19
CA THR B 339 22.74 -14.34 40.63
C THR B 339 23.45 -15.22 39.61
N TYR B 340 22.69 -15.75 38.65
CA TYR B 340 23.20 -16.73 37.69
C TYR B 340 23.75 -17.97 38.41
N PHE B 341 25.01 -18.31 38.14
CA PHE B 341 25.59 -19.52 38.73
C PHE B 341 26.16 -19.28 40.13
N ASP B 342 26.52 -18.04 40.43
CA ASP B 342 27.13 -17.71 41.71
C ASP B 342 26.09 -17.57 42.81
N PHE B 343 25.92 -18.64 43.59
CA PHE B 343 25.01 -18.63 44.74
C PHE B 343 25.30 -19.78 45.70
N ASN B 344 24.69 -19.74 46.87
CA ASN B 344 24.78 -20.81 47.84
C ASN B 344 23.52 -20.87 48.69
N GLU B 345 23.42 -21.87 49.56
CA GLU B 345 22.23 -22.07 50.37
C GLU B 345 21.95 -20.91 51.32
N GLU B 346 23.01 -20.24 51.77
CA GLU B 346 22.89 -19.14 52.71
C GLU B 346 22.17 -17.94 52.09
N LYS B 347 22.67 -17.46 50.96
CA LYS B 347 22.09 -16.30 50.28
C LYS B 347 20.59 -16.49 49.97
N ILE B 348 20.26 -17.67 49.45
CA ILE B 348 18.90 -17.97 49.03
C ILE B 348 17.90 -17.94 50.19
N VAL B 349 18.29 -18.54 51.32
CA VAL B 349 17.40 -18.59 52.48
C VAL B 349 17.31 -17.23 53.19
N ASN B 350 18.33 -16.40 53.01
CA ASN B 350 18.35 -15.06 53.61
C ASN B 350 17.28 -14.13 53.06
N ILE B 351 17.20 -14.03 51.74
CA ILE B 351 16.22 -13.16 51.10
C ILE B 351 14.82 -13.78 51.07
N ALA B 352 14.75 -15.06 51.42
CA ALA B 352 13.48 -15.77 51.48
C ALA B 352 12.56 -15.16 52.54
N ARG B 353 13.16 -14.63 53.61
CA ARG B 353 12.39 -13.93 54.63
C ARG B 353 11.75 -12.69 54.01
N THR B 354 12.54 -11.98 53.22
CA THR B 354 12.08 -10.76 52.55
C THR B 354 10.99 -11.06 51.53
N GLU B 355 11.24 -12.09 50.73
CA GLU B 355 10.32 -12.50 49.68
C GLU B 355 8.95 -12.86 50.22
N ALA B 356 8.93 -13.57 51.35
CA ALA B 356 7.67 -13.96 51.99
C ALA B 356 6.92 -12.73 52.49
N GLU B 357 7.67 -11.74 52.96
CA GLU B 357 7.08 -10.50 53.46
C GLU B 357 6.53 -9.65 52.32
N LEU B 358 7.08 -9.81 51.12
CA LEU B 358 6.61 -9.10 49.94
C LEU B 358 5.34 -9.72 49.38
N GLY B 359 5.11 -11.00 49.68
CA GLY B 359 3.90 -11.68 49.26
C GLY B 359 4.13 -12.79 48.24
N ILE B 360 5.39 -13.05 47.94
CA ILE B 360 5.76 -14.11 47.00
C ILE B 360 5.26 -15.47 47.50
N GLU B 361 4.86 -16.34 46.58
CA GLU B 361 4.27 -17.62 46.94
C GLU B 361 5.21 -18.78 46.67
N LEU B 362 6.20 -18.56 45.82
CA LEU B 362 7.08 -19.64 45.39
C LEU B 362 8.50 -19.16 45.10
N VAL B 363 9.48 -19.89 45.59
CA VAL B 363 10.88 -19.62 45.27
C VAL B 363 11.42 -20.71 44.35
N VAL B 364 11.95 -20.29 43.20
CA VAL B 364 12.47 -21.25 42.24
C VAL B 364 13.99 -21.21 42.17
N LEU B 365 14.62 -22.34 42.41
CA LEU B 365 16.07 -22.47 42.31
C LEU B 365 16.44 -22.80 40.87
N ASP B 366 17.22 -21.91 40.25
CA ASP B 366 17.55 -22.07 38.83
C ASP B 366 18.84 -22.86 38.62
N ASP B 367 19.33 -22.84 37.38
CA ASP B 367 20.52 -23.58 36.96
C ASP B 367 21.72 -23.31 37.86
N GLY B 368 22.39 -24.39 38.28
CA GLY B 368 23.61 -24.27 39.06
C GLY B 368 23.62 -25.04 40.37
N TRP B 369 22.58 -25.82 40.62
CA TRP B 369 22.42 -26.52 41.88
C TRP B 369 23.03 -27.92 41.86
N PHE B 370 23.40 -28.40 40.68
CA PHE B 370 23.81 -29.79 40.51
C PHE B 370 25.28 -29.94 40.14
N GLY B 371 25.79 -31.17 40.32
CA GLY B 371 27.15 -31.53 39.93
C GLY B 371 28.22 -30.51 40.27
N GLU B 372 28.93 -30.07 39.23
CA GLU B 372 29.89 -28.97 39.38
C GLU B 372 29.48 -27.81 38.47
N ARG B 373 28.20 -27.50 38.49
CA ARG B 373 27.63 -26.48 37.62
C ARG B 373 27.94 -25.07 38.12
N ASP B 374 29.12 -24.58 37.79
CA ASP B 374 29.52 -23.21 38.13
C ASP B 374 29.52 -22.33 36.89
N ASP B 375 29.44 -22.97 35.72
CA ASP B 375 29.28 -22.26 34.46
C ASP B 375 28.35 -23.05 33.55
N ASP B 376 28.29 -22.69 32.28
CA ASP B 376 27.46 -23.42 31.32
C ASP B 376 28.32 -24.31 30.43
N ARG B 377 29.37 -24.88 30.99
CA ARG B 377 30.30 -25.70 30.23
C ARG B 377 30.45 -27.13 30.74
N ARG B 378 29.69 -27.50 31.77
CA ARG B 378 29.86 -28.79 32.39
C ARG B 378 28.67 -29.25 33.23
N SER B 379 28.76 -30.50 33.69
CA SER B 379 27.83 -31.09 34.67
C SER B 379 26.41 -31.38 34.18
N LEU B 380 26.12 -31.05 32.93
CA LEU B 380 24.81 -31.37 32.37
C LEU B 380 24.67 -32.88 32.20
N GLY B 381 23.75 -33.47 32.95
CA GLY B 381 23.54 -34.91 32.92
C GLY B 381 23.80 -35.55 34.26
N ASP B 382 24.51 -34.84 35.12
CA ASP B 382 24.82 -35.32 36.47
C ASP B 382 23.90 -34.63 37.48
N TRP B 383 22.67 -35.11 37.58
CA TRP B 383 21.65 -34.45 38.40
C TRP B 383 21.72 -34.84 39.87
N ILE B 384 22.89 -34.61 40.47
CA ILE B 384 23.10 -34.81 41.89
C ILE B 384 23.45 -33.48 42.54
N VAL B 385 22.86 -33.22 43.70
CA VAL B 385 23.03 -31.94 44.39
C VAL B 385 24.49 -31.62 44.70
N ASN B 386 24.92 -30.41 44.33
CA ASN B 386 26.26 -29.93 44.68
C ASN B 386 26.29 -29.61 46.18
N ARG B 387 26.98 -30.45 46.94
CA ARG B 387 26.99 -30.32 48.40
C ARG B 387 27.79 -29.11 48.90
N ARG B 388 28.72 -28.63 48.08
CA ARG B 388 29.54 -27.49 48.48
C ARG B 388 28.78 -26.18 48.34
N LYS B 389 27.78 -26.17 47.45
CA LYS B 389 26.92 -24.99 47.28
C LYS B 389 25.66 -25.14 48.11
N LEU B 390 25.20 -26.38 48.26
CA LEU B 390 24.03 -26.68 49.09
C LEU B 390 24.39 -27.73 50.13
N PRO B 391 24.91 -27.28 51.29
CA PRO B 391 25.32 -28.16 52.39
C PRO B 391 24.20 -29.10 52.86
N ASN B 392 23.02 -28.56 53.11
CA ASN B 392 21.90 -29.36 53.59
C ASN B 392 21.09 -30.01 52.46
N GLY B 393 21.63 -29.98 51.25
CA GLY B 393 20.99 -30.60 50.11
C GLY B 393 19.71 -29.92 49.69
N LEU B 394 19.00 -30.53 48.74
CA LEU B 394 17.75 -29.99 48.25
C LEU B 394 16.67 -30.01 49.32
N ASP B 395 16.61 -31.11 50.07
CA ASP B 395 15.61 -31.28 51.11
C ASP B 395 15.76 -30.24 52.21
N GLY B 396 17.01 -29.93 52.55
CA GLY B 396 17.29 -28.97 53.61
C GLY B 396 16.87 -27.57 53.22
N LEU B 397 17.17 -27.19 51.98
CA LEU B 397 16.81 -25.88 51.46
C LEU B 397 15.29 -25.73 51.36
N ALA B 398 14.65 -26.73 50.78
CA ALA B 398 13.21 -26.69 50.53
C ALA B 398 12.39 -26.53 51.81
N LYS B 399 12.83 -27.17 52.90
CA LYS B 399 12.11 -27.09 54.16
C LYS B 399 12.33 -25.76 54.87
N GLN B 400 13.52 -25.18 54.69
CA GLN B 400 13.79 -23.85 55.22
C GLN B 400 12.91 -22.83 54.51
N VAL B 401 12.70 -23.07 53.22
CA VAL B 401 11.84 -22.21 52.42
C VAL B 401 10.37 -22.46 52.80
N ASN B 402 10.03 -23.72 53.05
CA ASN B 402 8.66 -24.09 53.38
C ASN B 402 8.15 -23.54 54.70
N GLU B 403 9.04 -23.44 55.68
CA GLU B 403 8.64 -22.98 57.01
C GLU B 403 8.46 -21.47 57.04
N LEU B 404 8.92 -20.79 55.99
CA LEU B 404 8.68 -19.37 55.82
C LEU B 404 7.40 -19.13 55.02
N GLY B 405 6.70 -20.22 54.69
CA GLY B 405 5.43 -20.13 53.99
C GLY B 405 5.56 -20.11 52.48
N LEU B 406 6.76 -20.37 51.98
CA LEU B 406 7.01 -20.32 50.54
C LEU B 406 7.11 -21.73 49.95
N GLN B 407 6.64 -21.89 48.72
CA GLN B 407 6.83 -23.13 47.99
C GLN B 407 8.24 -23.18 47.43
N PHE B 408 8.70 -24.36 47.08
CA PHE B 408 10.03 -24.51 46.48
C PHE B 408 9.94 -25.06 45.08
N GLY B 409 10.82 -24.59 44.20
CA GLY B 409 10.84 -25.01 42.81
C GLY B 409 12.24 -25.30 42.31
N LEU B 410 12.34 -26.04 41.22
CA LEU B 410 13.64 -26.50 40.74
C LEU B 410 13.78 -26.48 39.21
N TRP B 411 14.96 -26.12 38.74
CA TRP B 411 15.29 -26.06 37.32
C TRP B 411 15.98 -27.34 36.88
N VAL B 412 15.53 -27.91 35.77
CA VAL B 412 16.17 -29.10 35.19
C VAL B 412 16.21 -29.02 33.68
N GLU B 413 17.23 -29.65 33.09
CA GLU B 413 17.37 -29.72 31.63
C GLU B 413 17.78 -31.12 31.20
N PRO B 414 16.87 -32.09 31.38
CA PRO B 414 17.17 -33.53 31.27
C PRO B 414 17.50 -34.04 29.87
N GLU B 415 17.27 -33.24 28.84
CA GLU B 415 17.48 -33.68 27.47
C GLU B 415 18.92 -33.44 27.01
N MET B 416 19.71 -32.80 27.85
CA MET B 416 21.05 -32.38 27.45
C MET B 416 22.15 -33.07 28.24
N VAL B 417 23.31 -33.21 27.61
CA VAL B 417 24.48 -33.79 28.28
C VAL B 417 25.74 -32.98 27.98
N SER B 418 26.46 -32.60 29.04
CA SER B 418 27.76 -31.94 28.87
C SER B 418 28.83 -32.97 28.59
N PRO B 419 29.74 -32.67 27.65
CA PRO B 419 30.91 -33.52 27.42
C PRO B 419 31.69 -33.67 28.73
N ASN B 420 31.91 -32.57 29.42
CA ASN B 420 32.54 -32.62 30.73
C ASN B 420 31.52 -33.00 31.81
N SER B 421 31.14 -34.27 31.82
CA SER B 421 30.23 -34.79 32.83
C SER B 421 30.49 -36.27 33.07
N GLU B 422 30.05 -36.78 34.21
CA GLU B 422 30.21 -38.19 34.52
C GLU B 422 29.36 -39.04 33.60
N LEU B 423 28.22 -38.50 33.19
CA LEU B 423 27.31 -39.22 32.31
C LEU B 423 27.93 -39.45 30.93
N TYR B 424 28.57 -38.42 30.39
CA TYR B 424 29.14 -38.51 29.05
C TYR B 424 30.35 -39.44 29.01
N ARG B 425 31.14 -39.43 30.08
CA ARG B 425 32.31 -40.27 30.17
C ARG B 425 31.93 -41.74 30.33
N LYS B 426 30.72 -41.97 30.79
CA LYS B 426 30.23 -43.33 31.05
C LYS B 426 29.42 -43.84 29.85
N HIS B 427 28.85 -42.93 29.08
CA HIS B 427 28.04 -43.29 27.92
C HIS B 427 28.18 -42.26 26.79
N PRO B 428 29.35 -42.23 26.14
CA PRO B 428 29.54 -41.24 25.06
C PRO B 428 28.65 -41.48 23.84
N ASP B 429 28.11 -42.68 23.71
CA ASP B 429 27.23 -42.99 22.57
C ASP B 429 25.75 -42.87 22.92
N TRP B 430 25.47 -42.25 24.07
CA TRP B 430 24.10 -42.01 24.48
C TRP B 430 23.56 -40.70 23.89
N CYS B 431 24.41 -40.00 23.15
CA CYS B 431 24.03 -38.72 22.57
C CYS B 431 23.65 -38.87 21.09
N LEU B 432 23.02 -37.83 20.54
CA LEU B 432 22.74 -37.79 19.11
C LEU B 432 24.05 -37.56 18.36
N HIS B 433 24.32 -38.44 17.39
CA HIS B 433 25.56 -38.36 16.63
C HIS B 433 25.46 -39.22 15.37
N VAL B 434 26.43 -39.04 14.49
CA VAL B 434 26.56 -39.90 13.32
C VAL B 434 28.01 -40.39 13.25
N PRO B 435 28.23 -41.60 12.72
CA PRO B 435 29.56 -42.21 12.68
C PRO B 435 30.65 -41.32 12.09
N ASN B 436 31.74 -41.15 12.85
CA ASN B 436 32.96 -40.51 12.37
C ASN B 436 32.85 -39.02 12.02
N ARG B 437 31.85 -38.35 12.58
CA ARG B 437 31.72 -36.91 12.39
C ARG B 437 31.98 -36.17 13.70
N PRO B 438 32.57 -34.97 13.61
CA PRO B 438 32.74 -34.12 14.80
C PRO B 438 31.40 -33.81 15.44
N ARG B 439 31.34 -33.87 16.77
CA ARG B 439 30.09 -33.65 17.48
C ARG B 439 29.91 -32.18 17.85
N SER B 440 29.14 -31.46 17.03
CA SER B 440 28.90 -30.04 17.24
C SER B 440 28.18 -29.75 18.54
N GLU B 441 28.53 -28.64 19.18
CA GLU B 441 27.95 -28.27 20.46
C GLU B 441 27.25 -26.91 20.38
N GLY B 442 26.21 -26.74 21.18
CA GLY B 442 25.55 -25.46 21.34
C GLY B 442 25.50 -25.15 22.81
N ARG B 443 26.09 -24.03 23.21
CA ARG B 443 26.29 -23.70 24.63
C ARG B 443 27.10 -24.82 25.31
N ASN B 444 28.06 -25.38 24.58
CA ASN B 444 28.95 -26.42 25.10
C ASN B 444 28.23 -27.64 25.65
N GLN B 445 27.15 -28.06 24.98
CA GLN B 445 26.42 -29.23 25.43
C GLN B 445 25.94 -30.09 24.26
N LEU B 446 25.65 -31.35 24.56
CA LEU B 446 25.14 -32.27 23.55
C LEU B 446 23.72 -32.72 23.88
N VAL B 447 23.04 -33.29 22.90
CA VAL B 447 21.67 -33.74 23.06
C VAL B 447 21.60 -35.24 23.30
N LEU B 448 20.95 -35.64 24.39
CA LEU B 448 20.75 -37.05 24.68
C LEU B 448 19.83 -37.71 23.67
N ASP B 449 20.20 -38.91 23.24
CA ASP B 449 19.40 -39.69 22.30
C ASP B 449 18.12 -40.18 22.96
N TYR B 450 17.06 -39.38 22.91
CA TYR B 450 15.79 -39.76 23.51
C TYR B 450 15.02 -40.77 22.66
N SER B 451 15.60 -41.19 21.55
CA SER B 451 14.99 -42.22 20.73
C SER B 451 15.31 -43.60 21.29
N ARG B 452 16.24 -43.63 22.26
CA ARG B 452 16.68 -44.88 22.87
C ARG B 452 15.97 -45.13 24.19
N GLU B 453 15.62 -46.39 24.43
CA GLU B 453 14.86 -46.74 25.63
C GLU B 453 15.70 -46.66 26.90
N ASP B 454 16.99 -47.00 26.78
CA ASP B 454 17.88 -46.94 27.93
C ASP B 454 18.09 -45.51 28.43
N VAL B 455 18.24 -44.57 27.49
CA VAL B 455 18.38 -43.16 27.83
C VAL B 455 17.14 -42.66 28.55
N CYS B 456 15.98 -42.94 27.97
CA CYS B 456 14.71 -42.50 28.52
C CYS B 456 14.44 -43.07 29.90
N ASP B 457 14.61 -44.38 30.04
CA ASP B 457 14.42 -45.04 31.34
C ASP B 457 15.35 -44.46 32.40
N TYR B 458 16.59 -44.19 31.99
CA TYR B 458 17.56 -43.56 32.90
C TYR B 458 17.05 -42.20 33.37
N ILE B 459 16.66 -41.36 32.41
CA ILE B 459 16.15 -40.02 32.73
C ILE B 459 14.92 -40.08 33.63
N ILE B 460 13.98 -40.94 33.28
CA ILE B 460 12.76 -41.12 34.06
C ILE B 460 13.05 -41.40 35.53
N GLU B 461 14.01 -42.28 35.79
CA GLU B 461 14.36 -42.65 37.15
C GLU B 461 15.24 -41.61 37.83
N THR B 462 16.19 -41.05 37.08
CA THR B 462 17.11 -40.07 37.63
C THR B 462 16.38 -38.81 38.11
N ILE B 463 15.50 -38.29 37.25
CA ILE B 463 14.76 -37.07 37.57
C ILE B 463 13.74 -37.32 38.68
N SER B 464 13.07 -38.47 38.63
CA SER B 464 12.09 -38.84 39.66
C SER B 464 12.73 -38.86 41.04
N ASN B 465 13.94 -39.43 41.12
CA ASN B 465 14.68 -39.46 42.37
C ASN B 465 14.91 -38.05 42.91
N VAL B 466 15.32 -37.15 42.02
CA VAL B 466 15.55 -35.76 42.38
C VAL B 466 14.27 -35.10 42.89
N LEU B 467 13.17 -35.30 42.16
CA LEU B 467 11.90 -34.67 42.51
C LEU B 467 11.33 -35.21 43.82
N ALA B 468 11.71 -36.44 44.18
CA ALA B 468 11.24 -37.07 45.40
C ALA B 468 12.14 -36.74 46.59
N SER B 469 13.34 -36.23 46.31
CA SER B 469 14.32 -35.97 47.36
C SER B 469 14.06 -34.68 48.12
N ALA B 470 13.00 -33.97 47.76
CA ALA B 470 12.68 -32.69 48.38
C ALA B 470 11.23 -32.31 48.12
N PRO B 471 10.59 -31.63 49.09
CA PRO B 471 9.21 -31.18 48.92
C PRO B 471 9.10 -30.14 47.81
N ILE B 472 9.27 -30.58 46.57
CA ILE B 472 9.22 -29.70 45.42
C ILE B 472 7.82 -29.70 44.82
N THR B 473 7.27 -28.50 44.59
CA THR B 473 5.94 -28.40 44.01
C THR B 473 5.95 -27.62 42.68
N TYR B 474 7.15 -27.33 42.18
CA TYR B 474 7.30 -26.62 40.92
C TYR B 474 8.57 -27.07 40.19
N VAL B 475 8.45 -27.34 38.90
CA VAL B 475 9.61 -27.72 38.10
C VAL B 475 9.69 -26.86 36.83
N LYS B 476 10.89 -26.38 36.53
CA LYS B 476 11.15 -25.67 35.29
C LYS B 476 11.99 -26.55 34.36
N TRP B 477 11.33 -27.11 33.35
CA TRP B 477 11.97 -28.02 32.40
C TRP B 477 12.52 -27.23 31.20
N ASP B 478 13.83 -27.18 31.07
CA ASP B 478 14.47 -26.34 30.05
C ASP B 478 15.12 -27.17 28.95
N MET B 479 15.54 -26.48 27.89
CA MET B 479 16.34 -27.08 26.81
C MET B 479 16.97 -25.95 26.01
N ASN B 480 18.31 -25.90 26.02
CA ASN B 480 19.01 -24.75 25.46
C ASN B 480 19.92 -25.07 24.27
N ARG B 481 19.41 -25.84 23.31
CA ARG B 481 20.20 -26.20 22.14
C ARG B 481 19.30 -26.82 21.07
N HIS B 482 19.65 -26.57 19.82
CA HIS B 482 18.96 -27.23 18.71
C HIS B 482 19.86 -28.32 18.14
N MET B 483 19.27 -29.43 17.70
CA MET B 483 20.04 -30.64 17.40
C MET B 483 20.79 -30.61 16.07
N THR B 484 22.06 -31.02 16.12
CA THR B 484 22.88 -31.21 14.92
C THR B 484 23.41 -32.63 14.89
N GLU B 485 23.95 -33.04 13.74
CA GLU B 485 24.42 -34.42 13.53
C GLU B 485 23.38 -35.44 13.95
N ILE B 486 22.17 -35.29 13.43
CA ILE B 486 21.05 -36.13 13.84
C ILE B 486 21.25 -37.58 13.43
N GLY B 487 21.14 -38.48 14.39
CA GLY B 487 21.30 -39.90 14.13
C GLY B 487 21.38 -40.70 15.41
N SER B 488 21.08 -41.99 15.33
CA SER B 488 21.13 -42.87 16.48
C SER B 488 21.94 -44.12 16.20
N SER B 489 22.82 -44.48 17.13
CA SER B 489 23.62 -45.69 16.99
C SER B 489 22.77 -46.93 17.25
N ALA B 490 21.59 -46.72 17.83
CA ALA B 490 20.67 -47.82 18.12
C ALA B 490 19.67 -48.06 17.00
N LEU B 491 19.83 -47.31 15.90
CA LEU B 491 18.94 -47.44 14.75
C LEU B 491 19.70 -47.93 13.53
N PRO B 492 19.05 -48.80 12.72
CA PRO B 492 19.61 -49.27 11.46
C PRO B 492 19.70 -48.12 10.46
N PRO B 493 20.58 -48.24 9.43
CA PRO B 493 20.75 -47.20 8.42
C PRO B 493 19.45 -46.82 7.72
N GLU B 494 18.51 -47.76 7.63
CA GLU B 494 17.24 -47.52 6.94
C GLU B 494 16.24 -46.76 7.81
N ARG B 495 16.61 -46.50 9.06
CA ARG B 495 15.72 -45.80 9.99
C ARG B 495 16.38 -44.57 10.61
N GLN B 496 17.49 -44.13 10.03
CA GLN B 496 18.23 -43.00 10.58
C GLN B 496 17.45 -41.69 10.52
N ARG B 497 16.67 -41.51 9.46
CA ARG B 497 15.89 -40.28 9.29
C ARG B 497 14.62 -40.26 10.12
N GLU B 498 14.51 -41.19 11.07
CA GLU B 498 13.38 -41.22 12.00
C GLU B 498 13.83 -40.72 13.35
N THR B 499 15.12 -40.41 13.48
CA THR B 499 15.73 -40.06 14.76
C THR B 499 15.06 -38.88 15.43
N ALA B 500 14.85 -37.81 14.67
CA ALA B 500 14.29 -36.57 15.22
C ALA B 500 12.88 -36.77 15.77
N HIS B 501 12.04 -37.47 15.03
CA HIS B 501 10.68 -37.73 15.47
C HIS B 501 10.65 -38.77 16.60
N ARG B 502 11.55 -39.74 16.54
CA ARG B 502 11.67 -40.73 17.60
C ARG B 502 12.15 -40.06 18.89
N TYR B 503 13.02 -39.06 18.73
CA TYR B 503 13.46 -38.25 19.85
C TYR B 503 12.27 -37.57 20.52
N MET B 504 11.39 -37.00 19.70
CA MET B 504 10.24 -36.28 20.22
C MET B 504 9.22 -37.23 20.86
N LEU B 505 9.07 -38.41 20.28
CA LEU B 505 8.19 -39.42 20.84
C LEU B 505 8.72 -39.88 22.20
N GLY B 506 10.04 -39.95 22.31
CA GLY B 506 10.69 -40.33 23.56
C GLY B 506 10.51 -39.27 24.63
N LEU B 507 10.67 -38.01 24.24
CA LEU B 507 10.50 -36.89 25.16
C LEU B 507 9.08 -36.84 25.69
N TYR B 508 8.11 -37.08 24.81
CA TYR B 508 6.71 -37.10 25.20
C TYR B 508 6.44 -38.22 26.21
N ARG B 509 7.09 -39.35 26.02
CA ARG B 509 6.94 -40.47 26.94
C ARG B 509 7.58 -40.15 28.29
N VAL B 510 8.76 -39.55 28.25
CA VAL B 510 9.47 -39.18 29.48
C VAL B 510 8.65 -38.18 30.31
N MET B 511 8.19 -37.11 29.65
CA MET B 511 7.43 -36.07 30.34
C MET B 511 6.10 -36.59 30.88
N ASP B 512 5.44 -37.45 30.11
CA ASP B 512 4.16 -38.01 30.53
C ASP B 512 4.35 -38.91 31.75
N GLU B 513 5.43 -39.66 31.74
CA GLU B 513 5.77 -40.54 32.86
C GLU B 513 6.04 -39.73 34.13
N ILE B 514 6.96 -38.78 34.02
CA ILE B 514 7.40 -37.99 35.18
C ILE B 514 6.27 -37.16 35.79
N THR B 515 5.54 -36.43 34.94
CA THR B 515 4.43 -35.60 35.41
C THR B 515 3.34 -36.43 36.09
N SER B 516 3.19 -37.67 35.66
CA SER B 516 2.21 -38.58 36.27
C SER B 516 2.63 -38.95 37.68
N ARG B 517 3.93 -39.21 37.87
CA ARG B 517 4.45 -39.62 39.16
C ARG B 517 4.39 -38.52 40.19
N PHE B 518 4.30 -37.27 39.74
CA PHE B 518 4.25 -36.13 40.63
C PHE B 518 3.10 -35.21 40.29
N PRO B 519 1.86 -35.63 40.59
CA PRO B 519 0.65 -34.90 40.23
C PRO B 519 0.48 -33.59 40.99
N HIS B 520 1.28 -33.40 42.04
CA HIS B 520 1.19 -32.18 42.85
C HIS B 520 2.23 -31.15 42.44
N ILE B 521 2.91 -31.41 41.33
CA ILE B 521 3.92 -30.48 40.83
C ILE B 521 3.46 -29.72 39.59
N LEU B 522 3.51 -28.39 39.67
CA LEU B 522 3.29 -27.54 38.51
C LEU B 522 4.54 -27.58 37.64
N PHE B 523 4.37 -28.04 36.40
CA PHE B 523 5.49 -28.09 35.46
C PHE B 523 5.43 -26.94 34.46
N GLU B 524 6.52 -26.19 34.37
CA GLU B 524 6.62 -25.14 33.36
C GLU B 524 7.70 -25.48 32.34
N SER B 525 7.29 -25.63 31.09
CA SER B 525 8.25 -25.92 30.03
C SER B 525 9.01 -24.66 29.68
N CYS B 526 10.19 -24.84 29.10
CA CYS B 526 11.06 -23.73 28.75
C CYS B 526 12.07 -24.19 27.71
N SER B 527 12.53 -23.26 26.89
CA SER B 527 13.55 -23.56 25.89
C SER B 527 14.29 -22.30 25.46
N GLY B 528 15.20 -21.83 26.31
CA GLY B 528 15.88 -20.57 26.08
C GLY B 528 14.86 -19.46 25.93
N GLY B 529 13.81 -19.55 26.74
CA GLY B 529 12.65 -18.70 26.55
C GLY B 529 11.57 -19.48 25.82
N GLY B 530 10.95 -18.87 24.82
CA GLY B 530 9.88 -19.51 24.09
C GLY B 530 10.34 -20.26 22.85
N GLY B 531 11.23 -21.23 23.05
CA GLY B 531 11.75 -22.01 21.95
C GLY B 531 10.86 -23.19 21.59
N ARG B 532 10.08 -23.64 22.56
CA ARG B 532 9.13 -24.72 22.34
C ARG B 532 7.76 -24.33 22.86
N PHE B 533 7.33 -23.12 22.53
CA PHE B 533 6.01 -22.65 22.95
C PHE B 533 4.98 -23.08 21.92
N ASP B 534 4.56 -24.34 22.02
CA ASP B 534 3.62 -24.94 21.07
C ASP B 534 2.57 -25.77 21.82
N PRO B 535 1.47 -26.16 21.12
CA PRO B 535 0.43 -26.94 21.79
C PRO B 535 0.91 -28.29 22.31
N GLY B 536 1.95 -28.85 21.68
CA GLY B 536 2.49 -30.13 22.10
C GLY B 536 3.03 -30.12 23.53
N MET B 537 3.84 -29.12 23.85
CA MET B 537 4.40 -29.00 25.19
C MET B 537 3.35 -28.64 26.23
N LEU B 538 2.34 -27.87 25.82
CA LEU B 538 1.30 -27.42 26.72
C LEU B 538 0.49 -28.59 27.28
N TYR B 539 0.47 -29.69 26.52
CA TYR B 539 -0.26 -30.89 26.90
C TYR B 539 0.34 -31.50 28.17
N TYR B 540 1.66 -31.42 28.28
CA TYR B 540 2.38 -32.03 29.39
C TYR B 540 2.72 -31.01 30.50
N MET B 541 2.87 -29.76 30.11
CA MET B 541 3.19 -28.70 31.06
C MET B 541 2.34 -27.46 30.81
N PRO B 542 1.41 -27.17 31.73
CA PRO B 542 0.33 -26.18 31.58
C PRO B 542 0.76 -24.72 31.55
N GLN B 543 2.07 -24.46 31.51
CA GLN B 543 2.57 -23.10 31.32
C GLN B 543 4.01 -23.10 30.78
N THR B 544 4.43 -21.97 30.24
CA THR B 544 5.71 -21.88 29.55
C THR B 544 6.39 -20.55 29.82
N TRP B 545 7.71 -20.57 29.86
CA TRP B 545 8.51 -19.34 29.95
C TRP B 545 8.55 -18.68 28.58
N THR B 546 7.86 -17.56 28.44
CA THR B 546 7.60 -16.93 27.14
C THR B 546 8.85 -16.49 26.38
N SER B 547 9.80 -15.89 27.08
CA SER B 547 11.03 -15.42 26.45
C SER B 547 12.06 -15.04 27.51
N ASN B 548 13.34 -15.15 27.16
CA ASN B 548 14.40 -14.69 28.05
C ASN B 548 14.51 -13.18 28.01
N ASN B 549 13.90 -12.57 27.00
CA ASN B 549 13.78 -11.13 26.95
C ASN B 549 12.70 -10.70 27.93
N THR B 550 13.11 -10.08 29.02
CA THR B 550 12.18 -9.68 30.06
C THR B 550 11.97 -8.18 30.08
N ASP B 551 12.42 -7.52 29.01
CA ASP B 551 12.25 -6.08 28.86
C ASP B 551 10.79 -5.72 28.61
N ALA B 552 10.26 -4.82 29.43
CA ALA B 552 8.84 -4.45 29.40
C ALA B 552 8.36 -4.01 28.02
N VAL B 553 9.22 -3.31 27.28
CA VAL B 553 8.86 -2.81 25.97
C VAL B 553 8.93 -3.88 24.89
N SER B 554 9.99 -4.69 24.91
CA SER B 554 10.12 -5.80 23.97
C SER B 554 9.03 -6.85 24.21
N ARG B 555 8.59 -6.96 25.45
CA ARG B 555 7.56 -7.91 25.84
C ARG B 555 6.19 -7.52 25.30
N LEU B 556 6.04 -6.27 24.88
CA LEU B 556 4.79 -5.83 24.29
C LEU B 556 4.50 -6.63 23.03
N LYS B 557 5.49 -6.68 22.13
CA LYS B 557 5.35 -7.46 20.91
C LYS B 557 5.33 -8.95 21.17
N ILE B 558 6.25 -9.44 22.00
CA ILE B 558 6.36 -10.87 22.26
C ILE B 558 5.08 -11.44 22.84
N GLN B 559 4.56 -10.82 23.90
CA GLN B 559 3.34 -11.31 24.55
C GLN B 559 2.11 -11.12 23.65
N TYR B 560 2.15 -10.08 22.82
CA TYR B 560 1.07 -9.81 21.86
C TYR B 560 0.96 -10.96 20.87
N GLY B 561 2.08 -11.30 20.23
CA GLY B 561 2.12 -12.37 19.26
C GLY B 561 1.82 -13.73 19.86
N THR B 562 2.31 -13.96 21.06
CA THR B 562 2.07 -15.22 21.75
C THR B 562 0.58 -15.40 22.05
N SER B 563 -0.07 -14.31 22.45
CA SER B 563 -1.49 -14.34 22.78
C SER B 563 -2.38 -14.70 21.59
N LEU B 564 -1.84 -14.57 20.38
CA LEU B 564 -2.61 -14.87 19.19
C LEU B 564 -3.10 -16.32 19.19
N VAL B 565 -2.30 -17.21 19.76
CA VAL B 565 -2.64 -18.62 19.79
C VAL B 565 -2.77 -19.19 21.21
N TYR B 566 -1.87 -18.75 22.10
CA TYR B 566 -1.75 -19.38 23.41
C TYR B 566 -2.38 -18.56 24.53
N PRO B 567 -3.06 -19.25 25.47
CA PRO B 567 -3.79 -18.56 26.55
C PRO B 567 -2.86 -17.87 27.53
N ILE B 568 -3.38 -16.82 28.18
CA ILE B 568 -2.60 -16.02 29.12
C ILE B 568 -2.08 -16.85 30.29
N SER B 569 -2.90 -17.80 30.73
CA SER B 569 -2.56 -18.68 31.84
C SER B 569 -1.25 -19.43 31.60
N ALA B 570 -0.93 -19.67 30.35
CA ALA B 570 0.28 -20.42 29.98
C ALA B 570 1.46 -19.50 29.72
N MET B 571 1.20 -18.20 29.68
CA MET B 571 2.20 -17.24 29.23
C MET B 571 2.96 -16.59 30.37
N GLY B 572 4.12 -17.14 30.70
CA GLY B 572 4.94 -16.63 31.81
C GLY B 572 5.58 -15.29 31.56
N ALA B 573 5.49 -14.40 32.55
CA ALA B 573 6.04 -13.05 32.43
C ALA B 573 6.61 -12.57 33.76
N HIS B 574 7.89 -12.21 33.77
CA HIS B 574 8.56 -11.83 35.01
C HIS B 574 9.09 -10.40 34.99
N VAL B 575 8.88 -9.70 36.11
CA VAL B 575 9.49 -8.38 36.29
C VAL B 575 10.97 -8.56 36.57
N SER B 576 11.81 -7.97 35.71
CA SER B 576 13.25 -8.07 35.88
C SER B 576 13.87 -6.71 36.14
N ALA B 577 15.19 -6.65 36.18
CA ALA B 577 15.90 -5.44 36.56
C ALA B 577 16.21 -4.54 35.37
N VAL B 578 16.56 -3.29 35.65
CA VAL B 578 17.01 -2.35 34.63
C VAL B 578 18.33 -1.70 35.04
N PRO B 579 19.21 -1.39 34.06
CA PRO B 579 19.10 -1.58 32.61
C PRO B 579 18.91 -3.05 32.22
N ASN B 580 17.95 -3.30 31.34
CA ASN B 580 17.58 -4.66 30.94
C ASN B 580 18.77 -5.48 30.45
N HIS B 581 18.90 -6.70 30.94
CA HIS B 581 20.05 -7.54 30.64
C HIS B 581 20.14 -7.94 29.17
N GLN B 582 19.04 -7.80 28.44
CA GLN B 582 19.00 -8.23 27.05
C GLN B 582 19.07 -7.09 26.03
N VAL B 583 18.52 -5.93 26.39
CA VAL B 583 18.53 -4.79 25.47
C VAL B 583 19.20 -3.55 26.06
N GLY B 584 19.24 -3.46 27.39
CA GLY B 584 19.86 -2.33 28.06
C GLY B 584 18.92 -1.14 28.20
N ARG B 585 17.62 -1.40 28.09
CA ARG B 585 16.60 -0.35 28.18
C ARG B 585 16.19 -0.09 29.63
N VAL B 586 15.93 1.18 29.94
CA VAL B 586 15.43 1.54 31.26
C VAL B 586 13.95 1.89 31.22
N ALA B 587 13.12 0.99 31.75
CA ALA B 587 11.70 1.25 31.89
C ALA B 587 11.38 1.22 33.37
N SER B 588 10.39 2.02 33.79
CA SER B 588 10.03 2.12 35.20
C SER B 588 9.47 0.79 35.72
N LEU B 589 9.56 0.61 37.04
CA LEU B 589 9.09 -0.60 37.68
C LEU B 589 7.58 -0.72 37.51
N LYS B 590 6.92 0.42 37.44
CA LYS B 590 5.47 0.46 37.26
C LYS B 590 5.06 -0.21 35.94
N THR B 591 5.67 0.21 34.84
CA THR B 591 5.31 -0.33 33.54
C THR B 591 5.86 -1.74 33.33
N ARG B 592 6.98 -2.05 33.96
CA ARG B 592 7.48 -3.42 33.98
C ARG B 592 6.45 -4.35 34.61
N GLY B 593 5.82 -3.87 35.68
CA GLY B 593 4.82 -4.65 36.38
C GLY B 593 3.57 -4.86 35.55
N HIS B 594 3.11 -3.80 34.90
CA HIS B 594 1.90 -3.85 34.09
C HIS B 594 2.03 -4.82 32.92
N VAL B 595 3.21 -4.89 32.32
CA VAL B 595 3.46 -5.83 31.23
C VAL B 595 3.47 -7.26 31.76
N ALA B 596 4.20 -7.48 32.85
CA ALA B 596 4.29 -8.80 33.46
C ALA B 596 2.96 -9.25 34.05
N MET B 597 2.19 -8.29 34.56
CA MET B 597 0.88 -8.61 35.13
C MET B 597 -0.16 -8.89 34.04
N SER B 598 0.25 -8.75 32.79
CA SER B 598 -0.61 -9.07 31.66
C SER B 598 -0.42 -10.52 31.22
N GLY B 599 0.41 -11.24 31.96
CA GLY B 599 0.61 -12.66 31.75
C GLY B 599 0.64 -13.42 33.06
N ASN B 600 1.32 -14.56 33.07
CA ASN B 600 1.52 -15.34 34.29
C ASN B 600 2.61 -14.67 35.14
N PHE B 601 2.19 -13.93 36.15
CA PHE B 601 3.05 -12.96 36.84
C PHE B 601 4.07 -13.55 37.79
N GLY B 602 5.26 -12.95 37.80
CA GLY B 602 6.35 -13.36 38.68
C GLY B 602 7.51 -12.38 38.67
N TYR B 603 8.54 -12.67 39.44
CA TYR B 603 9.72 -11.81 39.51
C TYR B 603 10.99 -12.56 39.19
N GLU B 604 11.93 -11.87 38.54
CA GLU B 604 13.23 -12.43 38.25
C GLU B 604 14.32 -11.36 38.36
N LEU B 605 14.67 -11.03 39.60
CA LEU B 605 15.64 -9.96 39.86
C LEU B 605 16.20 -10.06 41.28
N ASP B 606 17.39 -9.51 41.47
CA ASP B 606 18.02 -9.49 42.80
C ASP B 606 17.38 -8.44 43.69
N ILE B 607 16.71 -8.89 44.74
CA ILE B 607 15.99 -7.99 45.64
C ILE B 607 16.95 -7.16 46.50
N THR B 608 18.16 -7.68 46.69
CA THR B 608 19.15 -7.01 47.53
C THR B 608 19.63 -5.70 46.90
N LYS B 609 19.51 -5.58 45.58
CA LYS B 609 19.96 -4.39 44.88
C LYS B 609 18.79 -3.48 44.50
N LEU B 610 17.63 -3.75 45.09
CA LEU B 610 16.45 -2.91 44.87
C LEU B 610 16.34 -1.85 45.96
N THR B 611 15.87 -0.67 45.58
CA THR B 611 15.64 0.40 46.55
C THR B 611 14.42 0.08 47.40
N GLU B 612 14.31 0.73 48.55
CA GLU B 612 13.17 0.53 49.43
C GLU B 612 11.87 0.99 48.77
N THR B 613 11.99 1.97 47.86
CA THR B 613 10.84 2.40 47.08
C THR B 613 10.42 1.27 46.15
N GLU B 614 11.39 0.65 45.50
CA GLU B 614 11.14 -0.48 44.60
C GLU B 614 10.58 -1.69 45.35
N LYS B 615 11.06 -1.91 46.58
CA LYS B 615 10.54 -3.01 47.39
C LYS B 615 9.08 -2.79 47.78
N GLN B 616 8.75 -1.57 48.21
CA GLN B 616 7.38 -1.23 48.59
C GLN B 616 6.45 -1.35 47.38
N MET B 617 6.97 -0.99 46.21
CA MET B 617 6.20 -1.07 44.97
C MET B 617 5.93 -2.52 44.60
N MET B 618 6.91 -3.40 44.84
CA MET B 618 6.75 -4.83 44.60
C MET B 618 5.61 -5.40 45.42
N LYS B 619 5.55 -5.01 46.70
CA LYS B 619 4.53 -5.49 47.60
C LYS B 619 3.15 -5.10 47.08
N GLN B 620 3.03 -3.87 46.58
CA GLN B 620 1.79 -3.38 46.02
C GLN B 620 1.43 -4.12 44.74
N GLN B 621 2.44 -4.45 43.93
CA GLN B 621 2.23 -5.20 42.70
C GLN B 621 1.76 -6.62 43.00
N VAL B 622 2.41 -7.26 43.96
CA VAL B 622 2.05 -8.60 44.39
C VAL B 622 0.62 -8.64 44.92
N ALA B 623 0.25 -7.64 45.73
CA ALA B 623 -1.10 -7.56 46.27
C ALA B 623 -2.12 -7.29 45.17
N PHE B 624 -1.77 -6.40 44.24
CA PHE B 624 -2.67 -6.05 43.14
C PHE B 624 -2.95 -7.25 42.26
N TYR B 625 -1.89 -7.96 41.84
CA TYR B 625 -2.05 -9.08 40.92
C TYR B 625 -2.90 -10.21 41.49
N LYS B 626 -2.84 -10.39 42.81
CA LYS B 626 -3.64 -11.42 43.46
C LYS B 626 -5.13 -11.13 43.35
N ASP B 627 -5.48 -9.85 43.35
CA ASP B 627 -6.85 -9.43 43.16
C ASP B 627 -7.35 -9.70 41.75
N VAL B 628 -6.44 -9.70 40.79
CA VAL B 628 -6.80 -9.84 39.38
C VAL B 628 -6.34 -11.15 38.75
N ARG B 629 -5.74 -12.04 39.55
CA ARG B 629 -5.15 -13.26 39.02
C ARG B 629 -6.13 -14.18 38.31
N ARG B 630 -7.31 -14.35 38.87
CA ARG B 630 -8.33 -15.18 38.24
C ARG B 630 -8.85 -14.53 36.95
N LEU B 631 -8.98 -13.21 36.98
CA LEU B 631 -9.43 -12.46 35.80
C LEU B 631 -8.41 -12.51 34.67
N VAL B 632 -7.15 -12.27 35.01
CA VAL B 632 -6.06 -12.29 34.04
C VAL B 632 -5.85 -13.67 33.41
N GLN B 633 -5.71 -14.69 34.25
CA GLN B 633 -5.33 -16.02 33.78
C GLN B 633 -6.49 -16.85 33.20
N PHE B 634 -7.73 -16.48 33.51
CA PHE B 634 -8.88 -17.27 33.07
C PHE B 634 -9.98 -16.48 32.38
N GLY B 635 -9.81 -15.17 32.28
CA GLY B 635 -10.81 -14.32 31.66
C GLY B 635 -10.66 -14.23 30.16
N THR B 636 -11.62 -13.59 29.50
CA THR B 636 -11.58 -13.43 28.06
C THR B 636 -10.59 -12.32 27.68
N PHE B 637 -9.70 -12.63 26.74
CA PHE B 637 -8.63 -11.73 26.36
C PHE B 637 -8.91 -11.05 25.02
N TYR B 638 -8.94 -9.72 25.04
CA TYR B 638 -9.10 -8.93 23.83
C TYR B 638 -7.86 -8.11 23.56
N ARG B 639 -7.41 -8.07 22.31
CA ARG B 639 -6.34 -7.17 21.91
C ARG B 639 -6.96 -5.89 21.33
N LEU B 640 -6.43 -4.74 21.73
CA LEU B 640 -7.02 -3.46 21.34
C LEU B 640 -6.12 -2.66 20.40
N LEU B 641 -4.85 -2.52 20.77
CA LEU B 641 -3.89 -1.77 19.99
C LEU B 641 -2.61 -2.58 19.80
N SER B 642 -2.14 -2.67 18.56
CA SER B 642 -1.00 -3.52 18.26
C SER B 642 0.31 -2.75 18.23
N PRO B 643 1.35 -3.27 18.89
CA PRO B 643 2.68 -2.67 18.88
C PRO B 643 3.40 -2.99 17.57
N PHE B 644 2.71 -3.68 16.67
CA PHE B 644 3.26 -3.97 15.35
C PHE B 644 2.76 -2.95 14.33
N GLU B 645 1.87 -2.06 14.78
CA GLU B 645 1.23 -1.13 13.89
C GLU B 645 1.41 0.33 14.31
N GLY B 646 2.07 0.55 15.44
CA GLY B 646 2.25 1.90 15.92
C GLY B 646 2.99 2.06 17.24
N ASN B 647 2.76 3.21 17.86
CA ASN B 647 3.48 3.62 19.06
C ASN B 647 2.79 3.16 20.34
N GLU B 648 1.66 2.47 20.18
CA GLU B 648 0.88 2.05 21.34
C GLU B 648 0.67 0.53 21.40
N ALA B 649 0.26 0.07 22.57
CA ALA B 649 -0.12 -1.32 22.78
C ALA B 649 -1.20 -1.34 23.85
N ALA B 650 -2.28 -2.08 23.59
CA ALA B 650 -3.38 -2.14 24.54
C ALA B 650 -4.15 -3.44 24.43
N TRP B 651 -4.58 -3.95 25.58
CA TRP B 651 -5.39 -5.15 25.67
C TRP B 651 -6.23 -5.12 26.95
N MET B 652 -7.20 -6.01 27.05
CA MET B 652 -8.03 -6.06 28.24
C MET B 652 -8.57 -7.45 28.52
N PHE B 653 -8.78 -7.74 29.81
CA PHE B 653 -9.30 -9.02 30.26
C PHE B 653 -10.70 -8.80 30.79
N VAL B 654 -11.64 -9.64 30.36
CA VAL B 654 -13.04 -9.49 30.77
C VAL B 654 -13.55 -10.79 31.38
N SER B 655 -14.28 -10.69 32.49
CA SER B 655 -14.80 -11.87 33.16
C SER B 655 -15.90 -12.53 32.32
N ALA B 656 -16.22 -13.79 32.65
CA ALA B 656 -17.21 -14.55 31.90
C ALA B 656 -18.58 -13.87 31.88
N ASP B 657 -18.96 -13.25 32.99
CA ASP B 657 -20.26 -12.59 33.11
C ASP B 657 -20.20 -11.15 32.64
N ARG B 658 -19.01 -10.71 32.27
CA ARG B 658 -18.76 -9.33 31.81
C ARG B 658 -19.08 -8.30 32.89
N SER B 659 -18.87 -8.67 34.15
CA SER B 659 -19.09 -7.75 35.26
C SER B 659 -17.78 -7.15 35.76
N GLU B 660 -16.67 -7.81 35.42
CA GLU B 660 -15.35 -7.31 35.76
C GLU B 660 -14.46 -7.22 34.53
N ALA B 661 -13.53 -6.27 34.57
CA ALA B 661 -12.59 -6.12 33.47
C ALA B 661 -11.33 -5.38 33.92
N LEU B 662 -10.22 -5.67 33.26
CA LEU B 662 -8.96 -5.02 33.54
C LEU B 662 -8.32 -4.54 32.23
N VAL B 663 -8.11 -3.23 32.13
CA VAL B 663 -7.61 -2.64 30.89
C VAL B 663 -6.16 -2.17 31.04
N ALA B 664 -5.31 -2.62 30.12
CA ALA B 664 -3.90 -2.22 30.13
C ALA B 664 -3.56 -1.43 28.86
N TYR B 665 -2.86 -0.32 29.03
CA TYR B 665 -2.46 0.54 27.92
C TYR B 665 -0.99 0.92 28.00
N PHE B 666 -0.32 0.97 26.86
CA PHE B 666 1.11 1.27 26.81
C PHE B 666 1.43 2.20 25.65
N ARG B 667 2.34 3.14 25.89
CA ARG B 667 2.84 4.01 24.84
C ARG B 667 4.36 4.08 25.00
N VAL B 668 5.08 3.82 23.93
CA VAL B 668 6.53 3.65 24.03
C VAL B 668 7.32 4.95 23.89
N LEU B 669 7.28 5.57 22.71
CA LEU B 669 8.01 6.82 22.51
C LEU B 669 7.15 8.04 22.82
N ALA B 670 7.67 8.93 23.65
CA ALA B 670 6.96 10.15 24.00
C ALA B 670 7.04 11.17 22.86
N GLU B 671 5.95 11.90 22.67
CA GLU B 671 5.86 12.90 21.63
C GLU B 671 5.52 14.25 22.27
N ALA B 672 6.32 15.26 21.99
CA ALA B 672 6.09 16.59 22.56
C ALA B 672 4.83 17.19 21.96
N ASN B 673 4.04 17.84 22.80
CA ASN B 673 2.84 18.55 22.35
C ASN B 673 1.94 17.61 21.53
N ALA B 674 1.64 16.46 22.11
CA ALA B 674 0.97 15.38 21.41
C ALA B 674 -0.53 15.61 21.30
N PRO B 675 -1.17 14.96 20.30
CA PRO B 675 -2.63 14.96 20.21
C PRO B 675 -3.25 14.26 21.41
N LEU B 676 -4.48 14.59 21.76
CA LEU B 676 -5.17 13.87 22.82
C LEU B 676 -5.42 12.44 22.36
N SER B 677 -5.11 11.49 23.23
CA SER B 677 -5.28 10.09 22.93
C SER B 677 -6.59 9.56 23.50
N TYR B 678 -7.15 8.54 22.86
CA TYR B 678 -8.38 7.92 23.32
C TYR B 678 -8.25 6.41 23.19
N LEU B 679 -9.08 5.66 23.90
CA LEU B 679 -9.04 4.20 23.82
C LEU B 679 -10.45 3.62 23.86
N ARG B 680 -10.78 2.80 22.87
CA ARG B 680 -12.07 2.14 22.82
C ARG B 680 -11.96 0.70 23.30
N LEU B 681 -12.91 0.29 24.12
CA LEU B 681 -12.87 -1.03 24.74
C LEU B 681 -13.70 -2.05 23.96
N LYS B 682 -13.56 -3.32 24.32
CA LYS B 682 -14.31 -4.40 23.69
C LYS B 682 -14.78 -5.39 24.75
N GLY B 683 -15.82 -6.17 24.42
CA GLY B 683 -16.24 -7.27 25.26
C GLY B 683 -17.09 -6.89 26.47
N LEU B 684 -17.23 -5.59 26.71
CA LEU B 684 -18.07 -5.13 27.82
C LEU B 684 -19.53 -5.27 27.44
N ASP B 685 -20.40 -5.17 28.45
CA ASP B 685 -21.84 -5.20 28.25
C ASP B 685 -22.33 -3.77 28.03
N SER B 686 -22.71 -3.46 26.79
CA SER B 686 -23.11 -2.09 26.44
C SER B 686 -24.33 -1.61 27.21
N ASN B 687 -25.16 -2.55 27.65
CA ASN B 687 -26.38 -2.21 28.38
C ASN B 687 -26.15 -1.99 29.87
N GLN B 688 -24.89 -1.91 30.28
CA GLN B 688 -24.55 -1.78 31.69
C GLN B 688 -23.52 -0.68 31.93
N ASP B 689 -23.50 -0.16 33.16
CA ASP B 689 -22.54 0.86 33.54
C ASP B 689 -21.37 0.23 34.29
N TYR B 690 -20.18 0.80 34.11
CA TYR B 690 -18.99 0.29 34.78
C TYR B 690 -18.27 1.42 35.51
N GLU B 691 -17.88 1.15 36.75
CA GLU B 691 -17.05 2.11 37.47
C GLU B 691 -15.59 1.81 37.20
N ILE B 692 -14.88 2.80 36.67
CA ILE B 692 -13.44 2.69 36.53
C ILE B 692 -12.82 3.23 37.82
N GLU B 693 -12.06 2.37 38.49
CA GLU B 693 -11.51 2.68 39.81
C GLU B 693 -10.67 3.97 39.81
N GLY B 694 -11.12 4.94 40.58
CA GLY B 694 -10.43 6.21 40.70
C GLY B 694 -10.50 7.05 39.44
N LEU B 695 -11.62 6.97 38.73
CA LEU B 695 -11.81 7.72 37.49
C LEU B 695 -13.28 8.07 37.26
N GLY B 696 -14.17 7.27 37.85
CA GLY B 696 -15.60 7.53 37.72
C GLY B 696 -16.37 6.42 37.01
N VAL B 697 -17.69 6.59 36.93
CA VAL B 697 -18.56 5.63 36.29
C VAL B 697 -18.85 6.01 34.85
N TYR B 698 -18.63 5.07 33.94
CA TYR B 698 -18.90 5.27 32.52
C TYR B 698 -19.83 4.18 32.03
N GLY B 699 -20.56 4.45 30.94
CA GLY B 699 -21.41 3.45 30.35
C GLY B 699 -20.63 2.46 29.51
N GLY B 700 -21.06 1.19 29.51
CA GLY B 700 -20.43 0.17 28.72
C GLY B 700 -20.50 0.49 27.23
N ASP B 701 -21.61 1.08 26.82
CA ASP B 701 -21.77 1.53 25.44
C ASP B 701 -20.82 2.67 25.11
N GLU B 702 -20.65 3.59 26.05
CA GLU B 702 -19.75 4.72 25.87
C GLU B 702 -18.31 4.25 25.70
N LEU B 703 -17.89 3.29 26.54
CA LEU B 703 -16.51 2.82 26.53
C LEU B 703 -16.19 2.00 25.26
N VAL B 704 -17.23 1.46 24.63
CA VAL B 704 -17.03 0.65 23.44
C VAL B 704 -17.24 1.45 22.15
N TYR B 705 -18.19 2.36 22.16
CA TYR B 705 -18.55 3.11 20.96
C TYR B 705 -17.85 4.48 20.88
N ALA B 706 -17.76 5.17 22.00
CA ALA B 706 -17.12 6.49 22.02
C ALA B 706 -15.68 6.40 22.47
N GLY B 707 -15.43 5.61 23.50
CA GLY B 707 -14.09 5.43 24.03
C GLY B 707 -13.84 6.33 25.22
N VAL B 708 -12.73 6.10 25.90
CA VAL B 708 -12.37 6.87 27.08
C VAL B 708 -11.17 7.76 26.81
N ALA B 709 -11.29 9.04 27.15
CA ALA B 709 -10.21 10.00 27.02
C ALA B 709 -9.01 9.56 27.83
N LEU B 710 -7.83 9.69 27.25
CA LEU B 710 -6.60 9.19 27.86
C LEU B 710 -5.80 10.34 28.45
N PRO B 711 -5.22 10.12 29.64
CA PRO B 711 -4.40 11.14 30.31
C PRO B 711 -3.18 11.53 29.49
N TYR B 712 -2.86 12.82 29.46
CA TYR B 712 -1.68 13.31 28.79
C TYR B 712 -0.46 13.08 29.68
N ARG B 713 0.56 12.41 29.14
CA ARG B 713 1.74 12.09 29.93
C ARG B 713 3.02 12.19 29.13
N SER B 714 4.11 12.47 29.83
CA SER B 714 5.42 12.62 29.22
C SER B 714 6.26 11.38 29.55
N SER B 715 7.54 11.43 29.19
CA SER B 715 8.47 10.33 29.44
C SER B 715 8.20 9.08 28.60
N ASP B 716 9.26 8.34 28.29
CA ASP B 716 9.15 7.14 27.47
C ASP B 716 8.61 5.97 28.28
N PHE B 717 8.05 4.99 27.56
CA PHE B 717 7.69 3.68 28.12
C PHE B 717 6.74 3.78 29.31
N ILE B 718 5.56 4.37 29.08
CA ILE B 718 4.58 4.54 30.14
C ILE B 718 3.50 3.48 30.06
N SER B 719 2.72 3.35 31.15
CA SER B 719 1.65 2.36 31.20
C SER B 719 0.52 2.79 32.11
N MET B 720 -0.68 2.25 31.84
CA MET B 720 -1.83 2.49 32.69
C MET B 720 -2.63 1.21 32.87
N MET B 721 -3.20 1.03 34.06
CA MET B 721 -4.11 -0.08 34.32
C MET B 721 -5.36 0.41 35.03
N TRP B 722 -6.52 -0.01 34.51
CA TRP B 722 -7.80 0.37 35.10
C TRP B 722 -8.59 -0.87 35.47
N ARG B 723 -9.13 -0.87 36.68
CA ARG B 723 -10.05 -1.92 37.09
C ARG B 723 -11.48 -1.44 36.87
N LEU B 724 -12.28 -2.26 36.21
CA LEU B 724 -13.67 -1.92 35.91
C LEU B 724 -14.61 -2.90 36.60
N LYS B 725 -15.68 -2.37 37.17
CA LYS B 725 -16.72 -3.20 37.80
C LYS B 725 -18.11 -2.65 37.50
N ALA B 726 -19.05 -3.56 37.23
CA ALA B 726 -20.42 -3.17 36.97
C ALA B 726 -21.07 -2.60 38.23
N VAL B 727 -21.87 -1.57 38.06
CA VAL B 727 -22.48 -0.85 39.19
C VAL B 727 -23.70 -1.59 39.75
N LYS C 10 43.08 -14.06 0.52
CA LYS C 10 42.18 -15.20 0.37
C LYS C 10 40.80 -14.77 -0.12
N GLN C 11 40.77 -13.76 -0.98
CA GLN C 11 39.51 -13.22 -1.47
C GLN C 11 39.33 -13.41 -2.97
N PHE C 12 38.33 -14.19 -3.35
CA PHE C 12 37.99 -14.37 -4.76
C PHE C 12 37.17 -13.19 -5.24
N HIS C 13 37.62 -12.54 -6.31
CA HIS C 13 36.91 -11.40 -6.85
C HIS C 13 36.64 -11.58 -8.34
N LEU C 14 35.39 -11.82 -8.69
CA LEU C 14 34.98 -11.97 -10.09
C LEU C 14 34.40 -10.67 -10.62
N ARG C 15 34.88 -10.23 -11.77
CA ARG C 15 34.44 -8.98 -12.37
C ARG C 15 33.65 -9.21 -13.64
N ALA C 16 32.34 -9.05 -13.57
CA ALA C 16 31.47 -9.26 -14.72
C ALA C 16 30.89 -7.95 -15.20
N GLY C 17 31.40 -7.46 -16.32
CA GLY C 17 30.98 -6.18 -16.87
C GLY C 17 31.28 -5.06 -15.89
N LYS C 18 30.23 -4.32 -15.52
CA LYS C 18 30.37 -3.24 -14.55
C LYS C 18 29.95 -3.72 -13.16
N ALA C 19 30.10 -5.03 -12.92
CA ALA C 19 29.66 -5.61 -11.65
C ALA C 19 30.76 -6.41 -10.95
N SER C 20 30.53 -6.72 -9.68
CA SER C 20 31.48 -7.51 -8.89
C SER C 20 30.78 -8.62 -8.13
N TYR C 21 31.45 -9.77 -8.03
CA TYR C 21 30.99 -10.88 -7.21
C TYR C 21 32.16 -11.35 -6.37
N VAL C 22 32.04 -11.19 -5.05
CA VAL C 22 33.17 -11.41 -4.16
C VAL C 22 32.96 -12.54 -3.16
N MET C 23 33.95 -13.42 -3.05
CA MET C 23 33.92 -14.53 -2.10
C MET C 23 35.23 -14.53 -1.31
N GLN C 24 35.25 -15.27 -0.21
CA GLN C 24 36.46 -15.40 0.59
C GLN C 24 36.47 -16.67 1.45
N LEU C 25 37.67 -17.21 1.63
CA LEU C 25 37.83 -18.36 2.52
C LEU C 25 37.77 -17.89 3.96
N PHE C 26 37.08 -18.65 4.80
CA PHE C 26 36.83 -18.24 6.17
C PHE C 26 37.23 -19.37 7.11
N ARG C 27 38.19 -19.09 7.99
CA ARG C 27 38.70 -20.10 8.92
C ARG C 27 39.25 -21.34 8.23
N SER C 28 38.76 -22.51 8.65
CA SER C 28 39.27 -23.78 8.16
C SER C 28 38.64 -24.23 6.84
N GLY C 29 38.81 -23.42 5.81
CA GLY C 29 38.38 -23.78 4.47
C GLY C 29 36.89 -23.66 4.20
N TYR C 30 36.21 -22.77 4.92
CA TYR C 30 34.81 -22.49 4.66
C TYR C 30 34.68 -21.39 3.61
N LEU C 31 33.88 -21.63 2.58
CA LEU C 31 33.67 -20.64 1.54
C LEU C 31 32.51 -19.71 1.90
N ALA C 32 32.79 -18.41 1.90
CA ALA C 32 31.79 -17.43 2.33
C ALA C 32 31.48 -16.43 1.23
N HIS C 33 30.22 -15.99 1.17
CA HIS C 33 29.84 -14.93 0.25
C HIS C 33 30.14 -13.59 0.88
N VAL C 34 30.52 -12.61 0.05
CA VAL C 34 30.86 -11.29 0.56
C VAL C 34 29.98 -10.20 -0.03
N TYR C 35 29.97 -10.10 -1.35
CA TYR C 35 29.31 -8.99 -2.02
C TYR C 35 28.91 -9.32 -3.46
N TRP C 36 27.80 -8.74 -3.89
CA TRP C 36 27.37 -8.82 -5.28
C TRP C 36 26.58 -7.57 -5.63
N GLY C 37 27.03 -6.83 -6.63
CA GLY C 37 26.37 -5.60 -7.04
C GLY C 37 27.23 -4.82 -8.02
N LYS C 38 27.15 -3.50 -7.96
CA LYS C 38 27.95 -2.65 -8.83
C LYS C 38 29.44 -2.85 -8.54
N ALA C 39 30.26 -2.69 -9.57
CA ALA C 39 31.69 -2.99 -9.48
C ALA C 39 32.42 -2.16 -8.42
N VAL C 40 33.27 -2.84 -7.65
CA VAL C 40 34.19 -2.17 -6.74
C VAL C 40 35.60 -2.68 -7.01
N ARG C 41 36.61 -1.85 -6.74
CA ARG C 41 37.98 -2.26 -6.92
C ARG C 41 38.32 -3.32 -5.88
N ASP C 42 38.03 -2.99 -4.61
CA ASP C 42 38.22 -3.91 -3.51
C ASP C 42 37.10 -3.76 -2.49
N VAL C 43 36.80 -4.86 -1.79
CA VAL C 43 35.95 -4.79 -0.62
C VAL C 43 36.79 -5.16 0.59
N ARG C 44 37.12 -4.16 1.40
CA ARG C 44 38.10 -4.32 2.47
C ARG C 44 37.41 -4.56 3.82
N GLY C 45 36.11 -4.33 3.87
CA GLY C 45 35.34 -4.56 5.08
C GLY C 45 34.74 -5.95 5.10
N ALA C 46 35.30 -6.83 4.28
CA ALA C 46 34.79 -8.19 4.11
C ALA C 46 34.87 -9.00 5.40
N ARG C 47 35.79 -8.63 6.28
CA ARG C 47 35.95 -9.31 7.56
C ARG C 47 35.64 -8.36 8.71
N ALA C 48 35.41 -7.10 8.37
CA ALA C 48 35.12 -6.06 9.37
C ALA C 48 33.64 -6.01 9.71
N PHE C 49 33.12 -7.11 10.24
CA PHE C 49 31.74 -7.17 10.70
C PHE C 49 31.70 -7.85 12.06
N PRO C 50 30.70 -7.52 12.89
CA PRO C 50 30.61 -8.09 14.24
C PRO C 50 30.55 -9.62 14.24
N ARG C 51 31.37 -10.24 15.08
CA ARG C 51 31.33 -11.69 15.27
C ARG C 51 30.54 -11.96 16.55
N LEU C 52 29.34 -12.51 16.38
CA LEU C 52 28.42 -12.64 17.51
C LEU C 52 28.11 -14.08 17.89
N ASP C 53 27.89 -14.28 19.18
CA ASP C 53 27.44 -15.57 19.70
C ASP C 53 25.91 -15.58 19.66
N ARG C 54 25.35 -16.06 18.55
CA ARG C 54 23.91 -16.08 18.37
C ARG C 54 23.27 -17.28 19.06
N ALA C 55 22.31 -17.01 19.95
CA ALA C 55 21.64 -18.05 20.71
C ALA C 55 21.01 -19.12 19.81
N PHE C 56 21.15 -20.37 20.22
CA PHE C 56 20.63 -21.53 19.48
C PHE C 56 21.22 -21.71 18.08
N SER C 57 22.31 -20.99 17.80
CA SER C 57 23.12 -21.25 16.62
C SER C 57 24.39 -21.98 17.06
N PRO C 58 24.41 -23.31 16.89
CA PRO C 58 25.45 -24.22 17.39
C PRO C 58 26.79 -24.03 16.71
N ASN C 59 27.85 -24.52 17.33
CA ASN C 59 29.21 -24.25 16.88
C ASN C 59 29.98 -25.48 16.40
N PRO C 60 30.58 -25.38 15.21
CA PRO C 60 31.48 -26.44 14.72
C PRO C 60 32.73 -26.48 15.58
N ASP C 61 32.99 -25.36 16.27
CA ASP C 61 34.15 -25.22 17.13
C ASP C 61 33.68 -24.79 18.52
N PRO C 62 33.61 -25.74 19.47
CA PRO C 62 33.09 -25.55 20.82
C PRO C 62 33.83 -24.46 21.62
N SER C 63 35.03 -24.11 21.18
CA SER C 63 35.80 -23.08 21.87
C SER C 63 35.31 -21.67 21.50
N ASP C 64 34.79 -21.54 20.28
CA ASP C 64 34.37 -20.25 19.75
C ASP C 64 32.87 -20.23 19.46
N ARG C 65 32.09 -19.65 20.37
CA ARG C 65 30.64 -19.60 20.21
C ARG C 65 30.19 -18.54 19.21
N THR C 66 31.14 -17.77 18.70
CA THR C 66 30.81 -16.70 17.76
C THR C 66 30.73 -17.20 16.32
N PHE C 67 31.17 -18.44 16.10
CA PHE C 67 31.13 -19.00 14.76
C PHE C 67 30.07 -20.09 14.62
N SER C 68 29.25 -19.97 13.58
CA SER C 68 28.20 -20.95 13.31
C SER C 68 27.81 -20.88 11.83
N LEU C 69 27.55 -22.04 11.24
CA LEU C 69 27.13 -22.10 9.85
C LEU C 69 25.70 -21.59 9.69
N ASP C 70 25.00 -21.46 10.81
CA ASP C 70 23.65 -20.90 10.82
C ASP C 70 23.70 -19.39 10.60
N THR C 71 24.87 -18.80 10.87
CA THR C 71 25.03 -17.35 10.76
C THR C 71 26.16 -16.94 9.81
N LEU C 72 26.49 -17.82 8.87
CA LEU C 72 27.54 -17.51 7.90
C LEU C 72 26.97 -17.37 6.48
N LEU C 73 27.32 -16.28 5.81
CA LEU C 73 26.93 -16.11 4.40
C LEU C 73 27.74 -17.10 3.57
N GLN C 74 27.06 -17.94 2.81
CA GLN C 74 27.75 -19.04 2.11
C GLN C 74 27.53 -19.08 0.60
N GLU C 75 28.27 -19.97 -0.06
CA GLU C 75 28.17 -20.14 -1.51
C GLU C 75 27.51 -21.46 -1.91
N TYR C 76 27.56 -22.44 -1.01
CA TYR C 76 27.00 -23.76 -1.29
C TYR C 76 26.79 -24.52 0.01
N PRO C 77 25.85 -24.05 0.85
CA PRO C 77 25.69 -24.55 2.23
C PRO C 77 25.08 -25.94 2.30
N ALA C 78 25.25 -26.58 3.45
CA ALA C 78 24.68 -27.90 3.71
C ALA C 78 23.95 -27.91 5.04
N TYR C 79 23.01 -28.82 5.20
CA TYR C 79 22.27 -28.94 6.45
C TYR C 79 22.87 -30.05 7.32
N GLY C 80 22.76 -29.89 8.64
CA GLY C 80 23.11 -30.96 9.55
C GLY C 80 24.25 -30.68 10.51
N ASN C 81 25.26 -29.95 10.05
CA ASN C 81 26.39 -29.61 10.90
C ASN C 81 26.44 -28.13 11.27
N THR C 82 25.40 -27.68 11.96
CA THR C 82 25.20 -26.33 12.53
C THR C 82 24.41 -25.32 11.70
N ASP C 83 24.18 -25.60 10.42
CA ASP C 83 23.35 -24.72 9.61
C ASP C 83 21.91 -25.22 9.56
N PHE C 84 20.96 -24.35 9.89
CA PHE C 84 19.56 -24.74 9.97
C PHE C 84 18.69 -24.22 8.84
N ARG C 85 19.30 -23.57 7.86
CA ARG C 85 18.55 -23.04 6.72
C ARG C 85 18.49 -24.05 5.58
N ALA C 86 17.78 -23.70 4.51
CA ALA C 86 17.66 -24.57 3.34
C ALA C 86 19.01 -24.75 2.66
N PRO C 87 19.43 -26.02 2.49
CA PRO C 87 20.74 -26.36 1.93
C PRO C 87 20.78 -26.33 0.40
N ALA C 88 21.97 -26.11 -0.14
CA ALA C 88 22.17 -26.10 -1.59
C ALA C 88 22.20 -27.53 -2.11
N TYR C 89 22.63 -28.45 -1.26
CA TYR C 89 22.69 -29.86 -1.62
C TYR C 89 22.47 -30.70 -0.37
N GLN C 90 22.25 -32.00 -0.58
CA GLN C 90 22.15 -32.94 0.53
C GLN C 90 22.48 -34.34 0.06
N VAL C 91 23.32 -35.03 0.82
CA VAL C 91 23.77 -36.37 0.44
C VAL C 91 23.51 -37.37 1.56
N GLN C 92 22.96 -38.53 1.20
CA GLN C 92 22.79 -39.62 2.16
C GLN C 92 23.88 -40.67 1.98
N LEU C 93 24.45 -41.11 3.09
CA LEU C 93 25.50 -42.12 3.10
C LEU C 93 24.90 -43.51 3.22
N GLU C 94 25.76 -44.53 3.10
CA GLU C 94 25.31 -45.91 3.26
C GLU C 94 24.82 -46.19 4.68
N ASN C 95 25.38 -45.47 5.66
CA ASN C 95 25.00 -45.66 7.05
C ASN C 95 23.69 -44.96 7.41
N GLY C 96 23.16 -44.17 6.48
CA GLY C 96 21.88 -43.52 6.67
C GLY C 96 21.95 -42.07 7.10
N SER C 97 23.16 -41.59 7.39
CA SER C 97 23.34 -40.20 7.80
C SER C 97 23.33 -39.27 6.61
N THR C 98 23.00 -38.01 6.84
CA THR C 98 22.98 -37.01 5.79
C THR C 98 23.93 -35.86 6.08
N VAL C 99 24.84 -36.08 7.03
CA VAL C 99 25.83 -35.07 7.39
C VAL C 99 27.04 -35.10 6.46
N THR C 100 27.26 -34.00 5.75
CA THR C 100 28.45 -33.84 4.92
C THR C 100 29.17 -32.55 5.31
N ASP C 101 30.47 -32.47 4.99
CA ASP C 101 31.25 -31.29 5.36
C ASP C 101 32.29 -30.93 4.30
N LEU C 102 31.92 -30.04 3.39
CA LEU C 102 32.82 -29.62 2.33
C LEU C 102 33.75 -28.49 2.77
N ARG C 103 35.05 -28.69 2.58
CA ARG C 103 36.05 -27.67 2.90
C ARG C 103 36.83 -27.31 1.64
N TYR C 104 37.60 -26.24 1.72
CA TYR C 104 38.42 -25.80 0.59
C TYR C 104 39.63 -26.71 0.37
N LYS C 105 39.81 -27.16 -0.86
CA LYS C 105 40.98 -27.94 -1.24
C LYS C 105 41.89 -27.10 -2.14
N THR C 106 41.38 -26.76 -3.32
CA THR C 106 42.13 -25.95 -4.28
C THR C 106 41.20 -25.21 -5.22
N HIS C 107 41.77 -24.40 -6.11
CA HIS C 107 40.99 -23.68 -7.10
C HIS C 107 41.83 -23.35 -8.32
N ARG C 108 41.17 -23.10 -9.45
CA ARG C 108 41.86 -22.76 -10.69
C ARG C 108 41.14 -21.64 -11.42
N ILE C 109 41.89 -20.86 -12.19
CA ILE C 109 41.33 -19.77 -12.97
C ILE C 109 41.87 -19.81 -14.39
N TYR C 110 40.96 -19.74 -15.36
CA TYR C 110 41.36 -19.75 -16.77
C TYR C 110 40.36 -18.97 -17.61
N LYS C 111 40.87 -18.29 -18.64
CA LYS C 111 40.00 -17.54 -19.55
C LYS C 111 39.08 -18.48 -20.31
N GLY C 112 37.94 -17.96 -20.75
CA GLY C 112 36.98 -18.75 -21.50
C GLY C 112 35.90 -19.37 -20.65
N LYS C 113 35.06 -20.20 -21.27
CA LYS C 113 33.96 -20.84 -20.56
C LYS C 113 33.84 -22.31 -20.99
N PRO C 114 33.82 -23.22 -20.00
CA PRO C 114 33.75 -24.66 -20.28
C PRO C 114 32.33 -25.11 -20.61
N ARG C 115 32.20 -26.13 -21.44
CA ARG C 115 30.90 -26.72 -21.71
C ARG C 115 30.52 -27.63 -20.55
N LEU C 116 29.22 -27.82 -20.34
CA LEU C 116 28.74 -28.73 -19.33
C LEU C 116 28.31 -30.06 -19.97
N ASN C 117 28.71 -31.16 -19.36
CA ASN C 117 28.46 -32.49 -19.92
C ASN C 117 26.98 -32.81 -20.08
N GLY C 118 26.55 -32.96 -21.33
CA GLY C 118 25.19 -33.34 -21.64
C GLY C 118 24.17 -32.22 -21.51
N LEU C 119 24.62 -31.09 -20.97
CA LEU C 119 23.71 -29.98 -20.67
C LEU C 119 24.02 -28.75 -21.52
N PRO C 120 22.98 -27.96 -21.84
CA PRO C 120 23.13 -26.68 -22.53
C PRO C 120 23.74 -25.64 -21.59
N ALA C 121 24.38 -24.62 -22.16
CA ALA C 121 25.01 -23.59 -21.36
C ALA C 121 25.38 -22.38 -22.21
N THR C 122 25.42 -21.20 -21.60
CA THR C 122 25.93 -20.02 -22.25
C THR C 122 27.38 -20.27 -22.60
N TYR C 123 27.79 -19.85 -23.79
CA TYR C 123 29.15 -20.13 -24.25
C TYR C 123 29.90 -18.85 -24.59
N VAL C 124 31.19 -19.00 -24.91
CA VAL C 124 31.99 -17.91 -25.43
C VAL C 124 32.63 -18.37 -26.73
N GLU C 125 32.90 -17.41 -27.63
CA GLU C 125 33.60 -17.73 -28.86
C GLU C 125 35.09 -17.41 -28.72
N HIS C 126 35.38 -16.19 -28.26
CA HIS C 126 36.74 -15.81 -27.94
C HIS C 126 36.98 -16.01 -26.46
N GLU C 127 38.19 -16.43 -26.09
CA GLU C 127 38.53 -16.73 -24.70
C GLU C 127 38.55 -15.47 -23.83
N GLN C 128 38.66 -14.31 -24.47
CA GLN C 128 38.74 -13.04 -23.75
C GLN C 128 37.36 -12.57 -23.31
N GLU C 129 36.32 -13.23 -23.79
CA GLU C 129 34.94 -12.83 -23.52
C GLU C 129 34.54 -13.08 -22.06
N ALA C 130 35.24 -13.99 -21.39
CA ALA C 130 34.94 -14.31 -20.00
C ALA C 130 36.10 -15.00 -19.29
N GLU C 131 36.01 -15.08 -17.96
CA GLU C 131 36.95 -15.85 -17.16
C GLU C 131 36.21 -16.82 -16.25
N THR C 132 36.72 -18.04 -16.14
CA THR C 132 36.08 -19.05 -15.31
C THR C 132 36.87 -19.37 -14.05
N LEU C 133 36.21 -19.25 -12.90
CA LEU C 133 36.80 -19.65 -11.64
C LEU C 133 36.17 -20.95 -11.16
N GLU C 134 37.00 -21.96 -10.94
CA GLU C 134 36.53 -23.21 -10.36
C GLU C 134 37.10 -23.38 -8.97
N ILE C 135 36.22 -23.55 -7.99
CA ILE C 135 36.65 -23.82 -6.62
C ILE C 135 36.34 -25.26 -6.26
N VAL C 136 37.37 -26.03 -5.90
CA VAL C 136 37.20 -27.43 -5.56
C VAL C 136 36.99 -27.63 -4.07
N LEU C 137 35.84 -28.19 -3.71
CA LEU C 137 35.52 -28.48 -2.32
C LEU C 137 35.44 -29.98 -2.12
N GLY C 138 35.87 -30.45 -0.95
CA GLY C 138 35.93 -31.88 -0.70
C GLY C 138 35.66 -32.32 0.72
N ASP C 139 34.85 -33.37 0.85
CA ASP C 139 34.64 -34.02 2.15
C ASP C 139 35.56 -35.22 2.24
N ALA C 140 36.60 -35.10 3.06
CA ALA C 140 37.65 -36.12 3.17
C ALA C 140 37.14 -37.46 3.69
N LEU C 141 36.19 -37.42 4.62
CA LEU C 141 35.69 -38.63 5.25
C LEU C 141 35.03 -39.59 4.25
N ILE C 142 34.25 -39.04 3.33
CA ILE C 142 33.53 -39.87 2.36
C ILE C 142 34.13 -39.77 0.96
N GLY C 143 35.12 -38.88 0.82
CA GLY C 143 35.79 -38.71 -0.45
C GLY C 143 34.91 -38.06 -1.51
N LEU C 144 34.03 -37.16 -1.08
CA LEU C 144 33.16 -36.45 -2.01
C LEU C 144 33.80 -35.15 -2.48
N GLU C 145 33.89 -34.99 -3.80
CA GLU C 145 34.40 -33.77 -4.38
C GLU C 145 33.31 -32.97 -5.08
N VAL C 146 33.20 -31.70 -4.72
CA VAL C 146 32.27 -30.80 -5.41
C VAL C 146 33.04 -29.61 -5.97
N THR C 147 32.97 -29.45 -7.30
CA THR C 147 33.65 -28.35 -7.95
C THR C 147 32.64 -27.25 -8.31
N LEU C 148 32.76 -26.11 -7.64
CA LEU C 148 31.89 -24.98 -7.92
C LEU C 148 32.40 -24.21 -9.13
N GLN C 149 31.54 -24.07 -10.13
CA GLN C 149 31.92 -23.43 -11.39
C GLN C 149 31.36 -22.02 -11.49
N TYR C 150 32.26 -21.05 -11.64
CA TYR C 150 31.87 -19.65 -11.80
C TYR C 150 32.45 -19.09 -13.09
N THR C 151 31.60 -18.45 -13.90
CA THR C 151 32.10 -17.76 -15.09
C THR C 151 31.64 -16.30 -15.09
N ALA C 152 32.59 -15.39 -15.25
CA ALA C 152 32.29 -13.97 -15.31
C ALA C 152 32.53 -13.42 -16.70
N TYR C 153 31.45 -12.97 -17.35
CA TYR C 153 31.55 -12.36 -18.67
C TYR C 153 32.21 -10.99 -18.61
N GLU C 154 32.85 -10.58 -19.70
CA GLU C 154 33.64 -9.37 -19.71
C GLU C 154 32.81 -8.14 -20.04
N LYS C 155 31.93 -8.25 -21.03
CA LYS C 155 31.16 -7.10 -21.52
C LYS C 155 29.79 -6.99 -20.85
N TRP C 156 29.32 -8.08 -20.25
CA TRP C 156 28.01 -8.07 -19.60
C TRP C 156 28.13 -8.27 -18.09
N ASN C 157 27.11 -7.82 -17.36
CA ASN C 157 27.01 -8.05 -15.93
C ASN C 157 26.47 -9.45 -15.66
N VAL C 158 27.18 -10.47 -16.11
CA VAL C 158 26.71 -11.83 -16.01
C VAL C 158 27.67 -12.74 -15.25
N ILE C 159 27.16 -13.35 -14.18
CA ILE C 159 27.87 -14.41 -13.49
C ILE C 159 27.07 -15.70 -13.66
N THR C 160 27.71 -16.75 -14.17
CA THR C 160 27.05 -18.04 -14.29
C THR C 160 27.55 -18.97 -13.20
N ARG C 161 26.67 -19.83 -12.70
CA ARG C 161 27.04 -20.77 -11.65
C ARG C 161 26.49 -22.18 -11.89
N SER C 162 27.30 -23.18 -11.58
CA SER C 162 26.90 -24.57 -11.63
C SER C 162 27.81 -25.38 -10.72
N ALA C 163 27.44 -26.63 -10.46
CA ALA C 163 28.22 -27.46 -9.56
C ALA C 163 28.45 -28.85 -10.16
N ARG C 164 29.64 -29.40 -9.94
CA ARG C 164 29.97 -30.72 -10.42
C ARG C 164 30.39 -31.63 -9.27
N PHE C 165 29.61 -32.69 -9.07
CA PHE C 165 29.89 -33.65 -8.01
C PHE C 165 30.75 -34.80 -8.54
N GLU C 166 31.47 -35.47 -7.65
CA GLU C 166 32.25 -36.64 -8.03
C GLU C 166 32.55 -37.52 -6.83
N ASN C 167 32.25 -38.81 -6.95
CA ASN C 167 32.53 -39.77 -5.89
C ASN C 167 33.91 -40.38 -6.05
N LYS C 168 34.85 -39.93 -5.23
CA LYS C 168 36.20 -40.47 -5.27
C LYS C 168 36.39 -41.53 -4.18
N GLY C 169 35.42 -41.63 -3.28
CA GLY C 169 35.49 -42.57 -2.18
C GLY C 169 35.12 -43.99 -2.58
N GLY C 170 34.90 -44.84 -1.58
CA GLY C 170 34.59 -46.24 -1.83
C GLY C 170 33.19 -46.63 -1.41
N GLU C 171 32.35 -45.65 -1.09
CA GLU C 171 30.97 -45.91 -0.74
C GLU C 171 30.03 -45.37 -1.81
N ARG C 172 28.79 -45.86 -1.80
CA ARG C 172 27.76 -45.30 -2.67
C ARG C 172 27.26 -43.99 -2.06
N LEU C 173 26.96 -43.02 -2.92
CA LEU C 173 26.47 -41.73 -2.46
C LEU C 173 25.20 -41.33 -3.20
N LYS C 174 24.11 -41.16 -2.45
CA LYS C 174 22.84 -40.75 -3.03
C LYS C 174 22.62 -39.24 -2.85
N LEU C 175 22.50 -38.53 -3.97
CA LEU C 175 22.22 -37.10 -3.93
C LEU C 175 20.72 -36.85 -3.74
N LEU C 176 20.33 -36.44 -2.55
CA LEU C 176 18.93 -36.13 -2.28
C LEU C 176 18.59 -34.77 -2.87
N ARG C 177 19.59 -33.90 -2.93
CA ARG C 177 19.43 -32.54 -3.42
C ARG C 177 20.71 -32.05 -4.07
N ALA C 178 20.58 -31.40 -5.22
CA ALA C 178 21.74 -30.90 -5.95
C ALA C 178 21.41 -29.63 -6.73
N LEU C 179 21.23 -28.53 -6.01
CA LEU C 179 20.92 -27.25 -6.65
C LEU C 179 22.13 -26.71 -7.39
N SER C 180 21.89 -25.86 -8.38
CA SER C 180 22.96 -25.29 -9.19
C SER C 180 23.73 -24.21 -8.44
N MET C 181 23.02 -23.43 -7.63
CA MET C 181 23.65 -22.34 -6.89
C MET C 181 22.91 -21.97 -5.62
N SER C 182 23.55 -21.15 -4.79
CA SER C 182 22.96 -20.64 -3.56
C SER C 182 23.76 -19.42 -3.14
N VAL C 183 23.07 -18.35 -2.77
CA VAL C 183 23.74 -17.11 -2.35
C VAL C 183 23.04 -16.43 -1.17
N ASP C 184 23.82 -16.02 -0.19
CA ASP C 184 23.29 -15.33 0.98
C ASP C 184 23.47 -13.81 0.90
N PHE C 185 22.37 -13.08 0.75
CA PHE C 185 22.39 -11.63 0.81
C PHE C 185 22.46 -11.19 2.26
N PRO C 186 23.24 -10.13 2.54
CA PRO C 186 23.44 -9.61 3.90
C PRO C 186 22.15 -9.08 4.52
N THR C 187 21.28 -8.51 3.68
CA THR C 187 20.00 -7.98 4.14
C THR C 187 18.86 -8.56 3.32
N ALA C 188 17.63 -8.29 3.72
CA ALA C 188 16.46 -8.86 3.04
C ALA C 188 15.41 -7.83 2.66
N ASP C 189 15.77 -6.55 2.67
CA ASP C 189 14.83 -5.49 2.31
C ASP C 189 14.64 -5.40 0.79
N TYR C 190 14.03 -6.44 0.22
CA TYR C 190 13.77 -6.48 -1.22
C TYR C 190 12.33 -6.90 -1.51
N ASP C 191 11.87 -6.62 -2.71
CA ASP C 191 10.70 -7.30 -3.25
C ASP C 191 11.25 -8.44 -4.08
N TRP C 192 10.40 -9.38 -4.46
CA TRP C 192 10.82 -10.39 -5.42
C TRP C 192 9.86 -10.50 -6.59
N ILE C 193 10.42 -10.72 -7.77
CA ILE C 193 9.63 -10.87 -8.98
C ILE C 193 9.80 -12.28 -9.53
N HIS C 194 8.69 -12.94 -9.83
CA HIS C 194 8.73 -14.19 -10.56
C HIS C 194 7.65 -14.18 -11.64
N LEU C 195 7.60 -15.23 -12.46
CA LEU C 195 6.70 -15.24 -13.62
C LEU C 195 5.73 -16.41 -13.57
N PRO C 196 4.67 -16.30 -12.76
CA PRO C 196 3.64 -17.35 -12.71
C PRO C 196 2.74 -17.25 -13.92
N GLY C 197 2.07 -18.35 -14.27
CA GLY C 197 1.15 -18.33 -15.40
C GLY C 197 0.32 -19.58 -15.52
N ALA C 198 -0.34 -19.71 -16.67
CA ALA C 198 -1.07 -20.92 -17.02
C ALA C 198 -0.99 -21.07 -18.53
N TRP C 199 -1.63 -22.11 -19.06
CA TRP C 199 -1.74 -22.25 -20.51
C TRP C 199 -2.61 -21.11 -21.01
N GLY C 200 -2.14 -20.40 -22.03
CA GLY C 200 -2.90 -19.30 -22.61
C GLY C 200 -2.62 -17.97 -21.94
N ARG C 201 -1.76 -17.98 -20.94
CA ARG C 201 -1.39 -16.75 -20.22
C ARG C 201 -0.10 -16.94 -19.44
N GLU C 202 0.95 -17.33 -20.14
CA GLU C 202 2.23 -17.59 -19.50
C GLU C 202 2.93 -16.32 -19.05
N ARG C 203 3.73 -16.45 -18.01
CA ARG C 203 4.68 -15.42 -17.60
C ARG C 203 4.07 -14.04 -17.33
N TRP C 204 3.04 -14.00 -16.50
CA TRP C 204 2.56 -12.72 -15.98
C TRP C 204 3.56 -12.24 -14.93
N ILE C 205 3.81 -10.94 -14.88
CA ILE C 205 4.75 -10.42 -13.90
C ILE C 205 4.07 -10.26 -12.54
N GLU C 206 4.68 -10.88 -11.52
CA GLU C 206 4.16 -10.78 -10.16
C GLU C 206 5.22 -10.24 -9.21
N ARG C 207 4.93 -9.09 -8.61
CA ARG C 207 5.84 -8.49 -7.65
C ARG C 207 5.26 -8.59 -6.25
N ARG C 208 6.06 -9.09 -5.32
CA ARG C 208 5.61 -9.31 -3.96
C ARG C 208 6.71 -8.93 -2.98
N PRO C 209 6.32 -8.47 -1.78
CA PRO C 209 7.31 -8.26 -0.73
C PRO C 209 7.80 -9.62 -0.23
N LEU C 210 8.98 -9.64 0.41
CA LEU C 210 9.47 -10.89 0.97
C LEU C 210 8.81 -11.19 2.31
N VAL C 211 8.60 -12.46 2.59
CA VAL C 211 8.12 -12.90 3.89
C VAL C 211 9.30 -13.46 4.68
N THR C 212 9.18 -13.45 6.01
CA THR C 212 10.21 -14.05 6.85
C THR C 212 9.97 -15.55 6.89
N GLY C 213 10.67 -16.27 6.02
CA GLY C 213 10.46 -17.69 5.85
C GLY C 213 10.79 -18.09 4.43
N VAL C 214 9.92 -18.88 3.82
CA VAL C 214 10.20 -19.43 2.50
C VAL C 214 9.21 -18.97 1.42
N GLN C 215 9.75 -18.50 0.30
CA GLN C 215 8.97 -18.25 -0.90
C GLN C 215 9.64 -18.97 -2.04
N ALA C 216 8.85 -19.53 -2.96
CA ALA C 216 9.43 -20.31 -4.05
C ALA C 216 8.51 -20.43 -5.25
N ALA C 217 9.11 -20.32 -6.43
CA ALA C 217 8.45 -20.71 -7.66
C ALA C 217 9.11 -22.01 -8.10
N GLU C 218 8.30 -23.02 -8.42
CA GLU C 218 8.86 -24.31 -8.81
C GLU C 218 8.04 -25.03 -9.85
N SER C 219 8.59 -26.14 -10.35
CA SER C 219 7.89 -27.01 -11.28
C SER C 219 8.13 -28.47 -10.91
N ARG C 220 7.09 -29.28 -10.95
CA ARG C 220 7.20 -30.70 -10.68
C ARG C 220 6.63 -31.47 -11.87
N ARG C 221 6.61 -30.80 -13.02
CA ARG C 221 5.91 -31.33 -14.19
C ARG C 221 6.84 -31.98 -15.20
N GLY C 222 8.12 -32.06 -14.88
CA GLY C 222 9.10 -32.63 -15.79
C GLY C 222 9.43 -31.65 -16.91
N ALA C 223 8.81 -30.47 -16.86
CA ALA C 223 9.03 -29.42 -17.83
C ALA C 223 9.09 -28.09 -17.08
N SER C 224 9.77 -27.10 -17.67
CA SER C 224 9.87 -25.78 -17.05
C SER C 224 8.49 -25.19 -16.78
N SER C 225 7.55 -25.48 -17.70
CA SER C 225 6.10 -25.26 -17.53
C SER C 225 5.59 -23.84 -17.82
N HIS C 226 4.29 -23.74 -18.05
CA HIS C 226 3.61 -22.45 -18.21
C HIS C 226 3.35 -21.86 -16.83
N GLN C 227 3.15 -22.75 -15.86
CA GLN C 227 2.68 -22.39 -14.53
C GLN C 227 3.68 -21.53 -13.75
N GLN C 228 4.96 -21.83 -13.92
CA GLN C 228 6.03 -21.03 -13.35
C GLN C 228 7.21 -21.05 -14.32
N ASN C 229 7.68 -19.89 -14.71
CA ASN C 229 8.90 -19.84 -15.52
C ASN C 229 10.12 -19.91 -14.60
N PRO C 230 11.16 -20.66 -15.00
CA PRO C 230 12.37 -20.78 -14.19
C PRO C 230 13.14 -19.45 -14.10
N PHE C 231 12.56 -18.48 -13.42
CA PHE C 231 13.20 -17.19 -13.23
C PHE C 231 12.64 -16.45 -12.01
N ILE C 232 13.53 -16.01 -11.13
CA ILE C 232 13.16 -15.14 -10.03
C ILE C 232 14.09 -13.93 -10.00
N ALA C 233 13.68 -12.88 -9.30
CA ALA C 233 14.50 -11.68 -9.18
C ALA C 233 14.29 -10.96 -7.87
N LEU C 234 15.39 -10.58 -7.22
CA LEU C 234 15.34 -9.67 -6.08
C LEU C 234 15.47 -8.25 -6.60
N VAL C 235 14.54 -7.39 -6.22
CA VAL C 235 14.60 -5.99 -6.64
C VAL C 235 14.54 -5.07 -5.43
N ALA C 236 15.20 -3.92 -5.54
CA ALA C 236 15.11 -2.90 -4.52
C ALA C 236 13.68 -2.40 -4.44
N LYS C 237 13.26 -1.97 -3.26
CA LYS C 237 11.88 -1.55 -3.02
C LYS C 237 11.38 -0.48 -4.01
N ASN C 238 12.25 0.47 -4.33
CA ASN C 238 11.87 1.57 -5.22
C ASN C 238 12.31 1.37 -6.66
N ALA C 239 12.83 0.19 -6.97
CA ALA C 239 13.31 -0.11 -8.31
C ALA C 239 12.14 -0.32 -9.27
N ASP C 240 12.28 0.20 -10.49
CA ASP C 240 11.28 0.02 -11.53
C ASP C 240 11.91 -0.41 -12.85
N GLU C 241 11.25 -0.10 -13.96
CA GLU C 241 11.73 -0.49 -15.27
C GLU C 241 12.99 0.26 -15.69
N HIS C 242 13.17 1.47 -15.15
CA HIS C 242 14.20 2.37 -15.67
C HIS C 242 15.36 2.65 -14.70
N GLN C 243 15.17 2.33 -13.42
CA GLN C 243 16.21 2.54 -12.42
C GLN C 243 16.09 1.58 -11.24
N GLY C 244 17.13 1.52 -10.42
CA GLY C 244 17.11 0.68 -9.24
C GLY C 244 17.88 -0.61 -9.39
N GLU C 245 18.28 -1.19 -8.28
CA GLU C 245 19.06 -2.42 -8.29
C GLU C 245 18.20 -3.67 -8.45
N VAL C 246 18.62 -4.56 -9.35
CA VAL C 246 17.88 -5.78 -9.66
C VAL C 246 18.86 -6.96 -9.72
N TYR C 247 18.44 -8.12 -9.21
CA TYR C 247 19.26 -9.32 -9.25
C TYR C 247 18.48 -10.46 -9.89
N GLY C 248 18.77 -10.76 -11.15
CA GLY C 248 18.08 -11.81 -11.87
C GLY C 248 18.68 -13.18 -11.66
N PHE C 249 17.83 -14.20 -11.63
CA PHE C 249 18.27 -15.59 -11.52
C PHE C 249 17.57 -16.43 -12.58
N SER C 250 18.33 -16.88 -13.58
CA SER C 250 17.74 -17.63 -14.69
C SER C 250 18.30 -19.05 -14.78
N PHE C 251 17.42 -20.04 -14.86
CA PHE C 251 17.84 -21.44 -14.87
C PHE C 251 17.91 -21.99 -16.29
N VAL C 252 19.11 -22.36 -16.72
CA VAL C 252 19.30 -22.94 -18.05
C VAL C 252 19.00 -24.45 -18.01
N TYR C 253 17.70 -24.77 -17.97
CA TYR C 253 17.24 -26.15 -17.82
C TYR C 253 15.75 -26.18 -18.15
N SER C 254 15.27 -27.30 -18.66
CA SER C 254 13.92 -27.36 -19.19
C SER C 254 13.01 -28.36 -18.48
N GLY C 255 13.48 -28.94 -17.38
CA GLY C 255 12.67 -29.88 -16.61
C GLY C 255 12.21 -29.29 -15.29
N ASN C 256 12.15 -30.12 -14.25
CA ASN C 256 11.77 -29.68 -12.92
C ASN C 256 12.78 -28.69 -12.36
N PHE C 257 12.29 -27.72 -11.59
CA PHE C 257 13.17 -26.74 -10.96
C PHE C 257 12.62 -26.23 -9.63
N LEU C 258 13.52 -25.69 -8.82
CA LEU C 258 13.14 -25.00 -7.61
C LEU C 258 13.83 -23.64 -7.56
N ALA C 259 13.04 -22.57 -7.52
CA ALA C 259 13.57 -21.23 -7.39
C ALA C 259 13.10 -20.64 -6.07
N GLN C 260 13.98 -20.63 -5.09
CA GLN C 260 13.57 -20.35 -3.71
C GLN C 260 14.32 -19.18 -3.08
N ILE C 261 13.60 -18.42 -2.26
CA ILE C 261 14.20 -17.35 -1.47
C ILE C 261 13.85 -17.60 -0.01
N GLU C 262 14.85 -17.59 0.87
CA GLU C 262 14.61 -17.86 2.28
C GLU C 262 15.20 -16.78 3.17
N VAL C 263 14.34 -16.13 3.95
CA VAL C 263 14.79 -15.09 4.86
C VAL C 263 14.79 -15.62 6.29
N ASP C 264 15.95 -15.57 6.94
CA ASP C 264 16.10 -16.13 8.27
C ASP C 264 15.85 -15.13 9.40
N GLN C 265 16.17 -15.54 10.62
CA GLN C 265 15.92 -14.73 11.81
C GLN C 265 16.78 -13.47 11.88
N PHE C 266 17.85 -13.42 11.11
CA PHE C 266 18.74 -12.28 11.15
C PHE C 266 18.70 -11.48 9.85
N GLY C 267 17.57 -11.54 9.17
CA GLY C 267 17.30 -10.70 8.02
C GLY C 267 18.20 -10.90 6.82
N THR C 268 18.80 -12.08 6.71
CA THR C 268 19.58 -12.41 5.52
C THR C 268 18.71 -13.19 4.55
N ALA C 269 18.99 -13.05 3.26
CA ALA C 269 18.16 -13.68 2.24
C ALA C 269 18.94 -14.71 1.41
N ARG C 270 18.62 -15.98 1.63
CA ARG C 270 19.26 -17.05 0.86
C ARG C 270 18.49 -17.33 -0.42
N VAL C 271 19.10 -17.04 -1.56
CA VAL C 271 18.52 -17.34 -2.85
C VAL C 271 19.17 -18.59 -3.42
N SER C 272 18.35 -19.59 -3.75
CA SER C 272 18.86 -20.84 -4.30
C SER C 272 18.00 -21.33 -5.45
N MET C 273 18.65 -21.94 -6.44
CA MET C 273 17.97 -22.36 -7.66
C MET C 273 18.60 -23.65 -8.17
N GLY C 274 17.83 -24.43 -8.93
CA GLY C 274 18.34 -25.67 -9.47
C GLY C 274 17.26 -26.72 -9.69
N ILE C 275 17.70 -27.94 -9.96
CA ILE C 275 16.80 -29.06 -10.16
C ILE C 275 15.98 -29.30 -8.89
N ASN C 276 14.66 -29.36 -9.06
CA ASN C 276 13.75 -29.56 -7.94
C ASN C 276 14.09 -30.82 -7.13
N PRO C 277 14.42 -30.64 -5.84
CA PRO C 277 14.80 -31.76 -4.97
C PRO C 277 13.64 -32.72 -4.75
N PHE C 278 12.41 -32.23 -4.97
CA PHE C 278 11.22 -33.04 -4.76
C PHE C 278 11.14 -34.19 -5.77
N ASP C 279 10.94 -35.40 -5.25
CA ASP C 279 10.84 -36.61 -6.06
C ASP C 279 12.12 -36.86 -6.86
N PHE C 280 13.23 -36.32 -6.37
CA PHE C 280 14.51 -36.42 -7.06
C PHE C 280 15.58 -37.02 -6.15
N THR C 281 16.26 -38.03 -6.67
CA THR C 281 17.51 -38.51 -6.07
C THR C 281 18.47 -38.83 -7.20
N TRP C 282 19.75 -38.99 -6.86
CA TRP C 282 20.75 -39.43 -7.83
C TRP C 282 21.86 -40.21 -7.14
N LEU C 283 22.03 -41.46 -7.57
CA LEU C 283 23.05 -42.32 -7.00
C LEU C 283 24.39 -42.10 -7.71
N LEU C 284 25.45 -42.01 -6.92
CA LEU C 284 26.79 -41.92 -7.46
C LEU C 284 27.65 -43.07 -6.96
N GLN C 285 27.83 -44.08 -7.80
CA GLN C 285 28.77 -45.17 -7.52
C GLN C 285 30.17 -44.58 -7.49
N PRO C 286 31.09 -45.21 -6.74
CA PRO C 286 32.48 -44.75 -6.68
C PRO C 286 33.07 -44.57 -8.07
N GLY C 287 33.41 -43.33 -8.42
CA GLY C 287 33.97 -43.02 -9.73
C GLY C 287 33.00 -42.21 -10.57
N GLU C 288 31.73 -42.21 -10.18
CA GLU C 288 30.70 -41.49 -10.92
C GLU C 288 30.63 -40.01 -10.56
N SER C 289 30.16 -39.21 -11.51
CA SER C 289 30.07 -37.77 -11.33
C SER C 289 28.66 -37.27 -11.62
N PHE C 290 28.38 -36.03 -11.25
CA PHE C 290 27.11 -35.39 -11.55
C PHE C 290 27.28 -33.91 -11.84
N GLN C 291 26.84 -33.49 -13.02
CA GLN C 291 26.89 -32.09 -13.41
C GLN C 291 25.51 -31.48 -13.33
N THR C 292 25.39 -30.38 -12.58
CA THR C 292 24.14 -29.63 -12.52
C THR C 292 24.06 -28.67 -13.71
N PRO C 293 22.84 -28.28 -14.09
CA PRO C 293 22.69 -27.21 -15.09
C PRO C 293 23.22 -25.90 -14.52
N GLU C 294 23.31 -24.87 -15.36
CA GLU C 294 23.83 -23.59 -14.89
C GLU C 294 22.72 -22.57 -14.66
N VAL C 295 22.94 -21.71 -13.68
CA VAL C 295 22.05 -20.58 -13.43
C VAL C 295 22.75 -19.29 -13.85
N VAL C 296 22.09 -18.52 -14.70
CA VAL C 296 22.66 -17.26 -15.18
C VAL C 296 22.21 -16.09 -14.30
N MET C 297 23.17 -15.49 -13.60
CA MET C 297 22.85 -14.44 -12.65
C MET C 297 23.25 -13.07 -13.19
N VAL C 298 22.29 -12.14 -13.17
CA VAL C 298 22.51 -10.81 -13.73
C VAL C 298 22.26 -9.70 -12.70
N TYR C 299 23.18 -8.74 -12.63
CA TYR C 299 22.97 -7.55 -11.81
C TYR C 299 22.74 -6.33 -12.69
N SER C 300 21.91 -5.41 -12.22
CA SER C 300 21.68 -4.15 -12.91
C SER C 300 21.28 -3.06 -11.93
N ASP C 301 21.68 -1.83 -12.22
CA ASP C 301 21.24 -0.67 -11.47
C ASP C 301 20.43 0.22 -12.40
N GLN C 302 20.13 -0.31 -13.58
CA GLN C 302 19.37 0.43 -14.59
C GLN C 302 17.93 -0.08 -14.66
N GLY C 303 17.46 -0.65 -13.55
CA GLY C 303 16.10 -1.15 -13.47
C GLY C 303 15.88 -2.45 -14.21
N LEU C 304 14.62 -2.80 -14.43
CA LEU C 304 14.27 -4.05 -15.08
C LEU C 304 14.70 -4.08 -16.55
N ASN C 305 14.73 -2.92 -17.20
CA ASN C 305 15.15 -2.85 -18.60
C ASN C 305 16.63 -3.18 -18.74
N GLY C 306 17.44 -2.65 -17.82
CA GLY C 306 18.86 -2.91 -17.82
C GLY C 306 19.16 -4.39 -17.64
N MET C 307 18.35 -5.06 -16.81
CA MET C 307 18.53 -6.50 -16.58
C MET C 307 18.11 -7.32 -17.79
N SER C 308 16.96 -6.98 -18.36
CA SER C 308 16.44 -7.72 -19.51
C SER C 308 17.38 -7.63 -20.70
N GLN C 309 17.84 -6.40 -20.99
CA GLN C 309 18.71 -6.15 -22.12
C GLN C 309 20.00 -6.96 -22.05
N THR C 310 20.51 -7.15 -20.84
CA THR C 310 21.68 -7.98 -20.64
C THR C 310 21.36 -9.44 -20.99
N TYR C 311 20.21 -9.92 -20.55
CA TYR C 311 19.76 -11.27 -20.87
C TYR C 311 19.55 -11.45 -22.37
N HIS C 312 18.94 -10.44 -22.99
CA HIS C 312 18.65 -10.48 -24.42
C HIS C 312 19.90 -10.71 -25.27
N GLU C 313 20.91 -9.87 -25.06
CA GLU C 313 22.16 -9.98 -25.81
C GLU C 313 22.89 -11.29 -25.53
N LEU C 314 22.94 -11.68 -24.26
CA LEU C 314 23.62 -12.91 -23.86
C LEU C 314 22.93 -14.13 -24.44
N TYR C 315 21.61 -14.15 -24.38
CA TYR C 315 20.85 -15.32 -24.85
C TYR C 315 20.73 -15.38 -26.37
N ARG C 316 20.65 -14.21 -27.01
CA ARG C 316 20.54 -14.18 -28.46
C ARG C 316 21.86 -14.51 -29.16
N THR C 317 22.98 -14.06 -28.59
CA THR C 317 24.27 -14.21 -29.25
C THR C 317 25.21 -15.25 -28.62
N ARG C 318 24.97 -15.60 -27.36
CA ARG C 318 25.86 -16.52 -26.65
C ARG C 318 25.14 -17.66 -25.93
N LEU C 319 23.91 -17.97 -26.35
CA LEU C 319 23.22 -19.16 -25.86
C LEU C 319 22.55 -19.87 -27.03
N ALA C 320 21.82 -19.11 -27.84
CA ALA C 320 21.25 -19.63 -29.07
C ALA C 320 22.39 -19.96 -30.03
N ARG C 321 22.18 -20.98 -30.87
CA ARG C 321 23.21 -21.41 -31.81
C ARG C 321 22.65 -21.60 -33.21
N GLY C 322 23.43 -22.25 -34.06
CA GLY C 322 23.02 -22.55 -35.41
C GLY C 322 23.30 -21.42 -36.38
N ALA C 323 22.99 -21.64 -37.65
CA ALA C 323 23.23 -20.65 -38.69
C ALA C 323 22.27 -19.48 -38.56
N PHE C 324 21.12 -19.70 -37.92
CA PHE C 324 20.07 -18.71 -37.86
C PHE C 324 20.16 -17.80 -36.64
N ARG C 325 21.22 -17.98 -35.84
CA ARG C 325 21.39 -17.23 -34.59
C ARG C 325 21.34 -15.72 -34.80
N ASP C 326 22.15 -15.24 -35.74
CA ASP C 326 22.26 -13.81 -36.01
C ASP C 326 21.47 -13.42 -37.26
N ARG C 327 20.71 -14.36 -37.80
CA ARG C 327 19.96 -14.14 -39.02
C ARG C 327 18.52 -13.72 -38.75
N GLU C 328 18.00 -12.84 -39.60
CA GLU C 328 16.61 -12.43 -39.54
C GLU C 328 15.71 -13.65 -39.70
N ARG C 329 14.53 -13.62 -39.09
CA ARG C 329 13.64 -14.77 -39.11
C ARG C 329 12.54 -14.63 -40.16
N PRO C 330 12.18 -15.75 -40.81
CA PRO C 330 11.16 -15.76 -41.87
C PRO C 330 9.76 -15.43 -41.36
N ILE C 331 9.07 -14.55 -42.08
CA ILE C 331 7.66 -14.30 -41.84
C ILE C 331 6.88 -15.51 -42.31
N LEU C 332 6.35 -16.29 -41.37
CA LEU C 332 5.69 -17.54 -41.73
C LEU C 332 4.18 -17.48 -41.63
N ILE C 333 3.54 -18.52 -42.13
CA ILE C 333 2.11 -18.72 -41.92
C ILE C 333 1.83 -20.15 -41.48
N ASN C 334 1.03 -20.29 -40.42
CA ASN C 334 0.72 -21.59 -39.84
C ASN C 334 -0.76 -21.93 -40.01
N ASN C 335 -1.03 -23.14 -40.48
CA ASN C 335 -2.39 -23.53 -40.85
C ASN C 335 -3.26 -24.01 -39.68
N TRP C 336 -2.65 -24.18 -38.51
CA TRP C 336 -3.33 -24.80 -37.36
C TRP C 336 -4.68 -24.19 -36.99
N GLU C 337 -4.72 -22.89 -36.70
CA GLU C 337 -5.97 -22.24 -36.37
C GLU C 337 -6.90 -22.15 -37.58
N ALA C 338 -6.32 -22.20 -38.77
CA ALA C 338 -7.08 -22.08 -40.00
C ALA C 338 -7.82 -23.37 -40.36
N THR C 339 -7.13 -24.49 -40.23
CA THR C 339 -7.65 -25.78 -40.68
C THR C 339 -7.71 -26.85 -39.58
N TYR C 340 -6.78 -26.75 -38.63
CA TYR C 340 -6.59 -27.79 -37.61
C TYR C 340 -6.22 -29.12 -38.25
N PHE C 341 -7.06 -30.13 -38.05
CA PHE C 341 -6.80 -31.46 -38.61
C PHE C 341 -7.48 -31.65 -39.97
N ASP C 342 -8.15 -30.61 -40.45
CA ASP C 342 -8.92 -30.70 -41.68
C ASP C 342 -8.22 -30.05 -42.87
N PHE C 343 -7.32 -30.80 -43.50
CA PHE C 343 -6.59 -30.31 -44.67
C PHE C 343 -6.12 -31.43 -45.57
N ASN C 344 -5.78 -31.09 -46.80
CA ASN C 344 -5.15 -32.02 -47.73
C ASN C 344 -4.12 -31.30 -48.59
N GLU C 345 -3.43 -32.04 -49.46
CA GLU C 345 -2.41 -31.46 -50.31
C GLU C 345 -3.01 -30.42 -51.26
N GLU C 346 -4.25 -30.66 -51.66
CA GLU C 346 -4.97 -29.74 -52.55
C GLU C 346 -5.21 -28.39 -51.88
N LYS C 347 -5.69 -28.42 -50.64
CA LYS C 347 -6.00 -27.20 -49.90
C LYS C 347 -4.75 -26.33 -49.65
N ILE C 348 -3.66 -26.97 -49.26
CA ILE C 348 -2.42 -26.25 -48.93
C ILE C 348 -1.81 -25.54 -50.13
N VAL C 349 -1.63 -26.28 -51.22
CA VAL C 349 -0.96 -25.75 -52.41
C VAL C 349 -1.74 -24.64 -53.12
N ASN C 350 -3.06 -24.66 -52.97
CA ASN C 350 -3.91 -23.66 -53.62
C ASN C 350 -3.82 -22.29 -52.96
N ILE C 351 -3.67 -22.28 -51.64
CA ILE C 351 -3.59 -21.03 -50.89
C ILE C 351 -2.15 -20.50 -50.88
N ALA C 352 -1.19 -21.40 -51.16
CA ALA C 352 0.21 -21.02 -51.23
C ALA C 352 0.47 -20.06 -52.40
N ARG C 353 -0.45 -20.07 -53.37
CA ARG C 353 -0.42 -19.11 -54.46
C ARG C 353 -0.63 -17.70 -53.91
N THR C 354 -1.58 -17.59 -52.99
CA THR C 354 -1.93 -16.31 -52.39
C THR C 354 -0.89 -15.87 -51.36
N GLU C 355 -0.47 -16.82 -50.53
CA GLU C 355 0.48 -16.53 -49.46
C GLU C 355 1.79 -15.97 -50.00
N ALA C 356 2.27 -16.52 -51.11
CA ALA C 356 3.50 -16.07 -51.72
C ALA C 356 3.34 -14.65 -52.31
N GLU C 357 2.18 -14.39 -52.89
CA GLU C 357 1.94 -13.14 -53.59
C GLU C 357 1.86 -11.95 -52.63
N LEU C 358 1.48 -12.20 -51.38
CA LEU C 358 1.37 -11.12 -50.41
C LEU C 358 2.54 -11.05 -49.41
N GLY C 359 3.64 -11.70 -49.76
CA GLY C 359 4.89 -11.48 -49.06
C GLY C 359 5.41 -12.58 -48.15
N ILE C 360 4.56 -13.54 -47.79
CA ILE C 360 4.96 -14.63 -46.90
C ILE C 360 6.21 -15.34 -47.41
N GLU C 361 7.09 -15.74 -46.49
CA GLU C 361 8.35 -16.35 -46.86
C GLU C 361 8.39 -17.85 -46.53
N LEU C 362 7.46 -18.29 -45.68
CA LEU C 362 7.49 -19.65 -45.19
C LEU C 362 6.08 -20.19 -44.89
N VAL C 363 5.82 -21.40 -45.37
CA VAL C 363 4.56 -22.07 -45.05
C VAL C 363 4.84 -23.26 -44.14
N VAL C 364 4.13 -23.32 -43.03
CA VAL C 364 4.36 -24.36 -42.03
C VAL C 364 3.23 -25.37 -42.00
N LEU C 365 3.55 -26.62 -42.33
CA LEU C 365 2.58 -27.70 -42.23
C LEU C 365 2.52 -28.17 -40.78
N ASP C 366 1.35 -28.06 -40.17
CA ASP C 366 1.21 -28.38 -38.75
C ASP C 366 0.70 -29.80 -38.52
N ASP C 367 0.08 -30.02 -37.36
CA ASP C 367 -0.38 -31.33 -36.95
C ASP C 367 -1.38 -31.93 -37.94
N GLY C 368 -1.27 -33.23 -38.18
CA GLY C 368 -2.25 -33.93 -39.00
C GLY C 368 -1.73 -34.52 -40.31
N TRP C 369 -0.42 -34.46 -40.51
CA TRP C 369 0.17 -34.93 -41.76
C TRP C 369 0.63 -36.38 -41.69
N PHE C 370 0.73 -36.91 -40.48
CA PHE C 370 1.31 -38.24 -40.26
C PHE C 370 0.28 -39.25 -39.78
N GLY C 371 0.56 -40.52 -40.04
CA GLY C 371 -0.27 -41.63 -39.58
C GLY C 371 -1.73 -41.50 -39.97
N GLU C 372 -2.58 -41.38 -38.95
CA GLU C 372 -4.00 -41.16 -39.16
C GLU C 372 -4.50 -40.01 -38.31
N ARG C 373 -3.69 -38.95 -38.23
CA ARG C 373 -4.03 -37.79 -37.42
C ARG C 373 -5.20 -36.99 -37.98
N ASP C 374 -6.41 -37.43 -37.65
CA ASP C 374 -7.61 -36.65 -37.92
C ASP C 374 -8.11 -36.09 -36.60
N ASP C 375 -7.62 -36.68 -35.52
CA ASP C 375 -7.92 -36.23 -34.17
C ASP C 375 -6.62 -35.89 -33.47
N ASP C 376 -6.71 -35.55 -32.19
CA ASP C 376 -5.54 -35.49 -31.33
C ASP C 376 -5.60 -36.69 -30.39
N ARG C 377 -5.96 -37.84 -30.95
CA ARG C 377 -6.24 -39.04 -30.16
C ARG C 377 -5.48 -40.28 -30.64
N ARG C 378 -4.60 -40.10 -31.64
CA ARG C 378 -3.88 -41.24 -32.20
C ARG C 378 -2.61 -40.86 -32.94
N SER C 379 -1.90 -41.88 -33.43
CA SER C 379 -0.82 -41.75 -34.41
C SER C 379 0.51 -41.15 -33.92
N LEU C 380 0.53 -40.53 -32.74
CA LEU C 380 1.77 -39.97 -32.21
C LEU C 380 2.81 -41.07 -32.02
N GLY C 381 3.95 -40.91 -32.69
CA GLY C 381 4.99 -41.94 -32.68
C GLY C 381 5.14 -42.58 -34.05
N ASP C 382 4.05 -42.61 -34.81
CA ASP C 382 4.07 -43.12 -36.17
C ASP C 382 4.34 -41.96 -37.13
N TRP C 383 5.61 -41.68 -37.36
CA TRP C 383 6.00 -40.51 -38.15
C TRP C 383 6.21 -40.83 -39.62
N ILE C 384 5.13 -41.26 -40.27
CA ILE C 384 5.11 -41.55 -41.69
C ILE C 384 3.97 -40.74 -42.30
N VAL C 385 4.19 -40.16 -43.48
CA VAL C 385 3.20 -39.31 -44.12
C VAL C 385 1.88 -40.04 -44.39
N ASN C 386 0.77 -39.35 -44.13
CA ASN C 386 -0.54 -39.87 -44.47
C ASN C 386 -0.84 -39.66 -45.95
N ARG C 387 -0.93 -40.75 -46.70
CA ARG C 387 -1.13 -40.68 -48.14
C ARG C 387 -2.54 -40.26 -48.53
N ARG C 388 -3.49 -40.46 -47.61
CA ARG C 388 -4.87 -40.06 -47.83
C ARG C 388 -4.95 -38.54 -47.89
N LYS C 389 -4.15 -37.87 -47.05
CA LYS C 389 -4.12 -36.42 -47.00
C LYS C 389 -3.09 -35.85 -47.98
N LEU C 390 -1.90 -36.45 -48.01
CA LEU C 390 -0.84 -36.00 -48.91
C LEU C 390 -0.41 -37.13 -49.84
N PRO C 391 -1.09 -37.28 -50.99
CA PRO C 391 -0.81 -38.33 -51.96
C PRO C 391 0.63 -38.33 -52.44
N ASN C 392 1.24 -37.14 -52.54
CA ASN C 392 2.61 -37.02 -53.03
C ASN C 392 3.62 -36.92 -51.90
N GLY C 393 3.16 -37.17 -50.68
CA GLY C 393 4.03 -37.14 -49.51
C GLY C 393 4.57 -35.76 -49.19
N LEU C 394 5.59 -35.72 -48.34
CA LEU C 394 6.22 -34.46 -47.95
C LEU C 394 7.02 -33.88 -49.10
N ASP C 395 7.67 -34.76 -49.86
CA ASP C 395 8.50 -34.33 -50.98
C ASP C 395 7.65 -33.62 -52.05
N GLY C 396 6.44 -34.12 -52.26
CA GLY C 396 5.55 -33.55 -53.24
C GLY C 396 5.03 -32.20 -52.84
N LEU C 397 4.66 -32.07 -51.57
CA LEU C 397 4.11 -30.82 -51.05
C LEU C 397 5.18 -29.74 -50.95
N ALA C 398 6.40 -30.16 -50.61
CA ALA C 398 7.51 -29.23 -50.42
C ALA C 398 7.97 -28.59 -51.72
N LYS C 399 8.04 -29.39 -52.79
CA LYS C 399 8.53 -28.90 -54.08
C LYS C 399 7.56 -27.95 -54.76
N GLN C 400 6.26 -28.21 -54.61
CA GLN C 400 5.24 -27.31 -55.14
C GLN C 400 5.31 -25.97 -54.42
N VAL C 401 5.54 -26.02 -53.12
CA VAL C 401 5.67 -24.83 -52.29
C VAL C 401 6.95 -24.05 -52.64
N ASN C 402 8.06 -24.77 -52.77
CA ASN C 402 9.35 -24.16 -53.09
C ASN C 402 9.35 -23.35 -54.38
N GLU C 403 8.77 -23.91 -55.44
CA GLU C 403 8.80 -23.26 -56.75
C GLU C 403 7.91 -22.03 -56.80
N LEU C 404 7.08 -21.86 -55.77
CA LEU C 404 6.28 -20.64 -55.64
C LEU C 404 7.09 -19.56 -54.94
N GLY C 405 8.28 -19.94 -54.48
CA GLY C 405 9.17 -19.00 -53.81
C GLY C 405 8.95 -18.98 -52.30
N LEU C 406 8.47 -20.11 -51.76
CA LEU C 406 8.18 -20.23 -50.34
C LEU C 406 9.00 -21.35 -49.70
N GLN C 407 9.49 -21.10 -48.48
CA GLN C 407 10.15 -22.15 -47.71
C GLN C 407 9.09 -23.12 -47.20
N PHE C 408 9.52 -24.33 -46.85
CA PHE C 408 8.59 -25.34 -46.33
C PHE C 408 8.98 -25.80 -44.94
N GLY C 409 8.02 -25.76 -44.01
CA GLY C 409 8.27 -26.15 -42.63
C GLY C 409 7.34 -27.26 -42.16
N LEU C 410 7.74 -27.93 -41.08
CA LEU C 410 7.00 -29.11 -40.60
C LEU C 410 6.87 -29.14 -39.07
N TRP C 411 5.76 -29.73 -38.60
CA TRP C 411 5.47 -29.87 -37.18
C TRP C 411 5.72 -31.31 -36.75
N VAL C 412 6.39 -31.49 -35.60
CA VAL C 412 6.57 -32.80 -35.00
C VAL C 412 6.45 -32.75 -33.48
N GLU C 413 6.08 -33.88 -32.88
CA GLU C 413 6.04 -34.01 -31.42
C GLU C 413 6.73 -35.31 -31.02
N PRO C 414 8.06 -35.39 -31.23
CA PRO C 414 8.83 -36.63 -31.15
C PRO C 414 8.96 -37.23 -29.75
N GLU C 415 8.54 -36.50 -28.73
CA GLU C 415 8.67 -37.00 -27.36
C GLU C 415 7.43 -37.77 -26.93
N MET C 416 6.42 -37.80 -27.79
CA MET C 416 5.13 -38.38 -27.42
C MET C 416 4.76 -39.62 -28.21
N VAL C 417 3.92 -40.46 -27.59
CA VAL C 417 3.38 -41.65 -28.23
C VAL C 417 1.90 -41.82 -27.87
N SER C 418 1.09 -42.11 -28.88
CA SER C 418 -0.32 -42.37 -28.65
C SER C 418 -0.54 -43.85 -28.38
N PRO C 419 -1.42 -44.16 -27.40
CA PRO C 419 -1.81 -45.54 -27.14
C PRO C 419 -2.32 -46.22 -28.41
N ASN C 420 -3.06 -45.47 -29.22
CA ASN C 420 -3.50 -45.96 -30.53
C ASN C 420 -2.48 -45.61 -31.62
N SER C 421 -1.41 -46.40 -31.70
CA SER C 421 -0.37 -46.19 -32.69
C SER C 421 0.43 -47.47 -32.90
N GLU C 422 1.14 -47.54 -34.01
CA GLU C 422 1.98 -48.70 -34.32
C GLU C 422 3.13 -48.83 -33.32
N LEU C 423 3.70 -47.70 -32.93
CA LEU C 423 4.83 -47.68 -32.01
C LEU C 423 4.47 -48.26 -30.64
N TYR C 424 3.31 -47.88 -30.12
CA TYR C 424 2.88 -48.33 -28.80
C TYR C 424 2.49 -49.80 -28.80
N ARG C 425 1.91 -50.26 -29.91
CA ARG C 425 1.54 -51.66 -30.06
C ARG C 425 2.78 -52.55 -30.16
N LYS C 426 3.87 -52.00 -30.69
CA LYS C 426 5.11 -52.74 -30.79
C LYS C 426 6.00 -52.58 -29.56
N HIS C 427 5.96 -51.39 -28.97
CA HIS C 427 6.80 -51.09 -27.80
C HIS C 427 6.03 -50.39 -26.68
N PRO C 428 5.16 -51.14 -25.97
CA PRO C 428 4.37 -50.53 -24.89
C PRO C 428 5.19 -50.23 -23.64
N ASP C 429 6.42 -50.75 -23.58
CA ASP C 429 7.27 -50.50 -22.42
C ASP C 429 8.21 -49.33 -22.65
N TRP C 430 8.07 -48.67 -23.81
CA TRP C 430 8.92 -47.54 -24.16
C TRP C 430 8.44 -46.22 -23.57
N CYS C 431 7.28 -46.24 -22.94
CA CYS C 431 6.72 -45.02 -22.35
C CYS C 431 7.14 -44.88 -20.89
N LEU C 432 7.03 -43.67 -20.36
CA LEU C 432 7.23 -43.46 -18.93
C LEU C 432 6.09 -44.12 -18.17
N HIS C 433 6.43 -45.04 -17.28
CA HIS C 433 5.42 -45.76 -16.51
C HIS C 433 6.01 -46.38 -15.25
N VAL C 434 5.14 -46.90 -14.41
CA VAL C 434 5.55 -47.64 -13.22
C VAL C 434 4.75 -48.95 -13.13
N PRO C 435 5.34 -49.99 -12.52
CA PRO C 435 4.71 -51.32 -12.44
C PRO C 435 3.29 -51.32 -11.87
N ASN C 436 2.37 -51.96 -12.58
CA ASN C 436 1.02 -52.25 -12.10
C ASN C 436 0.14 -51.04 -11.78
N ARG C 437 0.47 -49.89 -12.35
CA ARG C 437 -0.34 -48.69 -12.16
C ARG C 437 -0.97 -48.25 -13.47
N PRO C 438 -2.16 -47.65 -13.38
CA PRO C 438 -2.79 -47.08 -14.58
C PRO C 438 -1.88 -46.04 -15.21
N ARG C 439 -1.86 -46.00 -16.53
CA ARG C 439 -1.01 -45.04 -17.24
C ARG C 439 -1.81 -43.81 -17.64
N SER C 440 -1.64 -42.75 -16.86
CA SER C 440 -2.38 -41.50 -17.06
C SER C 440 -2.07 -40.88 -18.41
N GLU C 441 -3.07 -40.28 -19.03
CA GLU C 441 -2.91 -39.66 -20.34
C GLU C 441 -3.26 -38.18 -20.30
N GLY C 442 -2.45 -37.37 -20.99
CA GLY C 442 -2.76 -35.98 -21.20
C GLY C 442 -2.93 -35.77 -22.68
N ARG C 443 -4.08 -35.24 -23.08
CA ARG C 443 -4.45 -35.12 -24.49
C ARG C 443 -4.36 -36.47 -25.19
N ASN C 444 -4.82 -37.51 -24.51
CA ASN C 444 -4.85 -38.88 -25.04
C ASN C 444 -3.51 -39.41 -25.54
N GLN C 445 -2.42 -38.99 -24.90
CA GLN C 445 -1.09 -39.45 -25.31
C GLN C 445 -0.21 -39.78 -24.11
N LEU C 446 0.87 -40.52 -24.35
CA LEU C 446 1.79 -40.90 -23.30
C LEU C 446 3.17 -40.31 -23.57
N VAL C 447 4.04 -40.35 -22.57
CA VAL C 447 5.38 -39.78 -22.70
C VAL C 447 6.43 -40.87 -22.96
N LEU C 448 7.23 -40.68 -24.01
CA LEU C 448 8.30 -41.63 -24.34
C LEU C 448 9.45 -41.56 -23.35
N ASP C 449 10.03 -42.71 -23.04
CA ASP C 449 11.09 -42.80 -22.03
C ASP C 449 12.44 -42.43 -22.63
N TYR C 450 12.76 -41.14 -22.61
CA TYR C 450 14.01 -40.64 -23.17
C TYR C 450 15.22 -40.91 -22.28
N SER C 451 15.02 -41.63 -21.18
CA SER C 451 16.13 -42.04 -20.35
C SER C 451 16.77 -43.30 -20.95
N ARG C 452 16.03 -43.95 -21.83
CA ARG C 452 16.49 -45.16 -22.51
C ARG C 452 17.21 -44.84 -23.81
N GLU C 453 18.33 -45.53 -24.04
CA GLU C 453 19.13 -45.31 -25.24
C GLU C 453 18.40 -45.80 -26.51
N ASP C 454 17.72 -46.94 -26.41
CA ASP C 454 17.01 -47.48 -27.56
C ASP C 454 15.86 -46.59 -28.02
N VAL C 455 15.20 -45.94 -27.06
CA VAL C 455 14.12 -45.01 -27.38
C VAL C 455 14.67 -43.75 -28.04
N CYS C 456 15.77 -43.24 -27.50
CA CYS C 456 16.42 -42.05 -28.07
C CYS C 456 16.95 -42.30 -29.47
N ASP C 457 17.73 -43.38 -29.61
CA ASP C 457 18.32 -43.74 -30.90
C ASP C 457 17.25 -43.91 -31.97
N TYR C 458 16.11 -44.50 -31.60
CA TYR C 458 14.99 -44.65 -32.51
C TYR C 458 14.47 -43.30 -32.99
N ILE C 459 14.25 -42.39 -32.04
CA ILE C 459 13.72 -41.07 -32.35
C ILE C 459 14.66 -40.26 -33.23
N ILE C 460 15.95 -40.28 -32.89
CA ILE C 460 16.97 -39.59 -33.68
C ILE C 460 16.94 -40.07 -35.13
N GLU C 461 16.87 -41.38 -35.30
CA GLU C 461 16.88 -41.96 -36.64
C GLU C 461 15.58 -41.72 -37.38
N THR C 462 14.45 -41.92 -36.70
CA THR C 462 13.13 -41.80 -37.32
C THR C 462 12.84 -40.37 -37.78
N ILE C 463 13.15 -39.40 -36.91
CA ILE C 463 12.91 -37.99 -37.22
C ILE C 463 13.84 -37.50 -38.33
N SER C 464 15.12 -37.90 -38.24
CA SER C 464 16.12 -37.50 -39.22
C SER C 464 15.75 -38.00 -40.61
N ASN C 465 15.14 -39.19 -40.68
CA ASN C 465 14.68 -39.74 -41.95
C ASN C 465 13.50 -38.95 -42.53
N VAL C 466 12.64 -38.45 -41.66
CA VAL C 466 11.53 -37.60 -42.08
C VAL C 466 12.05 -36.26 -42.57
N LEU C 467 13.00 -35.70 -41.82
CA LEU C 467 13.56 -34.39 -42.13
C LEU C 467 14.41 -34.41 -43.40
N ALA C 468 14.82 -35.60 -43.82
CA ALA C 468 15.66 -35.74 -45.01
C ALA C 468 14.84 -36.14 -46.25
N SER C 469 13.56 -36.42 -46.05
CA SER C 469 12.70 -36.90 -47.13
C SER C 469 12.10 -35.78 -47.97
N ALA C 470 12.38 -34.53 -47.59
CA ALA C 470 11.84 -33.38 -48.31
C ALA C 470 12.67 -32.13 -48.02
N PRO C 471 12.66 -31.16 -48.95
CA PRO C 471 13.34 -29.89 -48.69
C PRO C 471 12.65 -29.09 -47.59
N ILE C 472 12.94 -29.45 -46.35
CA ILE C 472 12.34 -28.81 -45.20
C ILE C 472 13.37 -27.93 -44.51
N THR C 473 13.03 -26.65 -44.34
CA THR C 473 13.98 -25.67 -43.80
C THR C 473 13.57 -25.13 -42.44
N TYR C 474 12.47 -25.66 -41.90
CA TYR C 474 11.93 -25.19 -40.65
C TYR C 474 11.19 -26.30 -39.92
N VAL C 475 11.45 -26.46 -38.62
CA VAL C 475 10.78 -27.48 -37.84
C VAL C 475 10.18 -26.88 -36.56
N LYS C 476 8.91 -27.22 -36.31
CA LYS C 476 8.23 -26.83 -35.08
C LYS C 476 8.18 -28.03 -34.13
N TRP C 477 9.06 -28.03 -33.14
CA TRP C 477 9.18 -29.12 -32.19
C TRP C 477 8.23 -28.91 -31.02
N ASP C 478 7.15 -29.70 -30.98
CA ASP C 478 6.11 -29.49 -29.99
C ASP C 478 6.11 -30.56 -28.89
N MET C 479 5.46 -30.23 -27.77
CA MET C 479 5.25 -31.18 -26.68
C MET C 479 4.03 -30.75 -25.87
N ASN C 480 2.97 -31.56 -25.91
CA ASN C 480 1.67 -31.12 -25.40
C ASN C 480 1.14 -31.92 -24.21
N ARG C 481 2.01 -32.22 -23.25
CA ARG C 481 1.62 -33.00 -22.09
C ARG C 481 2.69 -32.90 -21.00
N HIS C 482 2.28 -33.09 -19.75
CA HIS C 482 3.23 -33.17 -18.64
C HIS C 482 3.28 -34.57 -18.07
N MET C 483 4.46 -35.00 -17.63
CA MET C 483 4.68 -36.40 -17.27
C MET C 483 4.09 -36.83 -15.92
N THR C 484 3.42 -37.97 -15.92
CA THR C 484 2.94 -38.61 -14.71
C THR C 484 3.43 -40.05 -14.68
N GLU C 485 3.33 -40.69 -13.52
CA GLU C 485 3.85 -42.06 -13.33
C GLU C 485 5.29 -42.14 -13.81
N ILE C 486 6.14 -41.28 -13.27
CA ILE C 486 7.52 -41.19 -13.71
C ILE C 486 8.34 -42.41 -13.29
N GLY C 487 8.74 -43.21 -14.27
CA GLY C 487 9.54 -44.39 -14.03
C GLY C 487 10.08 -44.97 -15.32
N SER C 488 11.11 -45.82 -15.20
CA SER C 488 11.74 -46.43 -16.36
C SER C 488 11.95 -47.93 -16.16
N SER C 489 11.64 -48.71 -17.19
CA SER C 489 11.81 -50.16 -17.14
C SER C 489 13.30 -50.53 -17.16
N ALA C 490 14.11 -49.65 -17.75
CA ALA C 490 15.53 -49.91 -17.91
C ALA C 490 16.38 -49.36 -16.77
N LEU C 491 15.74 -49.07 -15.64
CA LEU C 491 16.46 -48.56 -14.47
C LEU C 491 16.21 -49.41 -13.23
N PRO C 492 17.26 -49.62 -12.42
CA PRO C 492 17.13 -50.32 -11.13
C PRO C 492 16.30 -49.49 -10.16
N PRO C 493 15.74 -50.13 -9.11
CA PRO C 493 14.88 -49.44 -8.14
C PRO C 493 15.56 -48.24 -7.48
N GLU C 494 16.83 -48.38 -7.12
CA GLU C 494 17.53 -47.31 -6.40
C GLU C 494 17.93 -46.14 -7.31
N ARG C 495 17.45 -46.16 -8.56
CA ARG C 495 17.72 -45.09 -9.51
C ARG C 495 16.43 -44.60 -10.17
N GLN C 496 15.29 -45.04 -9.66
CA GLN C 496 14.01 -44.69 -10.27
C GLN C 496 13.72 -43.19 -10.24
N ARG C 497 14.22 -42.49 -9.22
CA ARG C 497 13.97 -41.07 -9.08
C ARG C 497 14.92 -40.21 -9.90
N GLU C 498 15.69 -40.86 -10.77
CA GLU C 498 16.58 -40.16 -11.68
C GLU C 498 15.93 -40.04 -13.06
N THR C 499 14.76 -40.68 -13.19
CA THR C 499 14.08 -40.78 -14.47
C THR C 499 13.79 -39.43 -15.11
N ALA C 500 13.24 -38.51 -14.31
CA ALA C 500 12.84 -37.20 -14.82
C ALA C 500 14.01 -36.39 -15.39
N HIS C 501 15.16 -36.44 -14.71
CA HIS C 501 16.32 -35.72 -15.19
C HIS C 501 17.02 -36.48 -16.32
N ARG C 502 17.06 -37.81 -16.21
CA ARG C 502 17.61 -38.65 -17.26
C ARG C 502 16.81 -38.47 -18.54
N TYR C 503 15.51 -38.23 -18.38
CA TYR C 503 14.64 -37.91 -19.52
C TYR C 503 15.14 -36.65 -20.21
N MET C 504 15.36 -35.61 -19.42
CA MET C 504 15.80 -34.33 -19.95
C MET C 504 17.18 -34.43 -20.61
N LEU C 505 18.09 -35.18 -19.97
CA LEU C 505 19.41 -35.42 -20.51
C LEU C 505 19.32 -36.12 -21.86
N GLY C 506 18.39 -37.06 -21.97
CA GLY C 506 18.17 -37.79 -23.20
C GLY C 506 17.60 -36.90 -24.29
N LEU C 507 16.67 -36.03 -23.94
CA LEU C 507 16.07 -35.11 -24.89
C LEU C 507 17.09 -34.10 -25.41
N TYR C 508 17.99 -33.67 -24.52
CA TYR C 508 19.05 -32.74 -24.90
C TYR C 508 20.00 -33.37 -25.91
N ARG C 509 20.31 -34.65 -25.70
CA ARG C 509 21.12 -35.42 -26.64
C ARG C 509 20.41 -35.58 -27.98
N VAL C 510 19.13 -35.93 -27.93
CA VAL C 510 18.31 -36.12 -29.12
C VAL C 510 18.22 -34.84 -29.96
N MET C 511 17.95 -33.72 -29.30
CA MET C 511 17.84 -32.44 -29.98
C MET C 511 19.17 -32.01 -30.56
N ASP C 512 20.25 -32.35 -29.87
CA ASP C 512 21.59 -31.94 -30.29
C ASP C 512 21.99 -32.64 -31.58
N GLU C 513 21.73 -33.94 -31.66
CA GLU C 513 22.12 -34.71 -32.83
C GLU C 513 21.26 -34.40 -34.06
N ILE C 514 19.97 -34.17 -33.85
CA ILE C 514 19.07 -33.85 -34.95
C ILE C 514 19.36 -32.45 -35.53
N THR C 515 19.60 -31.48 -34.67
CA THR C 515 19.92 -30.13 -35.13
C THR C 515 21.28 -30.11 -35.84
N SER C 516 22.18 -30.98 -35.41
CA SER C 516 23.51 -31.06 -36.02
C SER C 516 23.48 -31.78 -37.37
N ARG C 517 22.51 -32.66 -37.56
CA ARG C 517 22.37 -33.35 -38.83
C ARG C 517 21.71 -32.45 -39.88
N PHE C 518 21.09 -31.36 -39.43
CA PHE C 518 20.40 -30.45 -40.33
C PHE C 518 20.70 -28.99 -40.00
N PRO C 519 21.88 -28.51 -40.40
CA PRO C 519 22.32 -27.14 -40.13
C PRO C 519 21.53 -26.08 -40.90
N HIS C 520 20.81 -26.50 -41.92
CA HIS C 520 20.06 -25.55 -42.75
C HIS C 520 18.60 -25.42 -42.30
N ILE C 521 18.25 -26.11 -41.23
CA ILE C 521 16.87 -26.05 -40.74
C ILE C 521 16.73 -25.14 -39.53
N LEU C 522 15.76 -24.23 -39.60
CA LEU C 522 15.42 -23.38 -38.46
C LEU C 522 14.52 -24.15 -37.49
N PHE C 523 14.98 -24.27 -36.25
CA PHE C 523 14.21 -25.01 -35.24
C PHE C 523 13.51 -24.07 -34.26
N GLU C 524 12.18 -24.19 -34.21
CA GLU C 524 11.39 -23.44 -33.24
C GLU C 524 10.76 -24.41 -32.24
N SER C 525 11.20 -24.34 -30.99
CA SER C 525 10.63 -25.17 -29.94
C SER C 525 9.22 -24.70 -29.57
N CYS C 526 8.43 -25.61 -29.02
CA CYS C 526 7.06 -25.32 -28.66
C CYS C 526 6.58 -26.31 -27.61
N SER C 527 5.62 -25.88 -26.80
CA SER C 527 5.02 -26.76 -25.80
C SER C 527 3.64 -26.27 -25.43
N GLY C 528 2.66 -26.56 -26.29
CA GLY C 528 1.31 -26.05 -26.13
C GLY C 528 1.35 -24.53 -25.98
N GLY C 529 2.25 -23.90 -26.72
CA GLY C 529 2.56 -22.50 -26.51
C GLY C 529 3.91 -22.37 -25.85
N GLY C 530 4.00 -21.54 -24.81
CA GLY C 530 5.26 -21.28 -24.15
C GLY C 530 5.49 -22.14 -22.93
N GLY C 531 5.12 -23.41 -23.02
CA GLY C 531 5.28 -24.34 -21.91
C GLY C 531 6.72 -24.65 -21.58
N ARG C 532 7.63 -24.36 -22.50
CA ARG C 532 9.05 -24.62 -22.28
C ARG C 532 9.91 -23.44 -22.72
N PHE C 533 9.39 -22.24 -22.51
CA PHE C 533 10.16 -21.05 -22.84
C PHE C 533 11.22 -20.81 -21.76
N ASP C 534 12.29 -21.60 -21.82
CA ASP C 534 13.39 -21.51 -20.87
C ASP C 534 14.72 -21.42 -21.61
N PRO C 535 15.79 -20.98 -20.92
CA PRO C 535 17.12 -20.88 -21.54
C PRO C 535 17.64 -22.21 -22.08
N GLY C 536 17.27 -23.31 -21.45
CA GLY C 536 17.74 -24.62 -21.85
C GLY C 536 17.32 -24.99 -23.27
N MET C 537 16.08 -24.65 -23.62
CA MET C 537 15.56 -24.92 -24.96
C MET C 537 16.15 -23.98 -26.00
N LEU C 538 16.46 -22.76 -25.59
CA LEU C 538 16.98 -21.75 -26.50
C LEU C 538 18.32 -22.16 -27.11
N TYR C 539 19.10 -22.91 -26.32
CA TYR C 539 20.42 -23.37 -26.72
C TYR C 539 20.34 -24.33 -27.91
N TYR C 540 19.19 -24.98 -28.06
CA TYR C 540 19.03 -25.96 -29.13
C TYR C 540 18.16 -25.41 -30.25
N MET C 541 17.19 -24.59 -29.88
CA MET C 541 16.27 -24.00 -30.85
C MET C 541 16.14 -22.50 -30.61
N PRO C 542 16.71 -21.70 -31.53
CA PRO C 542 16.89 -20.25 -31.38
C PRO C 542 15.60 -19.43 -31.31
N GLN C 543 14.45 -20.08 -31.40
CA GLN C 543 13.17 -19.39 -31.21
C GLN C 543 12.09 -20.31 -30.65
N THR C 544 11.02 -19.72 -30.13
CA THR C 544 10.00 -20.47 -29.42
C THR C 544 8.61 -19.88 -29.70
N TRP C 545 7.61 -20.75 -29.74
CA TRP C 545 6.21 -20.32 -29.84
C TRP C 545 5.77 -19.86 -28.46
N THR C 546 5.47 -18.57 -28.33
CA THR C 546 5.33 -17.92 -27.03
C THR C 546 4.06 -18.32 -26.28
N SER C 547 2.94 -18.42 -26.99
CA SER C 547 1.68 -18.81 -26.38
C SER C 547 0.68 -19.25 -27.43
N ASN C 548 -0.15 -20.23 -27.08
CA ASN C 548 -1.24 -20.65 -27.95
C ASN C 548 -2.35 -19.61 -27.95
N ASN C 549 -2.29 -18.68 -27.00
CA ASN C 549 -3.19 -17.55 -26.96
C ASN C 549 -2.70 -16.47 -27.92
N THR C 550 -3.38 -16.34 -29.04
CA THR C 550 -2.96 -15.40 -30.08
C THR C 550 -3.85 -14.16 -30.09
N ASP C 551 -4.49 -13.89 -28.96
CA ASP C 551 -5.28 -12.67 -28.81
C ASP C 551 -4.35 -11.49 -28.58
N ALA C 552 -4.54 -10.43 -29.38
CA ALA C 552 -3.68 -9.25 -29.34
C ALA C 552 -3.59 -8.61 -27.96
N VAL C 553 -4.74 -8.49 -27.30
CA VAL C 553 -4.78 -7.90 -25.95
C VAL C 553 -4.14 -8.82 -24.93
N SER C 554 -4.51 -10.09 -24.95
CA SER C 554 -3.91 -11.09 -24.06
C SER C 554 -2.40 -11.19 -24.28
N ARG C 555 -1.97 -11.03 -25.52
CA ARG C 555 -0.56 -11.13 -25.87
C ARG C 555 0.26 -9.96 -25.31
N LEU C 556 -0.43 -8.87 -25.00
CA LEU C 556 0.24 -7.72 -24.38
C LEU C 556 0.95 -8.16 -23.10
N LYS C 557 0.19 -8.73 -22.17
CA LYS C 557 0.76 -9.23 -20.91
C LYS C 557 1.79 -10.32 -21.13
N ILE C 558 1.45 -11.30 -21.99
CA ILE C 558 2.32 -12.44 -22.24
C ILE C 558 3.67 -12.03 -22.81
N GLN C 559 3.66 -11.23 -23.87
CA GLN C 559 4.89 -10.77 -24.49
C GLN C 559 5.68 -9.82 -23.59
N TYR C 560 4.98 -8.94 -22.88
CA TYR C 560 5.61 -8.04 -21.92
C TYR C 560 6.37 -8.85 -20.87
N GLY C 561 5.67 -9.83 -20.29
CA GLY C 561 6.27 -10.69 -19.29
C GLY C 561 7.42 -11.51 -19.85
N THR C 562 7.24 -12.02 -21.07
CA THR C 562 8.24 -12.85 -21.72
C THR C 562 9.54 -12.09 -21.95
N SER C 563 9.42 -10.82 -22.32
CA SER C 563 10.57 -9.98 -22.66
C SER C 563 11.47 -9.69 -21.46
N LEU C 564 10.99 -10.00 -20.26
CA LEU C 564 11.76 -9.75 -19.05
C LEU C 564 13.06 -10.55 -19.03
N VAL C 565 13.04 -11.74 -19.63
CA VAL C 565 14.22 -12.59 -19.65
C VAL C 565 14.67 -12.93 -21.07
N TYR C 566 13.71 -13.17 -21.95
CA TYR C 566 14.01 -13.71 -23.28
C TYR C 566 13.94 -12.66 -24.39
N PRO C 567 14.90 -12.72 -25.33
CA PRO C 567 15.02 -11.75 -26.43
C PRO C 567 13.88 -11.85 -27.43
N ILE C 568 13.56 -10.73 -28.07
CA ILE C 568 12.45 -10.64 -29.01
C ILE C 568 12.62 -11.62 -30.17
N SER C 569 13.87 -11.87 -30.55
CA SER C 569 14.18 -12.73 -31.69
C SER C 569 13.63 -14.15 -31.51
N ALA C 570 13.55 -14.60 -30.27
CA ALA C 570 13.08 -15.95 -29.98
C ALA C 570 11.59 -15.98 -29.67
N MET C 571 10.96 -14.81 -29.65
CA MET C 571 9.57 -14.68 -29.21
C MET C 571 8.59 -14.72 -30.38
N GLY C 572 8.14 -15.92 -30.75
CA GLY C 572 7.20 -16.09 -31.84
C GLY C 572 5.90 -15.35 -31.62
N ALA C 573 5.34 -14.78 -32.69
CA ALA C 573 4.12 -14.00 -32.60
C ALA C 573 3.37 -13.99 -33.93
N HIS C 574 2.16 -14.55 -33.93
CA HIS C 574 1.38 -14.68 -35.16
C HIS C 574 0.09 -13.85 -35.13
N VAL C 575 -0.39 -13.47 -36.31
CA VAL C 575 -1.66 -12.77 -36.42
C VAL C 575 -2.77 -13.78 -36.69
N SER C 576 -3.80 -13.77 -35.85
CA SER C 576 -4.87 -14.75 -35.95
C SER C 576 -6.22 -14.12 -36.28
N ALA C 577 -7.23 -14.97 -36.52
CA ALA C 577 -8.56 -14.52 -36.89
C ALA C 577 -9.33 -14.01 -35.68
N VAL C 578 -10.43 -13.31 -35.94
CA VAL C 578 -11.31 -12.82 -34.88
C VAL C 578 -12.78 -13.08 -35.25
N PRO C 579 -13.63 -13.40 -34.27
CA PRO C 579 -13.42 -13.53 -32.82
C PRO C 579 -12.34 -14.55 -32.45
N ASN C 580 -11.42 -14.15 -31.58
CA ASN C 580 -10.26 -14.97 -31.23
C ASN C 580 -10.62 -16.37 -30.75
N HIS C 581 -9.81 -17.35 -31.13
CA HIS C 581 -10.10 -18.76 -30.86
C HIS C 581 -9.95 -19.14 -29.39
N GLN C 582 -9.31 -18.27 -28.61
CA GLN C 582 -9.06 -18.57 -27.20
C GLN C 582 -9.96 -17.79 -26.25
N VAL C 583 -10.30 -16.55 -26.60
CA VAL C 583 -11.09 -15.70 -25.69
C VAL C 583 -12.32 -15.10 -26.33
N GLY C 584 -12.42 -15.18 -27.66
CA GLY C 584 -13.56 -14.64 -28.37
C GLY C 584 -13.56 -13.12 -28.42
N ARG C 585 -12.39 -12.52 -28.20
CA ARG C 585 -12.25 -11.07 -28.26
C ARG C 585 -12.09 -10.61 -29.70
N VAL C 586 -12.75 -9.51 -30.04
CA VAL C 586 -12.69 -8.99 -31.39
C VAL C 586 -11.83 -7.72 -31.45
N ALA C 587 -10.59 -7.88 -31.92
CA ALA C 587 -9.69 -6.76 -32.09
C ALA C 587 -9.40 -6.56 -33.58
N SER C 588 -9.02 -5.34 -33.94
CA SER C 588 -8.75 -5.00 -35.34
C SER C 588 -7.49 -5.68 -35.86
N LEU C 589 -7.36 -5.70 -37.18
CA LEU C 589 -6.20 -6.31 -37.84
C LEU C 589 -4.95 -5.48 -37.61
N LYS C 590 -5.10 -4.16 -37.57
CA LYS C 590 -3.96 -3.28 -37.32
C LYS C 590 -3.39 -3.52 -35.92
N THR C 591 -4.28 -3.67 -34.94
CA THR C 591 -3.87 -3.92 -33.56
C THR C 591 -3.14 -5.26 -33.44
N ARG C 592 -3.73 -6.31 -34.01
CA ARG C 592 -3.12 -7.64 -33.99
C ARG C 592 -1.74 -7.65 -34.65
N GLY C 593 -1.62 -6.94 -35.76
CA GLY C 593 -0.35 -6.84 -36.46
C GLY C 593 0.70 -6.15 -35.62
N HIS C 594 0.32 -5.02 -35.02
CA HIS C 594 1.21 -4.24 -34.17
C HIS C 594 1.74 -5.05 -32.97
N VAL C 595 0.89 -5.90 -32.41
CA VAL C 595 1.31 -6.77 -31.32
C VAL C 595 2.28 -7.82 -31.82
N ALA C 596 1.92 -8.47 -32.91
CA ALA C 596 2.74 -9.54 -33.49
C ALA C 596 4.07 -9.03 -34.05
N MET C 597 4.06 -7.80 -34.56
CA MET C 597 5.29 -7.18 -35.09
C MET C 597 6.24 -6.75 -33.97
N SER C 598 5.80 -6.92 -32.73
CA SER C 598 6.63 -6.60 -31.58
C SER C 598 7.40 -7.85 -31.14
N GLY C 599 7.27 -8.92 -31.92
CA GLY C 599 7.99 -10.15 -31.68
C GLY C 599 8.41 -10.78 -33.00
N ASN C 600 8.68 -12.08 -32.99
CA ASN C 600 8.95 -12.83 -34.21
C ASN C 600 7.66 -12.95 -35.02
N PHE C 601 7.56 -12.15 -36.08
CA PHE C 601 6.30 -11.95 -36.78
C PHE C 601 5.94 -13.11 -37.71
N GLY C 602 4.67 -13.47 -37.71
CA GLY C 602 4.16 -14.54 -38.57
C GLY C 602 2.64 -14.49 -38.65
N TYR C 603 2.05 -15.48 -39.30
CA TYR C 603 0.59 -15.54 -39.43
C TYR C 603 0.04 -16.91 -39.07
N GLU C 604 -1.20 -16.93 -38.60
CA GLU C 604 -1.89 -18.16 -38.27
C GLU C 604 -3.40 -17.94 -38.33
N LEU C 605 -3.92 -17.88 -39.56
CA LEU C 605 -5.34 -17.68 -39.79
C LEU C 605 -5.70 -18.11 -41.21
N ASP C 606 -6.99 -18.12 -41.52
CA ASP C 606 -7.47 -18.55 -42.83
C ASP C 606 -7.55 -17.37 -43.80
N ILE C 607 -6.65 -17.34 -44.77
CA ILE C 607 -6.59 -16.24 -45.74
C ILE C 607 -7.80 -16.21 -46.66
N THR C 608 -8.33 -17.38 -46.98
CA THR C 608 -9.49 -17.50 -47.86
C THR C 608 -10.74 -16.83 -47.29
N LYS C 609 -10.75 -16.60 -45.98
CA LYS C 609 -11.89 -16.01 -45.31
C LYS C 609 -11.74 -14.49 -45.16
N LEU C 610 -10.58 -13.97 -45.57
CA LEU C 610 -10.30 -12.55 -45.44
C LEU C 610 -10.85 -11.74 -46.61
N THR C 611 -11.23 -10.50 -46.36
CA THR C 611 -11.73 -9.62 -47.40
C THR C 611 -10.57 -9.05 -48.21
N GLU C 612 -10.88 -8.41 -49.34
CA GLU C 612 -9.85 -7.86 -50.20
C GLU C 612 -9.12 -6.70 -49.54
N THR C 613 -9.87 -5.85 -48.84
CA THR C 613 -9.29 -4.75 -48.10
C THR C 613 -8.40 -5.24 -46.96
N GLU C 614 -8.74 -6.41 -46.41
CA GLU C 614 -7.94 -7.04 -45.36
C GLU C 614 -6.64 -7.62 -45.92
N LYS C 615 -6.72 -8.24 -47.09
CA LYS C 615 -5.55 -8.82 -47.75
C LYS C 615 -4.52 -7.74 -48.06
N GLN C 616 -4.99 -6.55 -48.42
CA GLN C 616 -4.10 -5.43 -48.74
C GLN C 616 -3.37 -4.92 -47.51
N MET C 617 -4.00 -5.07 -46.34
CA MET C 617 -3.35 -4.68 -45.10
C MET C 617 -2.25 -5.67 -44.74
N MET C 618 -2.52 -6.96 -44.95
CA MET C 618 -1.54 -8.01 -44.71
C MET C 618 -0.29 -7.77 -45.54
N LYS C 619 -0.49 -7.42 -46.80
CA LYS C 619 0.60 -7.11 -47.72
C LYS C 619 1.46 -5.98 -47.16
N GLN C 620 0.79 -4.96 -46.63
CA GLN C 620 1.48 -3.82 -46.02
C GLN C 620 2.14 -4.20 -44.71
N GLN C 621 1.47 -5.03 -43.91
CA GLN C 621 2.02 -5.51 -42.65
C GLN C 621 3.30 -6.32 -42.88
N VAL C 622 3.24 -7.22 -43.86
CA VAL C 622 4.40 -8.04 -44.21
C VAL C 622 5.55 -7.16 -44.72
N ALA C 623 5.20 -6.21 -45.59
CA ALA C 623 6.18 -5.28 -46.14
C ALA C 623 6.80 -4.41 -45.06
N PHE C 624 5.96 -3.88 -44.18
CA PHE C 624 6.41 -3.01 -43.09
C PHE C 624 7.37 -3.75 -42.16
N TYR C 625 7.01 -4.97 -41.80
CA TYR C 625 7.81 -5.75 -40.86
C TYR C 625 9.21 -6.02 -41.40
N LYS C 626 9.30 -6.30 -42.69
CA LYS C 626 10.60 -6.54 -43.34
C LYS C 626 11.51 -5.32 -43.23
N ASP C 627 10.92 -4.14 -43.32
CA ASP C 627 11.67 -2.89 -43.18
C ASP C 627 12.27 -2.70 -41.79
N VAL C 628 11.57 -3.23 -40.78
CA VAL C 628 11.97 -3.02 -39.39
C VAL C 628 12.31 -4.33 -38.67
N ARG C 629 12.35 -5.43 -39.40
CA ARG C 629 12.61 -6.75 -38.81
C ARG C 629 13.95 -6.81 -38.09
N ARG C 630 15.00 -6.31 -38.72
CA ARG C 630 16.33 -6.32 -38.12
C ARG C 630 16.34 -5.50 -36.83
N LEU C 631 15.64 -4.37 -36.84
CA LEU C 631 15.52 -3.53 -35.66
C LEU C 631 14.73 -4.23 -34.55
N VAL C 632 13.58 -4.79 -34.92
CA VAL C 632 12.73 -5.49 -33.96
C VAL C 632 13.42 -6.71 -33.35
N GLN C 633 14.01 -7.55 -34.19
CA GLN C 633 14.56 -8.82 -33.75
C GLN C 633 15.98 -8.74 -33.17
N PHE C 634 16.69 -7.63 -33.44
CA PHE C 634 18.08 -7.54 -33.03
C PHE C 634 18.46 -6.22 -32.35
N GLY C 635 17.50 -5.29 -32.26
CA GLY C 635 17.75 -4.02 -31.61
C GLY C 635 17.63 -4.09 -30.10
N THR C 636 17.78 -2.95 -29.44
CA THR C 636 17.65 -2.87 -27.99
C THR C 636 16.20 -2.62 -27.59
N PHE C 637 15.72 -3.41 -26.64
CA PHE C 637 14.31 -3.38 -26.25
C PHE C 637 14.07 -2.66 -24.91
N TYR C 638 13.11 -1.75 -24.91
CA TYR C 638 12.73 -1.00 -23.72
C TYR C 638 11.24 -1.12 -23.45
N ARG C 639 10.87 -1.51 -22.24
CA ARG C 639 9.47 -1.48 -21.82
C ARG C 639 9.13 -0.10 -21.25
N LEU C 640 8.04 0.50 -21.72
CA LEU C 640 7.67 1.85 -21.32
C LEU C 640 6.43 1.89 -20.40
N LEU C 641 5.38 1.18 -20.79
CA LEU C 641 4.15 1.14 -20.01
C LEU C 641 3.68 -0.30 -19.79
N SER C 642 3.39 -0.64 -18.55
CA SER C 642 3.02 -2.02 -18.21
C SER C 642 1.51 -2.26 -18.22
N PRO C 643 1.08 -3.32 -18.92
CA PRO C 643 -0.33 -3.72 -18.93
C PRO C 643 -0.72 -4.44 -17.64
N PHE C 644 0.27 -4.73 -16.80
CA PHE C 644 0.02 -5.30 -15.48
C PHE C 644 -0.28 -4.19 -14.47
N GLU C 645 -0.03 -2.96 -14.87
CA GLU C 645 -0.18 -1.83 -13.95
C GLU C 645 -1.28 -0.88 -14.38
N GLY C 646 -1.91 -1.15 -15.52
CA GLY C 646 -3.00 -0.30 -15.98
C GLY C 646 -3.58 -0.65 -17.34
N ASN C 647 -4.26 0.33 -17.93
CA ASN C 647 -5.02 0.14 -19.16
C ASN C 647 -4.14 0.23 -20.41
N GLU C 648 -2.86 0.52 -20.23
CA GLU C 648 -1.97 0.74 -21.35
C GLU C 648 -0.79 -0.22 -21.39
N ALA C 649 -0.21 -0.37 -22.58
CA ALA C 649 1.04 -1.08 -22.76
C ALA C 649 1.84 -0.38 -23.85
N ALA C 650 3.14 -0.19 -23.62
CA ALA C 650 3.99 0.46 -24.61
C ALA C 650 5.44 0.05 -24.44
N TRP C 651 6.11 -0.20 -25.57
CA TRP C 651 7.52 -0.55 -25.58
C TRP C 651 8.14 -0.02 -26.87
N MET C 652 9.47 -0.04 -26.95
CA MET C 652 10.15 0.41 -28.15
C MET C 652 11.46 -0.33 -28.44
N PHE C 653 11.85 -0.34 -29.71
CA PHE C 653 13.10 -0.97 -30.13
C PHE C 653 14.05 0.11 -30.62
N VAL C 654 15.30 0.08 -30.17
CA VAL C 654 16.28 1.08 -30.56
C VAL C 654 17.50 0.44 -31.20
N SER C 655 17.96 1.01 -32.31
CA SER C 655 19.17 0.53 -32.98
C SER C 655 20.38 0.65 -32.07
N ALA C 656 21.41 -0.15 -32.33
CA ALA C 656 22.59 -0.20 -31.48
C ALA C 656 23.39 1.11 -31.50
N ASP C 657 23.24 1.89 -32.56
CA ASP C 657 23.90 3.19 -32.66
C ASP C 657 22.93 4.32 -32.34
N ARG C 658 21.71 3.94 -31.94
CA ARG C 658 20.68 4.88 -31.51
C ARG C 658 20.22 5.84 -32.60
N SER C 659 20.41 5.45 -33.85
CA SER C 659 20.02 6.28 -34.98
C SER C 659 18.65 5.89 -35.52
N GLU C 660 18.21 4.68 -35.17
CA GLU C 660 16.92 4.17 -35.63
C GLU C 660 16.13 3.64 -34.44
N ALA C 661 14.83 3.87 -34.45
CA ALA C 661 13.96 3.38 -33.38
C ALA C 661 12.55 3.11 -33.86
N LEU C 662 11.82 2.29 -33.09
CA LEU C 662 10.44 1.95 -33.41
C LEU C 662 9.62 1.90 -32.13
N VAL C 663 8.51 2.62 -32.10
CA VAL C 663 7.70 2.76 -30.88
C VAL C 663 6.28 2.23 -31.06
N ALA C 664 5.86 1.38 -30.12
CA ALA C 664 4.49 0.85 -30.13
C ALA C 664 3.76 1.21 -28.84
N TYR C 665 2.48 1.59 -28.99
CA TYR C 665 1.64 1.96 -27.87
C TYR C 665 0.29 1.27 -28.00
N PHE C 666 -0.28 0.86 -26.87
CA PHE C 666 -1.56 0.16 -26.89
C PHE C 666 -2.43 0.62 -25.72
N ARG C 667 -3.69 0.90 -26.01
CA ARG C 667 -4.68 1.15 -24.96
C ARG C 667 -5.83 0.16 -25.07
N VAL C 668 -6.19 -0.47 -23.97
CA VAL C 668 -7.15 -1.57 -23.98
C VAL C 668 -8.60 -1.11 -23.92
N LEU C 669 -9.02 -0.57 -22.78
CA LEU C 669 -10.38 -0.10 -22.63
C LEU C 669 -10.47 1.41 -22.80
N ALA C 670 -11.36 1.85 -23.68
CA ALA C 670 -11.55 3.27 -23.90
C ALA C 670 -12.45 3.86 -22.82
N GLU C 671 -12.20 5.12 -22.48
CA GLU C 671 -13.10 5.82 -21.58
C GLU C 671 -13.57 7.12 -22.22
N ALA C 672 -14.83 7.48 -22.00
CA ALA C 672 -15.42 8.67 -22.58
C ALA C 672 -14.75 9.91 -22.01
N ASN C 673 -14.62 10.94 -22.85
CA ASN C 673 -14.12 12.24 -22.41
C ASN C 673 -12.80 12.11 -21.66
N ALA C 674 -11.94 11.21 -22.16
CA ALA C 674 -10.71 10.84 -21.46
C ALA C 674 -9.68 11.97 -21.43
N PRO C 675 -8.82 11.98 -20.41
CA PRO C 675 -7.71 12.95 -20.36
C PRO C 675 -6.76 12.75 -21.54
N LEU C 676 -5.93 13.75 -21.81
CA LEU C 676 -4.96 13.64 -22.89
C LEU C 676 -3.83 12.70 -22.49
N SER C 677 -3.33 11.94 -23.45
CA SER C 677 -2.29 10.95 -23.19
C SER C 677 -0.92 11.42 -23.66
N TYR C 678 0.12 11.03 -22.93
CA TYR C 678 1.48 11.40 -23.27
C TYR C 678 2.39 10.19 -23.08
N LEU C 679 3.40 10.05 -23.94
CA LEU C 679 4.31 8.92 -23.85
C LEU C 679 5.76 9.37 -23.88
N ARG C 680 6.50 9.01 -22.83
CA ARG C 680 7.93 9.28 -22.79
C ARG C 680 8.70 8.12 -23.40
N LEU C 681 9.87 8.41 -23.96
CA LEU C 681 10.66 7.37 -24.60
C LEU C 681 11.95 7.09 -23.83
N LYS C 682 12.68 6.06 -24.26
CA LYS C 682 13.93 5.69 -23.62
C LYS C 682 14.95 5.25 -24.67
N GLY C 683 16.23 5.34 -24.32
CA GLY C 683 17.29 4.78 -25.14
C GLY C 683 17.67 5.59 -26.36
N LEU C 684 17.09 6.78 -26.49
CA LEU C 684 17.43 7.67 -27.59
C LEU C 684 18.65 8.52 -27.24
N ASP C 685 19.35 9.01 -28.25
CA ASP C 685 20.43 9.96 -28.06
C ASP C 685 19.84 11.33 -27.79
N SER C 686 20.15 11.91 -26.63
CA SER C 686 19.61 13.21 -26.23
C SER C 686 20.09 14.33 -27.13
N ASN C 687 21.36 14.24 -27.55
CA ASN C 687 21.99 15.29 -28.34
C ASN C 687 21.59 15.31 -29.81
N GLN C 688 20.72 14.38 -30.22
CA GLN C 688 20.29 14.29 -31.60
C GLN C 688 18.80 14.56 -31.76
N ASP C 689 18.41 14.98 -32.97
CA ASP C 689 17.00 15.13 -33.31
C ASP C 689 16.51 13.91 -34.08
N TYR C 690 15.25 13.56 -33.89
CA TYR C 690 14.66 12.41 -34.58
C TYR C 690 13.44 12.83 -35.37
N GLU C 691 13.26 12.25 -36.54
CA GLU C 691 12.07 12.49 -37.33
C GLU C 691 11.09 11.33 -37.20
N ILE C 692 9.94 11.60 -36.59
CA ILE C 692 8.90 10.59 -36.49
C ILE C 692 8.10 10.56 -37.78
N GLU C 693 8.07 9.41 -38.43
CA GLU C 693 7.33 9.24 -39.68
C GLU C 693 5.84 9.48 -39.43
N GLY C 694 5.31 10.50 -40.10
CA GLY C 694 3.90 10.84 -39.95
C GLY C 694 3.66 12.08 -39.10
N LEU C 695 4.64 12.46 -38.30
CA LEU C 695 4.50 13.62 -37.42
C LEU C 695 5.47 14.75 -37.76
N GLY C 696 6.73 14.57 -37.41
CA GLY C 696 7.75 15.57 -37.69
C GLY C 696 9.05 15.35 -36.96
N VAL C 697 9.91 16.36 -36.97
CA VAL C 697 11.18 16.30 -36.26
C VAL C 697 10.99 16.67 -34.79
N TYR C 698 11.54 15.84 -33.91
CA TYR C 698 11.52 16.09 -32.47
C TYR C 698 12.90 15.84 -31.90
N GLY C 699 13.27 16.62 -30.89
CA GLY C 699 14.54 16.42 -30.22
C GLY C 699 14.53 15.13 -29.42
N GLY C 700 15.68 14.48 -29.35
CA GLY C 700 15.80 13.23 -28.60
C GLY C 700 15.57 13.46 -27.12
N ASP C 701 15.99 14.62 -26.64
CA ASP C 701 15.78 14.99 -25.25
C ASP C 701 14.30 15.23 -24.97
N GLU C 702 13.62 15.87 -25.91
CA GLU C 702 12.20 16.19 -25.76
C GLU C 702 11.34 14.95 -25.62
N LEU C 703 11.62 13.93 -26.43
CA LEU C 703 10.86 12.68 -26.40
C LEU C 703 11.07 11.92 -25.10
N VAL C 704 12.28 12.00 -24.57
CA VAL C 704 12.66 11.25 -23.37
C VAL C 704 12.32 12.01 -22.08
N TYR C 705 12.43 13.33 -22.11
CA TYR C 705 12.24 14.13 -20.90
C TYR C 705 10.85 14.77 -20.81
N ALA C 706 10.27 15.12 -21.95
CA ALA C 706 8.95 15.74 -21.97
C ALA C 706 7.89 14.77 -22.46
N GLY C 707 8.25 13.93 -23.42
CA GLY C 707 7.31 12.99 -24.01
C GLY C 707 6.58 13.61 -25.19
N VAL C 708 5.74 12.82 -25.85
CA VAL C 708 5.00 13.29 -27.02
C VAL C 708 3.50 13.13 -26.80
N ALA C 709 2.74 14.14 -27.20
CA ALA C 709 1.29 14.13 -27.05
C ALA C 709 0.66 13.08 -27.93
N LEU C 710 -0.16 12.22 -27.33
CA LEU C 710 -0.81 11.12 -28.05
C LEU C 710 -2.14 11.58 -28.64
N PRO C 711 -2.46 11.10 -29.85
CA PRO C 711 -3.73 11.41 -30.52
C PRO C 711 -4.92 10.92 -29.69
N TYR C 712 -6.00 11.67 -29.71
CA TYR C 712 -7.19 11.29 -28.97
C TYR C 712 -8.02 10.29 -29.77
N ARG C 713 -8.20 9.09 -29.23
CA ARG C 713 -8.91 8.04 -29.95
C ARG C 713 -9.95 7.31 -29.09
N SER C 714 -11.05 6.90 -29.72
CA SER C 714 -12.07 6.10 -29.06
C SER C 714 -11.95 4.63 -29.45
N SER C 715 -12.94 3.84 -29.04
CA SER C 715 -13.00 2.39 -29.30
C SER C 715 -11.96 1.60 -28.53
N ASP C 716 -12.28 0.36 -28.22
CA ASP C 716 -11.39 -0.49 -27.43
C ASP C 716 -10.28 -1.09 -28.28
N PHE C 717 -9.21 -1.49 -27.61
CA PHE C 717 -8.12 -2.25 -28.21
C PHE C 717 -7.46 -1.51 -29.37
N ILE C 718 -7.00 -0.28 -29.09
CA ILE C 718 -6.34 0.51 -30.11
C ILE C 718 -4.83 0.37 -30.04
N SER C 719 -4.16 0.73 -31.13
CA SER C 719 -2.71 0.67 -31.21
C SER C 719 -2.18 1.73 -32.14
N MET C 720 -0.94 2.16 -31.90
CA MET C 720 -0.27 3.13 -32.75
C MET C 720 1.18 2.71 -32.87
N MET C 721 1.78 2.92 -34.04
CA MET C 721 3.19 2.61 -34.22
C MET C 721 3.92 3.74 -34.94
N TRP C 722 5.15 3.99 -34.53
CA TRP C 722 5.92 5.10 -35.09
C TRP C 722 7.37 4.70 -35.35
N ARG C 723 7.83 4.92 -36.57
CA ARG C 723 9.23 4.73 -36.90
C ARG C 723 9.98 6.03 -36.63
N LEU C 724 11.18 5.91 -36.07
CA LEU C 724 12.00 7.06 -35.75
C LEU C 724 13.37 6.97 -36.42
N LYS C 725 13.78 8.05 -37.07
CA LYS C 725 15.07 8.11 -37.74
C LYS C 725 15.80 9.40 -37.38
N ALA C 726 17.05 9.28 -36.93
CA ALA C 726 17.86 10.44 -36.60
C ALA C 726 18.19 11.23 -37.86
N VAL C 727 18.21 12.56 -37.73
CA VAL C 727 18.49 13.43 -38.86
C VAL C 727 19.98 13.53 -39.16
N LYS D 10 5.85 32.05 -31.07
CA LYS D 10 5.95 32.96 -29.93
C LYS D 10 6.14 32.19 -28.62
N GLN D 11 7.30 31.54 -28.49
CA GLN D 11 7.58 30.66 -27.36
C GLN D 11 8.65 31.22 -26.43
N PHE D 12 8.38 31.19 -25.13
CA PHE D 12 9.37 31.58 -24.13
C PHE D 12 10.06 30.34 -23.58
N HIS D 13 11.38 30.39 -23.47
CA HIS D 13 12.14 29.24 -22.99
C HIS D 13 13.24 29.68 -22.03
N LEU D 14 13.04 29.39 -20.75
CA LEU D 14 14.00 29.75 -19.73
C LEU D 14 14.90 28.56 -19.41
N ARG D 15 16.20 28.79 -19.34
CA ARG D 15 17.15 27.74 -19.01
C ARG D 15 17.66 27.94 -17.58
N ALA D 16 17.16 27.14 -16.66
CA ALA D 16 17.60 27.21 -15.28
C ALA D 16 18.49 26.02 -14.94
N GLY D 17 19.78 26.27 -14.78
CA GLY D 17 20.74 25.21 -14.51
C GLY D 17 20.70 24.15 -15.58
N LYS D 18 20.20 22.97 -15.23
CA LYS D 18 20.01 21.90 -16.19
C LYS D 18 18.52 21.59 -16.40
N ALA D 19 17.69 22.61 -16.21
CA ALA D 19 16.24 22.46 -16.37
C ALA D 19 15.68 23.47 -17.35
N SER D 20 14.57 23.12 -17.98
CA SER D 20 13.88 24.02 -18.91
C SER D 20 12.50 24.37 -18.39
N TYR D 21 12.10 25.63 -18.59
CA TYR D 21 10.75 26.07 -18.28
C TYR D 21 10.20 26.76 -19.53
N VAL D 22 9.19 26.16 -20.15
CA VAL D 22 8.72 26.64 -21.45
C VAL D 22 7.28 27.16 -21.41
N MET D 23 7.09 28.34 -22.00
CA MET D 23 5.77 28.93 -22.16
C MET D 23 5.57 29.32 -23.62
N GLN D 24 4.33 29.56 -24.00
CA GLN D 24 4.03 30.07 -25.33
C GLN D 24 2.76 30.92 -25.34
N LEU D 25 2.66 31.80 -26.33
CA LEU D 25 1.44 32.58 -26.51
C LEU D 25 0.44 31.73 -27.28
N PHE D 26 -0.83 31.94 -27.00
CA PHE D 26 -1.88 31.12 -27.59
C PHE D 26 -3.02 32.00 -28.09
N ARG D 27 -3.27 31.95 -29.39
CA ARG D 27 -4.37 32.69 -30.00
C ARG D 27 -4.30 34.19 -29.71
N SER D 28 -5.41 34.77 -29.25
CA SER D 28 -5.48 36.21 -29.01
C SER D 28 -4.76 36.65 -27.73
N GLY D 29 -3.48 36.32 -27.63
CA GLY D 29 -2.65 36.78 -26.54
C GLY D 29 -2.85 36.06 -25.21
N TYR D 30 -3.21 34.79 -25.26
CA TYR D 30 -3.33 33.98 -24.05
C TYR D 30 -1.99 33.33 -23.73
N LEU D 31 -1.55 33.44 -22.48
CA LEU D 31 -0.27 32.90 -22.07
C LEU D 31 -0.43 31.48 -21.52
N ALA D 32 0.15 30.51 -22.22
CA ALA D 32 -0.04 29.11 -21.88
C ALA D 32 1.24 28.44 -21.39
N HIS D 33 1.09 27.52 -20.44
CA HIS D 33 2.22 26.72 -19.96
C HIS D 33 2.49 25.56 -20.92
N VAL D 34 3.76 25.23 -21.11
CA VAL D 34 4.13 24.16 -22.03
C VAL D 34 4.87 23.00 -21.35
N TYR D 35 5.91 23.34 -20.58
CA TYR D 35 6.78 22.31 -20.03
C TYR D 35 7.69 22.84 -18.93
N TRP D 36 7.84 22.06 -17.87
CA TRP D 36 8.83 22.31 -16.84
C TRP D 36 9.44 20.99 -16.40
N GLY D 37 10.74 20.84 -16.64
CA GLY D 37 11.41 19.60 -16.30
C GLY D 37 12.86 19.62 -16.72
N LYS D 38 13.41 18.44 -17.01
CA LYS D 38 14.80 18.34 -17.44
C LYS D 38 15.01 19.13 -18.72
N ALA D 39 16.19 19.74 -18.85
CA ALA D 39 16.49 20.64 -19.97
C ALA D 39 16.37 19.99 -21.34
N VAL D 40 15.53 20.58 -22.19
CA VAL D 40 15.47 20.21 -23.59
C VAL D 40 15.94 21.41 -24.42
N ARG D 41 16.48 21.15 -25.60
CA ARG D 41 16.92 22.22 -26.47
C ARG D 41 15.73 23.00 -27.01
N ASP D 42 14.65 22.28 -27.32
CA ASP D 42 13.44 22.91 -27.81
C ASP D 42 12.23 22.01 -27.61
N VAL D 43 11.06 22.63 -27.43
CA VAL D 43 9.81 21.87 -27.34
C VAL D 43 9.02 22.04 -28.62
N ARG D 44 9.33 21.19 -29.61
CA ARG D 44 8.74 21.30 -30.93
C ARG D 44 7.28 20.86 -30.97
N GLY D 45 6.90 19.99 -30.03
CA GLY D 45 5.54 19.47 -29.99
C GLY D 45 4.61 20.31 -29.15
N ALA D 46 5.00 21.55 -28.88
CA ALA D 46 4.27 22.45 -27.98
C ALA D 46 2.84 22.75 -28.43
N ARG D 47 2.59 22.69 -29.73
CA ARG D 47 1.27 22.97 -30.27
C ARG D 47 0.64 21.73 -30.90
N ALA D 48 1.42 20.65 -30.97
CA ALA D 48 0.96 19.42 -31.60
C ALA D 48 0.27 18.49 -30.61
N PHE D 49 -0.76 19.01 -29.93
CA PHE D 49 -1.58 18.21 -29.03
C PHE D 49 -3.03 18.27 -29.49
N PRO D 50 -3.82 17.21 -29.20
CA PRO D 50 -5.23 17.14 -29.60
C PRO D 50 -6.04 18.35 -29.16
N ARG D 51 -6.73 18.99 -30.12
CA ARG D 51 -7.60 20.11 -29.83
C ARG D 51 -9.04 19.62 -29.72
N LEU D 52 -9.58 19.64 -28.50
CA LEU D 52 -10.89 19.04 -28.25
C LEU D 52 -11.93 20.03 -27.77
N ASP D 53 -13.17 19.83 -28.21
CA ASP D 53 -14.30 20.53 -27.63
C ASP D 53 -14.80 19.73 -26.44
N ARG D 54 -14.37 20.11 -25.24
CA ARG D 54 -14.76 19.38 -24.03
C ARG D 54 -16.13 19.82 -23.55
N ALA D 55 -17.03 18.86 -23.36
CA ALA D 55 -18.38 19.13 -22.90
C ALA D 55 -18.37 19.92 -21.60
N PHE D 56 -19.19 20.98 -21.57
CA PHE D 56 -19.32 21.87 -20.41
C PHE D 56 -18.09 22.73 -20.10
N SER D 57 -17.11 22.71 -21.00
CA SER D 57 -16.05 23.71 -20.99
C SER D 57 -16.42 24.79 -22.01
N PRO D 58 -16.96 25.91 -21.54
CA PRO D 58 -17.51 26.96 -22.39
C PRO D 58 -16.44 27.71 -23.18
N ASN D 59 -16.86 28.54 -24.13
CA ASN D 59 -15.95 29.16 -25.10
C ASN D 59 -15.99 30.68 -25.12
N PRO D 60 -14.83 31.32 -24.93
CA PRO D 60 -14.70 32.78 -25.07
C PRO D 60 -14.71 33.22 -26.54
N ASP D 61 -14.26 32.34 -27.43
CA ASP D 61 -14.28 32.61 -28.87
C ASP D 61 -15.28 31.68 -29.57
N PRO D 62 -16.37 32.25 -30.10
CA PRO D 62 -17.43 31.48 -30.78
C PRO D 62 -16.94 30.77 -32.04
N SER D 63 -15.84 31.25 -32.64
CA SER D 63 -15.36 30.72 -33.91
C SER D 63 -14.43 29.51 -33.78
N ASP D 64 -14.24 29.04 -32.55
CA ASP D 64 -13.33 27.93 -32.28
C ASP D 64 -13.68 27.26 -30.97
N ARG D 65 -14.56 26.27 -31.02
CA ARG D 65 -15.04 25.61 -29.82
C ARG D 65 -14.08 24.59 -29.22
N THR D 66 -12.91 24.43 -29.83
CA THR D 66 -11.89 23.57 -29.26
C THR D 66 -11.09 24.32 -28.20
N PHE D 67 -11.31 25.63 -28.13
CA PHE D 67 -10.60 26.48 -27.17
C PHE D 67 -11.46 26.86 -25.98
N SER D 68 -10.99 26.52 -24.79
CA SER D 68 -11.61 26.95 -23.56
C SER D 68 -10.51 27.25 -22.55
N LEU D 69 -10.77 28.17 -21.63
CA LEU D 69 -9.80 28.47 -20.57
C LEU D 69 -9.86 27.39 -19.51
N ASP D 70 -10.86 26.52 -19.60
CA ASP D 70 -11.03 25.42 -18.67
C ASP D 70 -10.15 24.24 -19.06
N THR D 71 -9.60 24.29 -20.28
CA THR D 71 -8.80 23.20 -20.79
C THR D 71 -7.46 23.68 -21.35
N LEU D 72 -7.03 24.86 -20.90
CA LEU D 72 -5.75 25.41 -21.32
C LEU D 72 -4.79 25.47 -20.14
N LEU D 73 -3.60 24.91 -20.30
CA LEU D 73 -2.55 24.98 -19.29
C LEU D 73 -2.06 26.43 -19.19
N GLN D 74 -2.15 27.03 -18.01
CA GLN D 74 -1.88 28.46 -17.86
C GLN D 74 -0.80 28.83 -16.84
N GLU D 75 -0.39 30.09 -16.89
CA GLU D 75 0.64 30.61 -15.99
C GLU D 75 0.06 31.52 -14.91
N TYR D 76 -1.09 32.14 -15.21
CA TYR D 76 -1.74 33.03 -14.26
C TYR D 76 -3.24 33.13 -14.53
N PRO D 77 -3.97 32.04 -14.27
CA PRO D 77 -5.38 31.90 -14.65
C PRO D 77 -6.33 32.75 -13.81
N ALA D 78 -7.43 33.16 -14.43
CA ALA D 78 -8.51 33.85 -13.73
C ALA D 78 -9.77 32.99 -13.78
N TYR D 79 -10.69 33.26 -12.87
CA TYR D 79 -11.99 32.59 -12.87
C TYR D 79 -13.05 33.55 -13.39
N GLY D 80 -14.07 33.01 -14.05
CA GLY D 80 -15.20 33.83 -14.47
C GLY D 80 -15.47 33.83 -15.96
N ASN D 81 -14.40 33.79 -16.76
CA ASN D 81 -14.57 33.78 -18.21
C ASN D 81 -14.12 32.48 -18.87
N THR D 82 -14.77 31.39 -18.46
CA THR D 82 -14.68 30.01 -19.02
C THR D 82 -13.73 29.04 -18.31
N ASP D 83 -12.91 29.53 -17.37
CA ASP D 83 -12.13 28.62 -16.54
C ASP D 83 -12.86 28.39 -15.22
N PHE D 84 -12.92 27.13 -14.79
CA PHE D 84 -13.64 26.80 -13.57
C PHE D 84 -12.72 26.33 -12.46
N ARG D 85 -11.44 26.16 -12.80
CA ARG D 85 -10.44 25.79 -11.81
C ARG D 85 -10.13 26.99 -10.92
N ALA D 86 -9.44 26.74 -9.81
CA ALA D 86 -9.12 27.82 -8.87
C ALA D 86 -8.16 28.81 -9.49
N PRO D 87 -8.49 30.11 -9.42
CA PRO D 87 -7.70 31.14 -10.08
C PRO D 87 -6.45 31.49 -9.28
N ALA D 88 -5.44 32.03 -9.96
CA ALA D 88 -4.22 32.49 -9.30
C ALA D 88 -4.43 33.89 -8.72
N TYR D 89 -5.43 34.60 -9.24
CA TYR D 89 -5.76 35.93 -8.76
C TYR D 89 -7.23 36.19 -9.02
N GLN D 90 -7.80 37.14 -8.30
CA GLN D 90 -9.17 37.57 -8.54
C GLN D 90 -9.30 39.06 -8.19
N VAL D 91 -10.07 39.79 -8.99
CA VAL D 91 -10.25 41.22 -8.79
C VAL D 91 -11.72 41.56 -8.82
N GLN D 92 -12.18 42.37 -7.87
CA GLN D 92 -13.54 42.85 -7.89
C GLN D 92 -13.59 44.29 -8.39
N LEU D 93 -14.50 44.57 -9.31
CA LEU D 93 -14.66 45.89 -9.89
C LEU D 93 -15.65 46.69 -9.05
N GLU D 94 -15.74 47.99 -9.32
CA GLU D 94 -16.69 48.84 -8.62
C GLU D 94 -18.11 48.42 -8.92
N ASN D 95 -18.33 47.82 -10.09
CA ASN D 95 -19.65 47.33 -10.49
C ASN D 95 -20.05 46.05 -9.77
N GLY D 96 -19.11 45.49 -8.99
CA GLY D 96 -19.40 44.31 -8.20
C GLY D 96 -19.03 43.00 -8.86
N SER D 97 -18.78 43.04 -10.17
CA SER D 97 -18.41 41.83 -10.91
C SER D 97 -16.95 41.48 -10.64
N THR D 98 -16.57 40.24 -10.97
CA THR D 98 -15.21 39.79 -10.71
C THR D 98 -14.53 39.27 -11.96
N VAL D 99 -15.15 39.51 -13.11
CA VAL D 99 -14.57 39.08 -14.38
C VAL D 99 -13.41 39.98 -14.80
N THR D 100 -12.26 39.36 -15.04
CA THR D 100 -11.10 40.06 -15.58
C THR D 100 -10.58 39.27 -16.78
N ASP D 101 -9.79 39.92 -17.63
CA ASP D 101 -9.38 39.31 -18.88
C ASP D 101 -7.99 39.79 -19.32
N LEU D 102 -6.96 39.18 -18.75
CA LEU D 102 -5.58 39.54 -19.07
C LEU D 102 -5.12 38.94 -20.40
N ARG D 103 -4.63 39.80 -21.28
CA ARG D 103 -4.04 39.37 -22.54
C ARG D 103 -2.62 39.88 -22.62
N TYR D 104 -1.79 39.22 -23.44
CA TYR D 104 -0.41 39.63 -23.65
C TYR D 104 -0.31 41.06 -24.16
N LYS D 105 0.47 41.88 -23.45
CA LYS D 105 0.69 43.27 -23.84
C LYS D 105 2.09 43.42 -24.43
N THR D 106 3.10 42.96 -23.68
CA THR D 106 4.48 42.95 -24.15
C THR D 106 5.37 42.14 -23.21
N HIS D 107 6.66 42.12 -23.49
CA HIS D 107 7.61 41.46 -22.60
C HIS D 107 9.03 42.01 -22.73
N ARG D 108 9.89 41.67 -21.78
CA ARG D 108 11.27 42.11 -21.81
C ARG D 108 12.20 41.11 -21.12
N ILE D 109 13.42 40.98 -21.65
CA ILE D 109 14.41 40.09 -21.06
C ILE D 109 15.67 40.87 -20.73
N TYR D 110 16.30 40.54 -19.60
CA TYR D 110 17.54 41.18 -19.21
C TYR D 110 18.32 40.31 -18.23
N LYS D 111 19.64 40.46 -18.25
CA LYS D 111 20.51 39.73 -17.34
C LYS D 111 20.35 40.22 -15.92
N GLY D 112 20.41 39.31 -14.96
CA GLY D 112 20.31 39.66 -13.57
C GLY D 112 18.96 39.37 -12.96
N LYS D 113 18.72 39.93 -11.78
CA LYS D 113 17.51 39.68 -11.02
C LYS D 113 17.12 40.91 -10.22
N PRO D 114 15.89 41.41 -10.44
CA PRO D 114 15.45 42.64 -9.78
C PRO D 114 15.16 42.45 -8.30
N ARG D 115 15.24 43.53 -7.52
CA ARG D 115 14.74 43.52 -6.16
C ARG D 115 13.23 43.66 -6.19
N LEU D 116 12.56 43.04 -5.22
CA LEU D 116 11.11 43.17 -5.09
C LEU D 116 10.81 44.22 -4.02
N ASN D 117 9.84 45.09 -4.30
CA ASN D 117 9.57 46.23 -3.43
C ASN D 117 9.06 45.85 -2.04
N GLY D 118 9.83 46.24 -1.02
CA GLY D 118 9.44 46.05 0.36
C GLY D 118 9.40 44.60 0.79
N LEU D 119 10.11 43.74 0.06
CA LEU D 119 10.05 42.30 0.26
C LEU D 119 11.40 41.63 0.12
N PRO D 120 11.59 40.49 0.81
CA PRO D 120 12.78 39.67 0.63
C PRO D 120 12.72 38.91 -0.68
N ALA D 121 13.87 38.58 -1.24
CA ALA D 121 13.95 37.79 -2.47
C ALA D 121 15.35 37.26 -2.67
N THR D 122 15.46 36.12 -3.34
CA THR D 122 16.75 35.63 -3.78
C THR D 122 17.36 36.67 -4.71
N TYR D 123 18.67 36.80 -4.69
CA TYR D 123 19.35 37.86 -5.44
C TYR D 123 20.55 37.32 -6.19
N VAL D 124 21.23 38.21 -6.91
CA VAL D 124 22.49 37.87 -7.57
C VAL D 124 23.55 38.90 -7.21
N GLU D 125 24.82 38.50 -7.28
CA GLU D 125 25.92 39.44 -7.07
C GLU D 125 26.46 39.92 -8.42
N HIS D 126 26.23 39.14 -9.46
CA HIS D 126 26.61 39.51 -10.82
C HIS D 126 25.50 39.18 -11.81
N GLU D 127 25.36 40.00 -12.84
CA GLU D 127 24.28 39.85 -13.82
C GLU D 127 24.31 38.51 -14.55
N GLN D 128 25.51 37.91 -14.62
CA GLN D 128 25.70 36.67 -15.36
C GLN D 128 25.13 35.47 -14.61
N GLU D 129 24.80 35.67 -13.33
CA GLU D 129 24.29 34.59 -12.49
C GLU D 129 22.87 34.16 -12.84
N ALA D 130 22.12 35.07 -13.46
CA ALA D 130 20.71 34.81 -13.76
C ALA D 130 20.18 35.61 -14.92
N GLU D 131 19.02 35.17 -15.43
CA GLU D 131 18.32 35.88 -16.49
C GLU D 131 16.87 36.08 -16.05
N THR D 132 16.33 37.27 -16.31
CA THR D 132 14.97 37.59 -15.90
C THR D 132 14.07 37.86 -17.09
N LEU D 133 12.89 37.26 -17.07
CA LEU D 133 11.87 37.49 -18.10
C LEU D 133 10.62 38.09 -17.47
N GLU D 134 10.21 39.25 -17.97
CA GLU D 134 8.98 39.88 -17.50
C GLU D 134 7.94 39.91 -18.61
N ILE D 135 6.82 39.24 -18.38
CA ILE D 135 5.73 39.22 -19.34
C ILE D 135 4.60 40.11 -18.82
N VAL D 136 4.41 41.24 -19.49
CA VAL D 136 3.38 42.20 -19.09
C VAL D 136 2.04 41.83 -19.70
N LEU D 137 1.04 41.62 -18.85
CA LEU D 137 -0.32 41.31 -19.29
C LEU D 137 -1.23 42.47 -18.96
N GLY D 138 -2.31 42.62 -19.72
CA GLY D 138 -3.22 43.72 -19.50
C GLY D 138 -4.69 43.41 -19.75
N ASP D 139 -5.55 44.03 -18.95
CA ASP D 139 -6.98 44.01 -19.17
C ASP D 139 -7.38 45.43 -19.57
N ALA D 140 -7.53 45.64 -20.87
CA ALA D 140 -7.75 46.98 -21.42
C ALA D 140 -8.98 47.68 -20.86
N LEU D 141 -10.06 46.93 -20.63
CA LEU D 141 -11.31 47.52 -20.17
C LEU D 141 -11.19 48.23 -18.82
N ILE D 142 -10.43 47.64 -17.90
CA ILE D 142 -10.36 48.17 -16.55
C ILE D 142 -9.01 48.83 -16.25
N GLY D 143 -8.08 48.71 -17.17
CA GLY D 143 -6.77 49.33 -17.02
C GLY D 143 -5.87 48.57 -16.06
N LEU D 144 -6.13 47.28 -15.88
CA LEU D 144 -5.33 46.46 -14.99
C LEU D 144 -4.15 45.84 -15.72
N GLU D 145 -2.96 46.00 -15.15
CA GLU D 145 -1.74 45.46 -15.73
C GLU D 145 -1.04 44.54 -14.74
N VAL D 146 -0.71 43.34 -15.19
CA VAL D 146 0.00 42.38 -14.35
C VAL D 146 1.31 41.94 -15.02
N THR D 147 2.42 42.21 -14.36
CA THR D 147 3.73 41.82 -14.86
C THR D 147 4.21 40.53 -14.19
N LEU D 148 4.28 39.47 -14.98
CA LEU D 148 4.75 38.18 -14.46
C LEU D 148 6.27 38.11 -14.54
N GLN D 149 6.90 37.92 -13.39
CA GLN D 149 8.36 37.93 -13.31
C GLN D 149 8.92 36.52 -13.19
N TYR D 150 9.81 36.18 -14.12
CA TYR D 150 10.46 34.88 -14.14
C TYR D 150 11.96 35.09 -14.06
N THR D 151 12.63 34.33 -13.20
CA THR D 151 14.07 34.39 -13.14
C THR D 151 14.72 33.01 -13.15
N ALA D 152 15.62 32.81 -14.11
CA ALA D 152 16.34 31.55 -14.23
C ALA D 152 17.81 31.74 -13.86
N TYR D 153 18.26 31.00 -12.85
CA TYR D 153 19.66 31.01 -12.48
C TYR D 153 20.48 30.14 -13.43
N GLU D 154 21.66 30.60 -13.78
CA GLU D 154 22.56 29.84 -14.65
C GLU D 154 23.10 28.61 -13.92
N LYS D 155 23.48 28.82 -12.67
CA LYS D 155 24.20 27.83 -11.87
C LYS D 155 23.30 26.73 -11.31
N TRP D 156 22.06 27.07 -10.98
CA TRP D 156 21.15 26.12 -10.33
C TRP D 156 19.86 25.87 -11.14
N ASN D 157 19.21 24.75 -10.87
CA ASN D 157 17.90 24.44 -11.45
C ASN D 157 16.79 25.24 -10.77
N VAL D 158 16.93 26.56 -10.75
CA VAL D 158 15.99 27.41 -10.02
C VAL D 158 15.22 28.36 -10.92
N ILE D 159 13.91 28.34 -10.78
CA ILE D 159 13.04 29.32 -11.43
C ILE D 159 12.26 30.03 -10.33
N THR D 160 12.44 31.35 -10.21
CA THR D 160 11.69 32.11 -9.23
C THR D 160 10.57 32.87 -9.93
N ARG D 161 9.39 32.89 -9.31
CA ARG D 161 8.24 33.54 -9.89
C ARG D 161 7.51 34.45 -8.91
N SER D 162 7.04 35.59 -9.42
CA SER D 162 6.22 36.51 -8.66
C SER D 162 5.42 37.37 -9.63
N ALA D 163 4.50 38.16 -9.10
CA ALA D 163 3.66 38.99 -9.96
C ALA D 163 3.49 40.39 -9.38
N ARG D 164 3.35 41.36 -10.27
CA ARG D 164 3.17 42.75 -9.87
C ARG D 164 1.90 43.31 -10.51
N PHE D 165 0.92 43.64 -9.68
CA PHE D 165 -0.33 44.22 -10.16
C PHE D 165 -0.19 45.73 -10.23
N GLU D 166 -0.79 46.35 -11.24
CA GLU D 166 -0.82 47.80 -11.33
C GLU D 166 -2.14 48.34 -11.90
N ASN D 167 -2.76 49.25 -11.16
CA ASN D 167 -3.96 49.92 -11.63
C ASN D 167 -3.59 51.12 -12.48
N LYS D 168 -3.71 50.97 -13.79
CA LYS D 168 -3.41 52.07 -14.72
C LYS D 168 -4.69 52.60 -15.36
N GLY D 169 -5.82 52.35 -14.70
CA GLY D 169 -7.10 52.86 -15.15
C GLY D 169 -7.61 53.95 -14.22
N GLY D 170 -8.91 54.22 -14.27
CA GLY D 170 -9.49 55.29 -13.48
C GLY D 170 -10.45 54.84 -12.39
N GLU D 171 -10.56 53.53 -12.18
CA GLU D 171 -11.43 53.00 -11.15
C GLU D 171 -10.67 52.31 -10.02
N ARG D 172 -11.37 52.03 -8.93
CA ARG D 172 -10.78 51.28 -7.83
C ARG D 172 -10.82 49.79 -8.18
N LEU D 173 -9.74 49.08 -7.85
CA LEU D 173 -9.68 47.65 -8.07
C LEU D 173 -9.37 46.94 -6.76
N LYS D 174 -10.29 46.10 -6.30
CA LYS D 174 -10.08 45.34 -5.08
C LYS D 174 -9.56 43.94 -5.40
N LEU D 175 -8.32 43.68 -5.00
CA LEU D 175 -7.73 42.35 -5.14
C LEU D 175 -8.28 41.44 -4.05
N LEU D 176 -9.01 40.41 -4.44
CA LEU D 176 -9.53 39.43 -3.49
C LEU D 176 -8.52 38.30 -3.30
N ARG D 177 -7.69 38.10 -4.33
CA ARG D 177 -6.70 37.03 -4.33
C ARG D 177 -5.51 37.45 -5.19
N ALA D 178 -4.30 37.20 -4.68
CA ALA D 178 -3.09 37.57 -5.42
C ALA D 178 -1.96 36.60 -5.16
N LEU D 179 -2.08 35.39 -5.70
CA LEU D 179 -1.04 34.39 -5.53
C LEU D 179 0.19 34.76 -6.36
N SER D 180 1.34 34.27 -5.94
CA SER D 180 2.60 34.60 -6.57
C SER D 180 2.78 33.88 -7.90
N MET D 181 2.26 32.65 -7.97
CA MET D 181 2.43 31.84 -9.16
C MET D 181 1.31 30.82 -9.31
N SER D 182 1.27 30.21 -10.49
CA SER D 182 0.36 29.11 -10.76
C SER D 182 0.93 28.37 -11.96
N VAL D 183 0.85 27.06 -11.96
CA VAL D 183 1.32 26.27 -13.09
C VAL D 183 0.48 25.02 -13.28
N ASP D 184 0.03 24.80 -14.52
CA ASP D 184 -0.77 23.63 -14.84
C ASP D 184 0.10 22.50 -15.41
N PHE D 185 0.23 21.42 -14.65
CA PHE D 185 0.92 20.23 -15.14
C PHE D 185 -0.03 19.43 -16.03
N PRO D 186 0.48 18.91 -17.15
CA PRO D 186 -0.35 18.17 -18.10
C PRO D 186 -0.91 16.86 -17.54
N THR D 187 -0.19 16.25 -16.59
CA THR D 187 -0.67 15.05 -15.92
C THR D 187 -0.61 15.20 -14.40
N ALA D 188 -1.18 14.25 -13.68
CA ALA D 188 -1.30 14.35 -12.23
C ALA D 188 -0.86 13.06 -11.51
N ASP D 189 0.00 12.28 -12.15
CA ASP D 189 0.44 11.03 -11.57
C ASP D 189 1.60 11.28 -10.59
N TYR D 190 1.30 11.94 -9.48
CA TYR D 190 2.32 12.32 -8.52
C TYR D 190 1.86 12.09 -7.09
N ASP D 191 2.83 12.08 -6.17
CA ASP D 191 2.55 12.26 -4.76
C ASP D 191 2.91 13.71 -4.44
N TRP D 192 2.38 14.23 -3.34
CA TRP D 192 2.85 15.53 -2.88
C TRP D 192 3.43 15.45 -1.47
N ILE D 193 4.41 16.31 -1.21
CA ILE D 193 5.02 16.37 0.10
C ILE D 193 4.87 17.78 0.65
N HIS D 194 4.37 17.88 1.87
CA HIS D 194 4.40 19.14 2.61
C HIS D 194 4.99 18.92 4.00
N LEU D 195 5.06 19.98 4.80
CA LEU D 195 5.72 19.90 6.09
C LEU D 195 4.84 20.33 7.26
N PRO D 196 3.84 19.51 7.61
CA PRO D 196 2.97 19.80 8.76
C PRO D 196 3.70 19.61 10.09
N GLY D 197 3.17 20.21 11.14
CA GLY D 197 3.77 20.05 12.46
C GLY D 197 3.03 20.80 13.54
N ALA D 198 3.71 21.05 14.64
CA ALA D 198 3.18 21.81 15.76
C ALA D 198 4.37 22.34 16.55
N TRP D 199 4.08 23.12 17.60
CA TRP D 199 5.15 23.56 18.50
C TRP D 199 5.82 22.32 19.06
N GLY D 200 7.14 22.31 19.07
CA GLY D 200 7.88 21.19 19.65
C GLY D 200 8.06 20.03 18.70
N ARG D 201 7.51 20.14 17.51
CA ARG D 201 7.65 19.09 16.49
C ARG D 201 7.41 19.64 15.08
N GLU D 202 8.22 20.61 14.70
CA GLU D 202 8.05 21.31 13.42
C GLU D 202 8.51 20.50 12.22
N ARG D 203 7.82 20.72 11.10
CA ARG D 203 8.26 20.23 9.79
C ARG D 203 8.49 18.72 9.69
N TRP D 204 7.48 17.95 10.04
CA TRP D 204 7.52 16.52 9.78
C TRP D 204 7.20 16.29 8.30
N ILE D 205 7.89 15.34 7.68
CA ILE D 205 7.66 15.05 6.28
C ILE D 205 6.42 14.19 6.10
N GLU D 206 5.45 14.70 5.34
CA GLU D 206 4.24 13.94 5.03
C GLU D 206 4.11 13.76 3.53
N ARG D 207 4.09 12.50 3.10
CA ARG D 207 3.92 12.19 1.69
C ARG D 207 2.54 11.57 1.47
N ARG D 208 1.80 12.13 0.51
CA ARG D 208 0.45 11.67 0.22
C ARG D 208 0.22 11.56 -1.27
N PRO D 209 -0.63 10.63 -1.69
CA PRO D 209 -1.06 10.59 -3.09
C PRO D 209 -1.93 11.79 -3.38
N LEU D 210 -1.98 12.20 -4.63
CA LEU D 210 -2.88 13.29 -5.02
C LEU D 210 -4.33 12.80 -5.07
N VAL D 211 -5.26 13.71 -4.79
CA VAL D 211 -6.69 13.41 -4.92
C VAL D 211 -7.26 14.23 -6.07
N THR D 212 -8.39 13.78 -6.61
CA THR D 212 -9.08 14.55 -7.64
C THR D 212 -9.94 15.61 -6.95
N GLY D 213 -9.37 16.79 -6.80
CA GLY D 213 -9.98 17.87 -6.07
C GLY D 213 -8.91 18.79 -5.54
N VAL D 214 -9.12 19.32 -4.33
CA VAL D 214 -8.19 20.28 -3.76
C VAL D 214 -7.46 19.73 -2.54
N GLN D 215 -6.13 19.86 -2.55
CA GLN D 215 -5.30 19.60 -1.38
C GLN D 215 -4.46 20.83 -1.13
N ALA D 216 -4.32 21.21 0.13
CA ALA D 216 -3.59 22.44 0.44
C ALA D 216 -3.01 22.46 1.85
N ALA D 217 -1.80 22.96 1.96
CA ALA D 217 -1.23 23.37 3.24
C ALA D 217 -1.35 24.88 3.27
N GLU D 218 -1.61 25.45 4.44
CA GLU D 218 -1.79 26.89 4.53
C GLU D 218 -1.65 27.42 5.95
N SER D 219 -1.69 28.74 6.08
CA SER D 219 -1.63 29.39 7.38
C SER D 219 -2.54 30.60 7.43
N ARG D 220 -3.33 30.68 8.51
CA ARG D 220 -4.19 31.82 8.76
C ARG D 220 -3.75 32.46 10.07
N ARG D 221 -2.46 32.36 10.39
CA ARG D 221 -1.94 32.74 11.70
C ARG D 221 -1.11 34.03 11.70
N GLY D 222 -0.99 34.67 10.55
CA GLY D 222 -0.20 35.88 10.43
C GLY D 222 1.30 35.59 10.43
N ALA D 223 1.63 34.33 10.63
CA ALA D 223 3.02 33.88 10.59
C ALA D 223 3.05 32.56 9.83
N SER D 224 4.17 32.26 9.19
CA SER D 224 4.29 31.04 8.39
C SER D 224 3.93 29.77 9.18
N SER D 225 4.19 29.81 10.49
CA SER D 225 3.67 28.86 11.49
C SER D 225 4.45 27.55 11.70
N HIS D 226 4.23 26.92 12.85
CA HIS D 226 4.80 25.62 13.16
C HIS D 226 3.94 24.57 12.49
N GLN D 227 2.67 24.91 12.31
CA GLN D 227 1.63 23.98 11.90
C GLN D 227 1.76 23.53 10.45
N GLN D 228 2.09 24.47 9.57
CA GLN D 228 2.34 24.16 8.16
C GLN D 228 3.43 25.07 7.64
N ASN D 229 4.53 24.49 7.18
CA ASN D 229 5.62 25.28 6.61
C ASN D 229 5.32 25.64 5.15
N PRO D 230 5.66 26.87 4.72
CA PRO D 230 5.37 27.29 3.35
C PRO D 230 6.21 26.55 2.31
N PHE D 231 5.99 25.24 2.19
CA PHE D 231 6.68 24.44 1.19
C PHE D 231 5.86 23.22 0.80
N ILE D 232 5.65 23.05 -0.51
CA ILE D 232 5.09 21.80 -1.03
C ILE D 232 5.96 21.29 -2.18
N ALA D 233 5.77 20.02 -2.53
CA ALA D 233 6.53 19.43 -3.63
C ALA D 233 5.71 18.39 -4.38
N LEU D 234 5.81 18.41 -5.70
CA LEU D 234 5.26 17.32 -6.53
C LEU D 234 6.38 16.33 -6.77
N VAL D 235 6.15 15.07 -6.42
CA VAL D 235 7.18 14.05 -6.63
C VAL D 235 6.64 12.89 -7.45
N ALA D 236 7.50 12.31 -8.28
CA ALA D 236 7.15 11.12 -9.03
C ALA D 236 6.88 9.98 -8.07
N LYS D 237 5.97 9.08 -8.46
CA LYS D 237 5.55 7.97 -7.60
C LYS D 237 6.72 7.16 -7.05
N ASN D 238 7.77 6.98 -7.85
CA ASN D 238 8.91 6.15 -7.44
C ASN D 238 10.12 6.94 -6.99
N ALA D 239 10.00 8.26 -6.96
CA ALA D 239 11.11 9.11 -6.54
C ALA D 239 11.39 8.96 -5.05
N ASP D 240 12.66 9.02 -4.68
CA ASP D 240 13.06 8.96 -3.28
C ASP D 240 14.10 10.02 -2.95
N GLU D 241 14.92 9.75 -1.93
CA GLU D 241 15.98 10.67 -1.55
C GLU D 241 17.12 10.74 -2.57
N HIS D 242 17.27 9.69 -3.37
CA HIS D 242 18.47 9.57 -4.21
C HIS D 242 18.22 9.61 -5.73
N GLN D 243 16.98 9.45 -6.14
CA GLN D 243 16.66 9.49 -7.57
C GLN D 243 15.20 9.86 -7.81
N GLY D 244 14.90 10.25 -9.05
CA GLY D 244 13.53 10.52 -9.44
C GLY D 244 13.20 12.00 -9.53
N GLU D 245 12.17 12.31 -10.30
CA GLU D 245 11.80 13.69 -10.56
C GLU D 245 11.01 14.32 -9.41
N VAL D 246 11.42 15.52 -9.02
CA VAL D 246 10.82 16.23 -7.90
C VAL D 246 10.64 17.69 -8.30
N TYR D 247 9.52 18.29 -7.91
CA TYR D 247 9.25 19.69 -8.20
C TYR D 247 8.97 20.44 -6.92
N GLY D 248 9.93 21.24 -6.47
CA GLY D 248 9.80 21.96 -5.22
C GLY D 248 9.17 23.33 -5.34
N PHE D 249 8.38 23.72 -4.34
CA PHE D 249 7.73 25.03 -4.31
C PHE D 249 7.92 25.69 -2.95
N SER D 250 8.81 26.67 -2.89
CA SER D 250 9.13 27.35 -1.64
C SER D 250 8.68 28.81 -1.67
N PHE D 251 8.04 29.26 -0.59
CA PHE D 251 7.46 30.60 -0.54
C PHE D 251 8.33 31.56 0.28
N VAL D 252 8.87 32.59 -0.36
CA VAL D 252 9.71 33.56 0.33
C VAL D 252 8.86 34.64 1.01
N TYR D 253 8.24 34.26 2.12
CA TYR D 253 7.32 35.12 2.83
C TYR D 253 7.07 34.52 4.23
N SER D 254 6.86 35.38 5.22
CA SER D 254 6.78 34.91 6.60
C SER D 254 5.41 35.06 7.24
N GLY D 255 4.41 35.38 6.42
CA GLY D 255 3.06 35.57 6.92
C GLY D 255 2.10 34.50 6.45
N ASN D 256 0.84 34.88 6.29
CA ASN D 256 -0.19 33.95 5.81
C ASN D 256 0.14 33.43 4.42
N PHE D 257 -0.14 32.15 4.18
CA PHE D 257 0.11 31.58 2.88
C PHE D 257 -0.91 30.52 2.51
N LEU D 258 -0.94 30.20 1.22
CA LEU D 258 -1.74 29.09 0.71
C LEU D 258 -0.85 28.37 -0.29
N ALA D 259 -0.68 27.07 -0.09
CA ALA D 259 0.05 26.25 -1.04
C ALA D 259 -0.87 25.12 -1.46
N GLN D 260 -1.35 25.18 -2.70
CA GLN D 260 -2.46 24.36 -3.12
C GLN D 260 -2.19 23.60 -4.39
N ILE D 261 -2.67 22.37 -4.45
CA ILE D 261 -2.66 21.58 -5.67
C ILE D 261 -4.09 21.17 -5.98
N GLU D 262 -4.56 21.51 -7.17
CA GLU D 262 -5.89 21.10 -7.60
C GLU D 262 -5.82 20.21 -8.84
N VAL D 263 -6.42 19.02 -8.75
CA VAL D 263 -6.48 18.12 -9.87
C VAL D 263 -7.87 18.13 -10.46
N ASP D 264 -7.98 18.39 -11.76
CA ASP D 264 -9.28 18.56 -12.40
C ASP D 264 -9.75 17.31 -13.14
N GLN D 265 -10.88 17.44 -13.83
CA GLN D 265 -11.54 16.33 -14.51
C GLN D 265 -10.67 15.67 -15.58
N PHE D 266 -9.66 16.38 -16.07
CA PHE D 266 -8.86 15.87 -17.16
C PHE D 266 -7.44 15.52 -16.73
N GLY D 267 -7.26 15.35 -15.43
CA GLY D 267 -6.01 14.82 -14.90
C GLY D 267 -4.87 15.81 -14.93
N THR D 268 -5.18 17.09 -15.09
CA THR D 268 -4.17 18.13 -15.01
C THR D 268 -4.06 18.62 -13.56
N ALA D 269 -2.85 18.96 -13.14
CA ALA D 269 -2.61 19.38 -11.77
C ALA D 269 -2.15 20.83 -11.70
N ARG D 270 -3.00 21.68 -11.14
CA ARG D 270 -2.66 23.09 -10.95
C ARG D 270 -2.02 23.30 -9.58
N VAL D 271 -0.76 23.70 -9.58
CA VAL D 271 -0.06 24.05 -8.34
C VAL D 271 0.03 25.56 -8.23
N SER D 272 -0.55 26.12 -7.18
CA SER D 272 -0.53 27.56 -6.95
C SER D 272 -0.12 27.92 -5.52
N MET D 273 0.63 29.00 -5.38
CA MET D 273 1.20 29.35 -4.09
C MET D 273 1.32 30.87 -3.95
N GLY D 274 1.02 31.37 -2.75
CA GLY D 274 1.13 32.79 -2.48
C GLY D 274 0.50 33.16 -1.16
N ILE D 275 0.25 34.45 -0.97
CA ILE D 275 -0.43 34.94 0.22
C ILE D 275 -1.83 34.34 0.30
N ASN D 276 -2.16 33.75 1.44
CA ASN D 276 -3.48 33.18 1.66
C ASN D 276 -4.59 34.18 1.36
N PRO D 277 -5.48 33.83 0.41
CA PRO D 277 -6.63 34.66 0.02
C PRO D 277 -7.60 34.86 1.17
N PHE D 278 -7.64 33.91 2.11
CA PHE D 278 -8.57 33.97 3.23
C PHE D 278 -8.32 35.18 4.12
N ASP D 279 -9.40 35.91 4.42
CA ASP D 279 -9.34 37.11 5.25
C ASP D 279 -8.44 38.18 4.63
N PHE D 280 -8.19 38.06 3.33
CA PHE D 280 -7.29 38.98 2.63
C PHE D 280 -7.97 39.69 1.46
N THR D 281 -7.90 41.02 1.47
CA THR D 281 -8.20 41.82 0.29
C THR D 281 -7.15 42.91 0.17
N TRP D 282 -6.97 43.46 -1.03
CA TRP D 282 -6.09 44.60 -1.22
C TRP D 282 -6.70 45.60 -2.20
N LEU D 283 -6.80 46.85 -1.75
CA LEU D 283 -7.41 47.90 -2.56
C LEU D 283 -6.39 48.65 -3.40
N LEU D 284 -6.60 48.67 -4.71
CA LEU D 284 -5.71 49.41 -5.61
C LEU D 284 -6.41 50.63 -6.19
N GLN D 285 -6.11 51.79 -5.63
CA GLN D 285 -6.55 53.06 -6.20
C GLN D 285 -5.81 53.26 -7.52
N PRO D 286 -6.37 54.09 -8.41
CA PRO D 286 -5.67 54.45 -9.65
C PRO D 286 -4.23 54.89 -9.37
N GLY D 287 -3.27 54.26 -10.03
CA GLY D 287 -1.87 54.59 -9.85
C GLY D 287 -1.16 53.68 -8.87
N GLU D 288 -1.92 52.94 -8.08
CA GLU D 288 -1.33 52.07 -7.07
C GLU D 288 -0.93 50.71 -7.62
N SER D 289 0.00 50.06 -6.95
CA SER D 289 0.49 48.75 -7.38
C SER D 289 0.58 47.77 -6.21
N PHE D 290 0.77 46.50 -6.53
CA PHE D 290 0.95 45.48 -5.51
C PHE D 290 1.95 44.42 -5.95
N GLN D 291 3.00 44.24 -5.16
CA GLN D 291 4.03 43.23 -5.46
C GLN D 291 3.87 42.02 -4.56
N THR D 292 3.66 40.86 -5.17
CA THR D 292 3.60 39.61 -4.40
C THR D 292 5.01 39.12 -4.10
N PRO D 293 5.18 38.38 -2.99
CA PRO D 293 6.46 37.73 -2.71
C PRO D 293 6.78 36.71 -3.81
N GLU D 294 8.03 36.26 -3.86
CA GLU D 294 8.41 35.31 -4.90
C GLU D 294 8.29 33.86 -4.40
N VAL D 295 8.02 32.94 -5.33
CA VAL D 295 8.09 31.52 -5.05
C VAL D 295 9.27 30.90 -5.79
N VAL D 296 10.13 30.21 -5.05
CA VAL D 296 11.31 29.59 -5.64
C VAL D 296 11.02 28.14 -6.04
N MET D 297 11.17 27.85 -7.32
CA MET D 297 10.85 26.53 -7.86
C MET D 297 12.08 25.77 -8.29
N VAL D 298 12.22 24.57 -7.74
CA VAL D 298 13.38 23.74 -8.02
C VAL D 298 12.95 22.45 -8.68
N TYR D 299 13.62 22.11 -9.79
CA TYR D 299 13.44 20.81 -10.41
C TYR D 299 14.66 19.94 -10.11
N SER D 300 14.42 18.66 -9.90
CA SER D 300 15.51 17.71 -9.74
C SER D 300 15.08 16.36 -10.27
N ASP D 301 16.03 15.62 -10.85
CA ASP D 301 15.80 14.24 -11.19
C ASP D 301 16.72 13.37 -10.33
N GLN D 302 17.39 14.03 -9.39
CA GLN D 302 18.28 13.37 -8.44
C GLN D 302 17.57 13.13 -7.11
N GLY D 303 16.24 13.05 -7.15
CA GLY D 303 15.47 12.78 -5.94
C GLY D 303 15.47 13.94 -4.96
N LEU D 304 15.03 13.67 -3.74
CA LEU D 304 14.85 14.70 -2.73
C LEU D 304 16.16 15.39 -2.32
N ASN D 305 17.25 14.62 -2.28
CA ASN D 305 18.54 15.20 -1.94
C ASN D 305 18.99 16.20 -3.00
N GLY D 306 18.76 15.86 -4.26
CA GLY D 306 19.09 16.73 -5.36
C GLY D 306 18.35 18.06 -5.27
N MET D 307 17.08 17.99 -4.87
CA MET D 307 16.26 19.18 -4.70
C MET D 307 16.74 20.00 -3.51
N SER D 308 16.97 19.34 -2.38
CA SER D 308 17.39 20.01 -1.15
C SER D 308 18.73 20.70 -1.32
N GLN D 309 19.67 20.00 -1.96
CA GLN D 309 21.02 20.53 -2.17
C GLN D 309 20.99 21.79 -3.04
N THR D 310 20.01 21.90 -3.92
CA THR D 310 19.83 23.11 -4.71
C THR D 310 19.36 24.24 -3.82
N TYR D 311 18.34 23.97 -3.01
CA TYR D 311 17.81 24.95 -2.06
C TYR D 311 18.88 25.42 -1.07
N HIS D 312 19.70 24.49 -0.59
CA HIS D 312 20.73 24.82 0.39
C HIS D 312 21.70 25.85 -0.15
N GLU D 313 22.31 25.56 -1.29
CA GLU D 313 23.26 26.47 -1.92
C GLU D 313 22.62 27.83 -2.19
N LEU D 314 21.48 27.82 -2.87
CA LEU D 314 20.79 29.05 -3.24
C LEU D 314 20.48 29.92 -2.03
N TYR D 315 19.87 29.31 -1.01
CA TYR D 315 19.41 30.06 0.14
C TYR D 315 20.56 30.53 1.04
N ARG D 316 21.63 29.76 1.08
CA ARG D 316 22.78 30.08 1.93
C ARG D 316 23.64 31.19 1.34
N THR D 317 23.76 31.21 0.02
CA THR D 317 24.67 32.15 -0.64
C THR D 317 23.95 33.26 -1.39
N ARG D 318 22.66 33.10 -1.65
CA ARG D 318 21.93 34.06 -2.48
C ARG D 318 20.56 34.45 -1.92
N LEU D 319 20.33 34.17 -0.64
CA LEU D 319 19.13 34.66 0.03
C LEU D 319 19.51 35.24 1.39
N ALA D 320 20.26 34.44 2.16
CA ALA D 320 20.85 34.91 3.40
C ALA D 320 21.83 36.03 3.06
N ARG D 321 21.93 37.01 3.95
CA ARG D 321 22.80 38.17 3.69
C ARG D 321 23.70 38.48 4.87
N GLY D 322 24.34 39.64 4.80
CA GLY D 322 25.13 40.16 5.90
C GLY D 322 26.56 39.69 5.88
N ALA D 323 27.31 40.09 6.91
CA ALA D 323 28.73 39.79 6.99
C ALA D 323 28.97 38.34 7.40
N PHE D 324 27.95 37.69 7.95
CA PHE D 324 28.10 36.33 8.45
C PHE D 324 27.58 35.27 7.48
N ARG D 325 27.12 35.72 6.30
CA ARG D 325 26.57 34.83 5.29
C ARG D 325 27.49 33.66 4.96
N ASP D 326 28.79 33.93 4.87
CA ASP D 326 29.76 32.90 4.52
C ASP D 326 30.69 32.58 5.69
N ARG D 327 30.47 33.22 6.82
CA ARG D 327 31.28 32.97 8.01
C ARG D 327 30.78 31.75 8.78
N GLU D 328 31.72 31.04 9.39
CA GLU D 328 31.38 29.97 10.31
C GLU D 328 30.68 30.55 11.53
N ARG D 329 29.67 29.85 12.03
CA ARG D 329 28.85 30.37 13.12
C ARG D 329 29.39 30.00 14.50
N PRO D 330 29.29 30.94 15.46
CA PRO D 330 29.85 30.74 16.79
C PRO D 330 29.11 29.68 17.60
N ILE D 331 29.87 28.88 18.34
CA ILE D 331 29.28 27.92 19.27
C ILE D 331 28.86 28.67 20.53
N LEU D 332 27.55 28.67 20.80
CA LEU D 332 27.02 29.49 21.88
C LEU D 332 26.49 28.71 23.08
N ILE D 333 26.33 29.40 24.20
CA ILE D 333 25.62 28.86 25.35
C ILE D 333 24.43 29.75 25.64
N ASN D 334 23.24 29.17 25.65
CA ASN D 334 22.01 29.90 25.93
C ASN D 334 21.45 29.47 27.28
N ASN D 335 21.04 30.44 28.09
CA ASN D 335 20.71 30.17 29.49
C ASN D 335 19.24 29.92 29.77
N TRP D 336 18.41 29.90 28.72
CA TRP D 336 16.96 29.79 28.89
C TRP D 336 16.52 28.50 29.60
N GLU D 337 16.91 27.35 29.05
CA GLU D 337 16.56 26.08 29.69
C GLU D 337 17.30 25.89 31.02
N ALA D 338 18.37 26.64 31.20
CA ALA D 338 19.22 26.53 32.39
C ALA D 338 18.64 27.22 33.62
N THR D 339 18.11 28.42 33.45
CA THR D 339 17.66 29.23 34.57
C THR D 339 16.24 29.75 34.37
N TYR D 340 15.81 29.82 33.12
CA TYR D 340 14.56 30.48 32.74
C TYR D 340 14.57 31.96 33.16
N PHE D 341 13.62 32.35 34.00
CA PHE D 341 13.56 33.75 34.42
C PHE D 341 14.35 34.02 35.69
N ASP D 342 14.82 32.95 36.33
CA ASP D 342 15.50 33.09 37.61
C ASP D 342 17.02 33.14 37.44
N PHE D 343 17.54 34.34 37.23
CA PHE D 343 18.97 34.55 37.04
C PHE D 343 19.38 35.95 37.47
N ASN D 344 20.69 36.16 37.60
CA ASN D 344 21.22 37.50 37.80
C ASN D 344 22.61 37.64 37.18
N GLU D 345 23.15 38.86 37.20
CA GLU D 345 24.43 39.14 36.57
C GLU D 345 25.57 38.30 37.13
N GLU D 346 25.56 38.11 38.45
CA GLU D 346 26.64 37.39 39.13
C GLU D 346 26.72 35.93 38.73
N LYS D 347 25.57 35.27 38.67
CA LYS D 347 25.52 33.85 38.31
C LYS D 347 25.96 33.63 36.87
N ILE D 348 25.74 34.62 36.02
CA ILE D 348 26.10 34.52 34.61
C ILE D 348 27.59 34.76 34.37
N VAL D 349 28.13 35.82 34.98
CA VAL D 349 29.54 36.15 34.80
C VAL D 349 30.46 35.11 35.45
N ASN D 350 30.03 34.53 36.57
CA ASN D 350 30.85 33.57 37.29
C ASN D 350 31.03 32.26 36.53
N ILE D 351 29.99 31.85 35.80
CA ILE D 351 30.04 30.60 35.05
C ILE D 351 30.69 30.79 33.68
N ALA D 352 30.83 32.04 33.26
CA ALA D 352 31.41 32.37 31.96
C ALA D 352 32.87 31.91 31.83
N ARG D 353 33.61 32.00 32.93
CA ARG D 353 35.00 31.53 32.95
C ARG D 353 35.08 30.05 32.60
N THR D 354 34.16 29.26 33.16
CA THR D 354 34.04 27.85 32.85
C THR D 354 33.71 27.64 31.38
N GLU D 355 32.75 28.41 30.88
CA GLU D 355 32.30 28.33 29.49
C GLU D 355 33.44 28.60 28.50
N ALA D 356 34.25 29.62 28.79
CA ALA D 356 35.39 29.95 27.94
C ALA D 356 36.41 28.80 27.93
N GLU D 357 36.62 28.21 29.10
CA GLU D 357 37.51 27.07 29.25
C GLU D 357 37.07 25.89 28.38
N LEU D 358 35.76 25.75 28.20
CA LEU D 358 35.20 24.65 27.43
C LEU D 358 35.33 24.85 25.93
N GLY D 359 35.57 26.09 25.51
CA GLY D 359 35.74 26.39 24.10
C GLY D 359 34.54 27.11 23.50
N ILE D 360 33.56 27.42 24.35
CA ILE D 360 32.40 28.20 23.95
C ILE D 360 32.85 29.58 23.46
N GLU D 361 32.21 30.09 22.42
CA GLU D 361 32.63 31.35 21.82
C GLU D 361 31.63 32.49 22.06
N LEU D 362 30.42 32.15 22.46
CA LEU D 362 29.38 33.16 22.63
C LEU D 362 28.44 32.86 23.79
N VAL D 363 28.16 33.89 24.59
CA VAL D 363 27.20 33.78 25.68
C VAL D 363 25.96 34.60 25.35
N VAL D 364 24.81 33.93 25.31
CA VAL D 364 23.56 34.61 24.98
C VAL D 364 22.67 34.78 26.19
N LEU D 365 22.39 36.03 26.54
CA LEU D 365 21.42 36.31 27.59
C LEU D 365 20.02 36.25 27.02
N ASP D 366 19.22 35.32 27.53
CA ASP D 366 17.86 35.10 27.02
C ASP D 366 16.84 35.96 27.78
N ASP D 367 15.56 35.59 27.65
CA ASP D 367 14.44 36.36 28.19
C ASP D 367 14.58 36.65 29.69
N GLY D 368 14.13 37.84 30.11
CA GLY D 368 14.05 38.17 31.52
C GLY D 368 14.95 39.29 32.01
N TRP D 369 15.68 39.93 31.11
CA TRP D 369 16.67 40.94 31.48
C TRP D 369 16.08 42.34 31.56
N PHE D 370 14.82 42.47 31.16
CA PHE D 370 14.22 43.79 30.98
C PHE D 370 13.03 44.03 31.92
N GLY D 371 12.75 45.30 32.19
CA GLY D 371 11.60 45.70 32.98
C GLY D 371 11.44 44.94 34.27
N GLU D 372 10.28 44.30 34.43
CA GLU D 372 10.01 43.45 35.58
C GLU D 372 9.74 42.02 35.10
N ARG D 373 10.47 41.62 34.06
CA ARG D 373 10.27 40.31 33.43
C ARG D 373 10.79 39.18 34.32
N ASP D 374 10.02 38.84 35.35
CA ASP D 374 10.36 37.72 36.22
C ASP D 374 9.46 36.52 35.91
N ASP D 375 8.50 36.74 35.01
CA ASP D 375 7.67 35.67 34.47
C ASP D 375 7.31 36.02 33.03
N ASP D 376 6.50 35.19 32.40
CA ASP D 376 6.12 35.44 31.00
C ASP D 376 4.79 36.20 30.89
N ARG D 377 4.50 37.04 31.88
CA ARG D 377 3.23 37.74 31.95
C ARG D 377 3.40 39.25 32.02
N ARG D 378 4.53 39.77 31.56
CA ARG D 378 4.90 41.12 31.95
C ARG D 378 5.97 41.77 31.07
N SER D 379 5.94 43.09 31.03
CA SER D 379 7.08 43.91 30.60
C SER D 379 7.47 43.90 29.13
N LEU D 380 6.81 43.10 28.31
CA LEU D 380 7.07 43.13 26.88
C LEU D 380 6.72 44.50 26.29
N GLY D 381 7.71 45.17 25.71
CA GLY D 381 7.53 46.53 25.23
C GLY D 381 8.37 47.51 26.02
N ASP D 382 8.74 47.12 27.24
CA ASP D 382 9.60 47.95 28.09
C ASP D 382 11.03 47.42 28.04
N TRP D 383 11.77 47.82 27.00
CA TRP D 383 13.10 47.28 26.78
C TRP D 383 14.19 48.05 27.55
N ILE D 384 13.95 48.23 28.84
CA ILE D 384 14.92 48.84 29.74
C ILE D 384 15.48 47.74 30.64
N VAL D 385 16.79 47.76 30.87
CA VAL D 385 17.44 46.74 31.68
C VAL D 385 16.90 46.69 33.11
N ASN D 386 16.68 45.48 33.61
CA ASN D 386 16.31 45.29 35.00
C ASN D 386 17.54 45.50 35.86
N ARG D 387 17.61 46.68 36.49
CA ARG D 387 18.76 47.08 37.29
C ARG D 387 18.96 46.17 38.50
N ARG D 388 17.86 45.60 38.98
CA ARG D 388 17.90 44.66 40.10
C ARG D 388 18.62 43.37 39.71
N LYS D 389 18.30 42.83 38.54
CA LYS D 389 18.94 41.61 38.03
C LYS D 389 20.34 41.89 37.50
N LEU D 390 20.49 43.03 36.81
CA LEU D 390 21.78 43.40 36.24
C LEU D 390 22.18 44.79 36.72
N PRO D 391 22.86 44.85 37.89
CA PRO D 391 23.23 46.12 38.53
C PRO D 391 24.13 46.99 37.66
N ASN D 392 24.98 46.35 36.86
CA ASN D 392 25.90 47.08 36.01
C ASN D 392 25.37 47.22 34.58
N GLY D 393 24.11 46.80 34.40
CA GLY D 393 23.44 46.93 33.12
C GLY D 393 23.96 45.98 32.05
N LEU D 394 23.44 46.13 30.84
CA LEU D 394 23.88 45.34 29.70
C LEU D 394 25.35 45.60 29.39
N ASP D 395 25.75 46.87 29.45
CA ASP D 395 27.12 47.24 29.13
C ASP D 395 28.12 46.60 30.10
N GLY D 396 27.74 46.54 31.37
CA GLY D 396 28.57 45.90 32.37
C GLY D 396 28.75 44.42 32.11
N LEU D 397 27.62 43.73 31.92
CA LEU D 397 27.63 42.29 31.68
C LEU D 397 28.39 41.94 30.42
N ALA D 398 28.09 42.65 29.33
CA ALA D 398 28.75 42.43 28.04
C ALA D 398 30.26 42.60 28.13
N LYS D 399 30.71 43.64 28.85
CA LYS D 399 32.14 43.88 29.02
C LYS D 399 32.81 42.83 29.89
N GLN D 400 32.14 42.44 30.97
CA GLN D 400 32.65 41.38 31.83
C GLN D 400 32.82 40.10 31.03
N VAL D 401 31.82 39.78 30.22
CA VAL D 401 31.84 38.58 29.38
C VAL D 401 32.90 38.66 28.28
N ASN D 402 33.03 39.84 27.66
CA ASN D 402 34.05 40.06 26.64
C ASN D 402 35.45 39.82 27.15
N GLU D 403 35.71 40.26 28.38
CA GLU D 403 37.05 40.20 28.95
C GLU D 403 37.56 38.77 29.07
N LEU D 404 36.63 37.82 29.12
CA LEU D 404 36.97 36.41 29.20
C LEU D 404 37.09 35.77 27.82
N GLY D 405 37.04 36.59 26.78
CA GLY D 405 37.14 36.10 25.42
C GLY D 405 35.84 35.48 24.94
N LEU D 406 34.71 36.05 25.37
CA LEU D 406 33.40 35.57 24.97
C LEU D 406 32.59 36.70 24.34
N GLN D 407 31.90 36.39 23.25
CA GLN D 407 30.97 37.34 22.65
C GLN D 407 29.72 37.40 23.50
N PHE D 408 28.97 38.49 23.36
CA PHE D 408 27.73 38.66 24.12
C PHE D 408 26.51 38.78 23.21
N GLY D 409 25.50 37.96 23.48
CA GLY D 409 24.27 37.98 22.71
C GLY D 409 23.07 38.38 23.54
N LEU D 410 22.01 38.80 22.87
CA LEU D 410 20.82 39.29 23.56
C LEU D 410 19.51 38.84 22.88
N TRP D 411 18.52 38.54 23.71
CA TRP D 411 17.20 38.09 23.26
C TRP D 411 16.25 39.27 23.24
N VAL D 412 15.46 39.40 22.17
CA VAL D 412 14.42 40.42 22.10
C VAL D 412 13.16 39.88 21.43
N GLU D 413 12.02 40.46 21.79
CA GLU D 413 10.75 40.12 21.15
C GLU D 413 9.99 41.40 20.86
N PRO D 414 10.47 42.18 19.87
CA PRO D 414 10.03 43.56 19.63
C PRO D 414 8.65 43.70 18.97
N GLU D 415 8.06 42.62 18.48
CA GLU D 415 6.76 42.71 17.82
C GLU D 415 5.62 42.59 18.81
N MET D 416 5.97 42.48 20.09
CA MET D 416 4.99 42.17 21.12
C MET D 416 4.92 43.21 22.23
N VAL D 417 3.78 43.23 22.93
CA VAL D 417 3.58 44.13 24.05
C VAL D 417 2.70 43.47 25.11
N SER D 418 3.14 43.54 26.36
CA SER D 418 2.35 43.02 27.46
C SER D 418 1.31 44.04 27.88
N PRO D 419 0.07 43.60 28.12
CA PRO D 419 -0.94 44.44 28.75
C PRO D 419 -0.42 45.04 30.05
N ASN D 420 0.30 44.24 30.83
CA ASN D 420 0.97 44.74 32.02
C ASN D 420 2.36 45.28 31.67
N SER D 421 2.40 46.50 31.13
CA SER D 421 3.66 47.15 30.77
C SER D 421 3.48 48.65 30.68
N GLU D 422 4.59 49.38 30.72
CA GLU D 422 4.53 50.84 30.60
C GLU D 422 4.04 51.25 29.21
N LEU D 423 4.56 50.60 28.20
CA LEU D 423 4.22 50.90 26.81
C LEU D 423 2.71 50.78 26.56
N TYR D 424 2.12 49.68 27.03
CA TYR D 424 0.71 49.45 26.80
C TYR D 424 -0.18 50.43 27.56
N ARG D 425 0.29 50.90 28.71
CA ARG D 425 -0.44 51.90 29.48
C ARG D 425 -0.32 53.27 28.83
N LYS D 426 0.71 53.45 28.03
CA LYS D 426 0.91 54.71 27.31
C LYS D 426 0.25 54.68 25.93
N HIS D 427 0.27 53.53 25.28
CA HIS D 427 -0.28 53.42 23.92
C HIS D 427 -1.12 52.16 23.70
N PRO D 428 -2.28 52.07 24.35
CA PRO D 428 -3.11 50.87 24.26
C PRO D 428 -3.62 50.61 22.84
N ASP D 429 -3.63 51.64 22.00
CA ASP D 429 -4.15 51.52 20.65
C ASP D 429 -3.07 51.08 19.65
N TRP D 430 -1.85 50.86 20.14
CA TRP D 430 -0.75 50.48 19.27
C TRP D 430 -0.73 48.99 18.93
N CYS D 431 -1.67 48.25 19.49
CA CYS D 431 -1.75 46.81 19.23
C CYS D 431 -2.75 46.51 18.12
N LEU D 432 -2.63 45.34 17.52
CA LEU D 432 -3.63 44.86 16.58
C LEU D 432 -4.93 44.62 17.32
N HIS D 433 -6.01 45.21 16.83
CA HIS D 433 -7.31 45.05 17.46
C HIS D 433 -8.41 45.50 16.52
N VAL D 434 -9.65 45.25 16.93
CA VAL D 434 -10.80 45.75 16.20
C VAL D 434 -11.71 46.40 17.23
N PRO D 435 -12.47 47.42 16.81
CA PRO D 435 -13.32 48.20 17.75
C PRO D 435 -14.28 47.35 18.56
N ASN D 436 -14.27 47.56 19.88
CA ASN D 436 -15.23 46.99 20.81
C ASN D 436 -15.20 45.48 21.02
N ARG D 437 -14.09 44.86 20.65
CA ARG D 437 -13.94 43.41 20.87
C ARG D 437 -12.87 43.14 21.91
N PRO D 438 -13.09 42.13 22.76
CA PRO D 438 -12.09 41.68 23.74
C PRO D 438 -10.77 41.41 23.06
N ARG D 439 -9.67 41.75 23.72
CA ARG D 439 -8.35 41.55 23.14
C ARG D 439 -7.73 40.26 23.64
N SER D 440 -7.92 39.21 22.84
CA SER D 440 -7.41 37.88 23.18
C SER D 440 -5.89 37.92 23.33
N GLU D 441 -5.37 37.09 24.22
CA GLU D 441 -3.94 37.07 24.48
C GLU D 441 -3.34 35.69 24.27
N GLY D 442 -2.13 35.66 23.74
CA GLY D 442 -1.33 34.46 23.69
C GLY D 442 -0.14 34.65 24.60
N ARG D 443 0.03 33.75 25.56
CA ARG D 443 1.10 33.85 26.56
C ARG D 443 1.03 35.19 27.30
N ASN D 444 -0.20 35.65 27.55
CA ASN D 444 -0.45 36.92 28.23
C ASN D 444 0.14 38.16 27.55
N GLN D 445 0.33 38.10 26.24
CA GLN D 445 0.86 39.24 25.51
C GLN D 445 -0.05 39.63 24.34
N LEU D 446 0.25 40.77 23.73
CA LEU D 446 -0.49 41.25 22.56
C LEU D 446 0.47 41.60 21.42
N VAL D 447 -0.07 41.75 20.22
CA VAL D 447 0.73 42.01 19.04
C VAL D 447 0.71 43.49 18.67
N LEU D 448 1.89 44.07 18.52
CA LEU D 448 2.00 45.47 18.11
C LEU D 448 1.62 45.64 16.64
N ASP D 449 0.97 46.75 16.33
CA ASP D 449 0.51 47.03 14.98
C ASP D 449 1.66 47.51 14.09
N TYR D 450 2.33 46.56 13.45
CA TYR D 450 3.46 46.90 12.57
C TYR D 450 3.02 47.44 11.21
N SER D 451 1.73 47.70 11.04
CA SER D 451 1.23 48.32 9.82
C SER D 451 1.24 49.83 9.97
N ARG D 452 1.44 50.29 11.20
CA ARG D 452 1.54 51.72 11.49
C ARG D 452 2.99 52.16 11.49
N GLU D 453 3.25 53.31 10.87
CA GLU D 453 4.62 53.80 10.76
C GLU D 453 5.18 54.27 12.11
N ASP D 454 4.32 54.89 12.92
CA ASP D 454 4.75 55.39 14.22
C ASP D 454 5.20 54.27 15.15
N VAL D 455 4.51 53.13 15.08
CA VAL D 455 4.89 51.96 15.86
C VAL D 455 6.22 51.40 15.36
N CYS D 456 6.35 51.30 14.04
CA CYS D 456 7.60 50.81 13.44
C CYS D 456 8.78 51.75 13.72
N ASP D 457 8.54 53.05 13.63
CA ASP D 457 9.57 54.04 13.94
C ASP D 457 10.03 53.94 15.39
N TYR D 458 9.08 53.71 16.27
CA TYR D 458 9.38 53.58 17.69
C TYR D 458 10.27 52.37 17.94
N ILE D 459 9.88 51.22 17.38
CA ILE D 459 10.62 49.98 17.56
C ILE D 459 12.05 50.07 17.03
N ILE D 460 12.20 50.65 15.84
CA ILE D 460 13.52 50.82 15.24
C ILE D 460 14.43 51.65 16.15
N GLU D 461 13.90 52.73 16.69
CA GLU D 461 14.68 53.60 17.57
C GLU D 461 14.99 52.92 18.91
N THR D 462 13.95 52.33 19.51
CA THR D 462 14.07 51.70 20.82
C THR D 462 15.07 50.56 20.85
N ILE D 463 14.94 49.62 19.91
CA ILE D 463 15.82 48.47 19.85
C ILE D 463 17.25 48.85 19.46
N SER D 464 17.38 49.85 18.58
CA SER D 464 18.70 50.34 18.19
C SER D 464 19.47 50.90 19.38
N ASN D 465 18.76 51.63 20.25
CA ASN D 465 19.36 52.15 21.48
C ASN D 465 19.88 51.03 22.38
N VAL D 466 19.08 49.98 22.53
CA VAL D 466 19.48 48.83 23.31
C VAL D 466 20.73 48.19 22.71
N LEU D 467 20.71 47.96 21.40
CA LEU D 467 21.80 47.29 20.70
C LEU D 467 23.08 48.14 20.66
N ALA D 468 22.94 49.45 20.85
CA ALA D 468 24.09 50.35 20.79
C ALA D 468 24.65 50.69 22.18
N SER D 469 23.94 50.26 23.22
CA SER D 469 24.34 50.57 24.58
C SER D 469 25.33 49.57 25.16
N ALA D 470 25.65 48.54 24.37
CA ALA D 470 26.54 47.49 24.83
C ALA D 470 27.19 46.78 23.64
N PRO D 471 28.41 46.27 23.82
CA PRO D 471 29.11 45.55 22.75
C PRO D 471 28.45 44.20 22.46
N ILE D 472 27.26 44.27 21.87
CA ILE D 472 26.49 43.08 21.53
C ILE D 472 26.82 42.66 20.11
N THR D 473 27.11 41.38 19.91
CA THR D 473 27.46 40.88 18.58
C THR D 473 26.55 39.75 18.13
N TYR D 474 25.44 39.57 18.85
CA TYR D 474 24.47 38.53 18.52
C TYR D 474 23.11 38.91 19.07
N VAL D 475 22.07 38.70 18.27
CA VAL D 475 20.71 39.01 18.68
C VAL D 475 19.77 37.84 18.36
N LYS D 476 18.97 37.46 19.34
CA LYS D 476 17.93 36.46 19.14
C LYS D 476 16.56 37.15 19.08
N TRP D 477 16.05 37.34 17.87
CA TRP D 477 14.77 38.00 17.65
C TRP D 477 13.66 36.96 17.71
N ASP D 478 12.88 37.00 18.79
CA ASP D 478 11.84 36.00 19.03
C ASP D 478 10.44 36.57 18.78
N MET D 479 9.45 35.69 18.74
CA MET D 479 8.07 36.07 18.48
C MET D 479 7.16 34.92 18.89
N ASN D 480 6.48 35.06 20.04
CA ASN D 480 5.83 33.91 20.67
C ASN D 480 4.30 33.88 20.66
N ARG D 481 3.69 34.38 19.59
CA ARG D 481 2.24 34.50 19.57
C ARG D 481 1.73 34.63 18.14
N HIS D 482 0.49 34.22 17.91
CA HIS D 482 -0.14 34.40 16.60
C HIS D 482 -1.31 35.38 16.68
N MET D 483 -1.51 36.13 15.59
CA MET D 483 -2.49 37.22 15.52
C MET D 483 -3.95 36.79 15.69
N THR D 484 -4.66 37.49 16.56
CA THR D 484 -6.11 37.43 16.62
C THR D 484 -6.65 38.84 16.57
N GLU D 485 -7.96 38.99 16.30
CA GLU D 485 -8.59 40.30 16.18
C GLU D 485 -7.80 41.21 15.24
N ILE D 486 -7.47 40.70 14.07
CA ILE D 486 -6.60 41.40 13.13
C ILE D 486 -7.24 42.69 12.60
N GLY D 487 -6.65 43.82 12.99
CA GLY D 487 -7.16 45.11 12.59
C GLY D 487 -6.26 46.24 13.02
N SER D 488 -6.50 47.42 12.44
CA SER D 488 -5.68 48.59 12.72
C SER D 488 -6.56 49.84 12.80
N SER D 489 -6.24 50.71 13.75
CA SER D 489 -7.01 51.94 13.91
C SER D 489 -6.52 53.04 12.98
N ALA D 490 -5.44 52.75 12.26
CA ALA D 490 -4.87 53.69 11.31
C ALA D 490 -5.23 53.32 9.87
N LEU D 491 -6.12 52.36 9.70
CA LEU D 491 -6.58 51.98 8.37
C LEU D 491 -8.08 52.18 8.22
N PRO D 492 -8.53 52.69 7.07
CA PRO D 492 -9.96 52.85 6.80
C PRO D 492 -10.61 51.48 6.66
N PRO D 493 -11.95 51.40 6.81
CA PRO D 493 -12.68 50.14 6.75
C PRO D 493 -12.37 49.31 5.50
N GLU D 494 -12.22 49.95 4.35
CA GLU D 494 -12.00 49.26 3.09
C GLU D 494 -10.58 48.70 2.93
N ARG D 495 -9.71 49.02 3.88
CA ARG D 495 -8.34 48.52 3.85
C ARG D 495 -8.01 47.65 5.07
N GLN D 496 -9.01 47.39 5.90
CA GLN D 496 -8.82 46.60 7.11
C GLN D 496 -8.27 45.20 6.84
N ARG D 497 -8.75 44.58 5.77
CA ARG D 497 -8.33 43.23 5.40
C ARG D 497 -6.87 43.16 4.92
N GLU D 498 -6.23 44.32 4.82
CA GLU D 498 -4.84 44.39 4.38
C GLU D 498 -3.90 44.40 5.57
N THR D 499 -4.47 44.38 6.77
CA THR D 499 -3.71 44.56 8.00
C THR D 499 -2.60 43.53 8.19
N ALA D 500 -2.93 42.26 8.00
CA ALA D 500 -1.96 41.19 8.26
C ALA D 500 -0.76 41.26 7.32
N HIS D 501 -0.99 41.63 6.06
CA HIS D 501 0.11 41.76 5.11
C HIS D 501 0.92 43.03 5.33
N ARG D 502 0.25 44.13 5.67
CA ARG D 502 0.93 45.38 5.95
C ARG D 502 1.81 45.24 7.20
N TYR D 503 1.35 44.42 8.14
CA TYR D 503 2.13 44.07 9.32
C TYR D 503 3.45 43.44 8.91
N MET D 504 3.39 42.51 7.96
CA MET D 504 4.58 41.78 7.53
C MET D 504 5.53 42.71 6.77
N LEU D 505 4.96 43.60 5.95
CA LEU D 505 5.75 44.59 5.25
C LEU D 505 6.42 45.51 6.25
N GLY D 506 5.69 45.86 7.31
CA GLY D 506 6.23 46.67 8.39
C GLY D 506 7.42 45.99 9.06
N LEU D 507 7.23 44.74 9.47
CA LEU D 507 8.28 43.96 10.11
C LEU D 507 9.53 43.84 9.24
N TYR D 508 9.32 43.58 7.95
CA TYR D 508 10.44 43.46 7.01
C TYR D 508 11.24 44.76 6.94
N ARG D 509 10.54 45.89 6.95
CA ARG D 509 11.19 47.19 6.93
C ARG D 509 11.93 47.45 8.24
N VAL D 510 11.31 47.07 9.36
CA VAL D 510 11.92 47.23 10.67
C VAL D 510 13.19 46.41 10.81
N MET D 511 13.13 45.15 10.37
CA MET D 511 14.29 44.27 10.41
C MET D 511 15.38 44.72 9.46
N ASP D 512 14.98 45.25 8.30
CA ASP D 512 15.96 45.70 7.32
C ASP D 512 16.78 46.87 7.87
N GLU D 513 16.08 47.83 8.47
CA GLU D 513 16.74 49.02 9.00
C GLU D 513 17.63 48.71 10.20
N ILE D 514 17.12 47.93 11.13
CA ILE D 514 17.86 47.55 12.33
C ILE D 514 19.10 46.72 12.00
N THR D 515 18.95 45.69 11.17
CA THR D 515 20.08 44.83 10.80
C THR D 515 21.15 45.60 10.01
N SER D 516 20.73 46.60 9.24
CA SER D 516 21.69 47.39 8.47
C SER D 516 22.43 48.40 9.35
N ARG D 517 21.79 48.83 10.44
CA ARG D 517 22.44 49.71 11.40
C ARG D 517 23.52 48.98 12.19
N PHE D 518 23.43 47.66 12.23
CA PHE D 518 24.38 46.86 13.00
C PHE D 518 24.94 45.70 12.20
N PRO D 519 25.85 45.99 11.26
CA PRO D 519 26.43 44.97 10.38
C PRO D 519 27.32 43.97 11.12
N HIS D 520 27.76 44.33 12.31
CA HIS D 520 28.66 43.46 13.09
C HIS D 520 27.88 42.49 13.98
N ILE D 521 26.56 42.58 13.95
CA ILE D 521 25.73 41.69 14.74
C ILE D 521 25.21 40.50 13.92
N LEU D 522 25.32 39.31 14.50
CA LEU D 522 24.74 38.11 13.92
C LEU D 522 23.32 37.93 14.45
N PHE D 523 22.34 38.06 13.56
CA PHE D 523 20.94 37.92 13.94
C PHE D 523 20.41 36.51 13.71
N GLU D 524 19.86 35.91 14.77
CA GLU D 524 19.18 34.62 14.65
C GLU D 524 17.69 34.82 14.90
N SER D 525 16.87 34.43 13.92
CA SER D 525 15.43 34.58 14.07
C SER D 525 14.84 33.43 14.87
N CYS D 526 13.76 33.71 15.58
CA CYS D 526 13.11 32.71 16.42
C CYS D 526 11.63 33.01 16.56
N SER D 527 10.84 31.95 16.74
CA SER D 527 9.41 32.10 16.93
C SER D 527 8.87 30.95 17.75
N GLY D 528 9.17 30.94 19.05
CA GLY D 528 8.80 29.85 19.92
C GLY D 528 9.28 28.54 19.34
N GLY D 529 10.53 28.52 18.92
CA GLY D 529 11.05 27.42 18.12
C GLY D 529 11.12 27.84 16.66
N GLY D 530 10.79 26.92 15.76
CA GLY D 530 10.82 27.19 14.34
C GLY D 530 9.48 27.59 13.77
N GLY D 531 8.79 28.50 14.45
CA GLY D 531 7.47 28.96 14.05
C GLY D 531 7.47 29.88 12.85
N ARG D 532 8.65 30.38 12.48
CA ARG D 532 8.80 31.20 11.28
C ARG D 532 10.02 30.79 10.47
N PHE D 533 10.30 29.49 10.41
CA PHE D 533 11.43 29.02 9.64
C PHE D 533 11.06 29.02 8.16
N ASP D 534 11.14 30.19 7.54
CA ASP D 534 10.80 30.35 6.14
C ASP D 534 11.88 31.16 5.41
N PRO D 535 11.90 31.13 4.07
CA PRO D 535 12.91 31.87 3.32
C PRO D 535 12.88 33.40 3.54
N GLY D 536 11.71 33.95 3.82
CA GLY D 536 11.57 35.38 4.04
C GLY D 536 12.39 35.88 5.22
N MET D 537 12.34 35.16 6.33
CA MET D 537 13.10 35.52 7.52
C MET D 537 14.59 35.33 7.28
N LEU D 538 14.93 34.30 6.50
CA LEU D 538 16.32 33.96 6.22
C LEU D 538 17.07 35.09 5.51
N TYR D 539 16.33 35.90 4.77
CA TYR D 539 16.87 37.04 4.05
C TYR D 539 17.35 38.12 5.01
N TYR D 540 16.68 38.24 6.16
CA TYR D 540 17.00 39.28 7.12
C TYR D 540 17.88 38.79 8.26
N MET D 541 17.74 37.51 8.61
CA MET D 541 18.54 36.90 9.67
C MET D 541 19.00 35.53 9.19
N PRO D 542 20.32 35.37 9.01
CA PRO D 542 20.90 34.21 8.30
C PRO D 542 20.90 32.91 9.08
N GLN D 543 20.24 32.87 10.24
CA GLN D 543 20.05 31.60 10.96
C GLN D 543 18.80 31.63 11.85
N THR D 544 18.33 30.45 12.22
CA THR D 544 17.05 30.32 12.91
C THR D 544 17.09 29.27 14.02
N TRP D 545 16.41 29.54 15.12
CA TRP D 545 16.24 28.54 16.16
C TRP D 545 15.22 27.51 15.68
N THR D 546 15.69 26.28 15.48
CA THR D 546 14.90 25.27 14.80
C THR D 546 13.64 24.83 15.54
N SER D 547 13.76 24.66 16.85
CA SER D 547 12.63 24.18 17.66
C SER D 547 12.94 24.35 19.13
N ASN D 548 11.91 24.52 19.95
CA ASN D 548 12.09 24.52 21.40
C ASN D 548 12.28 23.11 21.94
N ASN D 549 11.90 22.12 21.15
CA ASN D 549 12.20 20.74 21.49
C ASN D 549 13.67 20.45 21.21
N THR D 550 14.42 20.23 22.29
CA THR D 550 15.86 20.03 22.20
C THR D 550 16.24 18.58 22.49
N ASP D 551 15.24 17.72 22.55
CA ASP D 551 15.46 16.30 22.77
C ASP D 551 16.14 15.69 21.54
N ALA D 552 17.24 14.98 21.78
CA ALA D 552 18.05 14.42 20.70
C ALA D 552 17.26 13.56 19.72
N VAL D 553 16.33 12.75 20.23
CA VAL D 553 15.55 11.87 19.38
C VAL D 553 14.45 12.61 18.62
N SER D 554 13.74 13.50 19.32
CA SER D 554 12.72 14.32 18.66
C SER D 554 13.33 15.18 17.57
N ARG D 555 14.55 15.64 17.81
CA ARG D 555 15.27 16.48 16.85
C ARG D 555 15.67 15.71 15.59
N LEU D 556 15.62 14.38 15.65
CA LEU D 556 15.92 13.57 14.48
C LEU D 556 14.92 13.87 13.38
N LYS D 557 13.63 13.85 13.72
CA LYS D 557 12.59 14.15 12.74
C LYS D 557 12.59 15.64 12.36
N ILE D 558 12.68 16.51 13.37
CA ILE D 558 12.58 17.95 13.13
C ILE D 558 13.72 18.47 12.24
N GLN D 559 14.94 18.02 12.49
CA GLN D 559 16.08 18.45 11.69
C GLN D 559 16.10 17.81 10.30
N TYR D 560 15.73 16.53 10.23
CA TYR D 560 15.61 15.83 8.95
C TYR D 560 14.60 16.55 8.05
N GLY D 561 13.45 16.88 8.62
CA GLY D 561 12.40 17.57 7.89
C GLY D 561 12.78 19.00 7.53
N THR D 562 13.46 19.69 8.45
CA THR D 562 13.87 21.07 8.20
C THR D 562 14.92 21.12 7.08
N SER D 563 15.75 20.09 7.00
CA SER D 563 16.81 20.04 6.00
C SER D 563 16.28 19.90 4.58
N LEU D 564 15.00 19.57 4.46
CA LEU D 564 14.38 19.37 3.16
C LEU D 564 14.47 20.64 2.31
N VAL D 565 14.40 21.80 2.96
CA VAL D 565 14.41 23.08 2.26
C VAL D 565 15.54 23.99 2.72
N TYR D 566 15.83 23.95 4.02
CA TYR D 566 16.69 24.97 4.62
C TYR D 566 18.11 24.49 4.89
N PRO D 567 19.10 25.31 4.52
CA PRO D 567 20.52 24.97 4.69
C PRO D 567 20.86 24.73 6.15
N ILE D 568 21.83 23.84 6.38
CA ILE D 568 22.23 23.46 7.73
C ILE D 568 22.76 24.66 8.51
N SER D 569 23.38 25.59 7.80
CA SER D 569 23.97 26.79 8.42
C SER D 569 22.93 27.63 9.16
N ALA D 570 21.67 27.50 8.79
CA ALA D 570 20.60 28.25 9.44
C ALA D 570 19.89 27.45 10.52
N MET D 571 20.23 26.16 10.63
CA MET D 571 19.51 25.25 11.51
C MET D 571 20.13 25.14 12.89
N GLY D 572 19.72 26.02 13.79
CA GLY D 572 20.23 26.02 15.15
C GLY D 572 19.88 24.77 15.94
N ALA D 573 20.88 24.21 16.62
CA ALA D 573 20.67 23.01 17.42
C ALA D 573 21.51 23.09 18.69
N HIS D 574 20.89 22.81 19.84
CA HIS D 574 21.56 22.93 21.13
C HIS D 574 21.54 21.62 21.92
N VAL D 575 22.64 21.33 22.60
CA VAL D 575 22.65 20.24 23.57
C VAL D 575 22.00 20.73 24.87
N SER D 576 20.98 20.02 25.31
CA SER D 576 20.27 20.39 26.52
C SER D 576 20.38 19.29 27.57
N ALA D 577 19.84 19.54 28.74
CA ALA D 577 19.94 18.60 29.86
C ALA D 577 18.91 17.48 29.77
N VAL D 578 19.16 16.42 30.54
CA VAL D 578 18.22 15.30 30.65
C VAL D 578 17.86 15.07 32.12
N PRO D 579 16.62 14.61 32.40
CA PRO D 579 15.51 14.32 31.48
C PRO D 579 15.07 15.57 30.74
N ASN D 580 14.91 15.46 29.43
CA ASN D 580 14.58 16.60 28.57
C ASN D 580 13.33 17.33 29.04
N HIS D 581 13.33 18.66 28.91
CA HIS D 581 12.28 19.48 29.47
C HIS D 581 10.99 19.47 28.65
N GLN D 582 11.06 18.95 27.42
CA GLN D 582 9.89 18.91 26.56
C GLN D 582 9.20 17.54 26.53
N VAL D 583 9.98 16.46 26.57
CA VAL D 583 9.41 15.11 26.51
C VAL D 583 9.78 14.21 27.69
N GLY D 584 10.84 14.55 28.41
CA GLY D 584 11.24 13.77 29.56
C GLY D 584 12.13 12.60 29.22
N ARG D 585 12.54 12.53 27.96
CA ARG D 585 13.40 11.45 27.48
C ARG D 585 14.83 11.61 28.00
N VAL D 586 15.45 10.49 28.35
CA VAL D 586 16.85 10.51 28.78
C VAL D 586 17.76 9.90 27.73
N ALA D 587 18.55 10.75 27.08
CA ALA D 587 19.54 10.30 26.11
C ALA D 587 20.92 10.71 26.57
N SER D 588 21.92 9.91 26.22
CA SER D 588 23.29 10.19 26.65
C SER D 588 23.77 11.53 26.08
N LEU D 589 24.79 12.09 26.70
CA LEU D 589 25.36 13.35 26.24
C LEU D 589 25.97 13.16 24.85
N LYS D 590 26.55 11.99 24.62
CA LYS D 590 27.20 11.69 23.35
C LYS D 590 26.21 11.74 22.18
N THR D 591 25.03 11.17 22.39
CA THR D 591 23.99 11.19 21.36
C THR D 591 23.43 12.59 21.16
N ARG D 592 23.22 13.31 22.27
CA ARG D 592 22.76 14.69 22.21
C ARG D 592 23.70 15.57 21.41
N GLY D 593 25.00 15.34 21.60
CA GLY D 593 26.03 16.07 20.87
C GLY D 593 26.00 15.78 19.39
N HIS D 594 25.88 14.50 19.04
CA HIS D 594 25.87 14.08 17.64
C HIS D 594 24.69 14.63 16.84
N VAL D 595 23.55 14.83 17.50
CA VAL D 595 22.39 15.40 16.83
C VAL D 595 22.56 16.91 16.67
N ALA D 596 23.02 17.56 17.74
CA ALA D 596 23.23 19.01 17.71
C ALA D 596 24.37 19.39 16.77
N MET D 597 25.39 18.54 16.71
CA MET D 597 26.54 18.78 15.84
C MET D 597 26.18 18.55 14.38
N SER D 598 24.98 18.01 14.13
CA SER D 598 24.49 17.84 12.78
C SER D 598 23.84 19.12 12.26
N GLY D 599 23.72 20.11 13.14
CA GLY D 599 23.18 21.40 12.77
C GLY D 599 24.11 22.53 13.16
N ASN D 600 23.52 23.69 13.46
CA ASN D 600 24.28 24.84 13.94
C ASN D 600 24.53 24.71 15.44
N PHE D 601 25.65 24.08 15.78
CA PHE D 601 25.94 23.59 17.14
C PHE D 601 26.03 24.67 18.23
N GLY D 602 25.49 24.34 19.40
CA GLY D 602 25.54 25.20 20.57
C GLY D 602 25.06 24.47 21.80
N TYR D 603 25.05 25.15 22.94
CA TYR D 603 24.60 24.54 24.19
C TYR D 603 23.47 25.34 24.83
N GLU D 604 22.68 24.66 25.67
CA GLU D 604 21.59 25.30 26.40
C GLU D 604 21.25 24.49 27.65
N LEU D 605 22.11 24.60 28.67
CA LEU D 605 21.94 23.83 29.90
C LEU D 605 22.76 24.44 31.04
N ASP D 606 22.43 24.05 32.27
CA ASP D 606 23.12 24.57 33.45
C ASP D 606 24.44 23.84 33.68
N ILE D 607 25.55 24.54 33.50
CA ILE D 607 26.88 23.95 33.61
C ILE D 607 27.27 23.67 35.07
N THR D 608 26.68 24.42 35.99
CA THR D 608 26.97 24.22 37.41
C THR D 608 26.40 22.90 37.92
N LYS D 609 25.52 22.29 37.14
CA LYS D 609 24.92 21.01 37.51
C LYS D 609 25.59 19.83 36.81
N LEU D 610 26.66 20.12 36.05
CA LEU D 610 27.34 19.08 35.27
C LEU D 610 28.53 18.50 36.01
N THR D 611 28.67 17.18 35.94
CA THR D 611 29.82 16.49 36.53
C THR D 611 31.09 16.85 35.75
N GLU D 612 32.24 16.56 36.32
CA GLU D 612 33.51 16.82 35.66
C GLU D 612 33.62 16.01 34.36
N THR D 613 33.09 14.80 34.40
CA THR D 613 33.07 13.93 33.22
C THR D 613 32.29 14.57 32.07
N GLU D 614 31.11 15.11 32.39
CA GLU D 614 30.26 15.75 31.40
C GLU D 614 30.88 17.04 30.85
N LYS D 615 31.50 17.82 31.74
CA LYS D 615 32.17 19.05 31.32
C LYS D 615 33.37 18.73 30.43
N GLN D 616 34.02 17.59 30.70
CA GLN D 616 35.16 17.16 29.89
C GLN D 616 34.71 16.62 28.55
N MET D 617 33.53 16.01 28.51
CA MET D 617 32.98 15.54 27.25
C MET D 617 32.53 16.72 26.40
N MET D 618 32.05 17.77 27.07
CA MET D 618 31.66 18.99 26.38
C MET D 618 32.84 19.62 25.68
N LYS D 619 33.97 19.69 26.37
CA LYS D 619 35.17 20.30 25.83
C LYS D 619 35.63 19.57 24.57
N GLN D 620 35.49 18.25 24.58
CA GLN D 620 35.84 17.43 23.42
C GLN D 620 34.82 17.58 22.29
N GLN D 621 33.56 17.77 22.66
CA GLN D 621 32.50 18.01 21.68
C GLN D 621 32.75 19.31 20.94
N VAL D 622 33.11 20.34 21.70
CA VAL D 622 33.38 21.66 21.13
C VAL D 622 34.58 21.62 20.19
N ALA D 623 35.64 20.95 20.62
CA ALA D 623 36.86 20.84 19.82
C ALA D 623 36.57 20.10 18.51
N PHE D 624 35.79 19.02 18.61
CA PHE D 624 35.45 18.21 17.45
C PHE D 624 34.63 19.02 16.44
N TYR D 625 33.59 19.69 16.92
CA TYR D 625 32.72 20.48 16.03
C TYR D 625 33.47 21.61 15.35
N LYS D 626 34.39 22.25 16.07
CA LYS D 626 35.23 23.30 15.48
C LYS D 626 36.05 22.74 14.32
N ASP D 627 36.39 21.46 14.43
CA ASP D 627 37.21 20.80 13.41
C ASP D 627 36.39 20.47 12.16
N VAL D 628 35.09 20.23 12.34
CA VAL D 628 34.22 19.87 11.21
C VAL D 628 33.14 20.92 10.94
N ARG D 629 33.23 22.07 11.60
CA ARG D 629 32.24 23.13 11.49
C ARG D 629 32.01 23.60 10.05
N ARG D 630 33.09 23.92 9.35
CA ARG D 630 33.02 24.37 7.96
C ARG D 630 32.33 23.32 7.09
N LEU D 631 32.65 22.05 7.34
CA LEU D 631 32.06 20.95 6.59
C LEU D 631 30.56 20.82 6.85
N VAL D 632 30.16 20.93 8.12
CA VAL D 632 28.75 20.81 8.48
C VAL D 632 27.92 21.97 7.95
N GLN D 633 28.40 23.19 8.20
CA GLN D 633 27.63 24.38 7.90
C GLN D 633 27.71 24.86 6.45
N PHE D 634 28.67 24.34 5.68
CA PHE D 634 28.86 24.79 4.30
C PHE D 634 29.07 23.67 3.29
N GLY D 635 29.22 22.44 3.80
CA GLY D 635 29.38 21.30 2.92
C GLY D 635 28.06 20.84 2.37
N THR D 636 28.11 19.83 1.50
CA THR D 636 26.91 19.32 0.84
C THR D 636 26.22 18.26 1.70
N PHE D 637 24.90 18.36 1.82
CA PHE D 637 24.14 17.50 2.73
C PHE D 637 23.41 16.37 2.01
N TYR D 638 23.59 15.15 2.51
CA TYR D 638 22.92 13.98 1.97
C TYR D 638 22.13 13.26 3.06
N ARG D 639 20.83 13.08 2.85
CA ARG D 639 20.03 12.28 3.75
C ARG D 639 20.07 10.81 3.36
N LEU D 640 20.32 9.94 4.33
CA LEU D 640 20.55 8.51 4.05
C LEU D 640 19.44 7.61 4.58
N LEU D 641 19.07 7.80 5.85
CA LEU D 641 18.00 7.01 6.45
C LEU D 641 17.00 7.93 7.15
N SER D 642 15.72 7.75 6.84
CA SER D 642 14.66 8.61 7.35
C SER D 642 14.08 8.14 8.68
N PRO D 643 13.97 9.05 9.65
CA PRO D 643 13.33 8.72 10.94
C PRO D 643 11.81 8.68 10.80
N PHE D 644 11.30 8.99 9.62
CA PHE D 644 9.87 8.91 9.37
C PHE D 644 9.50 7.56 8.76
N GLU D 645 10.50 6.80 8.34
CA GLU D 645 10.27 5.53 7.67
C GLU D 645 10.64 4.32 8.52
N GLY D 646 11.36 4.55 9.61
CA GLY D 646 11.80 3.45 10.44
C GLY D 646 12.49 3.86 11.72
N ASN D 647 13.26 2.94 12.28
CA ASN D 647 13.87 3.09 13.59
C ASN D 647 15.24 3.79 13.53
N GLU D 648 15.64 4.20 12.33
CA GLU D 648 16.97 4.78 12.15
C GLU D 648 16.93 6.14 11.47
N ALA D 649 17.94 6.96 11.78
CA ALA D 649 18.15 8.22 11.11
C ALA D 649 19.63 8.32 10.72
N ALA D 650 19.90 8.80 9.52
CA ALA D 650 21.28 8.90 9.05
C ALA D 650 21.44 9.94 7.96
N TRP D 651 22.58 10.62 8.00
CA TRP D 651 22.92 11.62 6.99
C TRP D 651 24.42 11.86 6.98
N MET D 652 24.90 12.60 5.99
CA MET D 652 26.32 12.91 5.92
C MET D 652 26.61 14.23 5.22
N PHE D 653 27.79 14.77 5.50
CA PHE D 653 28.22 16.03 4.93
C PHE D 653 29.46 15.78 4.06
N VAL D 654 29.45 16.32 2.84
CA VAL D 654 30.57 16.13 1.92
C VAL D 654 31.06 17.48 1.39
N SER D 655 32.38 17.68 1.42
CA SER D 655 32.98 18.91 0.91
C SER D 655 32.80 19.03 -0.60
N ALA D 656 33.16 20.18 -1.15
CA ALA D 656 32.97 20.46 -2.56
C ALA D 656 33.80 19.53 -3.46
N ASP D 657 35.03 19.26 -3.05
CA ASP D 657 35.92 18.39 -3.83
C ASP D 657 35.80 16.93 -3.43
N ARG D 658 34.86 16.64 -2.53
CA ARG D 658 34.60 15.29 -2.05
C ARG D 658 35.83 14.65 -1.42
N SER D 659 36.70 15.47 -0.84
CA SER D 659 37.91 14.95 -0.21
C SER D 659 37.68 14.64 1.26
N GLU D 660 36.75 15.36 1.86
CA GLU D 660 36.44 15.19 3.28
C GLU D 660 34.95 14.94 3.49
N ALA D 661 34.62 14.15 4.49
CA ALA D 661 33.22 13.85 4.79
C ALA D 661 32.99 13.50 6.25
N LEU D 662 31.77 13.76 6.72
CA LEU D 662 31.36 13.43 8.08
C LEU D 662 30.06 12.65 8.01
N VAL D 663 30.03 11.47 8.62
CA VAL D 663 28.85 10.62 8.58
C VAL D 663 28.23 10.46 9.96
N ALA D 664 26.93 10.62 10.06
CA ALA D 664 26.22 10.49 11.33
C ALA D 664 25.08 9.46 11.24
N TYR D 665 25.02 8.57 12.22
CA TYR D 665 24.03 7.50 12.24
C TYR D 665 23.37 7.42 13.61
N PHE D 666 22.09 7.10 13.62
CA PHE D 666 21.31 7.04 14.86
C PHE D 666 20.32 5.89 14.84
N ARG D 667 20.28 5.12 15.93
CA ARG D 667 19.24 4.12 16.12
C ARG D 667 18.51 4.36 17.44
N VAL D 668 17.21 4.58 17.38
CA VAL D 668 16.45 4.94 18.58
C VAL D 668 16.12 3.74 19.48
N LEU D 669 15.30 2.82 19.01
CA LEU D 669 14.89 1.69 19.86
C LEU D 669 15.76 0.45 19.67
N ALA D 670 16.27 -0.07 20.79
CA ALA D 670 17.12 -1.26 20.75
C ALA D 670 16.29 -2.52 20.58
N GLU D 671 16.81 -3.44 19.76
CA GLU D 671 16.16 -4.71 19.50
C GLU D 671 17.08 -5.85 19.94
N ALA D 672 16.58 -6.72 20.80
CA ALA D 672 17.37 -7.85 21.28
C ALA D 672 17.71 -8.81 20.14
N ASN D 673 18.94 -9.32 20.14
CA ASN D 673 19.38 -10.30 19.16
C ASN D 673 19.13 -9.78 17.74
N ALA D 674 19.41 -8.50 17.54
CA ALA D 674 19.08 -7.79 16.31
C ALA D 674 19.91 -8.26 15.13
N PRO D 675 19.37 -8.11 13.91
CA PRO D 675 20.15 -8.38 12.69
C PRO D 675 21.32 -7.42 12.56
N LEU D 676 22.30 -7.80 11.75
CA LEU D 676 23.44 -6.93 11.48
C LEU D 676 23.01 -5.78 10.58
N SER D 677 23.49 -4.58 10.87
CA SER D 677 23.13 -3.40 10.10
C SER D 677 24.28 -2.90 9.24
N TYR D 678 23.95 -2.27 8.12
CA TYR D 678 24.95 -1.74 7.20
C TYR D 678 24.51 -0.38 6.68
N LEU D 679 25.43 0.57 6.59
CA LEU D 679 25.11 1.89 6.07
C LEU D 679 25.79 2.15 4.74
N ARG D 680 24.99 2.46 3.72
CA ARG D 680 25.54 2.89 2.43
C ARG D 680 25.65 4.41 2.41
N LEU D 681 26.71 4.91 1.76
CA LEU D 681 26.97 6.34 1.71
C LEU D 681 26.65 6.95 0.36
N LYS D 682 26.60 8.27 0.30
CA LYS D 682 26.35 8.98 -0.95
C LYS D 682 27.30 10.17 -1.12
N GLY D 683 27.53 10.59 -2.36
CA GLY D 683 28.28 11.79 -2.64
C GLY D 683 29.79 11.65 -2.61
N LEU D 684 30.30 10.44 -2.39
CA LEU D 684 31.74 10.22 -2.41
C LEU D 684 32.23 9.94 -3.83
N ASP D 685 33.52 10.11 -4.05
CA ASP D 685 34.13 9.79 -5.34
C ASP D 685 34.45 8.31 -5.38
N SER D 686 33.89 7.60 -6.35
CA SER D 686 34.09 6.16 -6.49
C SER D 686 35.56 5.79 -6.70
N ASN D 687 36.27 6.67 -7.40
CA ASN D 687 37.65 6.40 -7.81
C ASN D 687 38.70 6.69 -6.73
N GLN D 688 38.26 7.21 -5.59
CA GLN D 688 39.18 7.51 -4.50
C GLN D 688 38.96 6.60 -3.31
N ASP D 689 40.00 6.44 -2.49
CA ASP D 689 39.89 5.74 -1.23
C ASP D 689 39.75 6.75 -0.10
N TYR D 690 38.99 6.38 0.93
CA TYR D 690 38.80 7.26 2.08
C TYR D 690 39.19 6.56 3.37
N GLU D 691 40.02 7.21 4.17
CA GLU D 691 40.33 6.68 5.49
C GLU D 691 39.20 7.06 6.45
N ILE D 692 38.44 6.07 6.90
CA ILE D 692 37.47 6.30 7.95
C ILE D 692 38.20 6.31 9.28
N GLU D 693 38.14 7.45 9.97
CA GLU D 693 38.91 7.70 11.17
C GLU D 693 38.67 6.63 12.25
N GLY D 694 39.66 5.75 12.42
CA GLY D 694 39.57 4.70 13.41
C GLY D 694 39.23 3.33 12.84
N LEU D 695 38.67 3.29 11.64
CA LEU D 695 38.26 2.03 11.03
C LEU D 695 39.31 1.46 10.08
N GLY D 696 39.80 2.30 9.16
CA GLY D 696 40.72 1.84 8.15
C GLY D 696 40.36 2.41 6.79
N VAL D 697 41.21 2.18 5.80
CA VAL D 697 40.98 2.72 4.46
C VAL D 697 39.93 1.92 3.70
N TYR D 698 38.89 2.60 3.23
CA TYR D 698 37.85 1.99 2.40
C TYR D 698 37.80 2.65 1.04
N GLY D 699 37.32 1.92 0.04
CA GLY D 699 37.14 2.48 -1.28
C GLY D 699 35.87 3.31 -1.35
N GLY D 700 35.91 4.39 -2.12
CA GLY D 700 34.75 5.24 -2.30
C GLY D 700 33.59 4.46 -2.88
N ASP D 701 33.89 3.58 -3.84
CA ASP D 701 32.88 2.73 -4.45
C ASP D 701 32.29 1.74 -3.46
N GLU D 702 33.15 1.15 -2.62
CA GLU D 702 32.72 0.19 -1.62
C GLU D 702 31.77 0.82 -0.59
N LEU D 703 32.03 2.08 -0.24
CA LEU D 703 31.21 2.78 0.74
C LEU D 703 29.85 3.17 0.17
N VAL D 704 29.76 3.28 -1.15
CA VAL D 704 28.54 3.72 -1.81
C VAL D 704 27.74 2.54 -2.36
N TYR D 705 28.43 1.52 -2.84
CA TYR D 705 27.78 0.39 -3.51
C TYR D 705 27.58 -0.80 -2.58
N ALA D 706 28.46 -0.95 -1.59
CA ALA D 706 28.38 -2.08 -0.67
C ALA D 706 28.02 -1.62 0.73
N GLY D 707 28.55 -0.47 1.12
CA GLY D 707 28.28 0.06 2.44
C GLY D 707 29.21 -0.50 3.49
N VAL D 708 29.16 0.09 4.68
CA VAL D 708 30.03 -0.34 5.77
C VAL D 708 29.21 -1.05 6.85
N ALA D 709 29.76 -2.14 7.36
CA ALA D 709 29.12 -2.87 8.46
C ALA D 709 29.09 -1.99 9.70
N LEU D 710 27.98 -2.06 10.43
CA LEU D 710 27.81 -1.23 11.62
C LEU D 710 28.00 -2.07 12.88
N PRO D 711 28.68 -1.50 13.89
CA PRO D 711 28.93 -2.17 15.17
C PRO D 711 27.64 -2.56 15.87
N TYR D 712 27.60 -3.76 16.43
CA TYR D 712 26.44 -4.19 17.20
C TYR D 712 26.42 -3.46 18.54
N ARG D 713 25.33 -2.74 18.79
CA ARG D 713 25.22 -1.99 20.04
C ARG D 713 23.85 -2.15 20.69
N SER D 714 23.84 -2.16 22.02
CA SER D 714 22.60 -2.24 22.77
C SER D 714 22.20 -0.83 23.25
N SER D 715 21.21 -0.77 24.13
CA SER D 715 20.69 0.48 24.69
C SER D 715 19.97 1.37 23.69
N ASP D 716 19.00 2.13 24.19
CA ASP D 716 18.21 3.02 23.35
C ASP D 716 18.99 4.29 22.97
N PHE D 717 18.61 4.88 21.86
CA PHE D 717 19.08 6.21 21.46
C PHE D 717 20.61 6.27 21.31
N ILE D 718 21.15 5.43 20.44
CA ILE D 718 22.59 5.42 20.22
C ILE D 718 22.97 6.27 19.00
N SER D 719 24.24 6.62 18.92
CA SER D 719 24.74 7.44 17.82
C SER D 719 26.16 7.06 17.42
N MET D 720 26.59 7.51 16.25
CA MET D 720 27.93 7.24 15.75
C MET D 720 28.33 8.30 14.73
N MET D 721 29.55 8.81 14.86
CA MET D 721 30.08 9.73 13.85
C MET D 721 31.42 9.24 13.30
N TRP D 722 31.54 9.26 11.97
CA TRP D 722 32.77 8.88 11.30
C TRP D 722 33.31 10.03 10.48
N ARG D 723 34.58 10.38 10.71
CA ARG D 723 35.25 11.35 9.86
C ARG D 723 35.91 10.64 8.71
N LEU D 724 35.62 11.10 7.49
CA LEU D 724 36.21 10.50 6.30
C LEU D 724 37.19 11.45 5.63
N LYS D 725 38.34 10.92 5.22
CA LYS D 725 39.34 11.71 4.52
C LYS D 725 39.96 10.92 3.37
N ALA D 726 40.01 11.53 2.20
CA ALA D 726 40.60 10.89 1.03
C ALA D 726 42.09 10.66 1.27
N VAL D 727 42.62 9.57 0.70
CA VAL D 727 44.03 9.24 0.87
C VAL D 727 44.72 9.08 -0.47
#